data_9UTW
#
_entry.id   9UTW
#
_cell.length_a   1.00
_cell.length_b   1.00
_cell.length_c   1.00
_cell.angle_alpha   90.00
_cell.angle_beta   90.00
_cell.angle_gamma   90.00
#
_symmetry.space_group_name_H-M   'P 1'
#
loop_
_entity.id
_entity.type
_entity.pdbx_description
1 polymer 'Uncharacterized protein YMR295C'
2 polymer '1,3-beta-glucan synthase component FKS1'
3 polymer tRNA
4 branched beta-D-glucopyranose-(1-3)-beta-D-glucopyranose-(1-3)-beta-D-glucopyranose
5 branched beta-D-glucopyranose-(1-3)-beta-D-glucopyranose
6 non-polymer 'MAGNESIUM ION'
7 non-polymer nonane
8 non-polymer DECANE
9 non-polymer HEPTANE
10 non-polymer '(11R,14S)-17-amino-14-hydroxy-8,14-dioxo-9,13,15-trioxa-14lambda~5~-phosphaheptadecan-11-yl decanoate'
11 non-polymer DI-PALMITOYL-3-SN-PHOSPHATIDYLETHANOLAMINE
12 non-polymer 'PALMITIC ACID'
13 non-polymer 'icosanoic acid'
#
loop_
_entity_poly.entity_id
_entity_poly.type
_entity_poly.pdbx_seq_one_letter_code
_entity_poly.pdbx_strand_id
1 'polypeptide(L)'
;MMHFRKKSSISNTSDHDGANRASDVKISEDDKARLKMRTASVADPILDAVQEAQPFEQAADTFHDNMNRQSYFSNEEGHV
LCDVFGQPITQADISNPTRARDERPLDTIRSFEYAVSGDPVWAQQLETPTYGFRVRPDFPVFGAAVTYDANGMPQQVGGA
SSQMYGEQAVYQPQQHVQTEEKQKKKKKGLFGRMKKK
;
C,G
2 'polypeptide(L)'
;MNTDQQPYQGQTDYTQGPGNGQSQEQDYDQYGQPLYPSQADGYYDPNVAAGTEADMYGQQPPNESYDQDYTNGEYYGQPP
NMAAQDGENFSDFSSYGPPGTPGYDSYGGQYTASQMSYGEPNSSGTSTPIYGNYDPNAIAMALPNEPYPAWTADSQSPVS
IEQIEDIFIDLTNRLGFQRDSMRNMFDHFMVLLDSRSSRMSPDQALLSLHADYIGGDTANYKKWYFAAQLDMDDEIGFRN
MSLGKLSRKARKAKKKNKKAMEEANPEDTEETLNKIEGDNSLEAADFRWKAKMNQLSPLERVRHIALYLLCWGEANQVRF
TAECLCFIYKCALDYLDSPLCQQRQEPMPEGDFLNRVITPIYHFIRNQVYEIVDGRFVKRERDHNKIVGYDDLNQLFWYP
EGIAKIVLEDGTKLIELPLEERYLRLGDVVWDDVFFKTYKETRTWLHLVTNFNRIWVMHISIFWMYFAYNSPTFYTHNYQ
QLVDNQPLAAYKWASCALGGTVASLIQIVATLCEWSFVPRKWAGAQHLSRRFWFLCIIFGINLGPIIFVFAYDKDTVYST
AAHVVAAVMFFVAVATIIFFSIMPLGGLFTSYMKKSTRRYVASQTFTAAFAPLHGLDRWMSYLVWVTVFAAKYSESYYFL
VLSLRDPIRILSTTAMRCTGEYWWGAVLCKVQPKIVLGLVIATDFILFFLDTYLWYIIVNTIFSVGKSFYLGISILTPWR
NIFTRLPKRIYSKILATTDMEIKYKPKVLISQVWNAIIISMYREHLLAIDHVQKLLYHQVPSEIEGKRTLRAPTFFVSQD
DNNFETEFFPRDSEAERRISFFAQSLSTPIPEPLPVDNMPTFTVLTPHYAERILLSLREIIREDDQFSRVTLLEYLKQLH
PVEWECFVKDTKILAEETAAYEGNENEAEKEDALKSQIDDLPFYCIGFKSAAPEYTLRTRIWASLRSQTLYRTISGFMNY
SRAIKLLYRVENPEIVQMFGGNAEGLERELEKMARRKFKFLVSMQRLAKFKPHELENAEFLLRAYPDLQIAYLDEEPPLT
EGEEPRIYSALIDGHCEILDNGRRRPKFRVQLSGNPILGDGKSDNQNHALIFYRGEYIQLIDANQDNYLEECLKIRSVLA
EFEELNVEQVNPYAPGLRYEEQTTNHPVAIVGAREYIFSENSGVLGDVAAGKEQTFGTLFARTLSQIGGKLHYGHPDFIN
ATFMTTRGGVSKAQKGLHLNEDIYAGMNAMLRGGRIKHCEYYQCGKGRDLGFGTILNFTTKIGAGMGEQMLSREYYYLGT
QLPVDRFLTFYYAHPGFHLNNLFIQLSLQMFMLTLVNLSSLAHESIMCIYDRNKPKTDVLVPIGCYNFQPAVDWVRRYTL
SIFIVFWIAFVPIVVQELIERGLWKATQRFFCHLLSLSPMFEVFAGQIYSSALLSDLAIGGARYISTGRGFATSRIPFSI
LYSRFAGSAIYMGARSMLMLLFGTVAHWQAPLLWFWASLSSLIFAPFVFNPHQFAWEDFFLDYRDYIRWLSRGNNQYHRN
SWIGYVRMSRARITGFKRKLVGDESEKAAGDASRAHRTNLIMAEIIPCAIYAAGCFIAFTFINAQTGVKTTDDDRVNSVL
RIIICTLAPIAVNLGVLFFCMGMSCCSGPLFGMCCKKTGSVMAGIAHGVAVIVHIAFFIVMWVLESFNFVRMLIGVVTCI
QCQRLIFHCMTALMLTREFKNDHANTAFWTGKWYGKGMGYMAWTQPSRELTAKVIELSEFAADFVLGHVILICQLPLIII
PKIDKFHSIMLFWLKPSRQIRPPIYSLKQTRLRKRMVKKYCSLYFLVLAIFAGCIIGPAVASAKIHKHIGDSLDGVVHNL
FQPINTTNNDTGSQMSTYQSHYYTHTPSLKTWSTIK
;
H,B
3 'polyribonucleotide' GGGCGUGUGGCGUAGUCGGUAGCGCGCUCCCUUIGCAUGGGAGAGGUCUCCGGUUCGAUUCCGGACUCGUCCGCCA A
#
loop_
_chem_comp.id
_chem_comp.type
_chem_comp.name
_chem_comp.formula
A RNA linking ADENOSINE-5'-MONOPHOSPHATE 'C10 H14 N5 O7 P'
BGC D-saccharide, beta linking beta-D-glucopyranose 'C6 H12 O6'
C RNA linking CYTIDINE-5'-MONOPHOSPHATE 'C9 H14 N3 O8 P'
D10 non-polymer DECANE 'C10 H22'
DCR non-polymer 'icosanoic acid' 'C20 H40 O2'
DD9 non-polymer nonane 'C9 H20'
G RNA linking GUANOSINE-5'-MONOPHOSPHATE 'C10 H14 N5 O8 P'
HP6 non-polymer HEPTANE 'C7 H16'
I RNA linking 'INOSINIC ACID' 'C10 H13 N4 O8 P'
MG non-polymer 'MAGNESIUM ION' 'Mg 2'
PEF non-polymer DI-PALMITOYL-3-SN-PHOSPHATIDYLETHANOLAMINE 'C37 H74 N O8 P'
PLM non-polymer 'PALMITIC ACID' 'C16 H32 O2'
U RNA linking URIDINE-5'-MONOPHOSPHATE 'C9 H13 N2 O9 P'
XKP non-polymer '(11R,14S)-17-amino-14-hydroxy-8,14-dioxo-9,13,15-trioxa-14lambda~5~-phosphaheptadecan-11-yl decanoate' 'C23 H46 N O8 P'
#
# COMPACT_ATOMS: atom_id res chain seq x y z
N ALA A 92 -54.74 -24.86 37.21
CA ALA A 92 -53.78 -23.96 36.56
C ALA A 92 -54.47 -23.09 35.52
N ASP A 93 -54.24 -21.79 35.59
CA ASP A 93 -54.92 -20.85 34.70
C ASP A 93 -54.31 -20.90 33.29
N ILE A 94 -55.15 -20.54 32.30
CA ILE A 94 -54.77 -20.73 30.91
C ILE A 94 -53.74 -19.68 30.48
N SER A 95 -54.04 -18.40 30.70
CA SER A 95 -53.14 -17.34 30.27
C SER A 95 -51.93 -17.23 31.19
N ASN A 96 -52.12 -17.48 32.48
CA ASN A 96 -51.06 -17.35 33.48
C ASN A 96 -50.90 -18.68 34.22
N PRO A 97 -49.94 -19.52 33.83
CA PRO A 97 -49.86 -20.87 34.39
C PRO A 97 -49.60 -20.91 35.89
N THR A 98 -49.10 -19.84 36.47
CA THR A 98 -48.69 -19.82 37.87
C THR A 98 -49.83 -19.50 38.83
N ARG A 99 -51.06 -19.42 38.33
CA ARG A 99 -52.20 -19.10 39.18
C ARG A 99 -53.28 -20.17 39.02
N ALA A 100 -54.00 -20.43 40.11
CA ALA A 100 -55.07 -21.41 40.06
C ALA A 100 -56.24 -20.89 39.23
N ARG A 101 -57.11 -21.80 38.82
CA ARG A 101 -58.26 -21.41 37.99
C ARG A 101 -59.36 -20.75 38.80
N ASP A 102 -59.64 -21.25 40.00
CA ASP A 102 -60.82 -20.83 40.76
C ASP A 102 -60.58 -19.57 41.59
N GLU A 103 -59.41 -18.96 41.50
CA GLU A 103 -59.09 -17.84 42.36
C GLU A 103 -59.86 -16.60 41.94
N ARG A 104 -60.68 -16.08 42.85
CA ARG A 104 -61.53 -14.93 42.61
C ARG A 104 -60.72 -13.64 42.67
N PRO A 105 -61.22 -12.55 42.07
CA PRO A 105 -60.44 -11.30 42.05
C PRO A 105 -60.08 -10.75 43.43
N LEU A 106 -60.97 -10.85 44.42
CA LEU A 106 -60.66 -10.31 45.74
C LEU A 106 -59.58 -11.12 46.44
N ASP A 107 -59.55 -12.44 46.21
CA ASP A 107 -58.43 -13.23 46.70
C ASP A 107 -57.12 -12.69 46.14
N THR A 108 -57.11 -12.31 44.85
CA THR A 108 -55.90 -11.80 44.24
C THR A 108 -55.49 -10.45 44.82
N ILE A 109 -56.46 -9.58 45.10
CA ILE A 109 -56.09 -8.29 45.68
C ILE A 109 -55.56 -8.48 47.11
N ARG A 110 -56.13 -9.41 47.86
CA ARG A 110 -55.61 -9.70 49.19
C ARG A 110 -54.20 -10.26 49.13
N SER A 111 -53.94 -11.14 48.15
CA SER A 111 -52.59 -11.67 47.98
C SER A 111 -51.61 -10.57 47.63
N PHE A 112 -52.00 -9.66 46.74
CA PHE A 112 -51.13 -8.53 46.41
C PHE A 112 -50.85 -7.68 47.64
N GLU A 113 -51.86 -7.51 48.50
CA GLU A 113 -51.66 -6.75 49.73
C GLU A 113 -50.66 -7.43 50.65
N TYR A 114 -50.76 -8.75 50.81
CA TYR A 114 -49.81 -9.48 51.64
C TYR A 114 -48.42 -9.52 51.02
N ALA A 115 -48.30 -9.38 49.70
CA ALA A 115 -46.99 -9.36 49.07
C ALA A 115 -46.16 -8.16 49.50
N VAL A 116 -46.81 -7.08 49.91
CA VAL A 116 -46.09 -5.93 50.46
C VAL A 116 -45.80 -6.17 51.94
N ALA B 92 61.62 -4.60 34.62
CA ALA B 92 60.57 -4.68 33.61
C ALA B 92 61.15 -4.57 32.21
N ASP B 93 61.04 -5.63 31.43
CA ASP B 93 61.42 -5.57 30.03
C ASP B 93 60.44 -4.68 29.28
N ILE B 94 60.96 -3.82 28.40
CA ILE B 94 60.12 -2.87 27.70
C ILE B 94 59.13 -3.60 26.79
N SER B 95 59.60 -4.62 26.07
CA SER B 95 58.72 -5.36 25.17
C SER B 95 57.71 -6.20 25.94
N ASN B 96 58.15 -6.91 26.98
CA ASN B 96 57.26 -7.74 27.80
C ASN B 96 57.33 -7.26 29.25
N PRO B 97 56.40 -6.40 29.68
CA PRO B 97 56.49 -5.84 31.04
C PRO B 97 56.38 -6.87 32.14
N THR B 98 55.82 -8.05 31.86
CA THR B 98 55.59 -9.07 32.87
C THR B 98 56.80 -9.97 33.08
N ARG B 99 57.91 -9.71 32.40
CA ARG B 99 59.11 -10.53 32.48
C ARG B 99 60.31 -9.64 32.77
N ALA B 100 61.29 -10.19 33.48
CA ALA B 100 62.43 -9.40 33.92
C ALA B 100 63.47 -9.26 32.81
N ARG B 101 64.20 -8.13 32.87
CA ARG B 101 65.27 -7.85 31.92
C ARG B 101 66.51 -8.70 32.20
N ASP B 102 66.67 -9.17 33.44
CA ASP B 102 67.85 -9.94 33.83
C ASP B 102 67.63 -11.45 33.82
N GLU B 103 66.44 -11.90 33.41
CA GLU B 103 66.17 -13.33 33.22
C GLU B 103 66.91 -13.83 31.99
N ARG B 104 67.43 -15.06 32.05
CA ARG B 104 68.17 -15.57 30.92
C ARG B 104 67.34 -16.57 30.10
N PRO B 105 67.70 -16.77 28.82
CA PRO B 105 66.93 -17.71 27.99
C PRO B 105 66.82 -19.12 28.54
N LEU B 106 67.86 -19.67 29.18
CA LEU B 106 67.71 -20.99 29.80
C LEU B 106 66.71 -20.93 30.94
N ASP B 107 66.69 -19.84 31.71
CA ASP B 107 65.67 -19.70 32.75
C ASP B 107 64.27 -19.58 32.13
N THR B 108 64.14 -18.91 30.99
CA THR B 108 62.84 -18.85 30.33
C THR B 108 62.40 -20.24 29.86
N ILE B 109 63.33 -21.04 29.33
CA ILE B 109 63.00 -22.40 28.93
C ILE B 109 62.65 -23.25 30.15
N ARG B 110 63.36 -23.05 31.26
CA ARG B 110 63.04 -23.78 32.48
C ARG B 110 61.65 -23.43 32.99
N SER B 111 61.26 -22.14 32.91
CA SER B 111 59.92 -21.76 33.29
C SER B 111 58.87 -22.36 32.34
N PHE B 112 59.18 -22.37 31.03
CA PHE B 112 58.26 -22.99 30.08
C PHE B 112 58.09 -24.47 30.35
N GLU B 113 59.18 -25.16 30.72
CA GLU B 113 59.08 -26.58 31.08
C GLU B 113 58.32 -26.78 32.38
N TYR B 114 58.57 -25.92 33.37
CA TYR B 114 57.90 -26.00 34.66
C TYR B 114 56.40 -25.73 34.55
N ALA B 115 55.99 -24.91 33.58
CA ALA B 115 54.58 -24.55 33.44
C ALA B 115 53.74 -25.72 32.94
N VAL B 116 54.35 -26.68 32.25
CA VAL B 116 53.62 -27.85 31.76
C VAL B 116 53.19 -28.72 32.93
N PRO C 144 66.83 -38.24 28.80
CA PRO C 144 65.50 -37.66 28.97
C PRO C 144 65.50 -36.47 29.93
N ASN C 145 64.34 -35.82 30.07
CA ASN C 145 64.18 -34.61 30.88
C ASN C 145 65.12 -33.50 30.42
N GLU C 146 65.30 -33.40 29.09
CA GLU C 146 66.11 -32.35 28.53
C GLU C 146 65.37 -31.86 27.28
N PRO C 147 65.31 -30.55 27.04
CA PRO C 147 64.55 -30.05 25.89
C PRO C 147 65.05 -30.53 24.53
N TYR C 148 66.35 -30.72 24.35
CA TYR C 148 66.93 -31.13 23.06
C TYR C 148 67.71 -32.43 23.26
N PRO C 149 67.01 -33.57 23.30
CA PRO C 149 67.70 -34.85 23.56
C PRO C 149 68.65 -35.29 22.46
N ALA C 150 68.40 -34.90 21.21
CA ALA C 150 69.31 -35.28 20.12
C ALA C 150 70.65 -34.57 20.23
N TRP C 151 70.78 -33.59 21.11
CA TRP C 151 72.00 -32.81 21.24
C TRP C 151 72.52 -32.71 22.67
N THR C 152 71.65 -32.38 23.63
CA THR C 152 72.10 -31.99 24.96
C THR C 152 72.70 -33.16 25.74
N ALA C 153 72.08 -34.33 25.65
CA ALA C 153 72.61 -35.50 26.36
C ALA C 153 73.84 -36.09 25.69
N ASP C 154 74.07 -35.76 24.41
CA ASP C 154 75.16 -36.37 23.64
C ASP C 154 76.50 -35.99 24.24
N SER C 155 77.44 -36.94 24.20
CA SER C 155 78.82 -36.68 24.58
C SER C 155 79.67 -36.23 23.40
N GLN C 156 79.12 -36.23 22.18
CA GLN C 156 79.86 -35.84 20.99
C GLN C 156 79.46 -34.46 20.46
N SER C 157 78.64 -33.72 21.19
CA SER C 157 78.25 -32.40 20.72
C SER C 157 79.45 -31.45 20.81
N PRO C 158 79.88 -30.85 19.69
CA PRO C 158 81.06 -29.98 19.74
C PRO C 158 80.82 -28.67 20.48
N VAL C 159 79.58 -28.17 20.47
CA VAL C 159 79.24 -26.91 21.12
C VAL C 159 78.09 -27.18 22.06
N SER C 160 78.25 -26.79 23.33
CA SER C 160 77.19 -26.91 24.30
C SER C 160 76.15 -25.81 24.07
N ILE C 161 75.00 -25.95 24.72
CA ILE C 161 74.00 -24.89 24.67
C ILE C 161 74.49 -23.65 25.40
N GLU C 162 75.20 -23.85 26.52
CA GLU C 162 75.72 -22.71 27.29
C GLU C 162 76.71 -21.91 26.46
N GLN C 163 77.40 -22.55 25.53
CA GLN C 163 78.35 -21.87 24.66
C GLN C 163 77.73 -21.36 23.37
N ILE C 164 76.39 -21.33 23.28
CA ILE C 164 75.72 -20.52 22.26
C ILE C 164 74.79 -19.47 22.89
N GLU C 165 74.37 -19.66 24.15
CA GLU C 165 73.60 -18.59 24.77
C GLU C 165 74.42 -17.31 24.88
N ASP C 166 75.69 -17.43 25.29
CA ASP C 166 76.53 -16.23 25.31
C ASP C 166 76.73 -15.66 23.91
N ILE C 167 76.76 -16.53 22.89
CA ILE C 167 76.91 -16.07 21.52
C ILE C 167 75.74 -15.16 21.14
N PHE C 168 74.52 -15.62 21.41
CA PHE C 168 73.36 -14.81 21.06
C PHE C 168 73.30 -13.54 21.89
N ILE C 169 73.66 -13.65 23.18
CA ILE C 169 73.69 -12.48 24.05
C ILE C 169 74.66 -11.43 23.50
N ASP C 170 75.86 -11.88 23.10
CA ASP C 170 76.85 -10.96 22.54
C ASP C 170 76.37 -10.34 21.24
N LEU C 171 75.78 -11.14 20.37
CA LEU C 171 75.32 -10.61 19.09
C LEU C 171 74.30 -9.49 19.28
N THR C 172 73.33 -9.72 20.17
CA THR C 172 72.29 -8.71 20.38
C THR C 172 72.83 -7.49 21.13
N ASN C 173 73.76 -7.68 22.06
CA ASN C 173 74.37 -6.53 22.71
C ASN C 173 75.18 -5.69 21.72
N ARG C 174 75.89 -6.33 20.80
CA ARG C 174 76.72 -5.57 19.87
C ARG C 174 75.89 -4.95 18.75
N LEU C 175 74.73 -5.53 18.42
CA LEU C 175 73.96 -5.05 17.28
C LEU C 175 72.65 -4.35 17.64
N GLY C 176 72.28 -4.30 18.91
CA GLY C 176 71.08 -3.57 19.28
C GLY C 176 69.77 -4.09 18.72
N PHE C 177 69.54 -5.40 18.81
CA PHE C 177 68.26 -6.02 18.47
C PHE C 177 67.27 -5.84 19.62
N GLN C 178 66.25 -6.70 19.65
CA GLN C 178 65.37 -6.82 20.81
C GLN C 178 65.51 -8.21 21.46
N ARG C 179 65.34 -8.26 22.79
CA ARG C 179 65.64 -9.48 23.55
C ARG C 179 64.54 -10.54 23.39
N ASP C 180 63.28 -10.12 23.36
CA ASP C 180 62.20 -11.10 23.22
C ASP C 180 62.33 -11.86 21.90
N SER C 181 62.92 -11.22 20.88
CA SER C 181 63.15 -11.87 19.59
C SER C 181 64.43 -12.70 19.56
N MET C 182 65.44 -12.35 20.35
CA MET C 182 66.61 -13.23 20.41
C MET C 182 66.28 -14.52 21.14
N ARG C 183 65.44 -14.46 22.18
CA ARG C 183 64.95 -15.72 22.74
C ARG C 183 64.20 -16.53 21.68
N ASN C 184 63.45 -15.84 20.84
CA ASN C 184 62.70 -16.52 19.78
C ASN C 184 63.61 -17.24 18.81
N MET C 185 64.61 -16.54 18.26
CA MET C 185 65.48 -17.16 17.27
C MET C 185 66.43 -18.16 17.91
N PHE C 186 66.73 -17.96 19.20
CA PHE C 186 67.51 -18.91 20.00
C PHE C 186 66.80 -20.25 20.10
N ASP C 187 65.55 -20.23 20.56
CA ASP C 187 64.78 -21.47 20.65
C ASP C 187 64.56 -22.08 19.27
N HIS C 188 64.35 -21.22 18.27
CA HIS C 188 64.22 -21.68 16.89
C HIS C 188 65.45 -22.50 16.48
N PHE C 189 66.64 -21.92 16.69
CA PHE C 189 67.89 -22.54 16.26
C PHE C 189 68.15 -23.84 17.00
N MET C 190 67.84 -23.88 18.31
CA MET C 190 68.11 -25.10 19.06
C MET C 190 67.10 -26.21 18.77
N VAL C 191 65.83 -25.86 18.52
CA VAL C 191 64.89 -26.87 18.04
C VAL C 191 65.36 -27.43 16.71
N LEU C 192 65.87 -26.55 15.83
CA LEU C 192 66.40 -26.98 14.55
C LEU C 192 67.59 -27.92 14.72
N LEU C 193 68.48 -27.60 15.68
CA LEU C 193 69.66 -28.44 15.88
C LEU C 193 69.28 -29.79 16.51
N ASP C 194 68.28 -29.80 17.40
CA ASP C 194 67.73 -31.07 17.85
C ASP C 194 67.19 -31.87 16.68
N SER C 195 66.49 -31.20 15.76
CA SER C 195 65.92 -31.89 14.60
C SER C 195 66.99 -32.49 13.71
N ARG C 196 68.09 -31.76 13.50
CA ARG C 196 69.09 -32.22 12.55
C ARG C 196 70.16 -33.11 13.18
N SER C 197 70.33 -33.10 14.49
CA SER C 197 71.27 -33.99 15.14
C SER C 197 70.60 -35.22 15.73
N SER C 198 69.37 -35.50 15.33
CA SER C 198 68.64 -36.69 15.77
C SER C 198 68.89 -37.91 14.91
N ARG C 199 69.44 -37.75 13.69
CA ARG C 199 69.67 -38.90 12.82
C ARG C 199 71.08 -38.97 12.26
N MET C 200 71.86 -37.90 12.34
CA MET C 200 73.29 -37.97 12.03
C MET C 200 74.06 -37.46 13.24
N SER C 201 75.39 -37.51 13.15
CA SER C 201 76.23 -36.99 14.20
C SER C 201 76.05 -35.48 14.32
N PRO C 202 76.20 -34.93 15.53
CA PRO C 202 76.09 -33.47 15.68
C PRO C 202 77.03 -32.70 14.77
N ASP C 203 78.24 -33.21 14.55
CA ASP C 203 79.16 -32.56 13.63
C ASP C 203 78.61 -32.53 12.21
N GLN C 204 78.07 -33.67 11.75
CA GLN C 204 77.49 -33.70 10.41
C GLN C 204 76.28 -32.78 10.30
N ALA C 205 75.46 -32.73 11.36
CA ALA C 205 74.30 -31.83 11.34
C ALA C 205 74.72 -30.37 11.26
N LEU C 206 75.70 -29.97 12.08
CA LEU C 206 76.17 -28.59 12.04
C LEU C 206 76.78 -28.26 10.68
N LEU C 207 77.58 -29.17 10.14
CA LEU C 207 78.21 -28.93 8.84
C LEU C 207 77.15 -28.79 7.76
N SER C 208 76.10 -29.62 7.83
CA SER C 208 75.02 -29.55 6.85
C SER C 208 74.27 -28.23 6.95
N LEU C 209 73.94 -27.78 8.17
CA LEU C 209 73.23 -26.51 8.31
C LEU C 209 74.07 -25.34 7.79
N HIS C 210 75.35 -25.30 8.16
CA HIS C 210 76.19 -24.20 7.72
C HIS C 210 76.36 -24.21 6.20
N ALA C 211 76.49 -25.40 5.61
CA ALA C 211 76.52 -25.48 4.15
C ALA C 211 75.21 -25.01 3.55
N ASP C 212 74.08 -25.40 4.15
CA ASP C 212 72.79 -25.04 3.60
C ASP C 212 72.58 -23.54 3.53
N TYR C 213 72.94 -22.82 4.60
CA TYR C 213 72.43 -21.46 4.73
C TYR C 213 73.35 -20.40 4.13
N ILE C 214 74.68 -20.59 4.19
CA ILE C 214 75.60 -19.50 3.87
C ILE C 214 76.49 -19.82 2.67
N GLY C 215 77.38 -20.81 2.83
CA GLY C 215 78.45 -21.00 1.89
C GLY C 215 78.32 -22.17 0.92
N GLY C 216 77.28 -22.98 1.09
CA GLY C 216 77.09 -24.11 0.21
C GLY C 216 76.55 -23.70 -1.16
N ASP C 217 76.66 -24.63 -2.10
CA ASP C 217 76.28 -24.37 -3.48
C ASP C 217 74.78 -24.11 -3.64
N THR C 218 73.96 -24.61 -2.73
CA THR C 218 72.52 -24.37 -2.76
C THR C 218 72.11 -23.16 -1.93
N ALA C 219 73.06 -22.45 -1.33
CA ALA C 219 72.75 -21.25 -0.58
C ALA C 219 72.74 -20.05 -1.51
N ASN C 220 71.72 -19.20 -1.36
CA ASN C 220 71.61 -18.01 -2.18
C ASN C 220 72.74 -17.01 -1.92
N TYR C 221 73.40 -17.12 -0.76
CA TYR C 221 74.35 -16.09 -0.38
C TYR C 221 75.63 -16.18 -1.21
N LYS C 222 76.09 -17.40 -1.48
CA LYS C 222 77.22 -17.60 -2.38
C LYS C 222 76.89 -17.13 -3.78
N LYS C 223 75.70 -17.48 -4.29
CA LYS C 223 75.31 -17.05 -5.63
C LYS C 223 75.23 -15.53 -5.71
N TRP C 224 74.68 -14.90 -4.68
CA TRP C 224 74.54 -13.45 -4.64
C TRP C 224 75.91 -12.77 -4.63
N TYR C 225 76.87 -13.30 -3.87
CA TYR C 225 78.19 -12.69 -3.87
C TYR C 225 78.92 -12.94 -5.18
N PHE C 226 78.73 -14.13 -5.77
CA PHE C 226 79.33 -14.46 -7.06
C PHE C 226 78.84 -13.56 -8.17
N ALA C 227 77.53 -13.29 -8.21
CA ALA C 227 76.97 -12.50 -9.30
C ALA C 227 77.08 -11.01 -9.03
N ALA C 228 77.00 -10.60 -7.77
CA ALA C 228 76.84 -9.19 -7.42
C ALA C 228 78.13 -8.53 -6.93
N GLN C 229 79.06 -9.29 -6.35
CA GLN C 229 80.31 -8.70 -5.88
C GLN C 229 81.49 -9.08 -6.77
N LEU C 230 81.52 -10.31 -7.30
CA LEU C 230 82.58 -10.73 -8.20
C LEU C 230 82.14 -10.79 -9.67
N ASP C 231 80.83 -10.88 -9.94
CA ASP C 231 80.27 -10.76 -11.29
C ASP C 231 80.81 -11.83 -12.24
N MET C 232 80.38 -13.07 -11.99
CA MET C 232 80.66 -14.17 -12.91
C MET C 232 79.35 -14.79 -13.43
N ASP C 233 78.30 -13.97 -13.57
CA ASP C 233 77.04 -14.48 -14.08
C ASP C 233 77.17 -14.96 -15.52
N ASP C 234 77.95 -14.25 -16.35
CA ASP C 234 78.21 -14.73 -17.71
C ASP C 234 78.98 -16.05 -17.69
N GLU C 235 79.96 -16.18 -16.81
CA GLU C 235 80.69 -17.44 -16.69
C GLU C 235 79.78 -18.56 -16.24
N ILE C 236 78.89 -18.27 -15.29
CA ILE C 236 77.94 -19.27 -14.81
C ILE C 236 77.00 -19.69 -15.95
N GLY C 237 76.56 -18.73 -16.76
CA GLY C 237 75.72 -19.05 -17.89
C GLY C 237 76.42 -19.89 -18.94
N PHE C 238 77.68 -19.57 -19.23
CA PHE C 238 78.45 -20.39 -20.16
C PHE C 238 78.63 -21.80 -19.63
N ARG C 239 78.90 -21.93 -18.32
CA ARG C 239 78.99 -23.24 -17.71
C ARG C 239 77.67 -24.00 -17.85
N ASN C 240 76.55 -23.31 -17.66
CA ASN C 240 75.25 -23.96 -17.80
C ASN C 240 75.01 -24.45 -19.21
N MET C 241 75.36 -23.62 -20.21
CA MET C 241 75.17 -24.02 -21.60
C MET C 241 76.10 -25.17 -21.98
N SER C 242 77.26 -25.27 -21.34
CA SER C 242 78.24 -26.30 -21.68
C SER C 242 78.23 -27.50 -20.74
N LEU C 243 77.32 -27.56 -19.76
CA LEU C 243 77.27 -28.70 -18.85
C LEU C 243 77.14 -30.04 -19.57
N GLY C 244 76.54 -30.04 -20.77
CA GLY C 244 76.40 -31.29 -21.50
C GLY C 244 77.74 -31.92 -21.83
N LYS C 245 78.72 -31.10 -22.20
CA LYS C 245 80.06 -31.58 -22.52
C LYS C 245 80.98 -31.56 -21.31
N LEU C 246 80.68 -30.74 -20.30
CA LEU C 246 81.54 -30.67 -19.12
C LEU C 246 81.45 -31.94 -18.28
N SER C 247 80.28 -32.57 -18.25
CA SER C 247 80.08 -33.81 -17.51
C SER C 247 80.74 -35.00 -18.18
N ASN C 280 90.23 -14.69 -10.91
CA ASN C 280 90.47 -14.39 -12.32
C ASN C 280 89.68 -15.35 -13.20
N SER C 281 89.18 -16.43 -12.58
CA SER C 281 88.38 -17.41 -13.28
C SER C 281 87.37 -18.00 -12.29
N LEU C 282 86.33 -18.61 -12.85
CA LEU C 282 85.30 -19.22 -12.01
C LEU C 282 85.90 -20.35 -11.16
N GLU C 283 86.79 -21.15 -11.76
CA GLU C 283 87.39 -22.28 -11.04
C GLU C 283 88.25 -21.81 -9.88
N ALA C 284 89.10 -20.81 -10.11
CA ALA C 284 89.97 -20.30 -9.05
C ALA C 284 89.15 -19.68 -7.94
N ALA C 285 88.08 -18.97 -8.29
CA ALA C 285 87.20 -18.40 -7.26
C ALA C 285 86.57 -19.49 -6.41
N ASP C 286 86.05 -20.55 -7.05
CA ASP C 286 85.48 -21.65 -6.27
C ASP C 286 86.53 -22.27 -5.36
N PHE C 287 87.75 -22.46 -5.87
CA PHE C 287 88.82 -23.06 -5.09
C PHE C 287 89.14 -22.21 -3.86
N ARG C 288 89.28 -20.90 -4.05
CA ARG C 288 89.67 -20.04 -2.93
C ARG C 288 88.55 -19.92 -1.91
N TRP C 289 87.28 -19.88 -2.35
CA TRP C 289 86.18 -19.88 -1.40
C TRP C 289 86.14 -21.16 -0.59
N LYS C 290 86.32 -22.32 -1.23
CA LYS C 290 86.31 -23.57 -0.48
C LYS C 290 87.51 -23.64 0.48
N ALA C 291 88.67 -23.15 0.04
CA ALA C 291 89.85 -23.14 0.91
C ALA C 291 89.63 -22.27 2.13
N LYS C 292 89.01 -21.10 1.94
CA LYS C 292 88.72 -20.22 3.07
C LYS C 292 87.70 -20.85 4.01
N MET C 293 86.66 -21.49 3.45
CA MET C 293 85.54 -21.98 4.24
C MET C 293 85.81 -23.32 4.91
N ASN C 294 86.82 -24.07 4.46
CA ASN C 294 87.10 -25.40 4.99
C ASN C 294 87.80 -25.37 6.35
N GLN C 295 88.37 -24.24 6.75
CA GLN C 295 89.18 -24.14 7.96
C GLN C 295 88.44 -23.40 9.06
N LEU C 296 87.12 -23.56 9.12
CA LEU C 296 86.30 -22.77 10.04
C LEU C 296 85.90 -23.60 11.25
N SER C 297 86.14 -23.05 12.43
CA SER C 297 85.79 -23.70 13.68
C SER C 297 84.30 -23.61 13.94
N PRO C 298 83.74 -24.55 14.71
CA PRO C 298 82.28 -24.56 14.94
C PRO C 298 81.74 -23.29 15.57
N LEU C 299 82.52 -22.63 16.44
CA LEU C 299 82.04 -21.39 17.05
C LEU C 299 81.78 -20.32 16.01
N GLU C 300 82.67 -20.18 15.02
CA GLU C 300 82.49 -19.16 13.99
C GLU C 300 81.33 -19.53 13.06
N ARG C 301 81.14 -20.83 12.81
CA ARG C 301 79.96 -21.26 12.07
C ARG C 301 78.69 -20.90 12.82
N VAL C 302 78.67 -21.09 14.15
CA VAL C 302 77.51 -20.72 14.96
C VAL C 302 77.30 -19.21 14.92
N ARG C 303 78.36 -18.42 15.01
CA ARG C 303 78.23 -16.97 14.89
C ARG C 303 77.62 -16.61 13.54
N HIS C 304 78.09 -17.24 12.47
CA HIS C 304 77.60 -16.94 11.13
C HIS C 304 76.11 -17.26 10.99
N ILE C 305 75.69 -18.42 11.51
CA ILE C 305 74.28 -18.78 11.43
C ILE C 305 73.44 -17.88 12.34
N ALA C 306 73.97 -17.53 13.52
CA ALA C 306 73.18 -16.81 14.51
C ALA C 306 72.96 -15.35 14.11
N LEU C 307 74.01 -14.68 13.62
CA LEU C 307 73.82 -13.29 13.19
C LEU C 307 72.84 -13.22 12.02
N TYR C 308 72.95 -14.16 11.08
CA TYR C 308 71.98 -14.23 9.99
C TYR C 308 70.57 -14.45 10.50
N LEU C 309 70.38 -15.35 11.47
CA LEU C 309 69.02 -15.59 11.94
C LEU C 309 68.46 -14.36 12.65
N LEU C 310 69.29 -13.69 13.45
CA LEU C 310 68.82 -12.50 14.15
C LEU C 310 68.47 -11.38 13.18
N CYS C 311 69.22 -11.26 12.07
CA CYS C 311 68.82 -10.27 11.06
C CYS C 311 67.63 -10.75 10.24
N TRP C 312 67.47 -12.07 10.10
CA TRP C 312 66.35 -12.62 9.34
C TRP C 312 65.03 -12.28 9.99
N GLY C 313 64.96 -12.44 11.32
CA GLY C 313 63.70 -12.31 12.02
C GLY C 313 63.19 -10.89 12.19
N GLU C 314 64.04 -9.89 11.94
CA GLU C 314 63.68 -8.50 12.19
C GLU C 314 63.42 -7.70 10.91
N ALA C 315 63.36 -8.36 9.74
CA ALA C 315 63.33 -7.66 8.47
C ALA C 315 61.96 -7.10 8.09
N ASN C 316 60.88 -7.61 8.68
CA ASN C 316 59.52 -7.21 8.30
C ASN C 316 59.26 -7.45 6.82
N GLN C 317 59.04 -6.36 6.06
CA GLN C 317 58.65 -6.46 4.65
C GLN C 317 59.84 -6.54 3.71
N VAL C 318 61.06 -6.51 4.24
CA VAL C 318 62.25 -6.82 3.46
C VAL C 318 62.43 -8.32 3.26
N ARG C 319 61.77 -9.15 4.07
CA ARG C 319 61.87 -10.60 3.88
C ARG C 319 61.36 -11.00 2.51
N PHE C 320 60.60 -10.12 1.85
CA PHE C 320 60.17 -10.30 0.47
C PHE C 320 61.26 -9.99 -0.57
N THR C 321 62.34 -9.31 -0.18
CA THR C 321 63.40 -8.94 -1.12
C THR C 321 64.71 -9.60 -0.68
N ALA C 322 65.10 -10.66 -1.40
CA ALA C 322 66.26 -11.46 -0.99
C ALA C 322 67.57 -10.69 -1.08
N GLU C 323 67.78 -9.95 -2.16
CA GLU C 323 69.08 -9.35 -2.40
C GLU C 323 69.42 -8.27 -1.38
N CYS C 324 68.44 -7.45 -1.00
CA CYS C 324 68.72 -6.38 -0.03
C CYS C 324 68.94 -6.94 1.38
N LEU C 325 68.20 -7.98 1.76
CA LEU C 325 68.47 -8.59 3.07
C LEU C 325 69.84 -9.26 3.06
N CYS C 326 70.24 -9.81 1.92
CA CYS C 326 71.60 -10.31 1.78
C CYS C 326 72.63 -9.19 1.93
N PHE C 327 72.33 -8.02 1.34
CA PHE C 327 73.23 -6.88 1.50
C PHE C 327 73.30 -6.42 2.95
N ILE C 328 72.17 -6.48 3.66
CA ILE C 328 72.18 -6.23 5.11
C ILE C 328 73.09 -7.21 5.81
N TYR C 329 72.96 -8.50 5.47
CA TYR C 329 73.83 -9.52 6.04
C TYR C 329 75.28 -9.15 5.85
N LYS C 330 75.63 -8.72 4.62
CA LYS C 330 77.03 -8.43 4.31
C LYS C 330 77.54 -7.19 5.03
N CYS C 331 76.79 -6.08 4.99
CA CYS C 331 77.28 -4.85 5.60
C CYS C 331 77.39 -5.00 7.12
N ALA C 332 76.38 -5.61 7.74
CA ALA C 332 76.46 -5.86 9.18
C ALA C 332 77.64 -6.75 9.50
N LEU C 333 77.74 -7.92 8.85
CA LEU C 333 78.84 -8.85 9.11
C LEU C 333 80.20 -8.17 8.94
N ASP C 334 80.31 -7.27 7.96
CA ASP C 334 81.55 -6.52 7.79
C ASP C 334 81.82 -5.62 8.99
N TYR C 335 80.79 -4.91 9.47
CA TYR C 335 80.99 -4.02 10.60
C TYR C 335 81.38 -4.79 11.86
N LEU C 336 80.82 -5.98 12.05
CA LEU C 336 81.11 -6.74 13.27
C LEU C 336 82.60 -7.09 13.38
N ASP C 337 83.20 -7.53 12.27
CA ASP C 337 84.62 -7.87 12.27
C ASP C 337 85.52 -6.64 12.30
N SER C 338 84.95 -5.45 12.21
CA SER C 338 85.73 -4.22 12.24
C SER C 338 86.30 -3.96 13.64
N PRO C 339 87.46 -3.31 13.72
CA PRO C 339 87.92 -2.79 15.02
C PRO C 339 87.01 -1.72 15.59
N LEU C 340 86.18 -1.10 14.75
CA LEU C 340 85.28 -0.04 15.22
C LEU C 340 84.33 -0.56 16.29
N CYS C 341 83.75 -1.74 16.07
CA CYS C 341 82.89 -2.35 17.06
C CYS C 341 83.68 -2.91 18.25
N GLN C 342 84.94 -3.30 18.00
CA GLN C 342 85.80 -3.87 19.03
C GLN C 342 86.36 -2.83 20.01
N GLN C 343 86.28 -1.53 19.69
CA GLN C 343 86.74 -0.49 20.61
C GLN C 343 85.60 0.26 21.28
N ARG C 344 84.36 -0.19 21.14
CA ARG C 344 83.24 0.42 21.82
C ARG C 344 83.09 -0.12 23.24
N GLN C 345 82.50 0.70 24.13
CA GLN C 345 82.28 0.30 25.51
C GLN C 345 80.80 0.20 25.88
N GLU C 346 80.02 1.24 25.60
CA GLU C 346 78.60 1.14 25.92
C GLU C 346 77.90 0.26 24.88
N PRO C 347 76.92 -0.52 25.31
CA PRO C 347 76.09 -1.23 24.32
C PRO C 347 75.13 -0.26 23.62
N MET C 348 75.04 -0.45 22.31
CA MET C 348 74.24 0.43 21.44
C MET C 348 72.77 0.34 21.84
N PRO C 349 72.01 1.44 21.73
CA PRO C 349 70.62 1.43 22.19
C PRO C 349 69.79 0.34 21.52
N GLU C 350 68.97 -0.31 22.35
CA GLU C 350 68.14 -1.43 21.89
C GLU C 350 67.02 -0.93 20.98
N GLY C 351 66.81 -1.67 19.89
CA GLY C 351 65.87 -1.28 18.87
C GLY C 351 66.46 -0.49 17.73
N ASP C 352 67.79 -0.37 17.67
CA ASP C 352 68.43 0.40 16.61
C ASP C 352 68.39 -0.35 15.28
N PHE C 353 68.42 -1.68 15.36
CA PHE C 353 68.48 -2.52 14.16
C PHE C 353 67.25 -2.30 13.29
N LEU C 354 66.08 -2.11 13.92
CA LEU C 354 64.85 -1.81 13.20
C LEU C 354 64.69 -0.30 12.99
N ASN C 355 65.14 0.53 13.94
CA ASN C 355 64.86 1.95 13.91
C ASN C 355 65.66 2.66 12.83
N ARG C 356 66.88 2.21 12.56
CA ARG C 356 67.75 2.90 11.62
C ARG C 356 67.81 2.22 10.26
N VAL C 357 67.42 0.94 10.19
CA VAL C 357 67.54 0.16 8.96
C VAL C 357 66.19 -0.10 8.32
N ILE C 358 65.32 -0.85 9.00
CA ILE C 358 64.09 -1.34 8.38
C ILE C 358 63.12 -0.20 8.10
N THR C 359 63.02 0.74 9.03
CA THR C 359 61.94 1.72 9.00
C THR C 359 61.87 2.53 7.70
N PRO C 360 62.95 3.10 7.17
CA PRO C 360 62.82 3.89 5.93
C PRO C 360 62.31 3.12 4.73
N ILE C 361 62.73 1.86 4.54
CA ILE C 361 62.26 1.12 3.36
C ILE C 361 60.79 0.73 3.50
N TYR C 362 60.36 0.34 4.71
CA TYR C 362 58.93 0.11 4.90
C TYR C 362 58.15 1.39 4.62
N HIS C 363 58.68 2.54 5.05
CA HIS C 363 58.03 3.81 4.78
C HIS C 363 57.93 4.05 3.27
N PHE C 364 59.02 3.82 2.54
CA PHE C 364 59.01 4.07 1.11
C PHE C 364 58.04 3.15 0.39
N ILE C 365 57.97 1.89 0.80
CA ILE C 365 57.02 0.96 0.19
C ILE C 365 55.59 1.41 0.46
N ARG C 366 55.31 1.84 1.71
CA ARG C 366 53.96 2.24 2.05
C ARG C 366 53.57 3.54 1.36
N ASN C 367 54.55 4.36 1.00
CA ASN C 367 54.29 5.68 0.45
C ASN C 367 53.90 5.67 -1.03
N GLN C 368 53.70 4.50 -1.64
CA GLN C 368 53.30 4.42 -3.04
C GLN C 368 51.84 4.06 -3.24
N VAL C 369 51.24 3.30 -2.33
CA VAL C 369 49.87 2.81 -2.51
C VAL C 369 48.87 3.60 -1.67
N TYR C 370 49.27 4.04 -0.47
CA TYR C 370 48.39 4.79 0.41
C TYR C 370 48.83 6.24 0.51
N GLU C 371 47.84 7.13 0.61
CA GLU C 371 48.10 8.56 0.77
C GLU C 371 47.27 9.08 1.93
N ILE C 372 47.80 10.09 2.62
CA ILE C 372 47.18 10.60 3.84
C ILE C 372 46.24 11.75 3.50
N VAL C 373 44.94 11.55 3.76
CA VAL C 373 43.91 12.57 3.60
C VAL C 373 43.09 12.60 4.87
N ASP C 374 42.86 13.80 5.40
CA ASP C 374 42.15 14.02 6.68
C ASP C 374 42.65 13.07 7.77
N GLY C 375 43.96 12.83 7.78
CA GLY C 375 44.60 12.02 8.80
C GLY C 375 44.50 10.53 8.59
N ARG C 376 43.82 10.07 7.55
CA ARG C 376 43.60 8.66 7.30
C ARG C 376 44.30 8.25 6.01
N PHE C 377 44.75 6.99 5.97
CA PHE C 377 45.43 6.44 4.81
C PHE C 377 44.38 5.88 3.86
N VAL C 378 44.31 6.46 2.66
CA VAL C 378 43.37 6.03 1.63
C VAL C 378 44.17 5.48 0.45
N LYS C 379 43.68 4.37 -0.11
CA LYS C 379 44.34 3.72 -1.24
C LYS C 379 44.10 4.56 -2.48
N ARG C 380 45.09 5.39 -2.84
CA ARG C 380 45.01 6.15 -4.07
C ARG C 380 45.05 5.22 -5.27
N GLU C 381 44.36 5.62 -6.33
CA GLU C 381 44.19 4.80 -7.51
C GLU C 381 45.06 5.33 -8.64
N ARG C 382 45.85 4.45 -9.25
CA ARG C 382 46.71 4.83 -10.36
C ARG C 382 47.06 3.58 -11.16
N ASP C 383 47.57 3.81 -12.36
CA ASP C 383 48.01 2.72 -13.22
C ASP C 383 49.19 1.97 -12.60
N HIS C 384 49.26 0.67 -12.88
CA HIS C 384 50.30 -0.16 -12.29
C HIS C 384 51.65 0.00 -12.96
N ASN C 385 51.72 0.64 -14.14
CA ASN C 385 53.02 0.96 -14.72
C ASN C 385 53.80 1.98 -13.90
N LYS C 386 53.12 2.74 -13.02
CA LYS C 386 53.76 3.76 -12.21
C LYS C 386 53.88 3.37 -10.75
N ILE C 387 53.66 2.09 -10.43
CA ILE C 387 53.76 1.59 -9.06
C ILE C 387 54.89 0.57 -9.00
N VAL C 388 55.81 0.78 -8.07
CA VAL C 388 56.99 -0.08 -7.93
C VAL C 388 56.66 -1.14 -6.89
N GLY C 389 56.85 -2.41 -7.26
CA GLY C 389 56.61 -3.52 -6.35
C GLY C 389 57.89 -4.04 -5.72
N TYR C 390 57.73 -5.10 -4.93
CA TYR C 390 58.88 -5.72 -4.29
C TYR C 390 59.86 -6.25 -5.33
N ASP C 391 59.33 -6.73 -6.45
CA ASP C 391 60.16 -7.40 -7.45
C ASP C 391 61.22 -6.46 -8.01
N ASP C 392 60.81 -5.23 -8.33
CA ASP C 392 61.74 -4.24 -8.87
C ASP C 392 62.74 -3.79 -7.81
N LEU C 393 62.31 -3.74 -6.54
CA LEU C 393 63.24 -3.40 -5.47
C LEU C 393 64.31 -4.47 -5.28
N ASN C 394 63.90 -5.74 -5.31
CA ASN C 394 64.88 -6.82 -5.19
C ASN C 394 65.82 -6.86 -6.39
N GLN C 395 65.30 -6.59 -7.59
CA GLN C 395 66.16 -6.67 -8.77
C GLN C 395 67.09 -5.48 -8.91
N LEU C 396 66.97 -4.44 -8.07
CA LEU C 396 68.01 -3.41 -8.03
C LEU C 396 69.34 -3.99 -7.56
N PHE C 397 69.30 -4.97 -6.68
CA PHE C 397 70.49 -5.56 -6.10
C PHE C 397 70.87 -6.88 -6.77
N TRP C 398 70.70 -6.98 -8.08
CA TRP C 398 71.22 -8.12 -8.84
C TRP C 398 72.52 -7.83 -9.58
N TYR C 399 72.88 -6.56 -9.73
CA TYR C 399 74.06 -6.15 -10.49
C TYR C 399 74.85 -5.10 -9.74
N PRO C 400 76.17 -5.08 -9.92
CA PRO C 400 76.99 -4.06 -9.25
C PRO C 400 76.72 -2.64 -9.72
N GLU C 401 76.22 -2.43 -10.95
CA GLU C 401 75.96 -1.07 -11.40
C GLU C 401 74.87 -0.41 -10.57
N GLY C 402 73.81 -1.16 -10.23
CA GLY C 402 72.83 -0.65 -9.30
C GLY C 402 73.43 -0.35 -7.94
N ILE C 403 74.32 -1.23 -7.48
CA ILE C 403 75.03 -1.01 -6.22
C ILE C 403 75.81 0.29 -6.27
N ALA C 404 76.25 0.68 -7.47
CA ALA C 404 76.93 1.93 -7.72
C ALA C 404 76.01 3.15 -7.74
N LYS C 405 74.69 2.96 -7.66
CA LYS C 405 73.74 4.07 -7.77
C LYS C 405 73.36 4.67 -6.42
N ILE C 406 73.69 4.00 -5.31
CA ILE C 406 73.16 4.37 -3.99
C ILE C 406 73.79 5.69 -3.55
N VAL C 407 72.98 6.55 -2.93
CA VAL C 407 73.41 7.87 -2.49
C VAL C 407 72.97 8.10 -1.05
N LEU C 408 73.82 8.76 -0.25
CA LEU C 408 73.46 9.20 1.08
C LEU C 408 72.83 10.60 1.04
N GLU C 409 72.72 11.22 2.22
CA GLU C 409 72.12 12.56 2.30
C GLU C 409 73.07 13.64 1.82
N ASP C 410 74.38 13.48 2.04
CA ASP C 410 75.34 14.51 1.60
C ASP C 410 75.44 14.63 0.08
N GLY C 411 74.88 13.68 -0.67
CA GLY C 411 75.01 13.68 -2.11
C GLY C 411 76.18 12.87 -2.65
N THR C 412 77.03 12.34 -1.77
CA THR C 412 78.05 11.40 -2.19
C THR C 412 77.46 10.01 -2.35
N LYS C 413 78.24 9.11 -2.93
CA LYS C 413 77.82 7.74 -3.09
C LYS C 413 78.13 6.94 -1.83
N LEU C 414 77.34 5.87 -1.62
CA LEU C 414 77.54 5.03 -0.44
C LEU C 414 78.73 4.08 -0.61
N ILE C 415 78.96 3.61 -1.84
CA ILE C 415 80.09 2.72 -2.09
C ILE C 415 81.43 3.42 -1.94
N GLU C 416 81.48 4.72 -2.22
CA GLU C 416 82.74 5.46 -2.24
C GLU C 416 83.43 5.50 -0.86
N LEU C 417 82.67 5.32 0.21
CA LEU C 417 83.23 5.40 1.55
C LEU C 417 83.64 4.00 2.03
N PRO C 418 84.51 3.90 3.03
CA PRO C 418 85.13 2.62 3.35
C PRO C 418 84.10 1.54 3.68
N LEU C 419 84.52 0.29 3.46
CA LEU C 419 83.60 -0.84 3.62
C LEU C 419 83.13 -0.98 5.05
N GLU C 420 84.06 -0.95 6.01
CA GLU C 420 83.76 -1.23 7.41
C GLU C 420 82.86 -0.18 8.05
N GLU C 421 82.71 0.99 7.43
CA GLU C 421 81.84 2.04 7.93
C GLU C 421 80.46 2.02 7.30
N ARG C 422 80.19 1.09 6.39
CA ARG C 422 78.96 1.12 5.61
C ARG C 422 77.73 0.81 6.45
N TYR C 423 77.92 0.41 7.71
CA TYR C 423 76.79 0.11 8.57
C TYR C 423 76.46 1.29 9.49
N LEU C 424 77.43 2.21 9.67
CA LEU C 424 77.17 3.39 10.50
C LEU C 424 76.26 4.38 9.80
N ARG C 425 76.33 4.45 8.47
CA ARG C 425 75.69 5.50 7.69
C ARG C 425 74.56 4.98 6.80
N LEU C 426 74.21 3.69 6.91
CA LEU C 426 73.30 3.06 5.96
C LEU C 426 71.91 3.68 5.93
N GLY C 427 71.49 4.36 7.00
CA GLY C 427 70.22 5.02 7.00
C GLY C 427 70.19 6.38 6.35
N ASP C 428 71.36 6.95 6.05
CA ASP C 428 71.45 8.21 5.34
C ASP C 428 71.20 8.05 3.85
N VAL C 429 70.87 6.84 3.41
CA VAL C 429 70.49 6.58 2.03
C VAL C 429 69.11 7.17 1.77
N VAL C 430 69.02 8.06 0.78
CA VAL C 430 67.72 8.51 0.29
C VAL C 430 67.28 7.51 -0.78
N TRP C 431 66.04 7.06 -0.68
CA TRP C 431 65.51 5.98 -1.49
C TRP C 431 64.63 6.47 -2.64
N ASP C 432 64.23 7.75 -2.61
CA ASP C 432 63.42 8.33 -3.68
C ASP C 432 64.17 8.44 -5.00
N ASP C 433 65.49 8.44 -4.95
CA ASP C 433 66.33 8.55 -6.15
C ASP C 433 66.97 7.23 -6.53
N VAL C 434 66.55 6.12 -5.91
CA VAL C 434 67.19 4.83 -6.13
C VAL C 434 66.26 3.93 -6.93
N PHE C 435 65.15 3.54 -6.33
CA PHE C 435 64.30 2.52 -6.94
C PHE C 435 63.50 3.09 -8.10
N PHE C 436 63.26 2.24 -9.09
CA PHE C 436 62.35 2.54 -10.19
C PHE C 436 61.91 1.19 -10.78
N LYS C 437 61.06 1.27 -11.79
CA LYS C 437 60.46 0.06 -12.35
C LYS C 437 61.44 -0.67 -13.26
N THR C 438 61.25 -1.98 -13.36
CA THR C 438 62.07 -2.81 -14.23
C THR C 438 61.28 -3.65 -15.23
N TYR C 439 59.96 -3.77 -15.06
CA TYR C 439 59.15 -4.50 -16.02
C TYR C 439 57.85 -3.74 -16.25
N LYS C 440 57.38 -3.72 -17.50
CA LYS C 440 56.16 -3.03 -17.87
C LYS C 440 55.25 -3.99 -18.63
N GLU C 441 53.96 -3.68 -18.65
CA GLU C 441 52.95 -4.48 -19.35
C GLU C 441 52.29 -3.66 -20.47
N THR C 442 51.78 -4.38 -21.46
CA THR C 442 51.15 -3.79 -22.63
C THR C 442 50.03 -4.73 -23.09
N ARG C 443 49.58 -4.58 -24.33
CA ARG C 443 48.44 -5.33 -24.83
C ARG C 443 48.72 -6.83 -24.84
N THR C 444 47.65 -7.61 -25.04
CA THR C 444 47.74 -9.07 -25.02
C THR C 444 48.53 -9.61 -26.21
N TRP C 445 48.26 -9.09 -27.42
CA TRP C 445 48.84 -9.67 -28.63
C TRP C 445 50.35 -9.52 -28.68
N LEU C 446 50.89 -8.41 -28.18
CA LEU C 446 52.33 -8.19 -28.21
C LEU C 446 53.08 -9.26 -27.40
N HIS C 447 52.68 -9.44 -26.13
CA HIS C 447 53.34 -10.43 -25.29
C HIS C 447 53.12 -11.85 -25.82
N LEU C 448 51.90 -12.13 -26.30
CA LEU C 448 51.64 -13.45 -26.86
C LEU C 448 52.59 -13.77 -28.01
N VAL C 449 52.75 -12.83 -28.95
CA VAL C 449 53.67 -13.06 -30.06
C VAL C 449 55.09 -13.21 -29.55
N THR C 450 55.50 -12.35 -28.62
CA THR C 450 56.86 -12.39 -28.11
C THR C 450 57.17 -13.73 -27.47
N ASN C 451 56.16 -14.41 -26.92
CA ASN C 451 56.45 -15.49 -26.00
C ASN C 451 56.46 -16.87 -26.66
N PHE C 452 55.58 -17.09 -27.66
CA PHE C 452 55.51 -18.37 -28.39
C PHE C 452 55.72 -18.24 -29.90
N ASN C 453 56.66 -17.40 -30.36
CA ASN C 453 56.72 -17.12 -31.80
C ASN C 453 57.24 -18.30 -32.60
N ARG C 454 57.96 -19.23 -31.96
CA ARG C 454 58.49 -20.40 -32.66
C ARG C 454 57.40 -21.20 -33.35
N ILE C 455 56.27 -21.42 -32.68
CA ILE C 455 55.19 -22.27 -33.20
C ILE C 455 54.60 -21.69 -34.46
N TRP C 456 54.39 -20.37 -34.49
CA TRP C 456 53.95 -19.68 -35.69
C TRP C 456 55.00 -19.73 -36.78
N VAL C 457 56.29 -19.62 -36.42
CA VAL C 457 57.35 -19.80 -37.41
C VAL C 457 57.28 -21.21 -38.01
N MET C 458 57.03 -22.22 -37.18
CA MET C 458 56.90 -23.61 -37.61
C MET C 458 55.68 -23.86 -38.49
N HIS C 459 54.54 -23.28 -38.18
CA HIS C 459 53.31 -23.50 -38.92
C HIS C 459 53.21 -22.67 -40.20
N ILE C 460 53.46 -21.36 -40.11
CA ILE C 460 53.18 -20.47 -41.23
C ILE C 460 54.12 -20.74 -42.40
N SER C 461 55.41 -20.95 -42.13
CA SER C 461 56.35 -21.23 -43.21
C SER C 461 55.99 -22.52 -43.94
N ILE C 462 55.69 -23.58 -43.18
CA ILE C 462 55.38 -24.86 -43.79
C ILE C 462 54.05 -24.79 -44.54
N PHE C 463 53.07 -24.08 -43.99
CA PHE C 463 51.81 -23.91 -44.69
C PHE C 463 51.99 -23.10 -45.96
N TRP C 464 52.89 -22.11 -45.92
CA TRP C 464 53.20 -21.34 -47.12
C TRP C 464 53.79 -22.22 -48.20
N MET C 465 54.74 -23.08 -47.82
CA MET C 465 55.33 -23.99 -48.80
C MET C 465 54.28 -24.97 -49.33
N TYR C 466 53.40 -25.45 -48.44
CA TYR C 466 52.36 -26.39 -48.85
C TYR C 466 51.39 -25.75 -49.84
N PHE C 467 51.00 -24.50 -49.58
CA PHE C 467 50.09 -23.79 -50.48
C PHE C 467 50.76 -23.44 -51.80
N ALA C 468 51.99 -22.93 -51.75
CA ALA C 468 52.68 -22.54 -52.97
C ALA C 468 53.05 -23.73 -53.85
N TYR C 469 53.40 -24.86 -53.24
CA TYR C 469 53.82 -26.02 -54.02
C TYR C 469 52.64 -26.67 -54.75
N ASN C 470 51.41 -26.36 -54.35
CA ASN C 470 50.22 -26.90 -54.99
C ASN C 470 49.32 -25.84 -55.59
N SER C 471 49.77 -24.60 -55.71
CA SER C 471 49.00 -23.53 -56.34
C SER C 471 49.86 -22.82 -57.38
N PRO C 472 50.13 -23.47 -58.51
CA PRO C 472 50.93 -22.82 -59.55
C PRO C 472 50.16 -21.78 -60.35
N THR C 473 48.83 -21.77 -60.29
CA THR C 473 48.05 -20.90 -61.18
C THR C 473 48.40 -19.43 -61.00
N PHE C 474 48.99 -19.06 -59.86
CA PHE C 474 49.31 -17.67 -59.59
C PHE C 474 50.64 -17.23 -60.19
N TYR C 475 51.39 -18.15 -60.80
CA TYR C 475 52.64 -17.79 -61.49
C TYR C 475 52.82 -18.58 -62.79
N THR C 476 51.73 -18.78 -63.54
CA THR C 476 51.76 -19.44 -64.84
C THR C 476 51.48 -18.42 -65.94
N HIS C 477 52.01 -18.68 -67.13
CA HIS C 477 51.63 -17.91 -68.30
C HIS C 477 50.58 -18.64 -69.11
N ASN C 478 49.47 -17.95 -69.39
CA ASN C 478 48.37 -18.49 -70.20
C ASN C 478 47.85 -19.80 -69.61
N TYR C 479 47.34 -19.73 -68.38
CA TYR C 479 46.90 -20.93 -67.70
C TYR C 479 45.62 -21.48 -68.30
N GLN C 480 45.59 -22.80 -68.46
CA GLN C 480 44.41 -23.52 -68.89
C GLN C 480 44.62 -25.00 -68.55
N GLN C 481 43.69 -25.58 -67.80
CA GLN C 481 43.78 -27.00 -67.50
C GLN C 481 43.58 -27.85 -68.75
N LEU C 482 42.85 -27.32 -69.75
CA LEU C 482 42.69 -28.05 -71.00
C LEU C 482 44.02 -28.27 -71.70
N VAL C 483 44.88 -27.25 -71.72
CA VAL C 483 46.18 -27.34 -72.37
C VAL C 483 47.28 -27.85 -71.44
N ASP C 484 46.97 -28.03 -70.16
CA ASP C 484 47.86 -28.59 -69.13
C ASP C 484 49.29 -28.07 -69.17
N ASN C 485 49.48 -26.81 -69.54
CA ASN C 485 50.82 -26.23 -69.53
C ASN C 485 51.27 -25.96 -68.10
N GLN C 486 52.45 -26.45 -67.76
CA GLN C 486 53.12 -26.28 -66.48
C GLN C 486 54.26 -25.27 -66.61
N PRO C 487 54.44 -24.40 -65.62
CA PRO C 487 55.59 -23.47 -65.65
C PRO C 487 56.87 -24.19 -65.27
N LEU C 488 57.96 -23.42 -65.30
CA LEU C 488 59.27 -23.97 -64.97
C LEU C 488 59.33 -24.41 -63.51
N ALA C 489 60.11 -25.46 -63.25
CA ALA C 489 60.28 -25.94 -61.88
C ALA C 489 61.03 -24.94 -61.03
N ALA C 490 61.92 -24.14 -61.64
CA ALA C 490 62.64 -23.12 -60.89
C ALA C 490 61.67 -22.14 -60.24
N TYR C 491 60.58 -21.83 -60.92
CA TYR C 491 59.56 -20.96 -60.33
C TYR C 491 58.97 -21.59 -59.08
N LYS C 492 58.65 -22.88 -59.13
CA LYS C 492 58.09 -23.55 -57.95
C LYS C 492 59.09 -23.60 -56.80
N TRP C 493 60.35 -23.93 -57.09
CA TRP C 493 61.36 -23.95 -56.03
C TRP C 493 61.54 -22.56 -55.41
N ALA C 494 61.65 -21.52 -56.24
CA ALA C 494 61.84 -20.18 -55.72
C ALA C 494 60.63 -19.72 -54.90
N SER C 495 59.42 -20.05 -55.36
CA SER C 495 58.23 -19.68 -54.60
C SER C 495 58.14 -20.42 -53.27
N CYS C 496 58.53 -21.70 -53.24
CA CYS C 496 58.49 -22.45 -51.99
C CYS C 496 59.63 -22.08 -51.06
N ALA C 497 60.69 -21.46 -51.57
CA ALA C 497 61.87 -21.15 -50.76
C ALA C 497 61.72 -19.85 -49.97
N LEU C 498 60.50 -19.37 -49.74
CA LEU C 498 60.28 -18.15 -48.98
C LEU C 498 59.97 -18.38 -47.50
N GLY C 499 59.99 -19.64 -47.05
CA GLY C 499 59.71 -19.91 -45.64
C GLY C 499 60.76 -19.34 -44.72
N GLY C 500 62.04 -19.40 -45.15
CA GLY C 500 63.09 -18.77 -44.36
C GLY C 500 62.90 -17.27 -44.26
N THR C 501 62.49 -16.63 -45.36
CA THR C 501 62.18 -15.21 -45.32
C THR C 501 61.02 -14.92 -44.38
N VAL C 502 59.99 -15.78 -44.40
CA VAL C 502 58.84 -15.60 -43.51
C VAL C 502 59.28 -15.69 -42.05
N ALA C 503 60.12 -16.68 -41.75
CA ALA C 503 60.64 -16.82 -40.39
C ALA C 503 61.48 -15.61 -39.99
N SER C 504 62.29 -15.10 -40.94
CA SER C 504 63.09 -13.91 -40.68
C SER C 504 62.19 -12.72 -40.33
N LEU C 505 61.12 -12.53 -41.09
CA LEU C 505 60.22 -11.42 -40.81
C LEU C 505 59.53 -11.59 -39.46
N ILE C 506 59.11 -12.83 -39.15
CA ILE C 506 58.45 -13.09 -37.86
C ILE C 506 59.40 -12.81 -36.71
N GLN C 507 60.66 -13.24 -36.84
CA GLN C 507 61.64 -13.03 -35.78
C GLN C 507 62.02 -11.56 -35.65
N ILE C 508 62.08 -10.82 -36.77
CA ILE C 508 62.35 -9.39 -36.71
C ILE C 508 61.21 -8.67 -36.00
N VAL C 509 59.96 -9.04 -36.31
CA VAL C 509 58.82 -8.47 -35.60
C VAL C 509 58.90 -8.84 -34.11
N ALA C 510 59.36 -10.05 -33.81
CA ALA C 510 59.51 -10.46 -32.42
C ALA C 510 60.53 -9.58 -31.69
N THR C 511 61.65 -9.28 -32.33
CA THR C 511 62.65 -8.40 -31.72
C THR C 511 62.08 -6.99 -31.53
N LEU C 512 61.35 -6.50 -32.54
CA LEU C 512 60.73 -5.18 -32.42
C LEU C 512 59.76 -5.12 -31.25
N CYS C 513 58.96 -6.18 -31.09
CA CYS C 513 58.03 -6.23 -29.96
C CYS C 513 58.77 -6.33 -28.62
N GLU C 514 59.85 -7.13 -28.58
CA GLU C 514 60.59 -7.30 -27.33
C GLU C 514 61.26 -6.01 -26.89
N TRP C 515 61.72 -5.20 -27.84
CA TRP C 515 62.45 -3.99 -27.49
C TRP C 515 61.70 -3.15 -26.48
N SER C 516 60.37 -3.11 -26.57
CA SER C 516 59.53 -2.27 -25.72
C SER C 516 59.07 -3.00 -24.46
N PHE C 517 59.89 -3.93 -23.94
CA PHE C 517 59.57 -4.62 -22.71
C PHE C 517 60.54 -4.29 -21.58
N VAL C 518 61.70 -3.72 -21.91
CA VAL C 518 62.78 -3.49 -20.96
C VAL C 518 63.08 -2.00 -20.85
N PRO C 519 63.70 -1.55 -19.76
CA PRO C 519 64.26 -0.19 -19.73
C PRO C 519 65.37 -0.03 -20.75
N ARG C 520 65.49 1.19 -21.29
CA ARG C 520 66.42 1.43 -22.39
C ARG C 520 67.87 1.50 -21.91
N LYS C 521 68.13 2.27 -20.84
CA LYS C 521 69.48 2.44 -20.33
C LYS C 521 69.87 1.38 -19.31
N TRP C 522 68.94 0.54 -18.89
CA TRP C 522 69.29 -0.52 -17.97
C TRP C 522 70.13 -1.57 -18.68
N ALA C 523 71.21 -1.99 -18.01
CA ALA C 523 72.19 -2.87 -18.63
C ALA C 523 71.57 -4.22 -19.00
N GLY C 524 72.05 -4.80 -20.09
CA GLY C 524 71.47 -6.00 -20.64
C GLY C 524 70.43 -5.76 -21.73
N ALA C 525 70.12 -4.49 -22.02
CA ALA C 525 69.16 -4.17 -23.06
C ALA C 525 69.79 -3.98 -24.44
N GLN C 526 71.10 -3.68 -24.47
CA GLN C 526 71.81 -3.42 -25.72
C GLN C 526 71.92 -4.64 -26.62
N HIS C 527 71.99 -5.84 -26.05
CA HIS C 527 72.10 -7.06 -26.86
C HIS C 527 71.02 -7.14 -27.91
N LEU C 528 69.78 -6.75 -27.57
CA LEU C 528 68.69 -6.76 -28.53
C LEU C 528 69.06 -6.01 -29.80
N SER C 529 69.61 -4.80 -29.66
CA SER C 529 70.06 -4.05 -30.84
C SER C 529 71.02 -4.89 -31.65
N ARG C 530 72.06 -5.42 -31.01
CA ARG C 530 72.95 -6.35 -31.70
C ARG C 530 72.15 -7.50 -32.29
N ARG C 531 71.26 -8.10 -31.48
CA ARG C 531 70.48 -9.22 -31.98
C ARG C 531 69.67 -8.83 -33.21
N PHE C 532 69.20 -7.58 -33.25
CA PHE C 532 68.48 -7.12 -34.44
C PHE C 532 69.35 -7.18 -35.67
N TRP C 533 70.59 -6.68 -35.56
CA TRP C 533 71.43 -6.46 -36.73
C TRP C 533 71.55 -7.72 -37.57
N PHE C 534 72.11 -8.78 -37.01
CA PHE C 534 72.29 -9.99 -37.80
C PHE C 534 70.96 -10.58 -38.28
N LEU C 535 69.88 -10.39 -37.50
CA LEU C 535 68.58 -10.81 -38.02
C LEU C 535 68.31 -10.16 -39.37
N CYS C 536 68.41 -8.83 -39.44
CA CYS C 536 68.26 -8.18 -40.74
C CYS C 536 69.32 -8.70 -41.70
N ILE C 537 70.55 -8.88 -41.22
CA ILE C 537 71.58 -9.43 -42.09
C ILE C 537 71.13 -10.76 -42.66
N ILE C 538 70.60 -11.63 -41.79
CA ILE C 538 70.12 -12.92 -42.27
C ILE C 538 69.05 -12.73 -43.33
N PHE C 539 68.15 -11.76 -43.10
CA PHE C 539 67.09 -11.48 -44.06
C PHE C 539 67.68 -11.19 -45.43
N GLY C 540 68.75 -10.39 -45.48
CA GLY C 540 69.36 -10.08 -46.77
C GLY C 540 69.77 -11.33 -47.52
N ILE C 541 70.39 -12.28 -46.82
CA ILE C 541 70.85 -13.50 -47.46
C ILE C 541 69.66 -14.30 -47.99
N ASN C 542 68.51 -14.20 -47.33
CA ASN C 542 67.35 -14.94 -47.78
C ASN C 542 66.55 -14.17 -48.83
N LEU C 543 66.98 -12.95 -49.15
CA LEU C 543 66.23 -12.18 -50.14
C LEU C 543 67.05 -11.81 -51.37
N GLY C 544 68.38 -11.82 -51.28
CA GLY C 544 69.22 -11.42 -52.39
C GLY C 544 69.06 -12.29 -53.62
N PRO C 545 69.53 -13.55 -53.53
CA PRO C 545 69.44 -14.44 -54.70
C PRO C 545 68.02 -14.74 -55.17
N ILE C 546 67.03 -14.74 -54.27
CA ILE C 546 65.65 -15.04 -54.68
C ILE C 546 65.22 -14.10 -55.80
N ILE C 547 65.44 -12.80 -55.61
CA ILE C 547 65.08 -11.81 -56.62
C ILE C 547 65.80 -12.12 -57.93
N PHE C 548 67.05 -12.56 -57.84
CA PHE C 548 67.82 -12.88 -59.04
C PHE C 548 67.14 -13.97 -59.87
N VAL C 549 66.44 -14.90 -59.21
CA VAL C 549 65.71 -15.92 -59.95
C VAL C 549 64.58 -15.28 -60.74
N PHE C 550 63.87 -14.35 -60.11
CA PHE C 550 62.65 -13.82 -60.68
C PHE C 550 62.91 -12.62 -61.58
N ALA C 551 64.15 -12.17 -61.67
CA ALA C 551 64.52 -11.12 -62.60
C ALA C 551 64.34 -11.60 -64.03
N TYR C 552 63.76 -10.74 -64.87
CA TYR C 552 63.34 -11.15 -66.21
C TYR C 552 64.51 -11.45 -67.14
N ASP C 553 65.75 -11.19 -66.71
CA ASP C 553 66.91 -11.54 -67.54
C ASP C 553 66.98 -13.04 -67.77
N LYS C 554 66.77 -13.84 -66.72
CA LYS C 554 66.77 -15.29 -66.85
C LYS C 554 65.37 -15.85 -67.06
N ASP C 555 64.35 -14.99 -67.11
CA ASP C 555 63.01 -15.46 -67.49
C ASP C 555 62.93 -15.74 -68.99
N THR C 556 63.58 -14.90 -69.79
CA THR C 556 63.53 -15.03 -71.24
C THR C 556 64.63 -15.90 -71.82
N VAL C 557 65.63 -16.27 -71.03
CA VAL C 557 66.68 -17.21 -71.45
C VAL C 557 66.76 -18.30 -70.39
N TYR C 558 66.77 -19.55 -70.84
CA TYR C 558 66.79 -20.66 -69.90
C TYR C 558 68.23 -21.05 -69.58
N SER C 559 68.55 -21.06 -68.29
CA SER C 559 69.87 -21.44 -67.81
C SER C 559 69.73 -22.39 -66.64
N THR C 560 70.57 -23.42 -66.60
CA THR C 560 70.60 -24.31 -65.45
C THR C 560 71.09 -23.59 -64.19
N ALA C 561 71.78 -22.46 -64.36
CA ALA C 561 72.24 -21.70 -63.20
C ALA C 561 71.08 -21.23 -62.34
N ALA C 562 70.00 -20.75 -62.97
CA ALA C 562 68.82 -20.36 -62.20
C ALA C 562 68.23 -21.55 -61.47
N HIS C 563 68.20 -22.72 -62.13
CA HIS C 563 67.66 -23.92 -61.51
C HIS C 563 68.47 -24.34 -60.28
N VAL C 564 69.80 -24.35 -60.40
CA VAL C 564 70.63 -24.75 -59.27
C VAL C 564 70.57 -23.70 -58.17
N VAL C 565 70.42 -22.43 -58.54
CA VAL C 565 70.22 -21.38 -57.54
C VAL C 565 68.95 -21.65 -56.75
N ALA C 566 67.85 -21.96 -57.46
CA ALA C 566 66.59 -22.24 -56.79
C ALA C 566 66.71 -23.45 -55.87
N ALA C 567 67.37 -24.51 -56.34
CA ALA C 567 67.56 -25.69 -55.51
C ALA C 567 68.38 -25.39 -54.28
N VAL C 568 69.45 -24.61 -54.41
CA VAL C 568 70.30 -24.28 -53.27
C VAL C 568 69.54 -23.46 -52.24
N MET C 569 68.80 -22.45 -52.70
CA MET C 569 68.01 -21.65 -51.76
C MET C 569 66.85 -22.45 -51.16
N PHE C 570 66.42 -23.52 -51.84
CA PHE C 570 65.45 -24.43 -51.22
C PHE C 570 66.02 -25.01 -49.93
N PHE C 571 67.21 -25.59 -49.99
CA PHE C 571 67.79 -26.20 -48.80
C PHE C 571 68.23 -25.13 -47.80
N VAL C 572 68.63 -23.96 -48.29
CA VAL C 572 68.93 -22.85 -47.40
C VAL C 572 67.70 -22.46 -46.59
N ALA C 573 66.53 -22.42 -47.25
CA ALA C 573 65.29 -22.11 -46.56
C ALA C 573 64.96 -23.20 -45.54
N VAL C 574 65.14 -24.46 -45.92
CA VAL C 574 64.85 -25.55 -44.99
C VAL C 574 65.74 -25.45 -43.75
N ALA C 575 67.05 -25.23 -43.96
CA ALA C 575 67.97 -25.11 -42.84
C ALA C 575 67.66 -23.90 -41.97
N THR C 576 67.33 -22.76 -42.60
CA THR C 576 66.98 -21.57 -41.83
C THR C 576 65.74 -21.81 -40.99
N ILE C 577 64.73 -22.45 -41.55
CA ILE C 577 63.49 -22.71 -40.82
C ILE C 577 63.75 -23.62 -39.64
N ILE C 578 64.53 -24.69 -39.84
CA ILE C 578 64.83 -25.60 -38.74
C ILE C 578 65.62 -24.88 -37.65
N PHE C 579 66.64 -24.10 -38.05
CA PHE C 579 67.50 -23.41 -37.11
C PHE C 579 66.72 -22.41 -36.27
N PHE C 580 65.81 -21.66 -36.89
CA PHE C 580 64.99 -20.69 -36.18
C PHE C 580 63.75 -21.31 -35.56
N SER C 581 63.52 -22.61 -35.77
CA SER C 581 62.47 -23.31 -35.03
C SER C 581 63.00 -24.02 -33.79
N ILE C 582 64.27 -24.42 -33.78
CA ILE C 582 64.83 -25.22 -32.69
C ILE C 582 65.37 -24.33 -31.57
N MET C 583 66.22 -23.37 -31.93
CA MET C 583 66.95 -22.59 -30.94
C MET C 583 66.02 -21.62 -30.20
N PRO C 584 66.23 -21.42 -28.91
CA PRO C 584 65.41 -20.46 -28.15
C PRO C 584 65.87 -19.03 -28.35
N LEU C 585 64.96 -18.10 -28.01
CA LEU C 585 65.25 -16.68 -28.13
C LEU C 585 66.40 -16.26 -27.21
N GLY C 586 66.37 -16.72 -25.96
CA GLY C 586 67.44 -16.42 -25.04
C GLY C 586 68.62 -17.32 -25.33
N GLY C 587 69.67 -16.76 -25.94
CA GLY C 587 70.80 -17.57 -26.34
C GLY C 587 70.79 -17.86 -27.83
N LEU C 588 70.60 -16.81 -28.62
CA LEU C 588 70.63 -16.96 -30.08
C LEU C 588 72.05 -16.73 -30.62
N PHE C 589 72.68 -15.61 -30.27
CA PHE C 589 73.95 -15.19 -30.84
C PHE C 589 74.91 -14.70 -29.75
N THR C 590 74.99 -15.44 -28.64
CA THR C 590 75.79 -15.01 -27.51
C THR C 590 77.25 -15.44 -27.66
N SER C 591 77.52 -16.37 -28.57
CA SER C 591 78.85 -16.95 -28.76
C SER C 591 79.71 -16.22 -29.78
N TYR C 592 79.19 -15.19 -30.46
CA TYR C 592 79.90 -14.53 -31.54
C TYR C 592 80.41 -13.15 -31.17
N MET C 593 79.84 -12.55 -30.11
CA MET C 593 80.30 -11.24 -29.68
C MET C 593 81.62 -11.35 -28.92
N LYS C 594 81.62 -12.09 -27.82
CA LYS C 594 82.74 -12.16 -26.89
C LYS C 594 83.12 -10.75 -26.43
N LYS C 595 82.11 -9.94 -26.15
CA LYS C 595 82.28 -8.55 -25.75
C LYS C 595 82.29 -8.40 -24.23
N SER C 596 82.79 -7.24 -23.78
CA SER C 596 82.90 -6.96 -22.36
C SER C 596 81.56 -6.69 -21.68
N THR C 597 80.60 -6.08 -22.39
CA THR C 597 79.35 -5.68 -21.78
C THR C 597 78.48 -6.90 -21.48
N ARG C 598 77.26 -6.65 -20.99
CA ARG C 598 76.34 -7.72 -20.66
C ARG C 598 75.96 -8.50 -21.92
N ARG C 599 75.99 -9.83 -21.83
CA ARG C 599 75.70 -10.68 -22.98
C ARG C 599 74.34 -11.35 -22.91
N TYR C 600 73.54 -11.10 -21.87
CA TYR C 600 72.24 -11.73 -21.73
C TYR C 600 71.21 -10.71 -21.29
N VAL C 601 69.96 -10.96 -21.67
CA VAL C 601 68.88 -10.01 -21.36
C VAL C 601 68.67 -9.92 -19.86
N ALA C 602 68.82 -11.04 -19.15
CA ALA C 602 68.58 -11.11 -17.73
C ALA C 602 69.66 -11.95 -17.06
N SER C 603 69.61 -12.00 -15.74
CA SER C 603 70.55 -12.80 -14.96
C SER C 603 70.24 -14.28 -15.15
N GLN C 604 71.28 -15.06 -15.48
CA GLN C 604 71.14 -16.50 -15.59
C GLN C 604 71.15 -17.18 -14.22
N THR C 605 71.66 -16.50 -13.20
CA THR C 605 71.65 -17.06 -11.85
C THR C 605 70.24 -17.29 -11.36
N PHE C 606 69.33 -16.37 -11.66
CA PHE C 606 68.03 -16.32 -11.02
C PHE C 606 66.90 -16.65 -11.99
N THR C 607 67.18 -16.70 -13.29
CA THR C 607 66.16 -16.88 -14.32
C THR C 607 66.35 -18.13 -15.17
N ALA C 608 67.57 -18.55 -15.46
CA ALA C 608 67.83 -19.69 -16.31
C ALA C 608 68.65 -20.73 -15.56
N ALA C 609 68.07 -21.26 -14.49
CA ALA C 609 68.67 -22.33 -13.69
C ALA C 609 67.82 -23.60 -13.73
N PHE C 610 67.32 -23.96 -14.92
CA PHE C 610 66.42 -25.11 -15.01
C PHE C 610 67.16 -26.40 -14.70
N ALA C 611 66.53 -27.25 -13.90
CA ALA C 611 67.14 -28.51 -13.46
C ALA C 611 66.93 -29.59 -14.52
N PRO C 612 67.99 -30.24 -14.99
CA PRO C 612 67.88 -31.13 -16.15
C PRO C 612 67.14 -32.43 -15.81
N LEU C 613 66.82 -33.17 -16.86
CA LEU C 613 66.26 -34.50 -16.75
C LEU C 613 67.36 -35.54 -16.92
N HIS C 614 67.25 -36.62 -16.16
CA HIS C 614 68.19 -37.72 -16.25
C HIS C 614 67.39 -39.00 -16.39
N GLY C 615 67.89 -39.92 -17.22
CA GLY C 615 67.24 -41.21 -17.34
C GLY C 615 66.35 -41.39 -18.56
N LEU C 616 65.21 -42.06 -18.36
CA LEU C 616 64.34 -42.45 -19.46
C LEU C 616 63.39 -41.32 -19.88
N ASP C 617 63.01 -40.47 -18.93
CA ASP C 617 62.16 -39.31 -19.22
C ASP C 617 62.78 -38.42 -20.28
N ARG C 618 64.10 -38.30 -20.27
CA ARG C 618 64.77 -37.44 -21.24
C ARG C 618 64.46 -37.91 -22.65
N TRP C 619 64.43 -39.24 -22.86
CA TRP C 619 64.14 -39.78 -24.19
C TRP C 619 62.66 -39.82 -24.53
N MET C 620 61.76 -40.10 -23.56
CA MET C 620 60.33 -40.01 -23.93
C MET C 620 59.97 -38.59 -24.31
N SER C 621 60.50 -37.60 -23.58
CA SER C 621 60.31 -36.20 -23.94
C SER C 621 60.62 -35.97 -25.41
N TYR C 622 61.75 -36.50 -25.88
CA TYR C 622 62.12 -36.34 -27.28
C TYR C 622 61.17 -37.09 -28.21
N LEU C 623 60.95 -38.37 -27.90
CA LEU C 623 60.27 -39.28 -28.82
C LEU C 623 58.84 -38.86 -29.09
N VAL C 624 58.12 -38.43 -28.05
CA VAL C 624 56.71 -38.07 -28.23
C VAL C 624 56.58 -36.92 -29.21
N TRP C 625 57.39 -35.87 -29.03
CA TRP C 625 57.28 -34.71 -29.90
C TRP C 625 57.70 -35.04 -31.32
N VAL C 626 58.74 -35.86 -31.48
CA VAL C 626 59.15 -36.27 -32.83
C VAL C 626 57.99 -36.98 -33.53
N THR C 627 57.37 -37.95 -32.85
CA THR C 627 56.29 -38.71 -33.46
C THR C 627 55.10 -37.83 -33.81
N VAL C 628 54.69 -36.97 -32.86
CA VAL C 628 53.49 -36.16 -33.06
C VAL C 628 53.69 -35.21 -34.23
N PHE C 629 54.84 -34.56 -34.30
CA PHE C 629 55.04 -33.60 -35.38
C PHE C 629 55.16 -34.31 -36.74
N ALA C 630 55.88 -35.43 -36.80
CA ALA C 630 55.98 -36.14 -38.07
C ALA C 630 54.61 -36.57 -38.58
N ALA C 631 53.80 -37.18 -37.70
CA ALA C 631 52.45 -37.59 -38.10
C ALA C 631 51.61 -36.38 -38.49
N LYS C 632 51.76 -35.26 -37.79
CA LYS C 632 50.98 -34.07 -38.11
C LYS C 632 51.26 -33.58 -39.51
N TYR C 633 52.54 -33.41 -39.86
CA TYR C 633 52.83 -32.94 -41.21
C TYR C 633 52.38 -33.95 -42.27
N SER C 634 52.60 -35.25 -42.04
CA SER C 634 52.21 -36.23 -43.04
C SER C 634 50.69 -36.21 -43.28
N GLU C 635 49.90 -36.13 -42.20
CA GLU C 635 48.44 -36.13 -42.38
C GLU C 635 47.94 -34.79 -42.91
N SER C 636 48.57 -33.68 -42.51
CA SER C 636 48.13 -32.38 -42.98
C SER C 636 48.31 -32.25 -44.49
N TYR C 637 49.46 -32.70 -45.00
CA TYR C 637 49.67 -32.65 -46.44
C TYR C 637 48.67 -33.53 -47.19
N TYR C 638 48.37 -34.71 -46.64
CA TYR C 638 47.52 -35.67 -47.33
C TYR C 638 46.12 -35.13 -47.58
N PHE C 639 45.64 -34.24 -46.72
CA PHE C 639 44.33 -33.62 -46.90
C PHE C 639 44.41 -32.24 -47.54
N LEU C 640 45.58 -31.60 -47.48
CA LEU C 640 45.76 -30.33 -48.18
C LEU C 640 45.89 -30.53 -49.68
N VAL C 641 46.41 -31.67 -50.13
CA VAL C 641 46.71 -31.82 -51.56
C VAL C 641 45.42 -31.80 -52.40
N LEU C 642 44.40 -32.54 -51.97
CA LEU C 642 43.22 -32.73 -52.81
C LEU C 642 42.07 -31.78 -52.50
N SER C 643 41.94 -31.33 -51.26
CA SER C 643 40.83 -30.47 -50.88
C SER C 643 40.99 -29.03 -51.34
N LEU C 644 42.13 -28.70 -51.96
CA LEU C 644 42.43 -27.33 -52.32
C LEU C 644 42.86 -27.12 -53.77
N ARG C 645 43.41 -28.13 -54.44
CA ARG C 645 43.86 -27.95 -55.82
C ARG C 645 42.68 -27.70 -56.76
N ASP C 646 41.64 -28.52 -56.66
CA ASP C 646 40.48 -28.36 -57.54
C ASP C 646 39.73 -27.05 -57.31
N PRO C 647 39.42 -26.63 -56.07
CA PRO C 647 38.80 -25.30 -55.92
C PRO C 647 39.70 -24.15 -56.33
N ILE C 648 41.00 -24.25 -56.07
CA ILE C 648 41.92 -23.20 -56.51
C ILE C 648 41.92 -23.11 -58.04
N ARG C 649 41.90 -24.26 -58.71
CA ARG C 649 41.94 -24.25 -60.17
C ARG C 649 40.63 -23.72 -60.75
N ILE C 650 39.49 -24.19 -60.25
CA ILE C 650 38.20 -23.78 -60.81
C ILE C 650 37.92 -22.32 -60.50
N LEU C 651 38.11 -21.91 -59.25
CA LEU C 651 37.67 -20.58 -58.83
C LEU C 651 38.57 -19.48 -59.37
N SER C 652 39.90 -19.64 -59.29
CA SER C 652 40.81 -18.57 -59.65
C SER C 652 40.88 -18.35 -61.16
N THR C 653 40.32 -19.24 -61.97
CA THR C 653 40.38 -19.13 -63.41
C THR C 653 39.02 -18.88 -64.06
N THR C 654 37.92 -19.01 -63.31
CA THR C 654 36.60 -18.76 -63.86
C THR C 654 36.40 -17.26 -64.10
N ALA C 655 35.54 -16.95 -65.08
CA ALA C 655 35.18 -15.58 -65.41
C ALA C 655 33.67 -15.48 -65.50
N MET C 656 33.10 -14.53 -64.75
CA MET C 656 31.65 -14.26 -64.71
C MET C 656 31.43 -12.83 -65.16
N ARG C 657 30.81 -12.67 -66.32
CA ARG C 657 30.84 -11.42 -67.08
C ARG C 657 29.47 -10.73 -67.10
N CYS C 658 29.43 -9.50 -66.59
CA CYS C 658 28.23 -8.67 -66.52
C CYS C 658 28.67 -7.21 -66.62
N THR C 659 27.70 -6.33 -66.91
CA THR C 659 28.01 -4.91 -66.97
C THR C 659 28.24 -4.31 -65.57
N GLY C 660 27.55 -4.84 -64.56
CA GLY C 660 27.72 -4.39 -63.20
C GLY C 660 27.02 -3.07 -62.91
N GLU C 661 27.18 -2.62 -61.66
CA GLU C 661 26.59 -1.37 -61.21
C GLU C 661 27.58 -0.26 -61.53
N TYR C 662 27.16 0.67 -62.39
CA TYR C 662 28.08 1.63 -62.99
C TYR C 662 28.65 2.61 -61.98
N TRP C 663 28.05 2.73 -60.79
CA TRP C 663 28.51 3.71 -59.81
C TRP C 663 29.91 3.38 -59.29
N TRP C 664 30.27 2.09 -59.27
CA TRP C 664 31.65 1.65 -59.10
C TRP C 664 32.21 0.96 -60.33
N GLY C 665 31.36 0.58 -61.28
CA GLY C 665 31.78 -0.07 -62.50
C GLY C 665 31.48 -1.56 -62.48
N ALA C 666 32.08 -2.28 -63.42
CA ALA C 666 31.92 -3.72 -63.52
C ALA C 666 32.85 -4.48 -62.59
N VAL C 667 33.39 -3.83 -61.56
CA VAL C 667 34.27 -4.51 -60.61
C VAL C 667 33.47 -5.16 -59.49
N LEU C 668 32.15 -5.15 -59.59
CA LEU C 668 31.27 -5.77 -58.60
C LEU C 668 30.85 -7.17 -58.99
N CYS C 669 31.23 -7.64 -60.18
CA CYS C 669 30.83 -8.96 -60.64
C CYS C 669 31.99 -9.93 -60.85
N LYS C 670 33.15 -9.45 -61.28
CA LYS C 670 34.30 -10.28 -61.61
C LYS C 670 35.07 -10.75 -60.38
N VAL C 671 34.82 -10.14 -59.22
CA VAL C 671 35.66 -10.30 -58.04
C VAL C 671 35.15 -11.36 -57.07
N GLN C 672 33.85 -11.64 -57.06
CA GLN C 672 33.25 -12.52 -56.04
C GLN C 672 33.88 -13.91 -55.96
N PRO C 673 34.07 -14.65 -57.06
CA PRO C 673 34.66 -15.99 -56.91
C PRO C 673 36.04 -16.00 -56.28
N LYS C 674 36.90 -15.02 -56.59
CA LYS C 674 38.22 -15.04 -55.97
C LYS C 674 38.17 -14.54 -54.53
N ILE C 675 37.18 -13.71 -54.19
CA ILE C 675 36.95 -13.40 -52.78
C ILE C 675 36.58 -14.67 -52.02
N VAL C 676 35.68 -15.49 -52.59
CA VAL C 676 35.29 -16.75 -51.96
C VAL C 676 36.47 -17.71 -51.89
N LEU C 677 37.31 -17.70 -52.92
CA LEU C 677 38.54 -18.50 -52.92
C LEU C 677 39.47 -18.09 -51.77
N GLY C 678 39.72 -16.78 -51.62
CA GLY C 678 40.54 -16.33 -50.51
C GLY C 678 39.90 -16.64 -49.17
N LEU C 679 38.57 -16.58 -49.11
CA LEU C 679 37.86 -16.91 -47.87
C LEU C 679 38.06 -18.38 -47.51
N VAL C 680 37.99 -19.28 -48.49
CA VAL C 680 38.21 -20.70 -48.23
C VAL C 680 39.66 -20.96 -47.85
N ILE C 681 40.60 -20.27 -48.51
CA ILE C 681 42.01 -20.41 -48.16
C ILE C 681 42.24 -19.98 -46.72
N ALA C 682 41.66 -18.84 -46.34
CA ALA C 682 41.77 -18.39 -44.95
C ALA C 682 41.13 -19.38 -44.00
N THR C 683 39.95 -19.90 -44.36
CA THR C 683 39.25 -20.87 -43.51
C THR C 683 40.12 -22.10 -43.28
N ASP C 684 40.82 -22.55 -44.32
CA ASP C 684 41.63 -23.76 -44.21
C ASP C 684 42.94 -23.51 -43.46
N PHE C 685 43.55 -22.33 -43.65
CA PHE C 685 44.68 -21.99 -42.79
C PHE C 685 44.25 -21.93 -41.33
N ILE C 686 43.01 -21.51 -41.10
CA ILE C 686 42.48 -21.44 -39.75
C ILE C 686 42.27 -22.85 -39.19
N LEU C 687 41.82 -23.78 -40.03
CA LEU C 687 41.69 -25.17 -39.61
C LEU C 687 43.04 -25.86 -39.47
N PHE C 688 44.08 -25.30 -40.09
CA PHE C 688 45.42 -25.91 -40.07
C PHE C 688 45.97 -26.01 -38.65
N PHE C 689 45.39 -25.27 -37.70
CA PHE C 689 45.96 -25.15 -36.37
C PHE C 689 45.45 -26.18 -35.37
N LEU C 690 44.34 -26.86 -35.69
CA LEU C 690 43.63 -27.70 -34.72
C LEU C 690 44.05 -29.17 -34.70
N ASP C 691 44.99 -29.59 -35.55
CA ASP C 691 45.28 -31.02 -35.65
C ASP C 691 46.32 -31.48 -34.62
N THR C 692 47.32 -30.64 -34.34
CA THR C 692 48.40 -31.04 -33.45
C THR C 692 47.92 -31.27 -32.02
N TYR C 693 46.87 -30.56 -31.60
CA TYR C 693 46.34 -30.82 -30.26
C TYR C 693 45.77 -32.23 -30.18
N LEU C 694 44.97 -32.63 -31.16
CA LEU C 694 44.41 -33.98 -31.20
C LEU C 694 45.52 -35.02 -31.28
N TRP C 695 46.52 -34.79 -32.13
CA TRP C 695 47.63 -35.73 -32.24
C TRP C 695 48.38 -35.87 -30.91
N TYR C 696 48.56 -34.75 -30.22
CA TYR C 696 49.19 -34.73 -28.91
C TYR C 696 48.44 -35.62 -27.95
N ILE C 697 47.11 -35.46 -27.89
CA ILE C 697 46.27 -36.29 -27.02
C ILE C 697 46.40 -37.76 -27.40
N ILE C 698 46.35 -38.05 -28.70
CA ILE C 698 46.30 -39.45 -29.15
C ILE C 698 47.58 -40.17 -28.78
N VAL C 699 48.73 -39.57 -29.08
CA VAL C 699 49.99 -40.25 -28.76
C VAL C 699 50.18 -40.31 -27.24
N ASN C 700 49.74 -39.26 -26.51
CA ASN C 700 49.87 -39.29 -25.06
C ASN C 700 49.09 -40.46 -24.47
N THR C 701 47.84 -40.67 -24.91
CA THR C 701 47.06 -41.76 -24.34
C THR C 701 47.58 -43.12 -24.81
N ILE C 702 48.08 -43.21 -26.04
CA ILE C 702 48.64 -44.47 -26.52
C ILE C 702 49.85 -44.87 -25.68
N PHE C 703 50.73 -43.91 -25.41
CA PHE C 703 51.93 -44.22 -24.62
C PHE C 703 51.57 -44.47 -23.16
N SER C 704 50.56 -43.78 -22.63
CA SER C 704 50.12 -44.04 -21.26
C SER C 704 49.59 -45.46 -21.11
N VAL C 705 48.79 -45.91 -22.08
CA VAL C 705 48.31 -47.30 -22.04
C VAL C 705 49.47 -48.27 -22.21
N GLY C 706 50.39 -47.98 -23.12
CA GLY C 706 51.49 -48.90 -23.37
C GLY C 706 52.41 -49.05 -22.16
N LYS C 707 52.70 -47.95 -21.48
CA LYS C 707 53.57 -48.00 -20.30
C LYS C 707 52.94 -48.77 -19.15
N SER C 708 51.63 -49.06 -19.21
CA SER C 708 50.99 -49.83 -18.17
C SER C 708 51.52 -51.25 -18.10
N PHE C 709 51.79 -51.87 -19.26
CA PHE C 709 52.38 -53.20 -19.27
C PHE C 709 53.75 -53.21 -18.59
N TYR C 710 54.60 -52.25 -18.93
CA TYR C 710 55.92 -52.16 -18.29
C TYR C 710 55.81 -51.89 -16.80
N LEU C 711 54.88 -51.01 -16.41
CA LEU C 711 54.57 -50.82 -15.00
C LEU C 711 53.83 -52.01 -14.41
N GLY C 712 53.34 -52.92 -15.25
CA GLY C 712 52.69 -54.14 -14.80
C GLY C 712 51.41 -53.92 -14.02
N ILE C 713 50.64 -52.90 -14.37
CA ILE C 713 49.40 -52.60 -13.66
C ILE C 713 48.40 -53.71 -13.95
N SER C 714 47.53 -53.99 -12.99
CA SER C 714 46.57 -55.09 -13.12
C SER C 714 45.24 -54.66 -12.50
N ILE C 715 44.24 -54.45 -13.35
CA ILE C 715 42.89 -54.16 -12.88
C ILE C 715 41.95 -55.36 -13.03
N LEU C 716 42.32 -56.34 -13.85
CA LEU C 716 41.56 -57.58 -13.96
C LEU C 716 41.59 -58.39 -12.67
N THR C 717 42.55 -58.13 -11.80
CA THR C 717 42.64 -58.87 -10.54
C THR C 717 41.36 -58.65 -9.73
N PRO C 718 40.86 -59.68 -9.07
CA PRO C 718 39.61 -59.52 -8.30
C PRO C 718 39.79 -58.57 -7.14
N TRP C 719 38.67 -58.02 -6.68
CA TRP C 719 38.70 -57.13 -5.54
C TRP C 719 39.14 -57.87 -4.28
N ARG C 720 38.71 -59.13 -4.12
CA ARG C 720 39.15 -59.94 -3.00
C ARG C 720 40.64 -60.22 -3.02
N ASN C 721 41.26 -60.23 -4.21
CA ASN C 721 42.71 -60.43 -4.31
C ASN C 721 43.50 -59.30 -3.68
N ILE C 722 42.88 -58.15 -3.44
CA ILE C 722 43.58 -57.01 -2.86
C ILE C 722 43.49 -57.01 -1.35
N PHE C 723 42.31 -57.36 -0.81
CA PHE C 723 42.10 -57.37 0.64
C PHE C 723 42.88 -58.48 1.32
N THR C 724 43.00 -59.65 0.68
CA THR C 724 43.72 -60.76 1.30
C THR C 724 45.20 -60.45 1.48
N ARG C 725 45.79 -59.70 0.56
CA ARG C 725 47.19 -59.32 0.64
C ARG C 725 47.41 -58.10 1.52
N LEU C 726 46.34 -57.47 2.01
CA LEU C 726 46.47 -56.21 2.72
C LEU C 726 47.27 -56.31 4.02
N PRO C 727 47.03 -57.28 4.91
CA PRO C 727 47.82 -57.31 6.16
C PRO C 727 49.32 -57.46 5.95
N LYS C 728 49.74 -58.28 4.98
CA LYS C 728 51.16 -58.41 4.71
C LYS C 728 51.74 -57.10 4.20
N ARG C 729 51.00 -56.39 3.36
CA ARG C 729 51.45 -55.09 2.86
C ARG C 729 51.57 -54.09 4.00
N ILE C 730 50.62 -54.13 4.95
CA ILE C 730 50.68 -53.27 6.12
C ILE C 730 51.91 -53.57 6.94
N TYR C 731 52.18 -54.86 7.18
CA TYR C 731 53.36 -55.26 7.95
C TYR C 731 54.65 -54.91 7.24
N SER C 732 54.68 -54.98 5.92
CA SER C 732 55.92 -54.79 5.19
C SER C 732 56.20 -53.33 4.86
N LYS C 733 55.19 -52.46 4.86
CA LYS C 733 55.38 -51.09 4.41
C LYS C 733 55.19 -50.02 5.48
N ILE C 734 54.11 -50.07 6.26
CA ILE C 734 53.82 -48.96 7.16
C ILE C 734 54.63 -49.05 8.44
N LEU C 735 54.66 -50.22 9.09
CA LEU C 735 55.49 -50.40 10.26
C LEU C 735 56.90 -50.79 9.82
N ALA C 736 57.87 -49.97 10.23
CA ALA C 736 59.27 -50.26 9.95
C ALA C 736 59.69 -51.47 10.79
N THR C 737 59.42 -52.65 10.22
CA THR C 737 59.81 -53.92 10.82
C THR C 737 61.32 -54.18 10.74
N THR C 738 61.97 -53.63 9.72
CA THR C 738 63.38 -53.98 9.46
C THR C 738 64.26 -53.65 10.65
N ASP C 739 63.98 -52.55 11.35
CA ASP C 739 64.89 -52.05 12.37
C ASP C 739 64.79 -52.82 13.70
N MET C 740 63.61 -53.25 14.10
CA MET C 740 63.50 -54.00 15.34
C MET C 740 64.02 -55.42 15.16
N GLU C 741 64.17 -56.12 16.28
CA GLU C 741 64.54 -57.53 16.28
C GLU C 741 63.29 -58.39 16.20
N ILE C 742 63.37 -59.46 15.41
CA ILE C 742 62.22 -60.32 15.16
C ILE C 742 61.96 -61.19 16.38
N LYS C 743 61.05 -60.75 17.25
CA LYS C 743 60.68 -61.52 18.43
C LYS C 743 59.17 -61.60 18.66
N TYR C 744 58.36 -60.98 17.81
CA TYR C 744 56.91 -61.12 17.88
C TYR C 744 56.37 -61.58 16.54
N LYS C 745 55.27 -62.34 16.61
CA LYS C 745 54.53 -62.66 15.41
C LYS C 745 53.91 -61.39 14.84
N PRO C 746 53.98 -61.18 13.52
CA PRO C 746 53.39 -59.97 12.93
C PRO C 746 51.92 -59.78 13.22
N LYS C 747 51.17 -60.87 13.38
CA LYS C 747 49.72 -60.76 13.54
C LYS C 747 49.36 -59.94 14.76
N VAL C 748 50.06 -60.15 15.88
CA VAL C 748 49.73 -59.39 17.09
C VAL C 748 50.13 -57.93 16.96
N LEU C 749 51.05 -57.60 16.04
CA LEU C 749 51.35 -56.20 15.76
C LEU C 749 50.27 -55.56 14.90
N ILE C 750 49.83 -56.25 13.86
CA ILE C 750 48.86 -55.69 12.91
C ILE C 750 47.46 -55.67 13.52
N SER C 751 47.24 -56.48 14.55
CA SER C 751 46.01 -56.35 15.33
C SER C 751 45.94 -54.96 15.97
N GLN C 752 47.07 -54.51 16.52
CA GLN C 752 47.16 -53.22 17.19
C GLN C 752 46.88 -52.05 16.27
N VAL C 753 46.99 -52.24 14.95
CA VAL C 753 46.65 -51.17 14.02
C VAL C 753 45.24 -51.33 13.48
N TRP C 754 44.83 -52.54 13.11
CA TRP C 754 43.48 -52.72 12.59
C TRP C 754 42.41 -52.35 13.60
N ASN C 755 42.46 -52.94 14.80
CA ASN C 755 41.38 -52.71 15.75
C ASN C 755 41.36 -51.25 16.21
N ALA C 756 42.54 -50.62 16.30
CA ALA C 756 42.61 -49.21 16.65
C ALA C 756 41.94 -48.35 15.58
N ILE C 757 42.27 -48.58 14.30
CA ILE C 757 41.66 -47.77 13.25
C ILE C 757 40.15 -48.00 13.23
N ILE C 758 39.72 -49.24 13.44
CA ILE C 758 38.30 -49.53 13.38
C ILE C 758 37.55 -48.86 14.53
N ILE C 759 38.13 -48.85 15.73
CA ILE C 759 37.44 -48.14 16.81
C ILE C 759 37.43 -46.64 16.54
N SER C 760 38.46 -46.12 15.86
CA SER C 760 38.42 -44.71 15.48
C SER C 760 37.27 -44.41 14.51
N MET C 761 37.07 -45.28 13.52
CA MET C 761 35.94 -45.11 12.59
C MET C 761 34.61 -45.35 13.29
N TYR C 762 34.59 -46.21 14.31
CA TYR C 762 33.33 -46.51 14.98
C TYR C 762 32.91 -45.37 15.91
N ARG C 763 33.87 -44.73 16.58
CA ARG C 763 33.55 -43.67 17.52
C ARG C 763 33.04 -42.40 16.86
N GLU C 764 33.17 -42.27 15.54
CA GLU C 764 32.69 -41.11 14.81
C GLU C 764 31.30 -41.31 14.21
N HIS C 765 30.54 -42.29 14.70
CA HIS C 765 29.16 -42.52 14.26
C HIS C 765 29.08 -42.84 12.77
N LEU C 766 29.83 -43.87 12.35
CA LEU C 766 29.78 -44.36 10.98
C LEU C 766 29.46 -45.85 10.85
N LEU C 767 29.57 -46.62 11.94
CA LEU C 767 29.23 -48.03 11.90
C LEU C 767 28.33 -48.36 13.08
N ALA C 768 27.44 -49.34 12.86
CA ALA C 768 26.56 -49.79 13.91
C ALA C 768 27.25 -50.84 14.77
N ILE C 769 26.63 -51.16 15.91
CA ILE C 769 27.27 -52.04 16.89
C ILE C 769 27.43 -53.45 16.32
N ASP C 770 26.44 -53.93 15.55
CA ASP C 770 26.55 -55.26 14.96
C ASP C 770 27.71 -55.34 13.98
N HIS C 771 28.07 -54.22 13.35
CA HIS C 771 29.21 -54.21 12.44
C HIS C 771 30.54 -54.22 13.17
N VAL C 772 30.53 -53.93 14.48
CA VAL C 772 31.77 -53.82 15.22
C VAL C 772 32.46 -55.17 15.33
N GLN C 773 31.70 -56.21 15.66
CA GLN C 773 32.30 -57.51 15.93
C GLN C 773 32.57 -58.34 14.68
N LYS C 774 32.13 -57.88 13.51
CA LYS C 774 32.28 -58.66 12.28
C LYS C 774 33.71 -58.72 11.75
N LEU C 775 34.56 -57.76 12.09
CA LEU C 775 35.85 -57.63 11.41
C LEU C 775 37.00 -57.41 12.37
N LEU C 776 36.71 -57.34 13.67
CA LEU C 776 37.74 -57.07 14.66
C LEU C 776 38.44 -58.36 15.11
N TYR C 777 39.71 -58.22 15.44
CA TYR C 777 40.47 -59.36 15.95
C TYR C 777 39.93 -59.81 17.31
N HIS C 778 39.80 -61.13 17.45
CA HIS C 778 39.13 -61.72 18.61
C HIS C 778 40.07 -62.68 19.33
N GLN C 779 40.07 -62.57 20.65
CA GLN C 779 40.79 -63.49 21.53
C GLN C 779 39.84 -64.42 22.27
N VAL C 780 38.68 -64.69 21.68
CA VAL C 780 37.70 -65.58 22.32
C VAL C 780 38.24 -66.99 22.56
N PRO C 781 38.94 -67.64 21.61
CA PRO C 781 39.36 -69.03 21.85
C PRO C 781 40.21 -69.17 23.11
N SER C 782 40.29 -70.41 23.59
CA SER C 782 40.90 -70.70 24.87
C SER C 782 42.37 -70.32 24.90
N GLU C 783 42.84 -69.91 26.08
CA GLU C 783 44.22 -69.48 26.27
C GLU C 783 45.12 -70.62 26.74
N ILE C 784 44.60 -71.84 26.86
CA ILE C 784 45.41 -72.95 27.32
C ILE C 784 46.52 -73.29 26.33
N GLU C 785 46.37 -72.88 25.07
CA GLU C 785 47.43 -73.03 24.07
C GLU C 785 47.70 -71.68 23.45
N GLY C 786 48.99 -71.32 23.37
CA GLY C 786 49.36 -69.98 22.90
C GLY C 786 49.00 -69.71 21.45
N LYS C 787 49.07 -70.74 20.61
CA LYS C 787 48.78 -70.55 19.19
C LYS C 787 47.33 -70.13 18.96
N ARG C 788 46.42 -70.55 19.83
CA ARG C 788 44.99 -70.30 19.67
C ARG C 788 44.55 -68.97 20.28
N THR C 789 45.50 -68.17 20.78
CA THR C 789 45.14 -66.96 21.52
C THR C 789 44.40 -65.97 20.63
N LEU C 790 44.87 -65.78 19.39
CA LEU C 790 44.31 -64.77 18.51
C LEU C 790 43.95 -65.38 17.16
N ARG C 791 42.80 -64.98 16.62
CA ARG C 791 42.25 -65.50 15.39
C ARG C 791 41.92 -64.37 14.43
N ALA C 792 42.23 -64.56 13.15
CA ALA C 792 41.92 -63.57 12.14
C ALA C 792 40.43 -63.57 11.81
N PRO C 793 39.80 -62.41 11.80
CA PRO C 793 38.36 -62.32 11.52
C PRO C 793 38.03 -62.76 10.09
N THR C 794 36.73 -62.88 9.84
CA THR C 794 36.21 -63.33 8.56
C THR C 794 36.22 -62.27 7.48
N PHE C 795 36.53 -61.02 7.82
CA PHE C 795 36.61 -59.98 6.80
C PHE C 795 37.82 -60.19 5.89
N PHE C 796 38.78 -61.00 6.34
CA PHE C 796 39.97 -61.31 5.55
C PHE C 796 39.86 -62.61 4.75
N VAL C 797 38.97 -63.53 5.12
CA VAL C 797 38.80 -64.75 4.32
C VAL C 797 38.02 -64.42 3.06
N GLU C 814 30.10 -44.58 3.56
CA GLU C 814 31.30 -43.77 3.63
C GLU C 814 32.52 -44.63 3.91
N ALA C 815 32.37 -45.55 4.87
CA ALA C 815 33.50 -46.35 5.32
C ALA C 815 34.00 -47.29 4.23
N GLU C 816 33.09 -47.87 3.44
CA GLU C 816 33.49 -48.81 2.40
C GLU C 816 34.40 -48.13 1.38
N ARG C 817 34.06 -46.92 0.96
CA ARG C 817 34.88 -46.21 -0.01
C ARG C 817 36.27 -45.91 0.56
N ARG C 818 36.33 -45.47 1.82
CA ARG C 818 37.62 -45.19 2.44
C ARG C 818 38.48 -46.45 2.53
N ILE C 819 37.88 -47.57 2.94
CA ILE C 819 38.65 -48.79 3.13
C ILE C 819 39.12 -49.33 1.79
N SER C 820 38.27 -49.26 0.76
CA SER C 820 38.68 -49.64 -0.58
C SER C 820 39.81 -48.75 -1.07
N PHE C 821 39.72 -47.45 -0.82
CA PHE C 821 40.76 -46.53 -1.27
C PHE C 821 42.08 -46.80 -0.55
N PHE C 822 42.02 -47.12 0.74
CA PHE C 822 43.24 -47.43 1.50
C PHE C 822 43.88 -48.73 1.02
N ALA C 823 43.06 -49.74 0.73
CA ALA C 823 43.60 -50.97 0.15
C ALA C 823 44.23 -50.69 -1.21
N GLN C 824 43.55 -49.90 -2.05
CA GLN C 824 44.10 -49.54 -3.35
C GLN C 824 45.39 -48.74 -3.22
N SER C 825 45.48 -47.89 -2.19
CA SER C 825 46.66 -47.07 -1.99
C SER C 825 47.85 -47.90 -1.52
N LEU C 826 47.66 -48.76 -0.52
CA LEU C 826 48.80 -49.48 0.05
C LEU C 826 49.41 -50.48 -0.93
N SER C 827 48.70 -50.81 -2.01
CA SER C 827 49.25 -51.70 -3.01
C SER C 827 50.50 -51.13 -3.67
N THR C 828 50.53 -49.82 -3.88
CA THR C 828 51.64 -49.19 -4.57
C THR C 828 52.91 -49.25 -3.71
N PRO C 829 54.08 -49.26 -4.33
CA PRO C 829 55.32 -49.29 -3.54
C PRO C 829 55.46 -48.07 -2.65
N ILE C 830 55.84 -48.31 -1.40
CA ILE C 830 55.98 -47.27 -0.38
C ILE C 830 57.41 -47.30 0.13
N PRO C 831 58.17 -46.21 0.02
CA PRO C 831 59.55 -46.22 0.52
C PRO C 831 59.58 -46.49 2.01
N GLU C 832 60.57 -47.30 2.42
CA GLU C 832 60.58 -47.82 3.78
C GLU C 832 60.66 -46.67 4.78
N PRO C 833 59.80 -46.66 5.79
CA PRO C 833 59.80 -45.56 6.76
C PRO C 833 61.01 -45.66 7.68
N LEU C 834 61.31 -44.56 8.33
CA LEU C 834 62.28 -44.53 9.40
C LEU C 834 61.59 -44.69 10.75
N PRO C 835 62.33 -44.98 11.80
CA PRO C 835 61.73 -44.97 13.15
C PRO C 835 61.18 -43.60 13.49
N VAL C 836 60.18 -43.58 14.37
CA VAL C 836 59.65 -42.33 14.87
C VAL C 836 60.70 -41.49 15.59
N ASP C 837 61.65 -42.14 16.27
CA ASP C 837 62.62 -41.41 17.07
C ASP C 837 63.67 -40.72 16.21
N ASN C 838 63.85 -41.16 14.96
CA ASN C 838 64.78 -40.51 14.04
C ASN C 838 64.07 -39.58 13.07
N MET C 839 62.74 -39.53 13.09
CA MET C 839 61.91 -38.66 12.28
C MET C 839 62.09 -37.20 12.73
N PRO C 840 62.22 -36.28 11.79
CA PRO C 840 62.41 -34.86 12.15
C PRO C 840 61.10 -34.24 12.65
N THR C 841 61.13 -32.93 12.79
CA THR C 841 59.95 -32.15 13.19
C THR C 841 59.50 -31.26 12.04
N PHE C 842 58.18 -31.05 11.97
CA PHE C 842 57.54 -30.36 10.87
C PHE C 842 56.37 -29.56 11.43
N THR C 843 55.92 -28.55 10.69
CA THR C 843 54.76 -27.80 11.17
C THR C 843 53.74 -27.63 10.05
N VAL C 844 52.53 -27.31 10.47
CA VAL C 844 51.40 -27.08 9.57
C VAL C 844 50.85 -25.70 9.85
N LEU C 845 50.82 -24.85 8.82
CA LEU C 845 50.29 -23.50 8.92
C LEU C 845 48.81 -23.51 8.54
N THR C 846 48.02 -22.73 9.26
CA THR C 846 46.65 -22.47 8.85
C THR C 846 46.40 -20.97 8.98
N PRO C 847 45.78 -20.34 7.99
CA PRO C 847 45.32 -18.96 8.17
C PRO C 847 43.85 -18.90 8.59
N HIS C 848 43.41 -17.77 9.14
CA HIS C 848 42.03 -17.63 9.57
C HIS C 848 41.58 -16.18 9.41
N TYR C 849 40.38 -15.99 8.86
CA TYR C 849 39.76 -14.67 8.79
C TYR C 849 38.27 -14.86 8.54
N ALA C 850 37.45 -14.32 9.43
CA ALA C 850 35.99 -14.23 9.30
C ALA C 850 35.30 -15.59 9.21
N GLU C 851 35.99 -16.69 9.50
CA GLU C 851 35.33 -17.99 9.53
C GLU C 851 34.55 -18.16 10.83
N ARG C 852 33.66 -19.14 10.83
CA ARG C 852 32.84 -19.45 12.00
C ARG C 852 33.49 -20.55 12.81
N ILE C 853 33.78 -20.25 14.08
CA ILE C 853 34.40 -21.23 14.97
C ILE C 853 33.43 -22.35 15.30
N LEU C 854 32.30 -22.00 15.93
CA LEU C 854 31.30 -22.98 16.32
C LEU C 854 29.93 -22.44 15.92
N LEU C 855 29.00 -23.37 15.70
CA LEU C 855 27.64 -22.99 15.32
C LEU C 855 26.85 -22.59 16.55
N SER C 856 26.18 -21.44 16.49
CA SER C 856 25.42 -20.94 17.62
C SER C 856 24.04 -21.61 17.68
N LEU C 857 23.46 -21.59 18.89
CA LEU C 857 22.14 -22.20 19.07
C LEU C 857 21.08 -21.50 18.22
N ARG C 858 21.30 -20.22 17.89
CA ARG C 858 20.32 -19.49 17.11
C ARG C 858 20.19 -20.09 15.71
N GLU C 859 21.31 -20.44 15.09
CA GLU C 859 21.26 -21.13 13.81
C GLU C 859 20.87 -22.59 13.96
N ILE C 860 20.88 -23.13 15.18
CA ILE C 860 20.48 -24.51 15.41
C ILE C 860 18.96 -24.64 15.50
N ILE C 861 18.32 -23.75 16.25
CA ILE C 861 16.89 -23.83 16.50
C ILE C 861 16.05 -23.07 15.48
N ARG C 862 16.66 -22.23 14.65
CA ARG C 862 15.94 -21.47 13.66
C ARG C 862 16.33 -21.95 12.26
N GLU C 863 15.73 -21.34 11.24
CA GLU C 863 15.96 -21.73 9.86
C GLU C 863 16.72 -20.66 9.09
N THR C 871 14.45 -25.35 8.85
CA THR C 871 15.31 -25.62 10.01
C THR C 871 16.60 -26.31 9.56
N LEU C 872 17.73 -25.85 10.13
CA LEU C 872 19.01 -26.49 9.84
C LEU C 872 19.05 -27.92 10.37
N LEU C 873 18.53 -28.12 11.58
CA LEU C 873 18.54 -29.46 12.17
C LEU C 873 17.74 -30.43 11.33
N GLU C 874 16.53 -30.05 10.90
CA GLU C 874 15.73 -30.95 10.08
C GLU C 874 16.44 -31.30 8.78
N TYR C 875 17.16 -30.33 8.21
CA TYR C 875 17.96 -30.60 7.02
C TYR C 875 19.08 -31.58 7.32
N LEU C 876 19.69 -31.49 8.52
CA LEU C 876 20.76 -32.41 8.89
C LEU C 876 20.26 -33.83 9.09
N LYS C 877 19.08 -34.00 9.69
CA LYS C 877 18.51 -35.34 9.78
C LYS C 877 18.14 -35.88 8.40
N GLN C 878 17.51 -35.06 7.55
CA GLN C 878 17.12 -35.56 6.24
C GLN C 878 18.32 -35.85 5.34
N LEU C 879 19.47 -35.22 5.61
CA LEU C 879 20.68 -35.52 4.85
C LEU C 879 21.58 -36.55 5.51
N HIS C 880 21.59 -36.63 6.84
CA HIS C 880 22.40 -37.59 7.58
C HIS C 880 21.52 -38.32 8.60
N PRO C 881 20.63 -39.19 8.14
CA PRO C 881 19.75 -39.91 9.06
C PRO C 881 20.47 -40.95 9.91
N VAL C 882 21.24 -41.82 9.25
CA VAL C 882 21.88 -42.93 9.95
C VAL C 882 22.77 -42.41 11.08
N GLU C 883 23.49 -41.32 10.81
CA GLU C 883 24.28 -40.70 11.87
C GLU C 883 23.40 -40.16 12.98
N TRP C 884 22.18 -39.72 12.65
CA TRP C 884 21.27 -39.24 13.68
C TRP C 884 20.85 -40.37 14.61
N GLU C 885 20.49 -41.53 14.05
CA GLU C 885 20.16 -42.66 14.92
C GLU C 885 21.38 -43.11 15.72
N CYS C 886 22.56 -43.13 15.11
CA CYS C 886 23.76 -43.50 15.85
C CYS C 886 24.01 -42.54 17.01
N PHE C 887 23.83 -41.24 16.77
CA PHE C 887 24.07 -40.24 17.80
C PHE C 887 23.08 -40.38 18.94
N VAL C 888 21.80 -40.55 18.63
CA VAL C 888 20.81 -40.65 19.71
C VAL C 888 21.00 -41.94 20.50
N LYS C 889 21.36 -43.03 19.82
CA LYS C 889 21.66 -44.27 20.53
C LYS C 889 22.86 -44.12 21.44
N ASP C 890 23.92 -43.46 20.95
CA ASP C 890 25.10 -43.22 21.78
C ASP C 890 24.77 -42.36 22.98
N THR C 891 23.92 -41.35 22.80
CA THR C 891 23.52 -40.50 23.91
C THR C 891 22.71 -41.29 24.95
N LYS C 892 21.81 -42.16 24.48
CA LYS C 892 21.07 -42.99 25.43
C LYS C 892 21.96 -43.99 26.13
N ILE C 893 23.06 -44.42 25.50
CA ILE C 893 23.96 -45.37 26.15
C ILE C 893 24.56 -44.77 27.43
N LEU C 894 25.04 -43.53 27.35
CA LEU C 894 25.66 -42.89 28.50
C LEU C 894 24.64 -42.23 29.41
N ALA C 895 23.90 -41.25 28.89
CA ALA C 895 22.91 -40.52 29.67
C ALA C 895 21.77 -41.44 30.10
N ALA C 931 17.34 -27.85 31.47
CA ALA C 931 17.90 -27.27 30.25
C ALA C 931 18.85 -28.25 29.57
N ALA C 932 19.38 -29.20 30.36
CA ALA C 932 20.30 -30.23 29.89
C ALA C 932 21.47 -29.59 29.12
N PRO C 933 22.38 -28.90 29.82
CA PRO C 933 23.50 -28.24 29.10
C PRO C 933 24.39 -29.22 28.36
N GLU C 934 24.60 -30.41 28.91
CA GLU C 934 25.48 -31.39 28.26
C GLU C 934 24.89 -31.84 26.93
N TYR C 935 23.58 -32.09 26.89
CA TYR C 935 22.94 -32.48 25.64
C TYR C 935 23.02 -31.36 24.60
N THR C 936 22.82 -30.11 25.04
CA THR C 936 22.93 -28.99 24.11
C THR C 936 24.34 -28.88 23.55
N LEU C 937 25.35 -29.05 24.41
CA LEU C 937 26.73 -28.98 23.94
C LEU C 937 27.04 -30.12 22.98
N ARG C 938 26.54 -31.33 23.26
CA ARG C 938 26.75 -32.46 22.36
C ARG C 938 26.10 -32.21 21.01
N THR C 939 24.86 -31.70 21.00
CA THR C 939 24.20 -31.42 19.74
C THR C 939 24.90 -30.32 18.96
N ARG C 940 25.39 -29.29 19.67
CA ARG C 940 26.15 -28.23 19.00
C ARG C 940 27.42 -28.77 18.37
N ILE C 941 28.15 -29.62 19.10
CA ILE C 941 29.38 -30.19 18.56
C ILE C 941 29.07 -31.08 17.36
N TRP C 942 28.00 -31.88 17.46
CA TRP C 942 27.61 -32.76 16.37
C TRP C 942 27.26 -31.95 15.13
N ALA C 943 26.51 -30.86 15.30
CA ALA C 943 26.15 -30.02 14.16
C ALA C 943 27.37 -29.30 13.60
N SER C 944 28.30 -28.91 14.47
CA SER C 944 29.51 -28.23 14.01
C SER C 944 30.37 -29.15 13.15
N LEU C 945 30.55 -30.40 13.59
CA LEU C 945 31.37 -31.34 12.85
C LEU C 945 30.82 -31.63 11.46
N ARG C 946 29.53 -31.39 11.24
CA ARG C 946 28.88 -31.66 9.96
C ARG C 946 28.72 -30.41 9.12
N SER C 947 29.25 -29.28 9.56
CA SER C 947 29.17 -28.01 8.83
C SER C 947 30.60 -27.50 8.58
N GLN C 948 30.68 -26.30 8.00
CA GLN C 948 31.96 -25.66 7.69
C GLN C 948 32.42 -24.88 8.92
N THR C 949 33.26 -25.51 9.74
CA THR C 949 33.79 -24.86 10.93
C THR C 949 35.28 -25.12 11.03
N LEU C 950 35.97 -24.22 11.73
CA LEU C 950 37.38 -24.45 12.04
C LEU C 950 37.56 -25.61 13.02
N TYR C 951 36.58 -25.84 13.89
CA TYR C 951 36.67 -26.93 14.85
C TYR C 951 36.76 -28.28 14.13
N ARG C 952 35.97 -28.46 13.07
CA ARG C 952 36.01 -29.71 12.31
C ARG C 952 37.39 -29.95 11.72
N THR C 953 37.96 -28.91 11.09
CA THR C 953 39.29 -29.06 10.50
C THR C 953 40.34 -29.33 11.56
N ILE C 954 40.25 -28.65 12.70
CA ILE C 954 41.23 -28.83 13.77
C ILE C 954 41.17 -30.25 14.32
N SER C 955 39.97 -30.75 14.58
CA SER C 955 39.82 -32.12 15.08
C SER C 955 40.29 -33.14 14.05
N GLY C 956 40.00 -32.91 12.77
CA GLY C 956 40.48 -33.84 11.75
C GLY C 956 41.99 -33.84 11.61
N PHE C 957 42.61 -32.67 11.75
CA PHE C 957 44.04 -32.52 11.58
C PHE C 957 44.84 -32.85 12.83
N MET C 958 44.17 -32.99 13.98
CA MET C 958 44.85 -33.35 15.22
C MET C 958 45.05 -34.87 15.36
N ASN C 959 44.85 -35.64 14.29
CA ASN C 959 45.09 -37.07 14.35
C ASN C 959 46.58 -37.42 14.34
N TYR C 960 47.44 -36.45 14.01
CA TYR C 960 48.87 -36.74 13.91
C TYR C 960 49.43 -37.26 15.22
N SER C 961 49.11 -36.58 16.33
CA SER C 961 49.69 -36.94 17.62
C SER C 961 49.25 -38.33 18.06
N ARG C 962 47.96 -38.65 17.92
CA ARG C 962 47.50 -39.96 18.31
C ARG C 962 48.09 -41.05 17.42
N ALA C 963 48.20 -40.79 16.11
CA ALA C 963 48.82 -41.78 15.23
C ALA C 963 50.28 -42.01 15.62
N ILE C 964 51.00 -40.94 15.93
CA ILE C 964 52.41 -41.08 16.29
C ILE C 964 52.57 -41.81 17.62
N LYS C 965 51.70 -41.50 18.58
CA LYS C 965 51.75 -42.18 19.87
C LYS C 965 51.45 -43.67 19.73
N LEU C 966 50.46 -44.02 18.91
CA LEU C 966 50.14 -45.42 18.66
C LEU C 966 51.30 -46.15 17.98
N LEU C 967 51.91 -45.49 16.98
CA LEU C 967 53.08 -46.06 16.32
C LEU C 967 54.22 -46.27 17.31
N TYR C 968 54.43 -45.28 18.18
CA TYR C 968 55.49 -45.36 19.18
C TYR C 968 55.27 -46.53 20.13
N ARG C 969 54.02 -46.75 20.54
CA ARG C 969 53.70 -47.88 21.41
C ARG C 969 53.86 -49.21 20.70
N VAL C 970 53.36 -49.34 19.47
CA VAL C 970 53.40 -50.63 18.77
C VAL C 970 54.82 -51.00 18.37
N GLU C 971 55.61 -50.02 17.91
CA GLU C 971 56.97 -50.26 17.44
C GLU C 971 57.93 -50.66 18.56
N ASN C 972 57.64 -50.30 19.81
CA ASN C 972 58.50 -50.76 20.89
C ASN C 972 57.65 -51.13 22.11
N PRO C 973 57.52 -52.42 22.41
CA PRO C 973 56.83 -52.84 23.63
C PRO C 973 57.72 -52.98 24.85
N GLU C 974 59.04 -52.90 24.70
CA GLU C 974 59.92 -53.00 25.87
C GLU C 974 59.68 -51.85 26.86
N ILE C 975 59.38 -50.66 26.33
CA ILE C 975 59.15 -49.51 27.20
C ILE C 975 57.89 -49.72 28.02
N VAL C 976 56.81 -50.14 27.36
CA VAL C 976 55.56 -50.44 28.07
C VAL C 976 55.79 -51.55 29.07
N GLN C 977 56.60 -52.55 28.72
CA GLN C 977 56.89 -53.64 29.65
C GLN C 977 57.56 -53.14 30.92
N MET C 978 58.63 -52.35 30.78
CA MET C 978 59.31 -51.87 31.99
C MET C 978 58.46 -50.85 32.74
N PHE C 979 57.49 -50.22 32.08
CA PHE C 979 56.56 -49.37 32.83
C PHE C 979 55.70 -50.22 33.77
N GLY C 980 55.22 -51.37 33.31
CA GLY C 980 54.61 -52.35 34.19
C GLY C 980 53.38 -51.89 34.95
N GLY C 981 52.43 -51.27 34.26
CA GLY C 981 51.19 -50.86 34.88
C GLY C 981 51.07 -49.38 35.19
N ASN C 982 52.17 -48.62 35.06
CA ASN C 982 52.12 -47.18 35.24
C ASN C 982 51.57 -46.57 33.96
N ALA C 983 50.25 -46.61 33.82
CA ALA C 983 49.60 -46.05 32.64
C ALA C 983 49.82 -44.55 32.55
N GLU C 984 49.83 -43.86 33.70
CA GLU C 984 50.04 -42.41 33.71
C GLU C 984 51.41 -42.05 33.17
N GLY C 985 52.45 -42.73 33.64
CA GLY C 985 53.80 -42.45 33.14
C GLY C 985 53.96 -42.81 31.67
N LEU C 986 53.32 -43.89 31.25
CA LEU C 986 53.32 -44.25 29.83
C LEU C 986 52.68 -43.16 28.98
N GLU C 987 51.53 -42.64 29.43
CA GLU C 987 50.87 -41.56 28.71
C GLU C 987 51.74 -40.30 28.68
N ARG C 988 52.39 -39.99 29.80
CA ARG C 988 53.24 -38.79 29.84
C ARG C 988 54.43 -38.93 28.89
N GLU C 989 55.04 -40.13 28.84
CA GLU C 989 56.12 -40.37 27.90
C GLU C 989 55.64 -40.25 26.45
N LEU C 990 54.47 -40.80 26.14
CA LEU C 990 53.96 -40.74 24.77
C LEU C 990 53.67 -39.30 24.36
N GLU C 991 53.01 -38.53 25.23
CA GLU C 991 52.73 -37.13 24.92
C GLU C 991 54.02 -36.34 24.79
N LYS C 992 55.00 -36.63 25.65
CA LYS C 992 56.30 -35.97 25.59
C LYS C 992 56.98 -36.24 24.26
N MET C 993 56.91 -37.48 23.78
CA MET C 993 57.56 -37.80 22.51
C MET C 993 56.79 -37.21 21.33
N ALA C 994 55.46 -37.15 21.41
CA ALA C 994 54.67 -36.67 20.29
C ALA C 994 54.72 -35.15 20.16
N ARG C 995 54.92 -34.42 21.27
CA ARG C 995 54.91 -32.96 21.23
C ARG C 995 56.00 -32.40 20.33
N ARG C 996 57.21 -32.96 20.43
CA ARG C 996 58.38 -32.42 19.76
C ARG C 996 58.48 -32.81 18.28
N LYS C 997 57.55 -33.63 17.79
CA LYS C 997 57.60 -34.14 16.42
C LYS C 997 56.65 -33.43 15.46
N PHE C 998 56.01 -32.34 15.88
CA PHE C 998 54.97 -31.68 15.08
C PHE C 998 54.51 -30.40 15.76
N LYS C 999 54.41 -29.31 14.98
CA LYS C 999 53.82 -28.06 15.45
C LYS C 999 52.71 -27.65 14.49
N PHE C 1000 51.63 -27.08 15.05
CA PHE C 1000 50.51 -26.64 14.24
C PHE C 1000 50.12 -25.23 14.65
N LEU C 1001 50.28 -24.28 13.73
CA LEU C 1001 50.11 -22.86 14.02
C LEU C 1001 48.96 -22.28 13.21
N VAL C 1002 48.23 -21.35 13.82
CA VAL C 1002 47.10 -20.69 13.19
C VAL C 1002 47.35 -19.18 13.25
N SER C 1003 47.22 -18.52 12.11
CA SER C 1003 47.42 -17.08 12.00
C SER C 1003 46.05 -16.43 11.88
N MET C 1004 45.61 -15.80 12.96
CA MET C 1004 44.30 -15.16 13.05
C MET C 1004 44.50 -13.74 13.56
N GLN C 1005 43.86 -12.77 12.92
CA GLN C 1005 44.24 -11.36 12.98
C GLN C 1005 43.24 -10.49 13.71
N ARG C 1006 42.27 -11.06 14.43
CA ARG C 1006 41.12 -10.30 14.90
C ARG C 1006 40.75 -10.61 16.35
N LEU C 1007 41.70 -11.13 17.13
CA LEU C 1007 41.44 -11.49 18.53
C LEU C 1007 41.16 -10.27 19.40
N ALA C 1008 41.74 -9.12 19.08
CA ALA C 1008 41.58 -7.94 19.93
C ALA C 1008 40.29 -7.18 19.69
N LYS C 1009 39.47 -7.59 18.72
CA LYS C 1009 38.21 -6.92 18.44
C LYS C 1009 37.03 -7.88 18.27
N PHE C 1010 37.16 -9.12 18.72
CA PHE C 1010 36.01 -10.02 18.69
C PHE C 1010 34.93 -9.59 19.66
N LYS C 1011 33.70 -9.96 19.34
CA LYS C 1011 32.59 -9.90 20.28
C LYS C 1011 32.84 -10.92 21.39
N PRO C 1012 32.23 -10.74 22.56
CA PRO C 1012 32.53 -11.66 23.68
C PRO C 1012 32.25 -13.12 23.35
N HIS C 1013 31.24 -13.40 22.53
CA HIS C 1013 30.90 -14.80 22.22
C HIS C 1013 32.01 -15.49 21.44
N GLU C 1014 32.65 -14.81 20.49
CA GLU C 1014 33.76 -15.42 19.77
C GLU C 1014 34.98 -15.57 20.67
N LEU C 1015 35.17 -14.66 21.63
CA LEU C 1015 36.20 -14.87 22.63
C LEU C 1015 35.93 -16.13 23.42
N GLU C 1016 34.66 -16.36 23.78
CA GLU C 1016 34.29 -17.60 24.47
C GLU C 1016 34.53 -18.82 23.59
N ASN C 1017 34.25 -18.71 22.30
CA ASN C 1017 34.50 -19.82 21.38
C ASN C 1017 35.98 -20.15 21.28
N ALA C 1018 36.83 -19.12 21.18
CA ALA C 1018 38.27 -19.36 21.18
C ALA C 1018 38.73 -19.98 22.50
N GLU C 1019 38.14 -19.54 23.61
CA GLU C 1019 38.47 -20.14 24.90
C GLU C 1019 38.06 -21.61 24.96
N PHE C 1020 36.89 -21.94 24.41
CA PHE C 1020 36.49 -23.34 24.31
C PHE C 1020 37.47 -24.14 23.46
N LEU C 1021 37.90 -23.57 22.34
CA LEU C 1021 38.88 -24.24 21.49
C LEU C 1021 40.16 -24.53 22.28
N LEU C 1022 40.62 -23.55 23.05
CA LEU C 1022 41.85 -23.74 23.83
C LEU C 1022 41.67 -24.76 24.94
N ARG C 1023 40.52 -24.76 25.63
CA ARG C 1023 40.30 -25.77 26.66
C ARG C 1023 40.16 -27.16 26.09
N ALA C 1024 39.70 -27.27 24.84
CA ALA C 1024 39.68 -28.57 24.19
C ALA C 1024 41.08 -29.14 24.04
N TYR C 1025 42.05 -28.30 23.69
CA TYR C 1025 43.42 -28.75 23.45
C TYR C 1025 44.44 -27.74 23.96
N PRO C 1026 45.25 -28.09 24.95
CA PRO C 1026 46.28 -27.15 25.44
C PRO C 1026 47.45 -26.95 24.50
N ASP C 1027 47.47 -27.62 23.34
CA ASP C 1027 48.67 -27.70 22.52
C ASP C 1027 48.67 -26.77 21.31
N LEU C 1028 47.66 -25.91 21.15
CA LEU C 1028 47.61 -25.02 19.99
C LEU C 1028 48.40 -23.73 20.24
N GLN C 1029 49.08 -23.26 19.20
CA GLN C 1029 49.76 -21.96 19.20
C GLN C 1029 48.99 -21.01 18.29
N ILE C 1030 48.69 -19.83 18.81
CA ILE C 1030 47.90 -18.83 18.11
C ILE C 1030 48.73 -17.56 17.96
N ALA C 1031 48.83 -17.05 16.74
CA ALA C 1031 49.53 -15.81 16.45
C ALA C 1031 48.52 -14.73 16.13
N TYR C 1032 48.71 -13.54 16.71
CA TYR C 1032 47.80 -12.43 16.48
C TYR C 1032 48.57 -11.12 16.55
N LEU C 1033 47.86 -10.01 16.36
CA LEU C 1033 48.41 -8.68 16.45
C LEU C 1033 47.69 -7.88 17.54
N ASP C 1034 48.46 -7.05 18.24
CA ASP C 1034 47.93 -6.14 19.24
C ASP C 1034 48.47 -4.73 18.97
N GLU C 1035 47.67 -3.74 19.33
CA GLU C 1035 48.05 -2.34 19.18
C GLU C 1035 48.18 -1.69 20.54
N GLU C 1036 49.16 -0.80 20.64
CA GLU C 1036 49.46 -0.08 21.86
C GLU C 1036 49.46 1.40 21.54
N PRO C 1037 49.03 2.24 22.48
CA PRO C 1037 48.94 3.68 22.19
C PRO C 1037 50.30 4.24 21.86
N PRO C 1038 50.37 5.21 20.95
CA PRO C 1038 51.67 5.78 20.58
C PRO C 1038 52.36 6.42 21.77
N LEU C 1039 53.69 6.32 21.79
CA LEU C 1039 54.47 6.86 22.90
C LEU C 1039 54.30 8.36 23.02
N THR C 1040 54.30 9.07 21.88
CA THR C 1040 54.03 10.49 21.84
C THR C 1040 52.58 10.74 21.43
N GLU C 1041 52.04 11.87 21.88
CA GLU C 1041 50.65 12.20 21.60
C GLU C 1041 50.46 12.42 20.10
N GLY C 1042 49.36 11.92 19.58
CA GLY C 1042 49.00 12.15 18.19
C GLY C 1042 49.95 11.57 17.16
N GLU C 1043 50.37 10.32 17.33
CA GLU C 1043 51.19 9.63 16.35
C GLU C 1043 50.58 8.26 16.06
N GLU C 1044 51.24 7.53 15.17
CA GLU C 1044 50.79 6.18 14.83
C GLU C 1044 51.00 5.26 16.03
N PRO C 1045 50.00 4.46 16.41
CA PRO C 1045 50.17 3.54 17.54
C PRO C 1045 51.18 2.45 17.22
N ARG C 1046 51.77 1.90 18.29
CA ARG C 1046 52.71 0.80 18.16
C ARG C 1046 51.98 -0.50 17.83
N ILE C 1047 52.64 -1.33 17.02
CA ILE C 1047 52.07 -2.60 16.55
C ILE C 1047 52.98 -3.73 17.00
N TYR C 1048 52.40 -4.75 17.63
CA TYR C 1048 53.15 -5.91 18.07
C TYR C 1048 52.45 -7.19 17.62
N SER C 1049 53.26 -8.21 17.35
CA SER C 1049 52.78 -9.55 17.02
C SER C 1049 53.01 -10.44 18.22
N ALA C 1050 51.94 -11.08 18.71
CA ALA C 1050 51.96 -11.81 19.97
C ALA C 1050 51.52 -13.24 19.76
N LEU C 1051 52.18 -14.16 20.47
CA LEU C 1051 51.96 -15.59 20.31
C LEU C 1051 51.54 -16.21 21.63
N ILE C 1052 50.49 -17.04 21.60
CA ILE C 1052 49.92 -17.62 22.80
C ILE C 1052 49.75 -19.13 22.62
N ASP C 1053 49.63 -19.83 23.75
CA ASP C 1053 49.27 -21.24 23.74
C ASP C 1053 48.41 -21.53 24.97
N GLY C 1054 48.02 -22.79 25.14
CA GLY C 1054 47.08 -23.18 26.18
C GLY C 1054 47.65 -23.31 27.58
N HIS C 1055 48.96 -23.39 27.73
CA HIS C 1055 49.58 -23.54 29.04
C HIS C 1055 49.89 -22.20 29.71
N CYS C 1056 49.57 -21.09 29.04
CA CYS C 1056 49.85 -19.78 29.59
C CYS C 1056 49.00 -19.52 30.84
N GLU C 1057 49.60 -18.83 31.81
CA GLU C 1057 48.86 -18.47 33.01
C GLU C 1057 47.81 -17.41 32.69
N ILE C 1058 46.58 -17.67 33.12
CA ILE C 1058 45.47 -16.78 32.85
C ILE C 1058 45.64 -15.51 33.67
N LEU C 1059 45.29 -14.37 33.08
CA LEU C 1059 45.37 -13.09 33.78
C LEU C 1059 44.04 -12.79 34.48
N ASP C 1060 44.13 -11.95 35.52
CA ASP C 1060 42.92 -11.51 36.22
C ASP C 1060 41.96 -10.78 35.29
N ASN C 1061 42.49 -10.06 34.30
CA ASN C 1061 41.62 -9.38 33.33
C ASN C 1061 40.84 -10.38 32.50
N GLY C 1062 41.43 -11.54 32.20
CA GLY C 1062 40.78 -12.57 31.41
C GLY C 1062 41.52 -12.94 30.14
N ARG C 1063 42.50 -12.17 29.70
CA ARG C 1063 43.33 -12.55 28.56
C ARG C 1063 44.54 -13.37 29.02
N ARG C 1064 45.32 -13.79 28.04
CA ARG C 1064 46.50 -14.61 28.29
C ARG C 1064 47.78 -13.85 28.00
N ARG C 1065 48.76 -14.06 28.86
CA ARG C 1065 50.07 -13.44 28.71
C ARG C 1065 50.79 -14.10 27.54
N PRO C 1066 51.15 -13.35 26.49
CA PRO C 1066 51.81 -13.96 25.35
C PRO C 1066 53.22 -14.44 25.71
N LYS C 1067 53.68 -15.47 24.98
CA LYS C 1067 55.03 -15.96 25.23
C LYS C 1067 56.07 -15.12 24.51
N PHE C 1068 55.80 -14.74 23.26
CA PHE C 1068 56.64 -13.84 22.48
C PHE C 1068 55.82 -12.69 21.94
N ARG C 1069 56.40 -11.50 22.04
CA ARG C 1069 55.88 -10.28 21.42
C ARG C 1069 57.00 -9.66 20.61
N VAL C 1070 56.70 -9.30 19.36
CA VAL C 1070 57.67 -8.74 18.44
C VAL C 1070 57.12 -7.42 17.89
N GLN C 1071 57.94 -6.38 17.92
CA GLN C 1071 57.53 -5.09 17.36
C GLN C 1071 57.53 -5.16 15.83
N LEU C 1072 56.52 -4.53 15.22
CA LEU C 1072 56.50 -4.31 13.79
C LEU C 1072 56.61 -2.81 13.49
N SER C 1073 57.06 -2.51 12.28
CA SER C 1073 57.25 -1.12 11.87
C SER C 1073 55.95 -0.45 11.42
N GLY C 1074 54.87 -1.20 11.33
CA GLY C 1074 53.60 -0.62 10.93
C GLY C 1074 52.59 -1.70 10.65
N ASN C 1075 51.51 -1.31 10.00
CA ASN C 1075 50.49 -2.28 9.63
C ASN C 1075 51.08 -3.29 8.64
N PRO C 1076 51.01 -4.58 8.94
CA PRO C 1076 51.45 -5.58 7.96
C PRO C 1076 50.44 -5.75 6.84
N ILE C 1077 49.22 -5.32 7.09
CA ILE C 1077 48.12 -5.46 6.12
C ILE C 1077 48.19 -4.27 5.16
N LEU C 1078 48.66 -4.50 3.95
CA LEU C 1078 48.66 -3.49 2.90
C LEU C 1078 47.75 -3.86 1.74
N GLY C 1079 47.97 -5.02 1.12
CA GLY C 1079 47.18 -5.44 -0.02
C GLY C 1079 46.35 -6.67 0.27
N ASP C 1080 45.24 -6.83 -0.46
CA ASP C 1080 44.35 -7.95 -0.23
C ASP C 1080 45.03 -9.27 -0.60
N GLY C 1081 44.74 -10.30 0.18
CA GLY C 1081 45.32 -11.61 0.00
C GLY C 1081 45.83 -12.18 1.32
N LYS C 1082 46.19 -13.46 1.26
CA LYS C 1082 46.70 -14.16 2.42
C LYS C 1082 48.22 -14.08 2.55
N SER C 1083 48.88 -13.31 1.68
CA SER C 1083 50.34 -13.15 1.79
C SER C 1083 50.72 -12.44 3.08
N ASP C 1084 50.05 -11.31 3.37
CA ASP C 1084 50.32 -10.61 4.63
C ASP C 1084 49.90 -11.46 5.82
N ASN C 1085 48.89 -12.32 5.64
CA ASN C 1085 48.41 -13.15 6.74
C ASN C 1085 49.48 -14.16 7.17
N GLN C 1086 50.22 -14.72 6.22
CA GLN C 1086 51.25 -15.68 6.55
C GLN C 1086 52.60 -15.02 6.81
N ASN C 1087 52.83 -13.82 6.27
CA ASN C 1087 54.16 -13.21 6.30
C ASN C 1087 54.61 -12.93 7.73
N HIS C 1088 53.77 -12.28 8.52
CA HIS C 1088 54.13 -11.91 9.89
C HIS C 1088 54.12 -13.08 10.87
N ALA C 1089 53.19 -14.03 10.71
CA ALA C 1089 53.26 -15.26 11.48
C ALA C 1089 54.43 -16.13 11.05
N LEU C 1090 55.06 -15.80 9.91
CA LEU C 1090 56.28 -16.48 9.45
C LEU C 1090 57.52 -16.13 10.24
N ILE C 1091 57.34 -15.53 11.44
CA ILE C 1091 58.35 -15.40 12.49
C ILE C 1091 58.34 -16.53 13.52
N PHE C 1092 57.34 -17.40 13.52
CA PHE C 1092 57.14 -18.36 14.59
C PHE C 1092 57.13 -19.84 14.17
N TYR C 1093 57.84 -20.26 13.13
CA TYR C 1093 57.70 -21.68 12.89
C TYR C 1093 58.85 -22.39 13.62
N ARG C 1094 58.70 -23.68 13.83
CA ARG C 1094 59.80 -24.51 14.30
C ARG C 1094 59.85 -25.82 13.53
N GLY C 1095 60.90 -25.97 12.72
CA GLY C 1095 61.16 -27.20 12.00
C GLY C 1095 61.53 -26.98 10.54
N GLU C 1096 61.47 -28.08 9.78
CA GLU C 1096 62.05 -28.12 8.43
C GLU C 1096 61.05 -28.07 7.29
N TYR C 1097 59.88 -28.73 7.39
CA TYR C 1097 58.91 -28.71 6.30
C TYR C 1097 57.57 -28.25 6.83
N ILE C 1098 56.88 -27.46 6.02
CA ILE C 1098 55.65 -26.83 6.45
C ILE C 1098 54.52 -27.21 5.50
N GLN C 1099 53.38 -27.54 6.08
CA GLN C 1099 52.19 -28.01 5.38
C GLN C 1099 51.21 -26.85 5.28
N LEU C 1100 50.91 -26.42 4.06
CA LEU C 1100 49.97 -25.35 3.80
C LEU C 1100 48.56 -25.93 3.68
N ILE C 1101 47.66 -25.50 4.56
CA ILE C 1101 46.24 -25.82 4.44
C ILE C 1101 45.43 -24.55 4.64
N ASP C 1102 44.12 -24.64 4.42
CA ASP C 1102 43.20 -23.53 4.60
C ASP C 1102 42.31 -23.82 5.82
N ALA C 1103 41.35 -22.92 6.07
CA ALA C 1103 40.44 -23.11 7.19
C ALA C 1103 39.58 -24.36 7.01
N ASN C 1104 39.17 -24.66 5.78
CA ASN C 1104 38.34 -25.83 5.47
C ASN C 1104 39.21 -26.87 4.79
N GLN C 1105 39.57 -27.90 5.54
CA GLN C 1105 40.21 -29.09 4.99
C GLN C 1105 39.86 -30.27 5.87
N ASP C 1106 40.00 -31.47 5.32
CA ASP C 1106 39.69 -32.70 6.04
C ASP C 1106 40.94 -33.56 6.14
N ASN C 1107 40.99 -34.36 7.20
CA ASN C 1107 42.09 -35.28 7.40
C ASN C 1107 41.60 -36.44 8.24
N TYR C 1108 42.30 -37.56 8.12
CA TYR C 1108 41.91 -38.80 8.78
C TYR C 1108 43.14 -39.54 9.29
N LEU C 1109 42.91 -40.34 10.34
CA LEU C 1109 44.00 -41.07 10.96
C LEU C 1109 44.77 -41.91 9.95
N GLU C 1110 44.04 -42.56 9.03
CA GLU C 1110 44.67 -43.44 8.07
C GLU C 1110 45.68 -42.71 7.19
N GLU C 1111 45.30 -41.53 6.67
CA GLU C 1111 46.23 -40.79 5.83
C GLU C 1111 47.37 -40.18 6.66
N CYS C 1112 47.12 -39.96 7.95
CA CYS C 1112 48.13 -39.45 8.86
C CYS C 1112 49.20 -40.49 9.20
N LEU C 1113 48.84 -41.78 9.14
CA LEU C 1113 49.71 -42.87 9.57
C LEU C 1113 50.94 -43.04 8.70
N LYS C 1114 51.02 -42.35 7.56
CA LYS C 1114 52.13 -42.49 6.62
C LYS C 1114 52.81 -41.14 6.34
N ILE C 1115 52.82 -40.26 7.34
CA ILE C 1115 53.50 -38.96 7.19
C ILE C 1115 55.00 -39.14 7.07
N ARG C 1116 55.55 -40.15 7.77
CA ARG C 1116 56.97 -40.45 7.62
C ARG C 1116 57.30 -40.80 6.18
N SER C 1117 56.47 -41.64 5.54
CA SER C 1117 56.69 -42.00 4.15
C SER C 1117 56.41 -40.82 3.23
N VAL C 1118 55.55 -39.89 3.66
CA VAL C 1118 55.34 -38.65 2.89
C VAL C 1118 56.63 -37.84 2.84
N LEU C 1119 57.23 -37.58 4.00
CA LEU C 1119 58.42 -36.74 4.05
C LEU C 1119 59.68 -37.48 3.66
N ALA C 1120 59.61 -38.81 3.55
CA ALA C 1120 60.69 -39.57 2.96
C ALA C 1120 60.84 -39.34 1.46
N GLU C 1121 59.86 -38.66 0.84
CA GLU C 1121 59.94 -38.32 -0.57
C GLU C 1121 60.84 -37.12 -0.85
N PHE C 1122 61.24 -36.36 0.18
CA PHE C 1122 62.23 -35.31 0.00
C PHE C 1122 63.62 -35.84 -0.31
N GLU C 1123 63.85 -37.14 -0.17
CA GLU C 1123 65.15 -37.75 -0.51
C GLU C 1123 66.28 -37.11 0.28
N GLU C 1124 66.05 -36.89 1.57
CA GLU C 1124 67.07 -36.35 2.46
C GLU C 1124 67.23 -37.15 3.74
N LEU C 1125 66.53 -38.27 3.90
CA LEU C 1125 66.51 -39.00 5.15
C LEU C 1125 67.43 -40.21 5.16
N ASN C 1126 67.81 -40.73 4.00
CA ASN C 1126 68.64 -41.92 3.87
C ASN C 1126 69.78 -41.67 2.89
N VAL C 1127 70.43 -40.53 3.01
CA VAL C 1127 71.49 -40.13 2.09
C VAL C 1127 72.80 -39.93 2.87
N GLU C 1128 73.88 -40.42 2.29
CA GLU C 1128 75.20 -40.37 2.93
C GLU C 1128 75.74 -38.95 2.98
N GLN C 1129 76.66 -38.72 3.91
CA GLN C 1129 77.14 -37.39 4.25
C GLN C 1129 78.63 -37.26 3.96
N VAL C 1130 79.00 -36.18 3.26
CA VAL C 1130 80.39 -35.89 2.92
C VAL C 1130 80.68 -34.43 3.24
N ASN C 1131 81.98 -34.09 3.23
CA ASN C 1131 82.40 -32.72 3.47
C ASN C 1131 82.17 -31.88 2.22
N PRO C 1132 81.35 -30.82 2.28
CA PRO C 1132 81.13 -30.00 1.08
C PRO C 1132 82.37 -29.29 0.57
N TYR C 1133 83.34 -28.99 1.43
CA TYR C 1133 84.48 -28.16 1.08
C TYR C 1133 85.71 -28.99 0.74
N ALA C 1134 85.52 -30.17 0.18
CA ALA C 1134 86.67 -30.99 -0.19
C ALA C 1134 87.45 -30.32 -1.30
N PRO C 1135 88.77 -30.12 -1.12
CA PRO C 1135 89.56 -29.48 -2.18
C PRO C 1135 89.55 -30.24 -3.49
N GLY C 1136 89.44 -31.57 -3.45
CA GLY C 1136 89.33 -32.34 -4.67
C GLY C 1136 87.93 -32.45 -5.23
N LEU C 1137 86.93 -31.96 -4.50
CA LEU C 1137 85.55 -32.05 -4.96
C LEU C 1137 85.21 -30.84 -5.82
N ARG C 1138 84.81 -31.11 -7.07
CA ARG C 1138 84.41 -30.08 -8.01
C ARG C 1138 82.89 -30.04 -8.09
N TYR C 1139 82.38 -29.08 -8.85
CA TYR C 1139 80.93 -28.92 -8.97
C TYR C 1139 80.31 -29.98 -9.86
N GLU C 1140 81.00 -30.37 -10.93
CA GLU C 1140 80.41 -31.34 -11.87
C GLU C 1140 80.24 -32.72 -11.26
N GLU C 1141 80.92 -33.01 -10.16
CA GLU C 1141 80.82 -34.30 -9.49
C GLU C 1141 79.81 -34.32 -8.34
N GLN C 1142 79.09 -33.23 -8.13
CA GLN C 1142 78.15 -33.18 -7.01
C GLN C 1142 76.80 -33.80 -7.40
N THR C 1143 76.13 -34.37 -6.39
CA THR C 1143 74.82 -34.98 -6.56
C THR C 1143 73.74 -34.30 -5.71
N THR C 1144 73.97 -33.05 -5.28
CA THR C 1144 72.99 -32.30 -4.49
C THR C 1144 72.77 -30.90 -5.07
N ASN C 1145 72.88 -30.77 -6.40
CA ASN C 1145 72.92 -29.44 -7.01
C ASN C 1145 71.56 -28.77 -7.02
N HIS C 1146 70.50 -29.53 -7.24
CA HIS C 1146 69.12 -29.02 -7.24
C HIS C 1146 68.26 -29.83 -6.30
N PRO C 1147 68.19 -29.48 -5.02
CA PRO C 1147 67.38 -30.26 -4.07
C PRO C 1147 65.89 -30.09 -4.35
N VAL C 1148 65.13 -31.11 -3.95
CA VAL C 1148 63.70 -31.18 -4.21
C VAL C 1148 63.03 -30.02 -3.49
N ALA C 1149 62.09 -29.36 -4.17
CA ALA C 1149 61.44 -28.19 -3.63
C ALA C 1149 60.03 -28.46 -3.12
N ILE C 1150 59.14 -28.94 -3.97
CA ILE C 1150 57.72 -29.04 -3.66
C ILE C 1150 57.23 -30.44 -3.97
N VAL C 1151 56.55 -31.05 -3.00
CA VAL C 1151 55.98 -32.38 -3.14
C VAL C 1151 54.48 -32.29 -2.93
N GLY C 1152 53.72 -32.83 -3.87
CA GLY C 1152 52.27 -32.70 -3.89
C GLY C 1152 51.57 -34.05 -3.84
N ALA C 1153 50.25 -34.00 -3.68
CA ALA C 1153 49.40 -35.18 -3.62
C ALA C 1153 48.31 -35.12 -4.68
N ARG C 1154 48.02 -36.27 -5.29
CA ARG C 1154 47.00 -36.38 -6.33
C ARG C 1154 46.10 -37.57 -6.03
N GLU C 1155 44.88 -37.52 -6.56
CA GLU C 1155 43.90 -38.58 -6.34
C GLU C 1155 44.37 -39.91 -6.89
N HIS C 1192 53.48 -28.60 -15.54
CA HIS C 1192 54.26 -28.62 -14.31
C HIS C 1192 53.49 -27.97 -13.16
N TYR C 1193 52.16 -27.91 -13.30
CA TYR C 1193 51.32 -27.28 -12.28
C TYR C 1193 51.20 -28.19 -11.06
N GLY C 1194 51.21 -27.58 -9.88
CA GLY C 1194 51.08 -28.31 -8.64
C GLY C 1194 50.83 -27.43 -7.45
N HIS C 1195 49.81 -27.76 -6.67
CA HIS C 1195 49.51 -27.03 -5.44
C HIS C 1195 50.50 -27.40 -4.35
N PRO C 1196 51.10 -26.42 -3.66
CA PRO C 1196 52.17 -26.73 -2.70
C PRO C 1196 51.66 -27.24 -1.36
N ASP C 1197 51.25 -28.51 -1.30
CA ASP C 1197 50.82 -29.08 -0.04
C ASP C 1197 51.99 -29.17 0.95
N PHE C 1198 53.19 -29.42 0.45
CA PHE C 1198 54.38 -29.56 1.28
C PHE C 1198 55.43 -28.58 0.80
N ILE C 1199 56.06 -27.87 1.74
CA ILE C 1199 57.02 -26.82 1.38
C ILE C 1199 58.29 -26.97 2.19
N ASN C 1200 59.43 -26.82 1.50
CA ASN C 1200 60.76 -26.86 2.10
C ASN C 1200 61.07 -25.50 2.70
N ALA C 1201 61.18 -25.45 4.05
CA ALA C 1201 61.24 -24.18 4.75
C ALA C 1201 62.56 -23.45 4.51
N THR C 1202 63.69 -24.10 4.83
CA THR C 1202 64.99 -23.47 4.60
C THR C 1202 65.20 -23.14 3.12
N PHE C 1203 64.69 -23.99 2.23
CA PHE C 1203 64.95 -23.87 0.80
C PHE C 1203 64.42 -22.55 0.26
N MET C 1204 63.18 -22.20 0.62
CA MET C 1204 62.51 -21.07 0.00
C MET C 1204 62.50 -19.85 0.92
N THR C 1205 62.54 -20.06 2.24
CA THR C 1205 62.56 -18.96 3.20
C THR C 1205 63.82 -18.11 3.12
N THR C 1206 64.80 -18.49 2.30
CA THR C 1206 65.86 -17.58 1.86
C THR C 1206 65.64 -17.06 0.45
N ARG C 1207 64.76 -17.69 -0.35
CA ARG C 1207 64.47 -17.26 -1.71
C ARG C 1207 63.22 -16.39 -1.75
N GLY C 1208 62.83 -15.81 -0.63
CA GLY C 1208 61.64 -15.00 -0.60
C GLY C 1208 60.47 -15.71 0.03
N GLY C 1209 59.31 -15.06 -0.08
CA GLY C 1209 58.19 -15.39 0.79
C GLY C 1209 57.69 -16.80 0.62
N VAL C 1210 56.96 -17.26 1.63
CA VAL C 1210 56.25 -18.53 1.50
C VAL C 1210 55.08 -18.35 0.54
N SER C 1211 54.39 -17.22 0.60
CA SER C 1211 53.33 -16.88 -0.32
C SER C 1211 53.55 -15.46 -0.83
N LYS C 1212 53.16 -15.23 -2.09
CA LYS C 1212 53.43 -13.99 -2.80
C LYS C 1212 52.17 -13.53 -3.50
N ALA C 1213 52.03 -12.21 -3.63
CA ALA C 1213 50.83 -11.64 -4.24
C ALA C 1213 50.71 -12.05 -5.71
N GLU C 1221 48.61 -17.11 -6.17
CA GLU C 1221 49.68 -17.07 -5.18
C GLU C 1221 50.31 -18.46 -5.03
N ASP C 1222 49.65 -19.46 -5.62
CA ASP C 1222 50.08 -20.84 -5.54
C ASP C 1222 50.92 -21.28 -6.73
N ILE C 1223 50.43 -21.05 -7.96
CA ILE C 1223 51.21 -21.43 -9.14
C ILE C 1223 52.39 -20.49 -9.35
N TYR C 1224 52.24 -19.20 -8.99
CA TYR C 1224 53.37 -18.29 -9.14
C TYR C 1224 54.54 -18.74 -8.27
N ALA C 1225 54.25 -19.31 -7.10
CA ALA C 1225 55.29 -19.83 -6.21
C ALA C 1225 55.96 -21.06 -6.82
N GLY C 1226 55.19 -21.97 -7.40
CA GLY C 1226 55.79 -23.10 -8.08
C GLY C 1226 56.73 -22.66 -9.18
N MET C 1227 56.30 -21.67 -9.97
CA MET C 1227 57.14 -21.15 -11.03
C MET C 1227 58.42 -20.52 -10.47
N ASN C 1228 58.31 -19.68 -9.43
CA ASN C 1228 59.48 -19.00 -8.89
C ASN C 1228 60.49 -19.98 -8.30
N ALA C 1229 60.01 -20.93 -7.50
CA ALA C 1229 60.92 -21.91 -6.89
C ALA C 1229 61.60 -22.77 -7.95
N MET C 1230 60.85 -23.25 -8.97
CA MET C 1230 61.50 -24.03 -10.03
C MET C 1230 62.41 -23.16 -10.87
N LEU C 1231 62.12 -21.86 -10.97
CA LEU C 1231 63.03 -20.96 -11.67
C LEU C 1231 64.26 -20.67 -10.81
N ARG C 1232 64.19 -21.00 -9.53
CA ARG C 1232 65.39 -20.93 -8.70
C ARG C 1232 66.32 -22.13 -8.93
N GLY C 1233 65.75 -23.30 -9.19
CA GLY C 1233 66.57 -24.47 -9.40
C GLY C 1233 66.11 -25.67 -8.60
N GLY C 1234 64.87 -25.63 -8.11
CA GLY C 1234 64.30 -26.74 -7.39
C GLY C 1234 63.58 -27.72 -8.29
N ARG C 1235 62.89 -28.67 -7.66
CA ARG C 1235 62.14 -29.69 -8.37
C ARG C 1235 60.74 -29.84 -7.80
N ILE C 1236 59.81 -30.24 -8.67
CA ILE C 1236 58.43 -30.53 -8.29
C ILE C 1236 58.20 -32.03 -8.44
N LYS C 1237 57.80 -32.67 -7.35
CA LYS C 1237 57.50 -34.09 -7.35
C LYS C 1237 56.07 -34.30 -6.91
N HIS C 1238 55.56 -35.49 -7.20
CA HIS C 1238 54.19 -35.86 -6.89
C HIS C 1238 54.17 -37.10 -6.01
N CYS C 1239 53.23 -37.13 -5.07
CA CYS C 1239 52.94 -38.32 -4.29
C CYS C 1239 51.55 -38.81 -4.66
N GLU C 1240 51.49 -39.90 -5.43
CA GLU C 1240 50.22 -40.37 -5.96
C GLU C 1240 49.43 -41.20 -4.95
N TYR C 1241 50.02 -41.57 -3.81
CA TYR C 1241 49.31 -42.33 -2.81
C TYR C 1241 48.81 -41.46 -1.66
N TYR C 1242 48.75 -40.15 -1.87
CA TYR C 1242 48.24 -39.22 -0.87
C TYR C 1242 47.14 -38.36 -1.48
N GLN C 1243 46.05 -38.19 -0.74
CA GLN C 1243 44.91 -37.40 -1.15
C GLN C 1243 44.64 -36.36 -0.07
N CYS C 1244 44.40 -35.12 -0.48
CA CYS C 1244 44.19 -34.02 0.45
C CYS C 1244 42.70 -33.82 0.70
N GLY C 1245 42.36 -33.34 1.90
CA GLY C 1245 40.97 -33.10 2.22
C GLY C 1245 40.47 -31.75 1.76
N LYS C 1246 40.76 -31.38 0.52
CA LYS C 1246 40.31 -30.11 -0.03
C LYS C 1246 38.98 -30.29 -0.75
N GLY C 1247 38.03 -29.41 -0.44
CA GLY C 1247 36.70 -29.48 -1.02
C GLY C 1247 35.67 -28.69 -0.24
N GLY C 1267 44.14 -14.43 -18.43
CA GLY C 1267 44.06 -12.98 -18.59
C GLY C 1267 45.14 -12.24 -17.82
N GLU C 1268 45.05 -12.26 -16.50
CA GLU C 1268 46.06 -11.61 -15.67
C GLU C 1268 47.39 -12.35 -15.74
N GLN C 1269 47.38 -13.66 -16.00
CA GLN C 1269 48.60 -14.44 -15.91
C GLN C 1269 49.59 -14.05 -17.00
N MET C 1270 49.12 -13.79 -18.22
CA MET C 1270 50.06 -13.71 -19.34
C MET C 1270 50.90 -12.44 -19.34
N LEU C 1271 50.57 -11.44 -18.54
CA LEU C 1271 51.37 -10.22 -18.44
C LEU C 1271 52.52 -10.35 -17.46
N SER C 1272 52.68 -11.52 -16.85
CA SER C 1272 53.62 -11.71 -15.76
C SER C 1272 55.03 -12.01 -16.27
N ARG C 1273 56.00 -11.85 -15.36
CA ARG C 1273 57.38 -12.19 -15.68
C ARG C 1273 57.60 -13.69 -15.70
N GLU C 1274 56.64 -14.46 -15.20
CA GLU C 1274 56.75 -15.92 -15.26
C GLU C 1274 56.74 -16.42 -16.70
N TYR C 1275 55.74 -16.03 -17.49
CA TYR C 1275 55.70 -16.45 -18.89
C TYR C 1275 56.80 -15.81 -19.73
N TYR C 1276 57.11 -14.53 -19.47
CA TYR C 1276 58.13 -13.89 -20.31
C TYR C 1276 59.51 -14.47 -20.03
N TYR C 1277 59.76 -14.94 -18.80
CA TYR C 1277 61.04 -15.58 -18.50
C TYR C 1277 61.08 -17.02 -18.96
N LEU C 1278 60.01 -17.80 -18.76
CA LEU C 1278 60.03 -19.19 -19.21
C LEU C 1278 60.05 -19.32 -20.72
N GLY C 1279 59.16 -18.61 -21.42
CA GLY C 1279 58.96 -18.88 -22.84
C GLY C 1279 60.15 -18.51 -23.69
N THR C 1280 61.01 -17.62 -23.20
CA THR C 1280 62.14 -17.12 -23.97
C THR C 1280 63.43 -17.91 -23.73
N GLN C 1281 63.40 -18.94 -22.89
CA GLN C 1281 64.62 -19.66 -22.54
C GLN C 1281 64.49 -21.18 -22.48
N LEU C 1282 63.25 -21.75 -22.38
CA LEU C 1282 63.11 -23.20 -22.21
C LEU C 1282 63.72 -23.96 -23.37
N PRO C 1283 64.20 -25.17 -23.11
CA PRO C 1283 64.51 -26.10 -24.21
C PRO C 1283 63.23 -26.41 -24.99
N VAL C 1284 63.43 -26.96 -26.18
CA VAL C 1284 62.34 -27.06 -27.16
C VAL C 1284 61.22 -27.97 -26.67
N ASP C 1285 61.56 -29.16 -26.17
CA ASP C 1285 60.53 -30.13 -25.81
C ASP C 1285 59.83 -29.74 -24.51
N ARG C 1286 60.57 -29.22 -23.54
CA ARG C 1286 59.94 -28.70 -22.33
C ARG C 1286 59.02 -27.53 -22.65
N PHE C 1287 59.43 -26.70 -23.61
CA PHE C 1287 58.56 -25.62 -24.07
C PHE C 1287 57.28 -26.16 -24.68
N LEU C 1288 57.40 -27.20 -25.49
CA LEU C 1288 56.22 -27.83 -26.09
C LEU C 1288 55.32 -28.44 -25.03
N THR C 1289 55.92 -29.02 -23.99
CA THR C 1289 55.14 -29.63 -22.91
C THR C 1289 54.38 -28.58 -22.10
N PHE C 1290 55.08 -27.50 -21.70
CA PHE C 1290 54.45 -26.43 -20.93
C PHE C 1290 53.41 -25.68 -21.76
N TYR C 1291 53.67 -25.51 -23.06
CA TYR C 1291 52.79 -24.69 -23.89
C TYR C 1291 51.40 -25.27 -24.02
N TYR C 1292 51.27 -26.58 -24.21
CA TYR C 1292 49.98 -27.16 -24.57
C TYR C 1292 49.10 -27.45 -23.36
N ALA C 1293 49.56 -27.15 -22.15
CA ALA C 1293 48.79 -27.43 -20.93
C ALA C 1293 47.98 -26.23 -20.46
N HIS C 1294 48.66 -25.12 -20.13
CA HIS C 1294 47.98 -23.99 -19.50
C HIS C 1294 47.21 -23.13 -20.50
N PRO C 1295 47.87 -22.51 -21.51
CA PRO C 1295 47.15 -21.55 -22.35
C PRO C 1295 46.55 -22.18 -23.60
N GLY C 1296 47.05 -23.36 -23.96
CA GLY C 1296 46.67 -23.97 -25.22
C GLY C 1296 45.19 -24.27 -25.32
N PHE C 1297 44.56 -24.65 -24.21
CA PHE C 1297 43.12 -24.85 -24.19
C PHE C 1297 42.38 -23.55 -24.46
N HIS C 1298 42.85 -22.44 -23.88
CA HIS C 1298 42.26 -21.14 -24.15
C HIS C 1298 42.41 -20.76 -25.62
N LEU C 1299 43.59 -21.02 -26.19
CA LEU C 1299 43.83 -20.71 -27.59
C LEU C 1299 42.95 -21.57 -28.50
N ASN C 1300 42.79 -22.85 -28.18
CA ASN C 1300 41.90 -23.71 -28.94
C ASN C 1300 40.46 -23.22 -28.84
N ASN C 1301 40.03 -22.80 -27.65
CA ASN C 1301 38.68 -22.28 -27.48
C ASN C 1301 38.45 -21.04 -28.34
N LEU C 1302 39.42 -20.11 -28.36
CA LEU C 1302 39.28 -18.96 -29.25
C LEU C 1302 39.26 -19.39 -30.71
N PHE C 1303 40.16 -20.32 -31.08
CA PHE C 1303 40.36 -20.64 -32.49
C PHE C 1303 39.17 -21.39 -33.07
N ILE C 1304 38.46 -22.18 -32.24
CA ILE C 1304 37.27 -22.89 -32.72
C ILE C 1304 36.18 -21.90 -33.12
N GLN C 1305 35.87 -20.95 -32.23
CA GLN C 1305 34.83 -19.97 -32.52
C GLN C 1305 35.26 -19.07 -33.66
N LEU C 1306 36.55 -18.72 -33.71
CA LEU C 1306 37.10 -17.98 -34.84
C LEU C 1306 36.88 -18.72 -36.15
N SER C 1307 37.16 -20.03 -36.16
CA SER C 1307 37.01 -20.84 -37.35
C SER C 1307 35.56 -20.90 -37.81
N LEU C 1308 34.63 -21.12 -36.88
CA LEU C 1308 33.22 -21.10 -37.26
C LEU C 1308 32.82 -19.75 -37.83
N GLN C 1309 33.31 -18.65 -37.26
CA GLN C 1309 32.89 -17.34 -37.74
C GLN C 1309 33.39 -17.05 -39.16
N MET C 1310 34.66 -17.37 -39.44
CA MET C 1310 35.17 -17.18 -40.81
C MET C 1310 34.53 -18.15 -41.79
N PHE C 1311 34.37 -19.41 -41.40
CA PHE C 1311 33.71 -20.41 -42.23
C PHE C 1311 32.26 -20.01 -42.52
N MET C 1312 31.60 -19.37 -41.56
CA MET C 1312 30.20 -18.99 -41.71
C MET C 1312 30.07 -17.77 -42.61
N LEU C 1313 31.02 -16.83 -42.51
CA LEU C 1313 31.12 -15.78 -43.54
C LEU C 1313 31.32 -16.37 -44.93
N THR C 1314 32.24 -17.34 -45.06
CA THR C 1314 32.50 -17.96 -46.34
C THR C 1314 31.25 -18.68 -46.87
N LEU C 1315 30.51 -19.31 -45.97
CA LEU C 1315 29.26 -19.98 -46.34
C LEU C 1315 28.24 -18.98 -46.88
N VAL C 1316 28.11 -17.82 -46.23
CA VAL C 1316 27.18 -16.82 -46.72
C VAL C 1316 27.60 -16.32 -48.10
N ASN C 1317 28.89 -16.05 -48.27
CA ASN C 1317 29.37 -15.63 -49.58
C ASN C 1317 29.08 -16.68 -50.64
N LEU C 1318 29.34 -17.95 -50.33
CA LEU C 1318 29.08 -19.02 -51.28
C LEU C 1318 27.58 -19.18 -51.55
N SER C 1319 26.74 -19.03 -50.53
CA SER C 1319 25.31 -19.19 -50.74
C SER C 1319 24.78 -18.11 -51.67
N SER C 1320 25.21 -16.86 -51.48
CA SER C 1320 24.83 -15.81 -52.42
C SER C 1320 25.36 -16.10 -53.82
N LEU C 1321 26.61 -16.56 -53.90
CA LEU C 1321 27.24 -16.78 -55.20
C LEU C 1321 26.60 -17.95 -55.95
N ALA C 1322 26.10 -18.95 -55.21
CA ALA C 1322 25.42 -20.08 -55.83
C ALA C 1322 23.99 -19.72 -56.20
N HIS C 1323 23.31 -18.96 -55.34
CA HIS C 1323 21.92 -18.59 -55.62
C HIS C 1323 21.82 -17.67 -56.82
N GLU C 1324 22.75 -16.72 -56.95
CA GLU C 1324 22.67 -15.75 -58.04
C GLU C 1324 22.98 -16.39 -59.38
N SER C 1325 23.81 -17.43 -59.40
CA SER C 1325 24.31 -18.01 -60.64
C SER C 1325 23.53 -19.26 -61.04
N ILE C 1326 23.72 -19.67 -62.30
CA ILE C 1326 23.25 -20.96 -62.81
C ILE C 1326 24.27 -22.01 -62.43
N MET C 1327 23.81 -23.25 -62.27
CA MET C 1327 24.61 -24.32 -61.68
C MET C 1327 24.70 -25.50 -62.63
N CYS C 1328 25.75 -26.31 -62.44
CA CYS C 1328 25.91 -27.60 -63.10
C CYS C 1328 26.40 -28.64 -62.10
N ILE C 1329 25.92 -29.86 -62.24
CA ILE C 1329 26.18 -30.95 -61.30
C ILE C 1329 26.87 -32.10 -62.04
N TYR C 1330 27.92 -32.64 -61.43
CA TYR C 1330 28.68 -33.74 -61.98
C TYR C 1330 29.26 -34.58 -60.85
N ASP C 1331 29.80 -35.75 -61.21
CA ASP C 1331 30.42 -36.67 -60.27
C ASP C 1331 31.86 -36.98 -60.66
N ARG C 1332 32.39 -38.05 -60.05
CA ARG C 1332 33.75 -38.52 -60.30
C ARG C 1332 33.91 -39.28 -61.61
N ASN C 1333 32.82 -39.54 -62.33
CA ASN C 1333 32.89 -40.22 -63.62
C ASN C 1333 33.08 -39.26 -64.79
N LYS C 1334 33.55 -38.04 -64.53
CA LYS C 1334 33.82 -37.09 -65.60
C LYS C 1334 35.03 -37.54 -66.42
N PRO C 1335 35.03 -37.25 -67.74
CA PRO C 1335 36.24 -37.47 -68.54
C PRO C 1335 37.32 -36.43 -68.29
N LYS C 1336 38.41 -36.47 -69.07
CA LYS C 1336 39.52 -35.55 -68.86
C LYS C 1336 39.08 -34.09 -68.91
N THR C 1337 38.36 -33.72 -69.98
CA THR C 1337 37.77 -32.39 -70.07
C THR C 1337 36.72 -32.41 -71.17
N ASP C 1338 35.52 -31.95 -70.85
CA ASP C 1338 34.43 -31.88 -71.82
C ASP C 1338 33.43 -30.85 -71.35
N VAL C 1339 32.57 -30.42 -72.27
CA VAL C 1339 31.46 -29.55 -71.88
C VAL C 1339 30.30 -30.40 -71.39
N LEU C 1340 29.42 -29.79 -70.61
CA LEU C 1340 28.25 -30.45 -70.06
C LEU C 1340 27.04 -30.11 -70.91
N VAL C 1341 25.87 -30.64 -70.52
CA VAL C 1341 24.68 -30.51 -71.35
C VAL C 1341 24.26 -29.06 -71.55
N PRO C 1342 24.14 -28.22 -70.52
CA PRO C 1342 23.86 -26.80 -70.77
C PRO C 1342 25.13 -26.04 -71.11
N ILE C 1343 24.97 -24.94 -71.85
CA ILE C 1343 26.09 -24.18 -72.39
C ILE C 1343 26.34 -22.95 -71.53
N GLY C 1344 27.60 -22.72 -71.21
CA GLY C 1344 28.01 -21.50 -70.53
C GLY C 1344 27.83 -21.50 -69.03
N CYS C 1345 27.57 -22.65 -68.42
CA CYS C 1345 27.35 -22.71 -66.99
C CYS C 1345 28.69 -22.70 -66.25
N TYR C 1346 28.62 -22.48 -64.93
CA TYR C 1346 29.80 -22.41 -64.08
C TYR C 1346 29.81 -23.59 -63.13
N ASN C 1347 30.95 -24.27 -63.04
CA ASN C 1347 31.10 -25.42 -62.17
C ASN C 1347 31.55 -24.96 -60.79
N PHE C 1348 30.81 -25.38 -59.75
CA PHE C 1348 31.13 -25.06 -58.37
C PHE C 1348 31.03 -26.28 -57.46
N GLN C 1349 31.07 -27.49 -58.03
CA GLN C 1349 30.99 -28.69 -57.19
C GLN C 1349 32.12 -28.79 -56.17
N PRO C 1350 33.37 -28.44 -56.47
CA PRO C 1350 34.38 -28.40 -55.39
C PRO C 1350 34.02 -27.42 -54.28
N ALA C 1351 33.27 -26.37 -54.57
CA ALA C 1351 32.86 -25.43 -53.53
C ALA C 1351 31.99 -26.12 -52.48
N VAL C 1352 31.07 -26.99 -52.91
CA VAL C 1352 30.23 -27.70 -51.95
C VAL C 1352 30.86 -28.99 -51.45
N ASP C 1353 31.84 -29.55 -52.16
CA ASP C 1353 32.61 -30.67 -51.61
C ASP C 1353 33.51 -30.21 -50.48
N TRP C 1354 34.06 -28.99 -50.59
CA TRP C 1354 34.78 -28.41 -49.47
C TRP C 1354 33.86 -28.22 -48.27
N VAL C 1355 32.57 -27.95 -48.51
CA VAL C 1355 31.63 -27.85 -47.40
C VAL C 1355 31.52 -29.18 -46.66
N ARG C 1356 31.37 -30.28 -47.39
CA ARG C 1356 31.32 -31.60 -46.76
C ARG C 1356 32.61 -31.91 -46.01
N ARG C 1357 33.76 -31.63 -46.64
CA ARG C 1357 35.03 -31.95 -46.00
C ARG C 1357 35.23 -31.14 -44.72
N TYR C 1358 34.91 -29.85 -44.76
CA TYR C 1358 35.07 -29.02 -43.57
C TYR C 1358 34.08 -29.46 -42.49
N THR C 1359 32.86 -29.84 -42.89
CA THR C 1359 31.89 -30.29 -41.90
C THR C 1359 32.38 -31.54 -41.18
N LEU C 1360 32.89 -32.52 -41.93
CA LEU C 1360 33.38 -33.74 -41.29
C LEU C 1360 34.57 -33.43 -40.38
N SER C 1361 35.49 -32.59 -40.85
CA SER C 1361 36.65 -32.25 -40.03
C SER C 1361 36.23 -31.56 -38.72
N ILE C 1362 35.34 -30.57 -38.83
CA ILE C 1362 34.95 -29.80 -37.66
C ILE C 1362 34.10 -30.63 -36.71
N PHE C 1363 33.28 -31.55 -37.25
CA PHE C 1363 32.47 -32.40 -36.38
C PHE C 1363 33.34 -33.41 -35.66
N ILE C 1364 34.38 -33.92 -36.31
CA ILE C 1364 35.33 -34.80 -35.63
C ILE C 1364 36.05 -34.04 -34.52
N VAL C 1365 36.50 -32.81 -34.79
CA VAL C 1365 37.13 -32.00 -33.76
C VAL C 1365 36.17 -31.76 -32.60
N PHE C 1366 34.90 -31.50 -32.91
CA PHE C 1366 33.90 -31.28 -31.88
C PHE C 1366 33.70 -32.52 -31.02
N TRP C 1367 33.63 -33.70 -31.66
CA TRP C 1367 33.47 -34.94 -30.90
C TRP C 1367 34.68 -35.20 -30.01
N ILE C 1368 35.89 -34.94 -30.52
CA ILE C 1368 37.09 -35.12 -29.70
C ILE C 1368 37.10 -34.16 -28.52
N ALA C 1369 36.73 -32.90 -28.75
CA ALA C 1369 36.65 -31.92 -27.66
C ALA C 1369 35.55 -32.24 -26.67
N PHE C 1370 34.49 -32.93 -27.10
CA PHE C 1370 33.39 -33.28 -26.21
C PHE C 1370 33.56 -34.64 -25.54
N VAL C 1371 34.57 -35.42 -25.94
CA VAL C 1371 34.83 -36.69 -25.25
C VAL C 1371 35.05 -36.51 -23.74
N PRO C 1372 35.93 -35.61 -23.27
CA PRO C 1372 36.13 -35.52 -21.81
C PRO C 1372 34.89 -35.14 -21.04
N ILE C 1373 34.07 -34.24 -21.60
CA ILE C 1373 32.86 -33.81 -20.91
C ILE C 1373 31.87 -34.97 -20.78
N VAL C 1374 31.74 -35.77 -21.83
CA VAL C 1374 30.90 -36.96 -21.78
C VAL C 1374 31.43 -37.95 -20.75
N VAL C 1375 32.75 -38.15 -20.72
CA VAL C 1375 33.34 -39.06 -19.75
C VAL C 1375 33.06 -38.58 -18.33
N GLN C 1376 33.07 -37.25 -18.13
CA GLN C 1376 32.84 -36.71 -16.80
C GLN C 1376 31.36 -36.80 -16.41
N GLU C 1377 30.46 -36.63 -17.38
CA GLU C 1377 29.03 -36.58 -17.11
C GLU C 1377 28.33 -37.93 -17.23
N LEU C 1378 29.03 -38.97 -17.67
CA LEU C 1378 28.46 -40.31 -17.74
C LEU C 1378 28.73 -41.14 -16.49
N ILE C 1379 29.41 -40.57 -15.49
CA ILE C 1379 29.69 -41.26 -14.24
C ILE C 1379 28.85 -40.75 -13.08
N GLU C 1380 28.09 -39.68 -13.27
CA GLU C 1380 27.27 -39.11 -12.21
C GLU C 1380 25.87 -39.72 -12.15
N ARG C 1381 25.49 -40.54 -13.12
CA ARG C 1381 24.18 -41.18 -13.05
C ARG C 1381 24.32 -42.59 -12.50
N ILE C 1436 16.09 -23.14 -10.35
CA ILE C 1436 16.90 -22.00 -10.73
C ILE C 1436 16.05 -20.96 -11.44
N PRO C 1437 16.03 -19.74 -10.91
CA PRO C 1437 15.30 -18.67 -11.59
C PRO C 1437 15.94 -18.31 -12.92
N PHE C 1438 15.09 -17.86 -13.85
CA PHE C 1438 15.54 -17.59 -15.21
C PHE C 1438 16.56 -16.45 -15.26
N SER C 1439 16.47 -15.52 -14.31
CA SER C 1439 17.34 -14.34 -14.34
C SER C 1439 18.80 -14.72 -14.21
N ILE C 1440 19.15 -15.49 -13.17
CA ILE C 1440 20.55 -15.82 -12.92
C ILE C 1440 21.07 -16.77 -13.97
N LEU C 1441 20.26 -17.76 -14.38
CA LEU C 1441 20.69 -18.69 -15.41
C LEU C 1441 20.95 -17.97 -16.72
N TYR C 1442 20.12 -17.00 -17.07
CA TYR C 1442 20.34 -16.22 -18.28
C TYR C 1442 21.56 -15.30 -18.12
N SER C 1443 21.75 -14.73 -16.93
CA SER C 1443 22.88 -13.83 -16.71
C SER C 1443 24.21 -14.55 -16.80
N ARG C 1444 24.28 -15.79 -16.33
CA ARG C 1444 25.55 -16.50 -16.34
C ARG C 1444 26.02 -16.79 -17.76
N PHE C 1445 25.11 -17.24 -18.62
CA PHE C 1445 25.43 -17.48 -20.02
C PHE C 1445 25.39 -16.21 -20.86
N ALA C 1446 24.96 -15.08 -20.28
CA ALA C 1446 24.87 -13.84 -21.03
C ALA C 1446 26.24 -13.40 -21.52
N GLY C 1447 26.32 -13.03 -22.80
CA GLY C 1447 27.57 -12.65 -23.42
C GLY C 1447 28.44 -13.79 -23.85
N SER C 1448 28.00 -15.04 -23.67
CA SER C 1448 28.82 -16.21 -23.94
C SER C 1448 27.97 -17.23 -24.70
N ALA C 1449 28.25 -17.37 -26.01
CA ALA C 1449 27.56 -18.30 -26.90
C ALA C 1449 26.05 -18.08 -26.92
N ILE C 1450 25.60 -16.85 -26.74
CA ILE C 1450 24.20 -16.50 -26.77
C ILE C 1450 23.90 -15.46 -27.86
N TYR C 1451 24.68 -14.38 -27.89
CA TYR C 1451 24.55 -13.40 -28.96
C TYR C 1451 25.17 -13.94 -30.24
N MET C 1452 26.34 -14.54 -30.12
CA MET C 1452 27.03 -15.14 -31.24
C MET C 1452 26.24 -16.30 -31.83
N GLY C 1453 25.59 -17.09 -30.96
CA GLY C 1453 24.74 -18.15 -31.46
C GLY C 1453 23.60 -17.62 -32.31
N ALA C 1454 22.96 -16.54 -31.86
CA ALA C 1454 21.87 -15.97 -32.64
C ALA C 1454 22.35 -15.41 -33.96
N ARG C 1455 23.47 -14.69 -33.95
CA ARG C 1455 23.97 -14.10 -35.19
C ARG C 1455 24.45 -15.18 -36.16
N SER C 1456 24.90 -16.32 -35.63
CA SER C 1456 25.23 -17.45 -36.49
C SER C 1456 23.98 -18.09 -37.06
N MET C 1457 22.96 -18.29 -36.24
CA MET C 1457 21.73 -18.92 -36.72
C MET C 1457 21.06 -18.07 -37.78
N LEU C 1458 21.14 -16.74 -37.66
CA LEU C 1458 20.48 -15.89 -38.65
C LEU C 1458 21.11 -16.06 -40.04
N MET C 1459 22.43 -15.98 -40.10
CA MET C 1459 23.12 -16.14 -41.38
C MET C 1459 22.97 -17.58 -41.88
N LEU C 1460 22.92 -18.55 -40.96
CA LEU C 1460 22.74 -19.95 -41.35
C LEU C 1460 21.37 -20.18 -41.97
N LEU C 1461 20.34 -19.54 -41.41
CA LEU C 1461 19.02 -19.57 -42.02
C LEU C 1461 19.06 -18.94 -43.41
N PHE C 1462 19.75 -17.80 -43.55
CA PHE C 1462 19.90 -17.21 -44.88
C PHE C 1462 20.52 -18.20 -45.86
N GLY C 1463 21.58 -18.90 -45.43
CA GLY C 1463 22.24 -19.84 -46.30
C GLY C 1463 21.35 -21.01 -46.70
N THR C 1464 20.59 -21.53 -45.73
CA THR C 1464 19.78 -22.72 -46.01
C THR C 1464 18.54 -22.38 -46.83
N VAL C 1465 18.07 -21.13 -46.74
CA VAL C 1465 16.93 -20.75 -47.60
C VAL C 1465 17.42 -20.36 -48.98
N ALA C 1466 18.62 -19.79 -49.08
CA ALA C 1466 19.16 -19.46 -50.39
C ALA C 1466 19.45 -20.71 -51.21
N HIS C 1467 20.17 -21.66 -50.62
CA HIS C 1467 20.56 -22.88 -51.32
C HIS C 1467 20.67 -24.00 -50.31
N TRP C 1468 20.31 -25.21 -50.71
CA TRP C 1468 20.21 -26.34 -49.79
C TRP C 1468 21.47 -27.19 -49.85
N GLN C 1469 22.00 -27.52 -48.68
CA GLN C 1469 23.09 -28.49 -48.55
C GLN C 1469 22.73 -29.48 -47.45
N ALA C 1470 22.90 -30.77 -47.73
CA ALA C 1470 22.56 -31.80 -46.75
C ALA C 1470 23.37 -31.68 -45.46
N PRO C 1471 24.70 -31.51 -45.49
CA PRO C 1471 25.44 -31.37 -44.22
C PRO C 1471 24.99 -30.18 -43.39
N LEU C 1472 24.42 -29.15 -44.02
CA LEU C 1472 23.88 -28.02 -43.26
C LEU C 1472 22.81 -28.47 -42.28
N LEU C 1473 22.07 -29.54 -42.62
CA LEU C 1473 21.09 -30.10 -41.69
C LEU C 1473 21.74 -30.43 -40.35
N TRP C 1474 23.01 -30.85 -40.37
CA TRP C 1474 23.73 -31.13 -39.13
C TRP C 1474 23.91 -29.86 -38.30
N PHE C 1475 24.25 -28.74 -38.94
CA PHE C 1475 24.45 -27.49 -38.19
C PHE C 1475 23.21 -27.10 -37.42
N TRP C 1476 22.04 -27.17 -38.05
CA TRP C 1476 20.78 -26.83 -37.40
C TRP C 1476 20.63 -27.59 -36.09
N ALA C 1477 21.16 -28.82 -36.02
CA ALA C 1477 21.15 -29.55 -34.77
C ALA C 1477 22.25 -29.06 -33.82
N SER C 1478 23.49 -29.02 -34.32
CA SER C 1478 24.63 -28.84 -33.42
C SER C 1478 24.55 -27.52 -32.67
N LEU C 1479 24.11 -26.47 -33.34
CA LEU C 1479 23.98 -25.18 -32.68
C LEU C 1479 22.81 -25.18 -31.70
N SER C 1480 21.70 -25.80 -32.08
CA SER C 1480 20.43 -25.60 -31.39
C SER C 1480 20.50 -26.02 -29.92
N SER C 1481 21.01 -27.23 -29.66
CA SER C 1481 21.08 -27.71 -28.28
C SER C 1481 21.91 -26.77 -27.42
N LEU C 1482 22.90 -26.11 -28.02
CA LEU C 1482 23.73 -25.15 -27.30
C LEU C 1482 22.87 -24.12 -26.58
N ILE C 1483 21.75 -23.73 -27.18
CA ILE C 1483 20.83 -22.77 -26.58
C ILE C 1483 19.88 -23.46 -25.58
N PHE C 1484 19.45 -24.68 -25.88
CA PHE C 1484 18.45 -25.35 -25.05
C PHE C 1484 19.06 -26.27 -24.00
N ALA C 1485 20.38 -26.43 -23.98
CA ALA C 1485 21.01 -27.28 -22.97
C ALA C 1485 20.79 -26.79 -21.55
N PRO C 1486 21.01 -25.51 -21.21
CA PRO C 1486 20.86 -25.10 -19.80
C PRO C 1486 19.46 -25.29 -19.25
N PHE C 1487 18.44 -25.13 -20.08
CA PHE C 1487 17.06 -25.09 -19.60
C PHE C 1487 16.44 -26.47 -19.50
N VAL C 1488 16.81 -27.39 -20.38
CA VAL C 1488 16.23 -28.74 -20.34
C VAL C 1488 16.69 -29.49 -19.10
N PHE C 1489 17.90 -29.20 -18.62
CA PHE C 1489 18.42 -29.82 -17.42
C PHE C 1489 17.83 -29.24 -16.15
N ASN C 1490 17.23 -28.06 -16.21
CA ASN C 1490 16.72 -27.40 -15.02
C ASN C 1490 15.65 -28.26 -14.36
N PRO C 1491 15.78 -28.58 -13.07
CA PRO C 1491 14.80 -29.44 -12.43
C PRO C 1491 13.44 -28.76 -12.31
N HIS C 1492 12.39 -29.59 -12.33
CA HIS C 1492 11.01 -29.12 -12.18
C HIS C 1492 10.67 -28.05 -13.20
N GLN C 1493 10.94 -28.35 -14.47
CA GLN C 1493 10.66 -27.39 -15.53
C GLN C 1493 9.38 -27.72 -16.28
N PHE C 1494 8.33 -28.17 -15.59
CA PHE C 1494 7.09 -28.54 -16.26
C PHE C 1494 5.86 -27.84 -15.65
N ALA C 1495 5.84 -27.64 -14.35
CA ALA C 1495 4.66 -27.08 -13.69
C ALA C 1495 4.41 -25.64 -14.13
N TRP C 1496 3.14 -25.27 -14.25
CA TRP C 1496 2.78 -23.92 -14.67
C TRP C 1496 3.17 -22.90 -13.60
N GLU C 1497 3.02 -23.26 -12.32
CA GLU C 1497 3.18 -22.31 -11.23
C GLU C 1497 4.61 -21.76 -11.18
N ASP C 1498 5.60 -22.65 -11.22
CA ASP C 1498 6.98 -22.19 -11.11
C ASP C 1498 7.43 -21.50 -12.39
N PHE C 1499 6.95 -21.96 -13.54
CA PHE C 1499 7.16 -21.23 -14.79
C PHE C 1499 6.73 -19.78 -14.66
N PHE C 1500 5.53 -19.55 -14.13
CA PHE C 1500 4.97 -18.21 -14.16
C PHE C 1500 5.52 -17.34 -13.03
N LEU C 1501 5.85 -17.94 -11.89
CA LEU C 1501 6.61 -17.20 -10.87
C LEU C 1501 7.99 -16.81 -11.37
N ASP C 1502 8.63 -17.69 -12.16
CA ASP C 1502 9.92 -17.33 -12.74
C ASP C 1502 9.77 -16.24 -13.79
N TYR C 1503 8.65 -16.26 -14.53
CA TYR C 1503 8.35 -15.14 -15.43
C TYR C 1503 8.23 -13.84 -14.64
N ARG C 1504 7.56 -13.89 -13.49
CA ARG C 1504 7.47 -12.71 -12.63
C ARG C 1504 8.85 -12.25 -12.17
N ASP C 1505 9.68 -13.20 -11.76
CA ASP C 1505 11.04 -12.86 -11.34
C ASP C 1505 11.81 -12.21 -12.48
N TYR C 1506 11.68 -12.75 -13.69
CA TYR C 1506 12.40 -12.22 -14.84
C TYR C 1506 11.93 -10.80 -15.15
N ILE C 1507 10.62 -10.58 -15.19
CA ILE C 1507 10.10 -9.26 -15.55
C ILE C 1507 10.44 -8.24 -14.48
N ARG C 1508 10.50 -8.67 -13.22
CA ARG C 1508 10.87 -7.73 -12.15
C ARG C 1508 12.35 -7.43 -12.17
N TRP C 1509 13.20 -8.41 -12.49
CA TRP C 1509 14.63 -8.15 -12.62
C TRP C 1509 14.91 -7.26 -13.81
N LEU C 1510 14.14 -7.40 -14.89
CA LEU C 1510 14.30 -6.51 -16.03
C LEU C 1510 14.01 -5.07 -15.63
N SER C 1511 12.96 -4.85 -14.85
CA SER C 1511 12.62 -3.52 -14.36
C SER C 1511 12.94 -3.42 -12.87
N ALA C 1555 51.65 10.38 -29.17
CA ALA C 1555 52.10 9.17 -28.49
C ALA C 1555 51.87 7.93 -29.36
N HIS C 1556 52.66 6.89 -29.12
CA HIS C 1556 52.46 5.64 -29.84
C HIS C 1556 51.25 4.88 -29.33
N ARG C 1557 50.94 5.00 -28.03
CA ARG C 1557 49.81 4.28 -27.48
C ARG C 1557 48.50 4.65 -28.16
N THR C 1558 48.34 5.91 -28.57
CA THR C 1558 47.07 6.35 -29.16
C THR C 1558 46.83 5.69 -30.51
N ASN C 1559 47.84 5.68 -31.38
CA ASN C 1559 47.70 4.97 -32.64
C ASN C 1559 47.67 3.46 -32.43
N LEU C 1560 48.23 2.99 -31.31
CA LEU C 1560 48.32 1.58 -30.98
C LEU C 1560 46.98 1.00 -30.57
N ILE C 1561 46.18 1.79 -29.84
CA ILE C 1561 44.90 1.33 -29.32
C ILE C 1561 43.92 0.95 -30.41
N MET C 1562 43.81 1.76 -31.45
CA MET C 1562 42.85 1.62 -32.54
C MET C 1562 43.13 0.45 -33.46
N ALA C 1563 44.20 -0.32 -33.22
CA ALA C 1563 44.45 -1.51 -34.03
C ALA C 1563 43.33 -2.54 -33.87
N GLU C 1564 42.83 -2.73 -32.65
CA GLU C 1564 41.83 -3.76 -32.38
C GLU C 1564 40.56 -3.60 -33.21
N ILE C 1565 40.38 -2.49 -33.92
CA ILE C 1565 39.17 -2.30 -34.69
C ILE C 1565 39.29 -2.87 -36.10
N ILE C 1566 40.51 -3.11 -36.59
CA ILE C 1566 40.68 -3.57 -37.97
C ILE C 1566 40.14 -4.98 -38.20
N PRO C 1567 40.17 -5.91 -37.23
CA PRO C 1567 39.59 -7.23 -37.52
C PRO C 1567 38.08 -7.21 -37.69
N CYS C 1568 37.34 -6.59 -36.76
CA CYS C 1568 35.89 -6.67 -36.80
C CYS C 1568 35.28 -5.73 -37.83
N ALA C 1569 36.05 -4.75 -38.32
CA ALA C 1569 35.54 -3.89 -39.38
C ALA C 1569 35.50 -4.65 -40.71
N ILE C 1570 36.54 -5.43 -40.99
CA ILE C 1570 36.58 -6.20 -42.24
C ILE C 1570 35.36 -7.10 -42.36
N TYR C 1571 35.01 -7.78 -41.26
CA TYR C 1571 33.84 -8.65 -41.25
C TYR C 1571 32.59 -7.91 -41.69
N ALA C 1572 32.48 -6.62 -41.31
CA ALA C 1572 31.36 -5.82 -41.76
C ALA C 1572 31.30 -5.75 -43.28
N ALA C 1573 32.43 -5.43 -43.92
CA ALA C 1573 32.47 -5.45 -45.38
C ALA C 1573 32.14 -6.83 -45.92
N GLY C 1574 32.48 -7.88 -45.16
CA GLY C 1574 32.15 -9.22 -45.58
C GLY C 1574 30.66 -9.42 -45.78
N CYS C 1575 29.85 -8.77 -44.94
CA CYS C 1575 28.42 -8.80 -45.17
C CYS C 1575 28.03 -7.85 -46.30
N PHE C 1576 28.71 -6.70 -46.39
CA PHE C 1576 28.28 -5.65 -47.30
C PHE C 1576 28.32 -6.11 -48.75
N ILE C 1577 29.33 -6.92 -49.10
CA ILE C 1577 29.37 -7.50 -50.43
C ILE C 1577 28.21 -8.47 -50.62
N ALA C 1578 27.97 -9.33 -49.64
CA ALA C 1578 26.95 -10.37 -49.79
C ALA C 1578 25.56 -9.76 -49.98
N PHE C 1579 25.34 -8.56 -49.43
CA PHE C 1579 24.06 -7.90 -49.67
C PHE C 1579 24.00 -7.24 -51.04
N THR C 1580 25.12 -6.73 -51.55
CA THR C 1580 25.07 -6.06 -52.85
C THR C 1580 24.89 -7.08 -53.98
N PHE C 1581 25.54 -8.24 -53.86
CA PHE C 1581 25.60 -9.19 -54.98
C PHE C 1581 24.22 -9.61 -55.46
N ILE C 1582 23.30 -9.94 -54.55
CA ILE C 1582 21.96 -10.35 -54.95
C ILE C 1582 21.25 -9.22 -55.67
N ASN C 1583 21.46 -7.98 -55.22
CA ASN C 1583 20.87 -6.82 -55.90
C ASN C 1583 21.50 -6.54 -57.25
N ALA C 1584 22.57 -7.26 -57.61
CA ALA C 1584 23.28 -7.03 -58.86
C ALA C 1584 22.61 -7.69 -60.06
N GLN C 1585 21.69 -8.63 -59.84
CA GLN C 1585 20.87 -9.22 -60.91
C GLN C 1585 21.71 -9.87 -62.01
N THR C 1586 22.80 -10.52 -61.62
CA THR C 1586 23.71 -11.06 -62.61
C THR C 1586 23.23 -12.37 -63.23
N GLY C 1587 22.25 -13.04 -62.61
CA GLY C 1587 21.71 -14.26 -63.21
C GLY C 1587 21.06 -14.00 -64.56
N VAL C 1588 20.29 -12.93 -64.68
CA VAL C 1588 19.69 -12.55 -65.95
C VAL C 1588 20.61 -11.53 -66.62
N LYS C 1589 20.51 -11.45 -67.95
CA LYS C 1589 21.33 -10.56 -68.75
C LYS C 1589 21.22 -9.14 -68.23
N THR C 1590 22.33 -8.59 -67.75
CA THR C 1590 22.29 -7.31 -67.05
C THR C 1590 22.02 -6.17 -68.03
N THR C 1591 21.07 -5.31 -67.67
CA THR C 1591 20.81 -4.12 -68.46
C THR C 1591 22.02 -3.19 -68.40
N ASP C 1592 22.33 -2.58 -69.54
CA ASP C 1592 23.48 -1.71 -69.63
C ASP C 1592 23.09 -0.29 -69.23
N ASP C 1593 24.10 0.48 -68.81
CA ASP C 1593 24.04 1.90 -68.46
C ASP C 1593 22.76 2.30 -67.70
N ASP C 1594 22.31 1.42 -66.80
CA ASP C 1594 21.23 1.75 -65.86
C ASP C 1594 21.85 1.81 -64.48
N ARG C 1595 21.44 2.80 -63.69
CA ARG C 1595 22.03 3.01 -62.38
C ARG C 1595 20.99 2.78 -61.29
N VAL C 1596 21.45 2.20 -60.18
CA VAL C 1596 20.61 1.94 -59.01
C VAL C 1596 21.57 1.76 -57.84
N ASN C 1597 21.05 1.88 -56.62
CA ASN C 1597 21.90 1.88 -55.45
C ASN C 1597 21.16 1.29 -54.26
N SER C 1598 21.93 0.84 -53.26
CA SER C 1598 21.37 0.40 -51.99
C SER C 1598 22.15 0.97 -50.79
N VAL C 1599 23.23 1.70 -51.04
CA VAL C 1599 24.07 2.17 -49.94
C VAL C 1599 23.32 3.15 -49.06
N LEU C 1600 22.53 4.04 -49.66
CA LEU C 1600 21.75 4.98 -48.87
C LEU C 1600 20.77 4.23 -47.96
N ARG C 1601 20.15 3.17 -48.48
CA ARG C 1601 19.29 2.33 -47.65
C ARG C 1601 20.07 1.80 -46.45
N ILE C 1602 21.30 1.35 -46.68
CA ILE C 1602 22.10 0.76 -45.61
C ILE C 1602 22.43 1.82 -44.56
N ILE C 1603 22.87 3.01 -44.98
CA ILE C 1603 23.28 4.01 -44.01
C ILE C 1603 22.06 4.53 -43.23
N ILE C 1604 20.91 4.68 -43.89
CA ILE C 1604 19.74 5.12 -43.14
C ILE C 1604 19.28 4.02 -42.18
N CYS C 1605 19.39 2.75 -42.59
CA CYS C 1605 19.07 1.66 -41.66
C CYS C 1605 19.98 1.70 -40.44
N THR C 1606 21.28 1.94 -40.65
CA THR C 1606 22.24 1.94 -39.55
C THR C 1606 22.15 3.18 -38.67
N LEU C 1607 21.67 4.30 -39.19
CA LEU C 1607 21.69 5.55 -38.44
C LEU C 1607 20.35 5.93 -37.84
N ALA C 1608 19.22 5.51 -38.43
CA ALA C 1608 17.92 6.00 -37.99
C ALA C 1608 17.57 5.61 -36.56
N PRO C 1609 17.71 4.35 -36.11
CA PRO C 1609 17.41 4.07 -34.70
C PRO C 1609 18.29 4.86 -33.74
N ILE C 1610 19.56 5.09 -34.11
CA ILE C 1610 20.44 5.92 -33.28
C ILE C 1610 19.92 7.35 -33.19
N ALA C 1611 19.49 7.90 -34.32
CA ALA C 1611 18.93 9.24 -34.32
C ALA C 1611 17.65 9.31 -33.50
N VAL C 1612 16.82 8.27 -33.57
CA VAL C 1612 15.58 8.23 -32.79
C VAL C 1612 15.90 8.20 -31.30
N ASN C 1613 16.86 7.36 -30.89
CA ASN C 1613 17.25 7.31 -29.48
C ASN C 1613 17.83 8.64 -29.02
N LEU C 1614 18.65 9.28 -29.85
CA LEU C 1614 19.23 10.56 -29.46
C LEU C 1614 18.17 11.64 -29.32
N GLY C 1615 17.19 11.65 -30.22
CA GLY C 1615 16.06 12.57 -30.06
C GLY C 1615 15.28 12.29 -28.79
N VAL C 1616 15.11 11.01 -28.45
CA VAL C 1616 14.47 10.66 -27.18
C VAL C 1616 15.25 11.21 -26.01
N LEU C 1617 16.57 11.09 -26.05
CA LEU C 1617 17.42 11.60 -24.97
C LEU C 1617 17.30 13.11 -24.87
N PHE C 1618 17.26 13.79 -26.02
CA PHE C 1618 17.07 15.23 -26.05
C PHE C 1618 15.77 15.62 -25.36
N PHE C 1619 14.68 14.98 -25.77
CA PHE C 1619 13.37 15.29 -25.20
C PHE C 1619 13.31 14.92 -23.72
N CYS C 1620 14.11 13.94 -23.30
CA CYS C 1620 14.11 13.53 -21.91
C CYS C 1620 14.79 14.55 -21.01
N MET C 1621 16.02 14.95 -21.35
CA MET C 1621 16.66 15.93 -20.46
C MET C 1621 16.15 17.34 -20.71
N GLY C 1622 15.37 17.56 -21.76
CA GLY C 1622 14.74 18.86 -21.93
C GLY C 1622 13.49 19.06 -21.11
N MET C 1623 13.02 18.03 -20.40
CA MET C 1623 11.79 18.07 -19.61
C MET C 1623 12.14 18.37 -18.16
N SER C 1624 12.21 19.66 -17.84
CA SER C 1624 12.37 20.13 -16.46
C SER C 1624 13.56 19.49 -15.76
N CYS C 1625 14.73 19.55 -16.42
CA CYS C 1625 15.95 18.99 -15.85
C CYS C 1625 16.35 19.69 -14.55
N CYS C 1626 15.97 20.95 -14.37
CA CYS C 1626 16.33 21.71 -13.17
C CYS C 1626 15.58 21.24 -11.93
N SER C 1627 14.38 20.68 -12.09
CA SER C 1627 13.55 20.26 -10.97
C SER C 1627 13.67 18.74 -10.85
N GLY C 1628 14.53 18.29 -9.94
CA GLY C 1628 14.68 16.89 -9.64
C GLY C 1628 13.41 16.22 -9.16
N PRO C 1629 12.71 16.84 -8.20
CA PRO C 1629 11.45 16.25 -7.74
C PRO C 1629 10.39 16.09 -8.82
N LEU C 1630 10.47 16.86 -9.91
CA LEU C 1630 9.46 16.74 -10.96
C LEU C 1630 9.53 15.36 -11.62
N PHE C 1631 10.74 14.85 -11.87
CA PHE C 1631 10.87 13.51 -12.43
C PHE C 1631 10.30 12.46 -11.47
N GLY C 1632 10.53 12.63 -10.17
CA GLY C 1632 9.94 11.72 -9.20
C GLY C 1632 8.42 11.78 -9.19
N MET C 1633 7.87 12.98 -9.32
CA MET C 1633 6.41 13.12 -9.39
C MET C 1633 5.86 12.44 -10.63
N CYS C 1634 6.52 12.60 -11.78
CA CYS C 1634 6.02 11.99 -13.01
C CYS C 1634 6.31 10.50 -13.06
N CYS C 1635 7.59 10.13 -13.03
CA CYS C 1635 7.99 8.73 -13.00
C CYS C 1635 9.42 8.64 -12.51
N LYS C 1636 9.63 8.01 -11.35
CA LYS C 1636 10.97 7.87 -10.80
C LYS C 1636 11.87 7.01 -11.67
N LYS C 1637 11.30 6.17 -12.53
CA LYS C 1637 12.04 5.21 -13.35
C LYS C 1637 11.63 5.34 -14.81
N THR C 1638 11.66 6.58 -15.33
CA THR C 1638 11.30 6.83 -16.72
C THR C 1638 12.30 6.22 -17.70
N GLY C 1639 13.45 5.78 -17.21
CA GLY C 1639 14.38 5.04 -18.07
C GLY C 1639 13.76 3.78 -18.64
N SER C 1640 12.93 3.10 -17.85
CA SER C 1640 12.19 1.95 -18.37
C SER C 1640 11.25 2.37 -19.49
N VAL C 1641 10.60 3.53 -19.35
CA VAL C 1641 9.72 4.03 -20.40
C VAL C 1641 10.52 4.30 -21.67
N MET C 1642 11.69 4.93 -21.53
CA MET C 1642 12.51 5.20 -22.70
C MET C 1642 12.99 3.92 -23.36
N ALA C 1643 13.39 2.93 -22.56
CA ALA C 1643 13.80 1.65 -23.14
C ALA C 1643 12.64 0.97 -23.87
N GLY C 1644 11.43 1.03 -23.29
CA GLY C 1644 10.29 0.43 -23.95
C GLY C 1644 9.93 1.12 -25.26
N ILE C 1645 9.94 2.45 -25.27
CA ILE C 1645 9.59 3.17 -26.49
C ILE C 1645 10.69 2.98 -27.54
N ALA C 1646 11.94 2.84 -27.11
CA ALA C 1646 13.01 2.55 -28.05
C ALA C 1646 12.86 1.15 -28.64
N HIS C 1647 12.43 0.18 -27.82
CA HIS C 1647 12.12 -1.15 -28.34
C HIS C 1647 10.99 -1.08 -29.36
N GLY C 1648 9.94 -0.30 -29.06
CA GLY C 1648 8.84 -0.16 -29.99
C GLY C 1648 9.26 0.45 -31.31
N VAL C 1649 10.05 1.53 -31.25
CA VAL C 1649 10.51 2.15 -32.49
C VAL C 1649 11.47 1.24 -33.24
N ALA C 1650 12.28 0.45 -32.52
CA ALA C 1650 13.14 -0.52 -33.20
C ALA C 1650 12.32 -1.55 -33.96
N VAL C 1651 11.27 -2.08 -33.31
CA VAL C 1651 10.42 -3.06 -33.97
C VAL C 1651 9.71 -2.45 -35.18
N ILE C 1652 9.21 -1.22 -35.03
CA ILE C 1652 8.51 -0.57 -36.14
C ILE C 1652 9.46 -0.26 -37.29
N VAL C 1653 10.69 0.14 -36.96
CA VAL C 1653 11.70 0.39 -37.99
C VAL C 1653 12.02 -0.89 -38.74
N HIS C 1654 12.17 -2.00 -38.03
CA HIS C 1654 12.45 -3.27 -38.70
C HIS C 1654 11.28 -3.73 -39.56
N ILE C 1655 10.05 -3.51 -39.10
CA ILE C 1655 8.88 -3.87 -39.91
C ILE C 1655 8.84 -3.01 -41.16
N ALA C 1656 9.18 -1.72 -41.04
CA ALA C 1656 9.23 -0.85 -42.21
C ALA C 1656 10.30 -1.31 -43.19
N PHE C 1657 11.43 -1.79 -42.68
CA PHE C 1657 12.45 -2.36 -43.58
C PHE C 1657 11.95 -3.62 -44.26
N PHE C 1658 11.23 -4.48 -43.52
CA PHE C 1658 10.57 -5.62 -44.14
C PHE C 1658 9.68 -5.17 -45.31
N ILE C 1659 8.85 -4.17 -45.06
CA ILE C 1659 7.91 -3.73 -46.08
C ILE C 1659 8.64 -3.15 -47.28
N VAL C 1660 9.65 -2.30 -47.04
CA VAL C 1660 10.34 -1.64 -48.14
C VAL C 1660 11.17 -2.62 -48.96
N MET C 1661 11.69 -3.68 -48.33
CA MET C 1661 12.30 -4.74 -49.12
C MET C 1661 11.26 -5.57 -49.86
N TRP C 1662 10.05 -5.67 -49.31
CA TRP C 1662 9.01 -6.47 -49.93
C TRP C 1662 8.12 -5.68 -50.87
N VAL C 1663 8.45 -4.42 -51.17
CA VAL C 1663 7.72 -3.68 -52.19
C VAL C 1663 7.84 -4.37 -53.54
N LEU C 1664 9.08 -4.74 -53.92
CA LEU C 1664 9.27 -5.52 -55.13
C LEU C 1664 9.36 -7.01 -54.85
N GLU C 1665 9.49 -7.41 -53.59
CA GLU C 1665 9.52 -8.83 -53.21
C GLU C 1665 8.14 -9.22 -52.69
N SER C 1666 7.24 -9.52 -53.64
CA SER C 1666 5.89 -9.95 -53.28
C SER C 1666 5.88 -11.34 -52.62
N PHE C 1667 6.67 -12.29 -53.14
CA PHE C 1667 6.79 -13.61 -52.52
C PHE C 1667 8.21 -13.96 -52.12
N ASN C 1668 9.16 -13.02 -52.18
CA ASN C 1668 10.55 -13.30 -51.91
C ASN C 1668 10.87 -13.04 -50.44
N PHE C 1669 11.87 -13.76 -49.92
CA PHE C 1669 12.28 -13.65 -48.52
C PHE C 1669 13.79 -13.56 -48.32
N VAL C 1670 14.58 -13.98 -49.31
CA VAL C 1670 16.02 -14.15 -49.12
C VAL C 1670 16.74 -12.81 -48.99
N ARG C 1671 16.34 -11.82 -49.79
CA ARG C 1671 17.10 -10.59 -49.96
C ARG C 1671 17.24 -9.77 -48.69
N MET C 1672 16.31 -9.90 -47.74
CA MET C 1672 16.34 -9.04 -46.56
C MET C 1672 17.30 -9.50 -45.48
N LEU C 1673 17.60 -10.80 -45.40
CA LEU C 1673 18.33 -11.33 -44.25
C LEU C 1673 19.76 -10.83 -44.22
N ILE C 1674 20.41 -10.78 -45.39
CA ILE C 1674 21.74 -10.20 -45.49
C ILE C 1674 21.73 -8.73 -45.11
N GLY C 1675 20.66 -8.01 -45.46
CA GLY C 1675 20.55 -6.62 -45.05
C GLY C 1675 20.41 -6.46 -43.55
N VAL C 1676 19.60 -7.32 -42.92
CA VAL C 1676 19.43 -7.26 -41.47
C VAL C 1676 20.75 -7.55 -40.78
N VAL C 1677 21.45 -8.58 -41.24
CA VAL C 1677 22.76 -8.92 -40.71
C VAL C 1677 23.74 -7.77 -40.88
N THR C 1678 23.75 -7.15 -42.06
CA THR C 1678 24.70 -6.07 -42.33
C THR C 1678 24.38 -4.84 -41.49
N CYS C 1679 23.09 -4.53 -41.30
CA CYS C 1679 22.72 -3.42 -40.45
C CYS C 1679 23.16 -3.65 -39.01
N ILE C 1680 22.91 -4.86 -38.48
CA ILE C 1680 23.35 -5.16 -37.12
C ILE C 1680 24.87 -5.09 -37.02
N GLN C 1681 25.57 -5.62 -38.03
CA GLN C 1681 27.03 -5.61 -38.01
C GLN C 1681 27.56 -4.19 -38.05
N CYS C 1682 26.95 -3.33 -38.86
CA CYS C 1682 27.42 -1.95 -38.97
C CYS C 1682 27.18 -1.18 -37.69
N GLN C 1683 26.02 -1.38 -37.04
CA GLN C 1683 25.79 -0.68 -35.78
C GLN C 1683 26.72 -1.21 -34.69
N ARG C 1684 27.00 -2.51 -34.70
CA ARG C 1684 28.00 -3.07 -33.78
C ARG C 1684 29.36 -2.44 -34.00
N LEU C 1685 29.76 -2.28 -35.26
CA LEU C 1685 31.07 -1.71 -35.55
C LEU C 1685 31.13 -0.25 -35.13
N ILE C 1686 30.05 0.50 -35.37
CA ILE C 1686 30.01 1.90 -34.94
C ILE C 1686 30.15 1.98 -33.43
N PHE C 1687 29.40 1.15 -32.70
CA PHE C 1687 29.49 1.16 -31.24
C PHE C 1687 30.90 0.84 -30.77
N HIS C 1688 31.53 -0.18 -31.36
CA HIS C 1688 32.88 -0.54 -30.94
C HIS C 1688 33.88 0.56 -31.27
N CYS C 1689 33.76 1.18 -32.43
CA CYS C 1689 34.69 2.23 -32.82
C CYS C 1689 34.57 3.45 -31.91
N MET C 1690 33.34 3.87 -31.61
CA MET C 1690 33.16 5.03 -30.74
C MET C 1690 33.53 4.70 -29.29
N THR C 1691 33.31 3.45 -28.86
CA THR C 1691 33.86 3.01 -27.57
C THR C 1691 35.36 3.20 -27.54
N ALA C 1692 36.05 2.71 -28.58
CA ALA C 1692 37.50 2.84 -28.65
C ALA C 1692 37.91 4.30 -28.67
N LEU C 1693 37.07 5.16 -29.24
CA LEU C 1693 37.35 6.59 -29.19
C LEU C 1693 37.28 7.14 -27.78
N MET C 1694 36.26 6.78 -27.00
CA MET C 1694 36.24 7.32 -25.64
C MET C 1694 37.37 6.72 -24.79
N LEU C 1695 37.80 5.50 -25.11
CA LEU C 1695 38.82 4.82 -24.30
C LEU C 1695 40.11 5.64 -24.22
N THR C 1696 40.50 6.31 -25.31
CA THR C 1696 41.64 7.20 -25.29
C THR C 1696 41.26 8.61 -24.84
N ALA C 1722 31.52 21.86 -18.40
CA ALA C 1722 30.48 21.91 -19.41
C ALA C 1722 29.81 20.55 -19.57
N TRP C 1723 29.41 20.24 -20.80
CA TRP C 1723 28.75 18.97 -21.11
C TRP C 1723 29.72 17.91 -21.60
N THR C 1724 30.99 17.96 -21.17
CA THR C 1724 31.97 16.99 -21.65
C THR C 1724 31.71 15.60 -21.07
N GLN C 1725 31.51 15.50 -19.76
CA GLN C 1725 31.24 14.23 -19.10
C GLN C 1725 29.83 13.72 -19.36
N PRO C 1726 28.82 14.60 -19.43
CA PRO C 1726 27.51 14.13 -19.89
C PRO C 1726 27.55 13.51 -21.28
N SER C 1727 28.46 13.98 -22.15
CA SER C 1727 28.60 13.36 -23.47
C SER C 1727 29.04 11.90 -23.34
N ARG C 1728 30.04 11.63 -22.51
CA ARG C 1728 30.46 10.25 -22.28
C ARG C 1728 29.35 9.43 -21.65
N GLU C 1729 28.63 10.02 -20.69
CA GLU C 1729 27.53 9.30 -20.05
C GLU C 1729 26.47 8.92 -21.06
N LEU C 1730 26.12 9.83 -21.96
CA LEU C 1730 25.10 9.54 -22.96
C LEU C 1730 25.57 8.52 -23.97
N THR C 1731 26.85 8.59 -24.37
CA THR C 1731 27.39 7.61 -25.31
C THR C 1731 27.44 6.22 -24.68
N ALA C 1732 27.63 6.14 -23.36
CA ALA C 1732 27.50 4.86 -22.68
C ALA C 1732 26.04 4.43 -22.58
N LYS C 1733 25.15 5.39 -22.32
CA LYS C 1733 23.74 5.07 -22.11
C LYS C 1733 23.10 4.51 -23.38
N VAL C 1734 23.48 5.04 -24.54
CA VAL C 1734 22.88 4.55 -25.78
C VAL C 1734 23.20 3.07 -25.99
N ILE C 1735 24.46 2.69 -25.75
CA ILE C 1735 24.85 1.28 -25.88
C ILE C 1735 24.17 0.46 -24.80
N GLU C 1736 24.03 1.00 -23.59
CA GLU C 1736 23.36 0.27 -22.52
C GLU C 1736 21.92 -0.05 -22.90
N LEU C 1737 21.19 0.95 -23.41
CA LEU C 1737 19.82 0.74 -23.85
C LEU C 1737 19.75 -0.24 -25.01
N SER C 1738 20.65 -0.12 -25.98
CA SER C 1738 20.63 -1.05 -27.11
C SER C 1738 20.87 -2.48 -26.66
N GLU C 1739 21.85 -2.68 -25.78
CA GLU C 1739 22.10 -4.01 -25.23
C GLU C 1739 20.86 -4.50 -24.49
N PHE C 1740 20.23 -3.62 -23.71
CA PHE C 1740 19.03 -4.01 -22.98
C PHE C 1740 17.97 -4.52 -23.95
N ALA C 1741 17.66 -3.71 -24.97
CA ALA C 1741 16.55 -4.02 -25.87
C ALA C 1741 16.80 -5.31 -26.63
N ALA C 1742 18.04 -5.51 -27.09
CA ALA C 1742 18.36 -6.80 -27.70
C ALA C 1742 18.13 -7.92 -26.71
N ASP C 1743 18.46 -7.67 -25.43
CA ASP C 1743 18.28 -8.70 -24.40
C ASP C 1743 16.81 -9.03 -24.19
N PHE C 1744 15.95 -8.00 -24.10
CA PHE C 1744 14.52 -8.25 -24.06
C PHE C 1744 14.06 -9.09 -25.24
N VAL C 1745 14.47 -8.70 -26.44
CA VAL C 1745 13.96 -9.36 -27.64
C VAL C 1745 14.36 -10.83 -27.64
N LEU C 1746 15.64 -11.11 -27.40
CA LEU C 1746 16.10 -12.49 -27.45
C LEU C 1746 15.53 -13.31 -26.29
N GLY C 1747 15.36 -12.70 -25.12
CA GLY C 1747 14.77 -13.43 -24.01
C GLY C 1747 13.33 -13.81 -24.27
N HIS C 1748 12.53 -12.87 -24.78
CA HIS C 1748 11.16 -13.20 -25.13
C HIS C 1748 11.10 -14.24 -26.23
N VAL C 1749 11.99 -14.15 -27.22
CA VAL C 1749 12.01 -15.13 -28.30
C VAL C 1749 12.29 -16.53 -27.75
N ILE C 1750 13.31 -16.65 -26.89
CA ILE C 1750 13.68 -17.97 -26.38
C ILE C 1750 12.61 -18.50 -25.42
N LEU C 1751 11.91 -17.59 -24.73
CA LEU C 1751 10.87 -18.02 -23.82
C LEU C 1751 9.64 -18.54 -24.57
N ILE C 1752 9.28 -17.89 -25.68
CA ILE C 1752 8.06 -18.26 -26.39
C ILE C 1752 8.18 -19.67 -26.97
N CYS C 1753 9.38 -20.11 -27.31
CA CYS C 1753 9.58 -21.39 -27.98
C CYS C 1753 9.25 -22.59 -27.10
N GLN C 1754 9.05 -22.40 -25.80
CA GLN C 1754 8.80 -23.49 -24.86
C GLN C 1754 7.32 -23.85 -24.75
N LEU C 1755 6.45 -23.20 -25.54
CA LEU C 1755 5.02 -23.49 -25.47
C LEU C 1755 4.64 -24.93 -25.76
N PRO C 1756 5.15 -25.59 -26.82
CA PRO C 1756 4.67 -26.94 -27.12
C PRO C 1756 4.87 -27.95 -26.02
N LEU C 1757 5.98 -27.86 -25.27
CA LEU C 1757 6.22 -28.85 -24.22
C LEU C 1757 5.36 -28.58 -22.99
N ILE C 1758 5.07 -27.30 -22.71
CA ILE C 1758 4.24 -26.96 -21.55
C ILE C 1758 2.75 -27.08 -21.84
N ILE C 1759 2.35 -27.19 -23.10
CA ILE C 1759 0.93 -27.37 -23.41
C ILE C 1759 0.44 -28.72 -22.89
N ILE C 1760 1.18 -29.79 -23.18
CA ILE C 1760 0.77 -31.14 -22.81
C ILE C 1760 0.91 -31.34 -21.29
N PRO C 1761 -0.02 -32.04 -20.64
CA PRO C 1761 0.04 -32.20 -19.19
C PRO C 1761 0.82 -33.42 -18.71
N LYS C 1762 1.09 -34.38 -19.59
CA LYS C 1762 1.74 -35.63 -19.19
C LYS C 1762 3.26 -35.51 -19.06
N ILE C 1763 3.83 -34.37 -19.42
CA ILE C 1763 5.30 -34.25 -19.44
C ILE C 1763 5.86 -34.28 -18.03
N ASP C 1764 4.99 -34.10 -17.02
CA ASP C 1764 5.46 -34.03 -15.63
C ASP C 1764 6.20 -35.29 -15.22
N LYS C 1765 5.58 -36.45 -15.44
CA LYS C 1765 6.21 -37.71 -15.00
C LYS C 1765 7.36 -38.09 -15.92
N PHE C 1766 7.21 -37.83 -17.22
CA PHE C 1766 8.30 -38.13 -18.16
C PHE C 1766 9.52 -37.28 -17.85
N HIS C 1767 9.34 -36.15 -17.16
CA HIS C 1767 10.48 -35.37 -16.69
C HIS C 1767 10.93 -35.84 -15.31
N SER C 1768 9.98 -36.26 -14.47
CA SER C 1768 10.31 -36.75 -13.13
C SER C 1768 11.12 -38.03 -13.17
N ILE C 1769 11.07 -38.77 -14.29
CA ILE C 1769 11.91 -39.96 -14.41
C ILE C 1769 13.39 -39.59 -14.32
N MET C 1770 13.73 -38.34 -14.68
CA MET C 1770 15.10 -37.89 -14.51
C MET C 1770 15.49 -37.82 -13.04
N LEU C 1771 14.52 -37.59 -12.14
CA LEU C 1771 14.81 -37.66 -10.71
C LEU C 1771 15.31 -39.05 -10.33
N PHE C 1772 14.68 -40.09 -10.89
CA PHE C 1772 15.20 -41.44 -10.72
C PHE C 1772 16.55 -41.60 -11.40
N TRP C 1773 16.77 -40.90 -12.52
CA TRP C 1773 18.09 -40.95 -13.16
C TRP C 1773 19.17 -40.31 -12.29
N LEU C 1774 18.78 -39.47 -11.32
CA LEU C 1774 19.76 -38.79 -10.49
C LEU C 1774 20.22 -39.69 -9.34
N LYS C 1775 21.39 -39.38 -8.78
CA LYS C 1775 21.86 -40.10 -7.59
C LYS C 1775 20.97 -39.89 -6.38
N PRO C 1776 20.62 -38.65 -5.95
CA PRO C 1776 19.85 -38.51 -4.71
C PRO C 1776 18.46 -39.13 -4.82
N SER C 1777 17.69 -38.71 -5.82
CA SER C 1777 16.31 -39.19 -6.03
C SER C 1777 15.47 -38.98 -4.76
N ARG C 1778 15.80 -37.95 -4.00
CA ARG C 1778 15.12 -37.63 -2.75
C ARG C 1778 14.44 -36.28 -2.90
N GLN C 1779 13.12 -36.26 -2.70
CA GLN C 1779 12.35 -35.03 -2.81
C GLN C 1779 11.50 -34.86 -1.56
N ILE C 1780 11.43 -33.62 -1.07
CA ILE C 1780 10.63 -33.26 0.09
C ILE C 1780 9.32 -32.66 -0.40
N ARG C 1781 8.24 -32.97 0.30
CA ARG C 1781 6.94 -32.41 -0.05
C ARG C 1781 6.95 -30.90 0.18
N PRO C 1782 6.24 -30.13 -0.64
CA PRO C 1782 6.20 -28.68 -0.43
C PRO C 1782 5.58 -28.35 0.92
N PRO C 1783 6.06 -27.29 1.56
CA PRO C 1783 5.46 -26.88 2.84
C PRO C 1783 4.00 -26.49 2.67
N ILE C 1784 3.22 -26.71 3.73
CA ILE C 1784 1.80 -26.40 3.68
C ILE C 1784 1.61 -24.89 3.64
N TYR C 1785 0.81 -24.43 2.68
CA TYR C 1785 0.54 -23.01 2.49
C TYR C 1785 -0.92 -22.69 2.81
N SER C 1786 -1.16 -21.49 3.33
CA SER C 1786 -2.52 -21.06 3.61
C SER C 1786 -3.21 -20.57 2.34
N LEU C 1787 -4.54 -20.46 2.41
CA LEU C 1787 -5.33 -20.09 1.25
C LEU C 1787 -5.08 -18.65 0.82
N LYS C 1788 -4.80 -17.76 1.77
CA LYS C 1788 -4.45 -16.38 1.43
C LYS C 1788 -3.21 -16.34 0.54
N GLN C 1789 -2.24 -17.21 0.83
CA GLN C 1789 -1.08 -17.35 -0.04
C GLN C 1789 -1.45 -17.95 -1.39
N THR C 1790 -2.63 -18.57 -1.51
CA THR C 1790 -3.02 -19.21 -2.76
C THR C 1790 -3.81 -18.26 -3.66
N ARG C 1791 -4.64 -17.38 -3.07
CA ARG C 1791 -5.39 -16.40 -3.87
C ARG C 1791 -4.47 -15.49 -4.67
N LEU C 1792 -3.47 -14.89 -4.02
CA LEU C 1792 -2.51 -14.07 -4.76
C LEU C 1792 -1.78 -14.90 -5.80
N ARG C 1793 -1.51 -16.17 -5.49
CA ARG C 1793 -0.79 -17.01 -6.44
C ARG C 1793 -1.57 -17.25 -7.72
N LYS C 1794 -2.83 -17.66 -7.60
CA LYS C 1794 -3.62 -17.86 -8.82
C LYS C 1794 -3.91 -16.53 -9.52
N ARG C 1795 -4.05 -15.42 -8.77
CA ARG C 1795 -4.31 -14.16 -9.47
C ARG C 1795 -3.08 -13.73 -10.28
N MET C 1796 -1.89 -13.92 -9.72
CA MET C 1796 -0.66 -13.66 -10.47
C MET C 1796 -0.51 -14.61 -11.66
N VAL C 1797 -0.85 -15.89 -11.47
CA VAL C 1797 -0.78 -16.82 -12.60
C VAL C 1797 -1.69 -16.35 -13.72
N LYS C 1798 -2.93 -15.96 -13.39
CA LYS C 1798 -3.87 -15.52 -14.43
C LYS C 1798 -3.39 -14.25 -15.12
N LYS C 1799 -2.96 -13.25 -14.34
CA LYS C 1799 -2.49 -11.99 -14.91
C LYS C 1799 -1.31 -12.20 -15.84
N TYR C 1800 -0.35 -13.02 -15.40
CA TYR C 1800 0.86 -13.19 -16.19
C TYR C 1800 0.63 -14.15 -17.36
N CYS C 1801 -0.33 -15.07 -17.22
CA CYS C 1801 -0.81 -15.81 -18.38
C CYS C 1801 -1.32 -14.87 -19.46
N SER C 1802 -2.17 -13.92 -19.06
CA SER C 1802 -2.72 -12.97 -20.02
C SER C 1802 -1.61 -12.14 -20.66
N LEU C 1803 -0.66 -11.67 -19.85
CA LEU C 1803 0.43 -10.85 -20.39
C LEU C 1803 1.30 -11.64 -21.38
N TYR C 1804 1.63 -12.88 -21.03
CA TYR C 1804 2.44 -13.71 -21.92
C TYR C 1804 1.71 -13.99 -23.23
N PHE C 1805 0.42 -14.30 -23.15
CA PHE C 1805 -0.34 -14.56 -24.37
C PHE C 1805 -0.46 -13.29 -25.21
N LEU C 1806 -0.56 -12.12 -24.57
CA LEU C 1806 -0.61 -10.86 -25.30
C LEU C 1806 0.71 -10.61 -26.04
N VAL C 1807 1.83 -10.88 -25.38
CA VAL C 1807 3.13 -10.71 -26.04
C VAL C 1807 3.24 -11.68 -27.22
N LEU C 1808 2.79 -12.92 -27.03
CA LEU C 1808 2.83 -13.90 -28.12
C LEU C 1808 1.95 -13.45 -29.29
N ALA C 1809 0.77 -12.90 -28.99
CA ALA C 1809 -0.10 -12.39 -30.04
C ALA C 1809 0.54 -11.25 -30.80
N ILE C 1810 1.23 -10.36 -30.07
CA ILE C 1810 1.96 -9.27 -30.73
C ILE C 1810 3.01 -9.83 -31.67
N PHE C 1811 3.78 -10.81 -31.19
CA PHE C 1811 4.87 -11.37 -31.97
C PHE C 1811 4.40 -12.21 -33.15
N ALA C 1812 3.16 -12.72 -33.10
CA ALA C 1812 2.60 -13.41 -34.26
C ALA C 1812 2.00 -12.43 -35.26
N GLY C 1813 1.32 -11.38 -34.75
CA GLY C 1813 0.72 -10.40 -35.63
C GLY C 1813 1.75 -9.62 -36.42
N CYS C 1814 2.86 -9.26 -35.78
CA CYS C 1814 3.88 -8.48 -36.48
C CYS C 1814 4.48 -9.24 -37.66
N ILE C 1815 4.29 -10.55 -37.74
CA ILE C 1815 4.74 -11.35 -38.86
C ILE C 1815 3.60 -11.63 -39.84
N ILE C 1816 2.40 -11.91 -39.34
CA ILE C 1816 1.30 -12.29 -40.23
C ILE C 1816 0.62 -11.11 -40.92
N GLY C 1817 0.69 -9.91 -40.36
CA GLY C 1817 0.13 -8.73 -40.99
C GLY C 1817 0.78 -8.38 -42.32
N PRO C 1818 2.12 -8.38 -42.35
CA PRO C 1818 2.82 -8.13 -43.62
C PRO C 1818 2.46 -9.14 -44.70
N ALA C 1819 1.99 -10.34 -44.33
CA ALA C 1819 1.52 -11.28 -45.36
C ALA C 1819 0.33 -10.70 -46.11
N VAL C 1820 -0.62 -10.10 -45.41
CA VAL C 1820 -1.74 -9.43 -46.06
C VAL C 1820 -1.26 -8.17 -46.77
N ALA C 1821 -0.29 -7.48 -46.18
CA ALA C 1821 0.24 -6.27 -46.82
C ALA C 1821 0.87 -6.57 -48.18
N SER C 1822 1.57 -7.70 -48.30
CA SER C 1822 2.17 -8.09 -49.57
C SER C 1822 1.15 -8.21 -50.68
N ALA C 1823 -0.10 -8.51 -50.35
CA ALA C 1823 -1.18 -8.56 -51.32
C ALA C 1823 -1.92 -7.23 -51.45
N LYS C 1824 -1.93 -6.40 -50.41
CA LYS C 1824 -2.66 -5.14 -50.47
C LYS C 1824 -1.80 -3.96 -50.91
N ILE C 1825 -0.48 -4.08 -50.88
CA ILE C 1825 0.43 -3.00 -51.27
C ILE C 1825 1.03 -3.33 -52.62
N HIS C 1826 1.38 -2.29 -53.37
CA HIS C 1826 2.01 -2.44 -54.67
C HIS C 1826 3.30 -3.25 -54.59
N PRO D 144 -58.77 2.58 56.94
CA PRO D 144 -57.33 2.31 56.96
C PRO D 144 -57.05 0.83 56.75
N ASN D 145 -55.87 0.49 56.24
CA ASN D 145 -55.51 -0.89 55.95
C ASN D 145 -56.53 -1.53 55.02
N GLU D 146 -57.11 -0.72 54.13
CA GLU D 146 -58.10 -1.18 53.18
C GLU D 146 -57.78 -0.55 51.83
N PRO D 147 -58.05 -1.23 50.72
CA PRO D 147 -57.53 -0.76 49.43
C PRO D 147 -58.17 0.52 48.92
N TYR D 148 -59.47 0.72 49.12
CA TYR D 148 -60.19 1.84 48.51
C TYR D 148 -60.95 2.57 49.60
N PRO D 149 -60.25 3.29 50.47
CA PRO D 149 -60.88 3.80 51.71
C PRO D 149 -62.03 4.76 51.49
N ALA D 150 -62.10 5.45 50.36
CA ALA D 150 -63.16 6.43 50.18
C ALA D 150 -64.50 5.80 49.81
N TRP D 151 -64.53 4.53 49.42
CA TRP D 151 -65.75 3.82 49.11
C TRP D 151 -66.09 2.73 50.10
N THR D 152 -65.13 1.89 50.48
CA THR D 152 -65.43 0.78 51.38
C THR D 152 -65.70 1.25 52.80
N ALA D 153 -64.84 2.11 53.34
CA ALA D 153 -64.95 2.53 54.73
C ALA D 153 -66.14 3.45 54.98
N ASP D 154 -66.84 3.86 53.93
CA ASP D 154 -68.05 4.66 54.06
C ASP D 154 -69.26 3.75 54.22
N SER D 155 -70.21 4.18 55.03
CA SER D 155 -71.45 3.44 55.23
C SER D 155 -72.56 3.87 54.28
N GLN D 156 -72.34 4.92 53.49
CA GLN D 156 -73.34 5.46 52.60
C GLN D 156 -73.26 4.87 51.19
N SER D 157 -72.38 3.89 50.99
CA SER D 157 -72.16 3.33 49.67
C SER D 157 -73.39 2.55 49.21
N PRO D 158 -73.98 2.89 48.07
CA PRO D 158 -75.19 2.17 47.62
C PRO D 158 -74.93 0.72 47.21
N VAL D 159 -73.73 0.37 46.78
CA VAL D 159 -73.41 -0.97 46.31
C VAL D 159 -72.08 -1.40 46.90
N SER D 160 -72.03 -2.59 47.48
CA SER D 160 -70.84 -3.08 48.16
C SER D 160 -69.83 -3.64 47.16
N ILE D 161 -68.61 -3.88 47.66
CA ILE D 161 -67.56 -4.42 46.81
C ILE D 161 -67.88 -5.86 46.42
N GLU D 162 -68.44 -6.64 47.35
CA GLU D 162 -68.75 -8.03 47.09
C GLU D 162 -69.99 -8.17 46.20
N GLN D 163 -70.70 -7.06 45.95
CA GLN D 163 -71.78 -7.06 44.98
C GLN D 163 -71.34 -6.58 43.60
N ILE D 164 -70.17 -5.99 43.47
CA ILE D 164 -69.64 -5.60 42.17
C ILE D 164 -68.77 -6.71 41.58
N GLU D 165 -68.03 -7.41 42.44
CA GLU D 165 -67.18 -8.49 41.94
C GLU D 165 -68.00 -9.58 41.25
N ASP D 166 -69.15 -9.95 41.81
CA ASP D 166 -69.94 -10.99 41.16
C ASP D 166 -70.67 -10.50 39.91
N ILE D 167 -70.93 -9.20 39.78
CA ILE D 167 -71.41 -8.68 38.50
C ILE D 167 -70.36 -8.92 37.42
N PHE D 168 -69.10 -8.56 37.72
CA PHE D 168 -68.04 -8.78 36.75
C PHE D 168 -67.91 -10.26 36.40
N ILE D 169 -67.97 -11.13 37.40
CA ILE D 169 -67.83 -12.57 37.18
C ILE D 169 -68.96 -13.11 36.33
N ASP D 170 -70.18 -12.62 36.54
CA ASP D 170 -71.31 -13.09 35.75
C ASP D 170 -71.19 -12.71 34.27
N LEU D 171 -70.85 -11.45 34.00
CA LEU D 171 -70.63 -11.07 32.60
C LEU D 171 -69.57 -11.95 31.96
N THR D 172 -68.46 -12.17 32.68
CA THR D 172 -67.36 -12.94 32.11
C THR D 172 -67.79 -14.37 31.80
N ASN D 173 -68.55 -14.99 32.69
CA ASN D 173 -69.05 -16.33 32.40
C ASN D 173 -69.94 -16.33 31.17
N ARG D 174 -70.75 -15.28 30.99
CA ARG D 174 -71.76 -15.36 29.93
C ARG D 174 -71.21 -15.06 28.54
N LEU D 175 -70.30 -14.10 28.39
CA LEU D 175 -69.85 -13.74 27.04
C LEU D 175 -68.44 -14.20 26.71
N GLY D 176 -67.77 -14.92 27.60
CA GLY D 176 -66.49 -15.54 27.31
C GLY D 176 -65.26 -14.65 27.22
N PHE D 177 -65.06 -13.77 28.19
CA PHE D 177 -63.85 -12.95 28.24
C PHE D 177 -62.70 -13.76 28.83
N GLN D 178 -61.54 -13.10 28.97
CA GLN D 178 -60.41 -13.71 29.67
C GLN D 178 -60.43 -13.33 31.14
N ARG D 179 -59.97 -14.25 31.99
CA ARG D 179 -59.97 -13.99 33.42
C ARG D 179 -58.91 -12.95 33.81
N ASP D 180 -57.70 -13.10 33.29
CA ASP D 180 -56.61 -12.20 33.64
C ASP D 180 -56.76 -10.82 33.02
N SER D 181 -57.87 -10.55 32.32
CA SER D 181 -58.25 -9.19 31.99
C SER D 181 -59.43 -8.71 32.81
N MET D 182 -60.31 -9.63 33.23
CA MET D 182 -61.38 -9.26 34.14
C MET D 182 -60.81 -8.72 35.45
N ARG D 183 -59.73 -9.32 35.94
CA ARG D 183 -59.11 -8.83 37.16
C ARG D 183 -58.52 -7.43 36.97
N ASN D 184 -57.89 -7.20 35.82
CA ASN D 184 -57.29 -5.91 35.51
C ASN D 184 -58.34 -4.81 35.51
N MET D 185 -59.48 -5.06 34.87
CA MET D 185 -60.52 -4.03 34.77
C MET D 185 -61.32 -3.86 36.06
N PHE D 186 -61.42 -4.88 36.90
CA PHE D 186 -62.01 -4.69 38.22
C PHE D 186 -61.17 -3.72 39.05
N ASP D 187 -59.84 -3.88 39.00
CA ASP D 187 -58.95 -2.93 39.68
C ASP D 187 -59.10 -1.51 39.14
N HIS D 188 -59.12 -1.37 37.81
CA HIS D 188 -59.29 -0.06 37.17
C HIS D 188 -60.57 0.64 37.63
N PHE D 189 -61.70 -0.07 37.57
CA PHE D 189 -62.98 0.51 37.97
C PHE D 189 -62.99 0.95 39.42
N MET D 190 -62.47 0.10 40.31
CA MET D 190 -62.49 0.44 41.73
C MET D 190 -61.67 1.69 42.01
N VAL D 191 -60.50 1.83 41.37
CA VAL D 191 -59.69 3.01 41.60
C VAL D 191 -60.41 4.27 41.12
N LEU D 192 -61.13 4.18 40.00
CA LEU D 192 -61.92 5.34 39.54
C LEU D 192 -62.96 5.76 40.59
N LEU D 193 -63.69 4.79 41.15
CA LEU D 193 -64.70 5.12 42.16
C LEU D 193 -64.06 5.77 43.38
N ASP D 194 -62.94 5.22 43.86
CA ASP D 194 -62.22 5.81 44.98
C ASP D 194 -61.83 7.25 44.69
N SER D 195 -61.24 7.50 43.51
CA SER D 195 -60.75 8.85 43.21
C SER D 195 -61.88 9.85 43.18
N ARG D 196 -63.04 9.49 42.65
CA ARG D 196 -64.09 10.51 42.59
C ARG D 196 -64.81 10.68 43.92
N SER D 197 -64.86 9.66 44.77
CA SER D 197 -65.62 9.74 46.01
C SER D 197 -64.87 10.40 47.15
N SER D 198 -63.64 10.84 46.94
CA SER D 198 -62.87 11.51 47.98
C SER D 198 -63.07 13.03 47.99
N ARG D 199 -63.86 13.58 47.07
CA ARG D 199 -64.25 14.97 47.14
C ARG D 199 -65.74 15.16 46.91
N MET D 200 -66.53 14.10 46.97
CA MET D 200 -67.97 14.17 46.78
C MET D 200 -68.59 12.92 47.40
N SER D 201 -69.92 12.83 47.35
CA SER D 201 -70.62 11.71 47.92
C SER D 201 -70.52 10.48 47.03
N PRO D 202 -70.61 9.28 47.58
CA PRO D 202 -70.52 8.07 46.73
C PRO D 202 -71.57 7.98 45.63
N ASP D 203 -72.82 8.31 45.93
CA ASP D 203 -73.87 8.20 44.93
C ASP D 203 -73.64 9.19 43.79
N GLN D 204 -73.22 10.41 44.12
CA GLN D 204 -72.84 11.37 43.11
C GLN D 204 -71.69 10.85 42.24
N ALA D 205 -70.76 10.12 42.85
CA ALA D 205 -69.64 9.57 42.09
C ALA D 205 -70.12 8.57 41.04
N LEU D 206 -70.97 7.62 41.45
CA LEU D 206 -71.45 6.62 40.50
C LEU D 206 -72.28 7.27 39.39
N LEU D 207 -73.14 8.22 39.75
CA LEU D 207 -73.96 8.90 38.75
C LEU D 207 -73.12 9.69 37.75
N SER D 208 -72.08 10.38 38.24
CA SER D 208 -71.24 11.16 37.34
C SER D 208 -70.43 10.27 36.41
N LEU D 209 -69.94 9.13 36.90
CA LEU D 209 -69.26 8.21 36.00
C LEU D 209 -70.19 7.69 34.92
N HIS D 210 -71.42 7.33 35.29
CA HIS D 210 -72.36 6.85 34.28
C HIS D 210 -72.65 7.92 33.24
N ALA D 211 -72.82 9.17 33.67
CA ALA D 211 -73.04 10.25 32.71
C ALA D 211 -71.83 10.44 31.80
N ASP D 212 -70.63 10.22 32.32
CA ASP D 212 -69.43 10.45 31.53
C ASP D 212 -69.16 9.35 30.52
N TYR D 213 -69.60 8.12 30.79
CA TYR D 213 -69.22 7.02 29.91
C TYR D 213 -70.31 6.62 28.93
N ILE D 214 -71.58 6.60 29.35
CA ILE D 214 -72.67 6.10 28.51
C ILE D 214 -73.75 7.14 28.22
N GLY D 215 -74.29 7.78 29.25
CA GLY D 215 -75.58 8.44 29.09
C GLY D 215 -75.70 9.95 28.91
N GLY D 216 -74.62 10.71 28.96
CA GLY D 216 -74.73 12.16 28.98
C GLY D 216 -74.50 12.84 27.65
N ASP D 217 -74.51 14.17 27.69
CA ASP D 217 -74.09 14.99 26.55
C ASP D 217 -72.58 15.12 26.44
N THR D 218 -71.83 14.69 27.44
CA THR D 218 -70.39 14.54 27.33
C THR D 218 -69.97 13.11 27.04
N ALA D 219 -70.90 12.26 26.61
CA ALA D 219 -70.60 10.89 26.23
C ALA D 219 -70.37 10.80 24.74
N ASN D 220 -69.56 9.82 24.33
CA ASN D 220 -69.38 9.52 22.92
C ASN D 220 -70.43 8.54 22.41
N TYR D 221 -70.85 7.61 23.26
CA TYR D 221 -71.84 6.61 22.86
C TYR D 221 -73.17 7.26 22.51
N LYS D 222 -73.56 8.30 23.25
CA LYS D 222 -74.79 8.99 22.92
C LYS D 222 -74.72 9.65 21.55
N LYS D 223 -73.58 10.28 21.24
CA LYS D 223 -73.41 10.92 19.95
C LYS D 223 -73.47 9.92 18.80
N TRP D 224 -72.79 8.78 18.94
CA TRP D 224 -72.92 7.75 17.91
C TRP D 224 -74.35 7.25 17.80
N TYR D 225 -75.04 7.08 18.93
CA TYR D 225 -76.39 6.54 18.89
C TYR D 225 -77.34 7.48 18.17
N PHE D 226 -77.17 8.79 18.38
CA PHE D 226 -78.06 9.74 17.74
C PHE D 226 -77.73 9.94 16.27
N ALA D 227 -76.47 9.75 15.88
CA ALA D 227 -76.15 9.92 14.46
C ALA D 227 -76.44 8.67 13.64
N ALA D 228 -76.04 7.50 14.11
CA ALA D 228 -76.06 6.29 13.30
C ALA D 228 -77.24 5.38 13.56
N GLN D 229 -78.14 5.73 14.48
CA GLN D 229 -79.30 4.92 14.77
C GLN D 229 -80.61 5.68 14.58
N LEU D 230 -80.73 6.84 15.22
CA LEU D 230 -81.89 7.70 15.06
C LEU D 230 -81.78 8.64 13.87
N ASP D 231 -80.62 8.68 13.20
CA ASP D 231 -80.41 9.45 11.98
C ASP D 231 -80.78 10.92 12.16
N MET D 232 -80.05 11.57 13.07
CA MET D 232 -80.33 12.94 13.46
C MET D 232 -79.10 13.83 13.36
N ASP D 233 -78.42 13.80 12.21
CA ASP D 233 -77.22 14.63 12.03
C ASP D 233 -77.56 16.07 11.65
N ASP D 234 -78.51 16.24 10.71
CA ASP D 234 -78.83 17.57 10.21
C ASP D 234 -79.42 18.46 11.28
N GLU D 235 -80.27 17.90 12.15
CA GLU D 235 -80.84 18.67 13.24
C GLU D 235 -79.77 19.16 14.20
N ILE D 236 -78.76 18.31 14.46
CA ILE D 236 -77.64 18.73 15.29
C ILE D 236 -76.87 19.86 14.63
N GLY D 237 -76.67 19.78 13.32
CA GLY D 237 -76.03 20.87 12.61
C GLY D 237 -76.81 22.18 12.74
N PHE D 238 -78.13 22.11 12.55
CA PHE D 238 -78.96 23.30 12.71
C PHE D 238 -78.87 23.87 14.12
N ARG D 239 -78.92 23.00 15.12
CA ARG D 239 -78.84 23.47 16.51
C ARG D 239 -77.51 24.15 16.78
N ASN D 240 -76.41 23.58 16.28
CA ASN D 240 -75.11 24.23 16.43
C ASN D 240 -75.09 25.59 15.75
N MET D 241 -75.75 25.70 14.58
CA MET D 241 -75.79 26.99 13.89
C MET D 241 -76.57 28.02 14.70
N SER D 242 -77.71 27.64 15.27
CA SER D 242 -78.62 28.60 15.87
C SER D 242 -78.50 28.70 17.38
N LEU D 243 -77.46 28.10 17.98
CA LEU D 243 -77.25 28.28 19.41
C LEU D 243 -77.11 29.75 19.80
N GLY D 244 -76.68 30.60 18.86
CA GLY D 244 -76.55 32.03 19.17
C GLY D 244 -77.86 32.65 19.62
N LYS D 245 -78.96 32.26 18.97
CA LYS D 245 -80.28 32.78 19.33
C LYS D 245 -81.04 31.87 20.28
N LEU D 246 -80.71 30.57 20.31
CA LEU D 246 -81.42 29.65 21.22
C LEU D 246 -81.13 29.99 22.68
N SER D 247 -79.89 30.32 23.00
CA SER D 247 -79.51 30.67 24.37
C SER D 247 -80.03 32.05 24.75
N ASN D 280 -89.40 11.91 16.57
CA ASN D 280 -89.87 12.72 15.46
C ASN D 280 -89.17 14.08 15.46
N SER D 281 -88.56 14.42 16.59
CA SER D 281 -87.83 15.67 16.71
C SER D 281 -86.73 15.50 17.75
N LEU D 282 -85.74 16.38 17.69
CA LEU D 282 -84.59 16.27 18.56
C LEU D 282 -84.98 16.43 20.02
N GLU D 283 -85.89 17.36 20.31
CA GLU D 283 -86.38 17.55 21.69
C GLU D 283 -87.12 16.31 22.19
N ALA D 284 -87.94 15.70 21.35
CA ALA D 284 -88.65 14.49 21.77
C ALA D 284 -87.69 13.35 22.07
N ALA D 285 -86.71 13.14 21.20
CA ALA D 285 -85.76 12.06 21.43
C ALA D 285 -84.93 12.30 22.68
N ASP D 286 -84.50 13.53 22.91
CA ASP D 286 -83.75 13.84 24.12
C ASP D 286 -84.60 13.64 25.36
N PHE D 287 -85.88 14.01 25.29
CA PHE D 287 -86.79 13.81 26.42
C PHE D 287 -86.94 12.33 26.75
N ARG D 288 -87.12 11.49 25.73
CA ARG D 288 -87.25 10.06 25.98
C ARG D 288 -85.97 9.45 26.52
N TRP D 289 -84.81 9.86 25.97
CA TRP D 289 -83.53 9.34 26.46
C TRP D 289 -83.34 9.68 27.93
N LYS D 290 -83.60 10.94 28.31
CA LYS D 290 -83.48 11.30 29.72
C LYS D 290 -84.46 10.54 30.58
N ALA D 291 -85.68 10.33 30.08
CA ALA D 291 -86.69 9.60 30.85
C ALA D 291 -86.24 8.17 31.12
N LYS D 292 -85.65 7.51 30.13
CA LYS D 292 -85.21 6.13 30.34
C LYS D 292 -84.01 6.07 31.26
N MET D 293 -83.07 7.01 31.14
CA MET D 293 -81.88 6.97 31.97
C MET D 293 -82.13 7.46 33.39
N ASN D 294 -83.26 8.10 33.68
CA ASN D 294 -83.51 8.60 35.02
C ASN D 294 -84.06 7.56 35.99
N GLN D 295 -84.35 6.34 35.56
CA GLN D 295 -85.04 5.39 36.41
C GLN D 295 -84.29 4.07 36.55
N LEU D 296 -82.97 4.10 36.51
CA LEU D 296 -82.16 2.89 36.59
C LEU D 296 -81.66 2.68 38.01
N SER D 297 -81.63 1.43 38.45
CA SER D 297 -81.05 1.07 39.73
C SER D 297 -79.54 1.21 39.68
N PRO D 298 -78.89 1.40 40.83
CA PRO D 298 -77.42 1.44 40.83
C PRO D 298 -76.77 0.16 40.34
N LEU D 299 -77.38 -1.00 40.58
CA LEU D 299 -76.83 -2.24 40.06
C LEU D 299 -76.78 -2.21 38.54
N GLU D 300 -77.81 -1.66 37.91
CA GLU D 300 -77.84 -1.57 36.45
C GLU D 300 -76.75 -0.62 35.93
N ARG D 301 -76.49 0.47 36.65
CA ARG D 301 -75.41 1.36 36.25
C ARG D 301 -74.05 0.69 36.35
N VAL D 302 -73.83 -0.09 37.41
CA VAL D 302 -72.57 -0.82 37.53
C VAL D 302 -72.41 -1.80 36.37
N ARG D 303 -73.48 -2.52 36.02
CA ARG D 303 -73.41 -3.47 34.90
C ARG D 303 -73.11 -2.77 33.58
N HIS D 304 -73.78 -1.64 33.31
CA HIS D 304 -73.57 -0.91 32.07
C HIS D 304 -72.13 -0.43 31.94
N ILE D 305 -71.55 0.13 33.00
CA ILE D 305 -70.17 0.62 32.90
C ILE D 305 -69.21 -0.56 32.75
N ALA D 306 -69.47 -1.64 33.48
CA ALA D 306 -68.56 -2.78 33.46
C ALA D 306 -68.46 -3.41 32.09
N LEU D 307 -69.57 -3.53 31.36
CA LEU D 307 -69.49 -4.17 30.06
C LEU D 307 -68.62 -3.39 29.08
N TYR D 308 -68.77 -2.05 29.05
CA TYR D 308 -67.92 -1.24 28.18
C TYR D 308 -66.45 -1.36 28.55
N LEU D 309 -66.12 -1.31 29.85
CA LEU D 309 -64.71 -1.42 30.22
C LEU D 309 -64.15 -2.79 29.82
N LEU D 310 -64.93 -3.85 30.02
CA LEU D 310 -64.47 -5.18 29.65
C LEU D 310 -64.19 -5.27 28.16
N CYS D 311 -65.05 -4.69 27.34
CA CYS D 311 -64.82 -4.69 25.89
C CYS D 311 -63.59 -3.88 25.53
N TRP D 312 -63.41 -2.71 26.14
CA TRP D 312 -62.28 -1.85 25.85
C TRP D 312 -60.95 -2.50 26.23
N GLY D 313 -60.96 -3.42 27.20
CA GLY D 313 -59.73 -4.05 27.65
C GLY D 313 -59.13 -5.08 26.70
N GLU D 314 -59.92 -5.70 25.81
CA GLU D 314 -59.42 -6.67 24.84
C GLU D 314 -59.14 -6.09 23.47
N ALA D 315 -59.64 -4.89 23.17
CA ALA D 315 -59.83 -4.46 21.79
C ALA D 315 -58.54 -4.23 21.03
N ASN D 316 -57.39 -4.27 21.68
CA ASN D 316 -56.13 -4.38 20.96
C ASN D 316 -55.89 -3.19 20.04
N GLN D 317 -55.99 -3.38 18.72
CA GLN D 317 -55.82 -2.27 17.80
C GLN D 317 -57.13 -1.60 17.43
N VAL D 318 -58.27 -2.22 17.75
CA VAL D 318 -59.58 -1.61 17.56
C VAL D 318 -59.84 -0.51 18.58
N ARG D 319 -58.89 -0.26 19.48
CA ARG D 319 -58.98 0.89 20.37
C ARG D 319 -58.78 2.20 19.62
N PHE D 320 -58.01 2.17 18.52
CA PHE D 320 -57.81 3.35 17.70
C PHE D 320 -59.06 3.78 16.95
N THR D 321 -60.07 2.91 16.85
CA THR D 321 -61.29 3.18 16.10
C THR D 321 -62.49 3.08 17.05
N ALA D 322 -63.00 4.23 17.48
CA ALA D 322 -63.97 4.28 18.57
C ALA D 322 -65.38 3.84 18.16
N GLU D 323 -65.82 4.23 16.96
CA GLU D 323 -67.20 3.94 16.55
C GLU D 323 -67.41 2.47 16.24
N CYS D 324 -66.36 1.78 15.80
CA CYS D 324 -66.41 0.34 15.67
C CYS D 324 -66.68 -0.30 17.03
N LEU D 325 -66.02 0.20 18.08
CA LEU D 325 -66.23 -0.29 19.43
C LEU D 325 -67.65 -0.03 19.91
N CYS D 326 -68.20 1.14 19.59
CA CYS D 326 -69.58 1.44 19.97
C CYS D 326 -70.56 0.46 19.32
N PHE D 327 -70.36 0.16 18.03
CA PHE D 327 -71.19 -0.84 17.37
C PHE D 327 -71.12 -2.20 18.09
N ILE D 328 -69.90 -2.64 18.43
CA ILE D 328 -69.73 -3.95 19.07
C ILE D 328 -70.42 -3.99 20.43
N TYR D 329 -70.25 -2.94 21.22
CA TYR D 329 -70.89 -2.87 22.53
C TYR D 329 -72.41 -2.91 22.41
N LYS D 330 -72.98 -2.15 21.48
CA LYS D 330 -74.43 -2.19 21.30
C LYS D 330 -74.94 -3.58 20.96
N CYS D 331 -74.26 -4.27 20.04
CA CYS D 331 -74.69 -5.61 19.68
C CYS D 331 -74.66 -6.55 20.88
N ALA D 332 -73.57 -6.51 21.66
CA ALA D 332 -73.45 -7.40 22.80
C ALA D 332 -74.54 -7.14 23.83
N LEU D 333 -74.82 -5.87 24.11
CA LEU D 333 -75.88 -5.53 25.06
C LEU D 333 -77.23 -6.02 24.57
N ASP D 334 -77.51 -5.89 23.28
CA ASP D 334 -78.77 -6.44 22.75
C ASP D 334 -78.86 -7.95 22.95
N TYR D 335 -77.73 -8.65 22.87
CA TYR D 335 -77.76 -10.10 23.09
C TYR D 335 -77.99 -10.46 24.55
N LEU D 336 -77.41 -9.69 25.48
CA LEU D 336 -77.45 -10.12 26.88
C LEU D 336 -78.86 -10.18 27.44
N ASP D 337 -79.70 -9.20 27.12
CA ASP D 337 -81.03 -9.13 27.72
C ASP D 337 -82.04 -10.07 27.08
N SER D 338 -81.64 -10.83 26.06
CA SER D 338 -82.57 -11.63 25.29
C SER D 338 -82.99 -12.88 26.05
N PRO D 339 -84.14 -13.46 25.71
CA PRO D 339 -84.48 -14.79 26.23
C PRO D 339 -83.56 -15.87 25.70
N LEU D 340 -82.78 -15.62 24.66
CA LEU D 340 -81.81 -16.60 24.20
C LEU D 340 -80.73 -16.85 25.24
N CYS D 341 -80.20 -15.79 25.84
CA CYS D 341 -79.07 -15.93 26.76
C CYS D 341 -79.51 -16.47 28.11
N GLN D 342 -80.64 -15.98 28.64
CA GLN D 342 -81.02 -16.26 30.02
C GLN D 342 -81.58 -17.66 30.22
N GLN D 343 -81.73 -18.45 29.15
CA GLN D 343 -82.08 -19.86 29.28
C GLN D 343 -80.95 -20.80 28.92
N ARG D 344 -79.79 -20.30 28.48
CA ARG D 344 -78.68 -21.18 28.19
C ARG D 344 -78.12 -21.80 29.46
N GLN D 345 -77.67 -23.04 29.36
CA GLN D 345 -77.18 -23.75 30.54
C GLN D 345 -75.66 -23.63 30.73
N GLU D 346 -74.90 -24.19 29.79
CA GLU D 346 -73.44 -24.21 29.91
C GLU D 346 -72.86 -22.83 29.62
N PRO D 347 -71.70 -22.51 30.20
CA PRO D 347 -71.06 -21.22 29.89
C PRO D 347 -70.38 -21.25 28.53
N MET D 348 -70.06 -20.05 28.05
CA MET D 348 -69.32 -19.92 26.80
C MET D 348 -67.84 -20.23 27.05
N PRO D 349 -67.19 -20.99 26.17
CA PRO D 349 -65.77 -21.32 26.36
C PRO D 349 -64.90 -20.06 26.40
N GLU D 350 -63.87 -20.11 27.25
CA GLU D 350 -63.04 -18.95 27.50
C GLU D 350 -62.25 -18.55 26.25
N GLY D 351 -62.02 -17.24 26.10
CA GLY D 351 -61.29 -16.71 24.97
C GLY D 351 -62.13 -16.54 23.73
N ASP D 352 -63.45 -16.55 23.86
CA ASP D 352 -64.32 -16.57 22.69
C ASP D 352 -64.41 -15.19 22.04
N PHE D 353 -64.44 -14.13 22.85
CA PHE D 353 -64.54 -12.78 22.32
C PHE D 353 -63.35 -12.44 21.44
N LEU D 354 -62.14 -12.80 21.85
CA LEU D 354 -60.96 -12.44 21.08
C LEU D 354 -60.81 -13.32 19.84
N ASN D 355 -61.15 -14.60 19.93
CA ASN D 355 -61.01 -15.45 18.75
C ASN D 355 -62.06 -15.13 17.70
N ARG D 356 -63.31 -14.96 18.10
CA ARG D 356 -64.39 -14.89 17.12
C ARG D 356 -64.67 -13.48 16.62
N VAL D 357 -64.38 -12.45 17.39
CA VAL D 357 -64.78 -11.09 17.05
C VAL D 357 -63.61 -10.20 16.66
N ILE D 358 -62.54 -10.19 17.44
CA ILE D 358 -61.51 -9.16 17.30
C ILE D 358 -60.44 -9.53 16.28
N THR D 359 -60.03 -10.80 16.23
CA THR D 359 -58.93 -11.18 15.33
C THR D 359 -59.20 -10.93 13.86
N PRO D 360 -60.37 -11.25 13.28
CA PRO D 360 -60.58 -10.95 11.85
C PRO D 360 -60.33 -9.50 11.45
N ILE D 361 -60.72 -8.54 12.28
CA ILE D 361 -60.48 -7.14 11.94
C ILE D 361 -58.99 -6.83 11.95
N TYR D 362 -58.25 -7.40 12.91
CA TYR D 362 -56.81 -7.21 12.93
C TYR D 362 -56.16 -7.83 11.70
N HIS D 363 -56.67 -8.99 11.27
CA HIS D 363 -56.16 -9.65 10.07
C HIS D 363 -56.37 -8.78 8.84
N PHE D 364 -57.57 -8.19 8.70
CA PHE D 364 -57.78 -7.25 7.60
C PHE D 364 -56.76 -6.13 7.66
N ILE D 365 -56.58 -5.53 8.83
CA ILE D 365 -55.71 -4.37 8.94
C ILE D 365 -54.28 -4.72 8.54
N ARG D 366 -53.79 -5.87 8.99
CA ARG D 366 -52.41 -6.22 8.68
C ARG D 366 -52.22 -6.66 7.24
N ASN D 367 -53.24 -7.30 6.65
CA ASN D 367 -53.13 -7.82 5.29
C ASN D 367 -53.06 -6.73 4.24
N GLN D 368 -52.84 -5.47 4.62
CA GLN D 368 -52.67 -4.40 3.64
C GLN D 368 -51.38 -3.60 3.80
N VAL D 369 -50.54 -3.93 4.77
CA VAL D 369 -49.20 -3.37 4.84
C VAL D 369 -48.14 -4.43 4.62
N TYR D 370 -48.49 -5.70 4.83
CA TYR D 370 -47.56 -6.81 4.73
C TYR D 370 -48.15 -7.91 3.85
N GLU D 371 -47.25 -8.77 3.36
CA GLU D 371 -47.64 -9.93 2.58
C GLU D 371 -46.75 -11.10 2.97
N ILE D 372 -47.26 -12.31 2.76
CA ILE D 372 -46.55 -13.52 3.17
C ILE D 372 -45.71 -14.01 2.01
N VAL D 373 -44.39 -13.95 2.17
CA VAL D 373 -43.46 -14.42 1.17
C VAL D 373 -42.51 -15.41 1.81
N ASP D 374 -42.42 -16.62 1.24
CA ASP D 374 -41.57 -17.71 1.73
C ASP D 374 -41.65 -17.88 3.24
N GLY D 375 -42.86 -17.76 3.79
CA GLY D 375 -43.08 -17.99 5.20
C GLY D 375 -42.76 -16.83 6.12
N ARG D 376 -42.56 -15.63 5.58
CA ARG D 376 -42.28 -14.45 6.37
C ARG D 376 -43.24 -13.33 5.98
N PHE D 377 -43.35 -12.32 6.83
CA PHE D 377 -44.15 -11.13 6.54
C PHE D 377 -43.25 -10.00 6.07
N VAL D 378 -43.36 -9.63 4.80
CA VAL D 378 -42.56 -8.60 4.18
C VAL D 378 -43.48 -7.48 3.71
N LYS D 379 -43.07 -6.24 3.95
CA LYS D 379 -43.94 -5.09 3.67
C LYS D 379 -44.02 -4.87 2.17
N ARG D 380 -45.24 -4.82 1.65
CA ARG D 380 -45.45 -4.59 0.23
C ARG D 380 -45.62 -3.10 -0.04
N GLU D 381 -45.09 -2.66 -1.18
CA GLU D 381 -45.09 -1.25 -1.55
C GLU D 381 -46.19 -0.97 -2.57
N ARG D 382 -47.08 -0.05 -2.22
CA ARG D 382 -48.15 0.37 -3.11
C ARG D 382 -48.59 1.77 -2.70
N ASP D 383 -49.25 2.46 -3.61
CA ASP D 383 -49.63 3.85 -3.35
C ASP D 383 -50.70 3.92 -2.27
N HIS D 384 -50.61 4.97 -1.44
CA HIS D 384 -51.51 5.15 -0.31
C HIS D 384 -52.95 5.34 -0.73
N ASN D 385 -53.21 5.70 -1.98
CA ASN D 385 -54.57 5.84 -2.45
C ASN D 385 -55.27 4.49 -2.57
N LYS D 386 -54.55 3.39 -2.34
CA LYS D 386 -55.13 2.05 -2.30
C LYS D 386 -54.92 1.37 -0.95
N ILE D 387 -54.47 2.10 0.07
CA ILE D 387 -54.31 1.58 1.42
C ILE D 387 -55.41 2.16 2.30
N VAL D 388 -56.10 1.29 3.02
CA VAL D 388 -57.17 1.68 3.93
C VAL D 388 -56.60 1.76 5.33
N GLY D 389 -56.73 2.93 5.97
CA GLY D 389 -56.16 3.15 7.28
C GLY D 389 -57.19 3.03 8.39
N TYR D 390 -56.82 3.52 9.57
CA TYR D 390 -57.72 3.48 10.72
C TYR D 390 -58.93 4.37 10.51
N ASP D 391 -58.73 5.56 9.94
CA ASP D 391 -59.82 6.52 9.77
C ASP D 391 -60.84 6.05 8.77
N ASP D 392 -60.41 5.35 7.72
CA ASP D 392 -61.34 4.87 6.71
C ASP D 392 -62.20 3.72 7.23
N LEU D 393 -61.67 2.90 8.15
CA LEU D 393 -62.55 1.99 8.88
C LEU D 393 -63.50 2.75 9.79
N ASN D 394 -62.96 3.69 10.57
CA ASN D 394 -63.75 4.38 11.57
C ASN D 394 -64.98 5.04 10.95
N GLN D 395 -64.82 5.63 9.76
CA GLN D 395 -65.88 6.43 9.16
C GLN D 395 -67.04 5.62 8.58
N LEU D 396 -66.91 4.29 8.47
CA LEU D 396 -68.03 3.52 7.93
C LEU D 396 -69.21 3.50 8.89
N PHE D 397 -68.93 3.54 10.19
CA PHE D 397 -69.96 3.43 11.21
C PHE D 397 -70.51 4.77 11.65
N TRP D 398 -70.48 5.77 10.76
CA TRP D 398 -71.05 7.08 11.07
C TRP D 398 -72.43 7.29 10.46
N TYR D 399 -72.83 6.45 9.50
CA TYR D 399 -74.08 6.56 8.78
C TYR D 399 -74.81 5.23 8.77
N PRO D 400 -76.13 5.24 8.73
CA PRO D 400 -76.84 3.98 8.48
C PRO D 400 -76.51 3.38 7.14
N GLU D 401 -76.12 4.23 6.19
CA GLU D 401 -75.79 3.76 4.86
C GLU D 401 -74.55 2.87 4.87
N GLY D 402 -73.58 3.19 5.72
CA GLY D 402 -72.44 2.30 5.90
C GLY D 402 -72.80 1.02 6.63
N ILE D 403 -73.61 1.13 7.68
CA ILE D 403 -74.01 -0.05 8.45
C ILE D 403 -74.75 -1.03 7.55
N ALA D 404 -75.44 -0.52 6.53
CA ALA D 404 -76.24 -1.37 5.67
C ALA D 404 -75.42 -2.22 4.71
N LYS D 405 -74.12 -2.01 4.60
CA LYS D 405 -73.30 -2.72 3.62
C LYS D 405 -72.65 -3.99 4.17
N ILE D 406 -72.89 -4.34 5.43
CA ILE D 406 -72.19 -5.46 6.06
C ILE D 406 -72.90 -6.76 5.72
N VAL D 407 -72.15 -7.72 5.18
CA VAL D 407 -72.71 -8.90 4.53
C VAL D 407 -72.08 -10.17 5.08
N LEU D 408 -72.90 -11.20 5.27
CA LEU D 408 -72.43 -12.48 5.78
C LEU D 408 -71.94 -13.35 4.64
N GLU D 409 -71.61 -14.61 4.93
CA GLU D 409 -71.12 -15.52 3.91
C GLU D 409 -72.24 -16.04 3.03
N ASP D 410 -73.47 -16.10 3.54
CA ASP D 410 -74.62 -16.49 2.74
C ASP D 410 -75.00 -15.46 1.69
N GLY D 411 -74.38 -14.28 1.71
CA GLY D 411 -74.79 -13.18 0.87
C GLY D 411 -75.87 -12.31 1.46
N THR D 412 -76.41 -12.69 2.62
CA THR D 412 -77.44 -11.93 3.29
C THR D 412 -76.83 -10.77 4.07
N LYS D 413 -77.66 -9.76 4.30
CA LYS D 413 -77.23 -8.59 5.05
C LYS D 413 -77.27 -8.85 6.55
N LEU D 414 -76.40 -8.17 7.29
CA LEU D 414 -76.43 -8.26 8.74
C LEU D 414 -77.74 -7.69 9.30
N ILE D 415 -78.14 -6.52 8.83
CA ILE D 415 -79.25 -5.82 9.47
C ILE D 415 -80.61 -6.44 9.15
N GLU D 416 -80.64 -7.53 8.38
CA GLU D 416 -81.90 -8.24 8.17
C GLU D 416 -82.29 -9.08 9.37
N LEU D 417 -81.32 -9.60 10.13
CA LEU D 417 -81.59 -10.42 11.29
C LEU D 417 -82.31 -9.62 12.37
N PRO D 418 -83.06 -10.28 13.24
CA PRO D 418 -83.60 -9.59 14.43
C PRO D 418 -82.46 -9.15 15.33
N LEU D 419 -82.75 -8.12 16.15
CA LEU D 419 -81.69 -7.42 16.86
C LEU D 419 -80.86 -8.36 17.73
N GLU D 420 -81.49 -9.37 18.32
CA GLU D 420 -80.85 -10.20 19.33
C GLU D 420 -80.01 -11.34 18.75
N GLU D 421 -79.89 -11.44 17.43
CA GLU D 421 -79.16 -12.52 16.80
C GLU D 421 -77.89 -12.06 16.09
N ARG D 422 -77.68 -10.75 15.96
CA ARG D 422 -76.55 -10.22 15.20
C ARG D 422 -75.22 -10.46 15.88
N TYR D 423 -75.18 -10.50 17.22
CA TYR D 423 -73.90 -10.71 17.90
C TYR D 423 -73.41 -12.14 17.70
N LEU D 424 -74.31 -13.11 17.63
CA LEU D 424 -73.88 -14.50 17.52
C LEU D 424 -73.22 -14.77 16.18
N ARG D 425 -73.56 -14.02 15.14
CA ARG D 425 -73.04 -14.26 13.81
C ARG D 425 -71.86 -13.37 13.47
N LEU D 426 -71.47 -12.48 14.37
CA LEU D 426 -70.49 -11.45 14.07
C LEU D 426 -69.13 -12.02 13.71
N GLY D 427 -69.01 -13.33 13.57
CA GLY D 427 -67.82 -14.00 13.12
C GLY D 427 -67.83 -14.46 11.69
N ASP D 428 -68.94 -14.32 10.96
CA ASP D 428 -69.05 -14.66 9.55
C ASP D 428 -68.85 -13.47 8.62
N VAL D 429 -68.85 -12.26 9.14
CA VAL D 429 -68.76 -11.06 8.31
C VAL D 429 -67.40 -11.03 7.62
N VAL D 430 -67.41 -10.78 6.31
CA VAL D 430 -66.20 -10.72 5.50
C VAL D 430 -65.85 -9.26 5.26
N TRP D 431 -64.67 -8.83 5.72
CA TRP D 431 -64.34 -7.42 5.78
C TRP D 431 -63.54 -6.93 4.57
N ASP D 432 -63.24 -7.80 3.60
CA ASP D 432 -62.65 -7.32 2.36
C ASP D 432 -63.70 -6.75 1.41
N ASP D 433 -64.94 -7.21 1.50
CA ASP D 433 -66.02 -6.76 0.65
C ASP D 433 -66.70 -5.51 1.18
N VAL D 434 -66.21 -4.95 2.29
CA VAL D 434 -66.94 -3.89 2.97
C VAL D 434 -66.17 -2.57 2.97
N PHE D 435 -64.95 -2.57 3.49
CA PHE D 435 -64.24 -1.32 3.70
C PHE D 435 -63.63 -0.78 2.41
N PHE D 436 -63.69 0.54 2.27
CA PHE D 436 -63.20 1.25 1.09
C PHE D 436 -62.55 2.54 1.52
N LYS D 437 -62.11 3.32 0.54
CA LYS D 437 -61.41 4.58 0.80
C LYS D 437 -62.38 5.76 0.78
N THR D 438 -62.12 6.75 1.64
CA THR D 438 -63.05 7.86 1.85
C THR D 438 -62.47 9.25 1.59
N TYR D 439 -61.17 9.37 1.35
CA TYR D 439 -60.55 10.66 1.10
C TYR D 439 -59.21 10.42 0.42
N LYS D 440 -58.97 11.14 -0.66
CA LYS D 440 -57.82 10.87 -1.53
C LYS D 440 -57.01 12.14 -1.79
N GLU D 441 -55.73 11.94 -2.07
CA GLU D 441 -54.78 13.03 -2.26
C GLU D 441 -54.48 13.26 -3.75
N THR D 442 -53.95 14.45 -4.04
CA THR D 442 -53.77 14.89 -5.41
C THR D 442 -52.55 15.81 -5.40
N ARG D 443 -52.35 16.57 -6.48
CA ARG D 443 -51.30 17.59 -6.49
C ARG D 443 -51.61 18.66 -5.45
N THR D 444 -50.55 19.28 -4.94
CA THR D 444 -50.66 20.09 -3.73
C THR D 444 -51.31 21.45 -3.98
N TRP D 445 -51.12 22.04 -5.17
CA TRP D 445 -51.69 23.36 -5.40
C TRP D 445 -53.21 23.30 -5.47
N LEU D 446 -53.78 22.16 -5.85
CA LEU D 446 -55.23 22.00 -5.77
C LEU D 446 -55.72 22.10 -4.34
N HIS D 447 -54.99 21.46 -3.42
CA HIS D 447 -55.32 21.55 -2.01
C HIS D 447 -55.22 22.99 -1.52
N LEU D 448 -54.18 23.70 -1.96
CA LEU D 448 -54.04 25.10 -1.58
C LEU D 448 -55.22 25.92 -2.06
N VAL D 449 -55.65 25.73 -3.30
CA VAL D 449 -56.74 26.53 -3.87
C VAL D 449 -58.05 26.24 -3.16
N THR D 450 -58.30 24.99 -2.79
CA THR D 450 -59.59 24.68 -2.16
C THR D 450 -59.63 25.06 -0.68
N ASN D 451 -58.54 24.83 0.06
CA ASN D 451 -58.63 25.02 1.51
C ASN D 451 -58.73 26.48 1.90
N PHE D 452 -58.11 27.39 1.15
CA PHE D 452 -57.96 28.76 1.63
C PHE D 452 -58.61 29.81 0.73
N ASN D 453 -59.80 29.53 0.19
CA ASN D 453 -60.34 30.38 -0.87
C ASN D 453 -60.70 31.78 -0.38
N ARG D 454 -61.06 31.91 0.90
CA ARG D 454 -61.54 33.18 1.45
C ARG D 454 -60.48 34.26 1.43
N ILE D 455 -59.22 33.90 1.16
CA ILE D 455 -58.13 34.86 1.19
C ILE D 455 -57.81 35.39 -0.21
N TRP D 456 -57.82 34.52 -1.20
CA TRP D 456 -57.66 35.00 -2.56
C TRP D 456 -58.88 35.78 -3.04
N VAL D 457 -60.09 35.40 -2.59
CA VAL D 457 -61.25 36.21 -2.95
C VAL D 457 -61.07 37.64 -2.48
N MET D 458 -60.51 37.84 -1.29
CA MET D 458 -60.41 39.16 -0.71
C MET D 458 -59.15 39.92 -1.10
N HIS D 459 -58.12 39.26 -1.61
CA HIS D 459 -56.97 40.01 -2.10
C HIS D 459 -57.11 40.40 -3.56
N ILE D 460 -57.41 39.42 -4.42
CA ILE D 460 -57.32 39.62 -5.86
C ILE D 460 -58.40 40.57 -6.36
N SER D 461 -59.61 40.45 -5.84
CA SER D 461 -60.72 41.28 -6.31
C SER D 461 -60.48 42.75 -6.01
N ILE D 462 -60.01 43.06 -4.81
CA ILE D 462 -59.74 44.45 -4.44
C ILE D 462 -58.56 45.00 -5.24
N PHE D 463 -57.54 44.16 -5.49
CA PHE D 463 -56.45 44.63 -6.35
C PHE D 463 -56.97 45.02 -7.72
N TRP D 464 -57.87 44.20 -8.28
CA TRP D 464 -58.43 44.54 -9.59
C TRP D 464 -59.20 45.85 -9.55
N MET D 465 -60.03 46.04 -8.52
CA MET D 465 -60.78 47.28 -8.36
C MET D 465 -59.84 48.49 -8.40
N TYR D 466 -58.81 48.46 -7.54
CA TYR D 466 -57.89 49.57 -7.42
C TYR D 466 -57.17 49.84 -8.74
N PHE D 467 -56.70 48.78 -9.39
CA PHE D 467 -55.89 48.95 -10.59
C PHE D 467 -56.74 49.48 -11.74
N ALA D 468 -57.99 49.03 -11.86
CA ALA D 468 -58.84 49.52 -12.94
C ALA D 468 -59.29 50.95 -12.75
N TYR D 469 -59.55 51.39 -11.52
CA TYR D 469 -60.01 52.77 -11.34
C TYR D 469 -58.95 53.79 -11.72
N ASN D 470 -57.68 53.52 -11.41
CA ASN D 470 -56.59 54.48 -11.60
C ASN D 470 -55.88 54.31 -12.92
N SER D 471 -56.45 53.55 -13.85
CA SER D 471 -55.80 53.21 -15.12
C SER D 471 -56.75 53.45 -16.28
N PRO D 472 -56.97 54.72 -16.66
CA PRO D 472 -57.95 55.00 -17.70
C PRO D 472 -57.49 54.64 -19.10
N THR D 473 -56.17 54.55 -19.32
CA THR D 473 -55.64 54.52 -20.68
C THR D 473 -56.19 53.35 -21.49
N PHE D 474 -56.50 52.22 -20.84
CA PHE D 474 -56.92 51.05 -21.58
C PHE D 474 -58.35 51.14 -22.11
N TYR D 475 -59.20 51.99 -21.53
CA TYR D 475 -60.58 52.05 -21.98
C TYR D 475 -60.97 53.47 -22.35
N THR D 476 -59.98 54.29 -22.69
CA THR D 476 -60.19 55.69 -23.06
C THR D 476 -60.07 55.84 -24.56
N HIS D 477 -61.06 56.49 -25.17
CA HIS D 477 -61.03 56.71 -26.60
C HIS D 477 -60.16 57.92 -26.93
N ASN D 478 -59.17 57.70 -27.80
CA ASN D 478 -58.19 58.71 -28.16
C ASN D 478 -57.55 59.31 -26.90
N TYR D 479 -57.01 58.43 -26.06
CA TYR D 479 -56.41 58.86 -24.81
C TYR D 479 -55.17 59.69 -25.09
N GLN D 480 -55.02 60.78 -24.32
CA GLN D 480 -53.83 61.62 -24.41
C GLN D 480 -53.80 62.53 -23.19
N GLN D 481 -52.68 62.52 -22.47
CA GLN D 481 -52.56 63.40 -21.29
C GLN D 481 -52.44 64.86 -21.69
N LEU D 482 -51.94 65.14 -22.88
CA LEU D 482 -51.83 66.53 -23.33
C LEU D 482 -53.21 67.16 -23.48
N VAL D 483 -54.18 66.41 -23.99
CA VAL D 483 -55.56 66.90 -24.07
C VAL D 483 -56.36 66.59 -22.82
N ASP D 484 -55.78 65.86 -21.86
CA ASP D 484 -56.36 65.52 -20.57
C ASP D 484 -57.82 65.05 -20.63
N ASN D 485 -58.23 64.48 -21.76
CA ASN D 485 -59.59 63.97 -21.88
C ASN D 485 -59.75 62.70 -21.06
N GLN D 486 -60.83 62.63 -20.29
CA GLN D 486 -61.15 61.45 -19.51
C GLN D 486 -62.29 60.69 -20.18
N PRO D 487 -62.37 59.38 -19.97
CA PRO D 487 -63.54 58.64 -20.45
C PRO D 487 -64.76 58.95 -19.60
N LEU D 488 -65.91 58.46 -20.04
CA LEU D 488 -67.14 58.64 -19.29
C LEU D 488 -67.05 57.95 -17.94
N ALA D 489 -67.71 58.54 -16.93
CA ALA D 489 -67.74 57.90 -15.62
C ALA D 489 -68.40 56.54 -15.68
N ALA D 490 -69.35 56.36 -16.62
CA ALA D 490 -69.93 55.04 -16.83
C ALA D 490 -68.84 54.00 -17.08
N TYR D 491 -67.80 54.37 -17.81
CA TYR D 491 -66.73 53.42 -18.10
C TYR D 491 -65.88 53.12 -16.86
N LYS D 492 -65.64 54.12 -16.00
CA LYS D 492 -64.95 53.82 -14.75
C LYS D 492 -65.76 52.86 -13.88
N TRP D 493 -67.07 53.10 -13.71
CA TRP D 493 -67.83 52.20 -12.85
C TRP D 493 -68.00 50.82 -13.46
N ALA D 494 -68.26 50.75 -14.77
CA ALA D 494 -68.42 49.46 -15.42
C ALA D 494 -67.11 48.68 -15.43
N SER D 495 -65.97 49.38 -15.49
CA SER D 495 -64.68 48.70 -15.38
C SER D 495 -64.42 48.23 -13.96
N CYS D 496 -64.70 49.07 -12.97
CA CYS D 496 -64.51 48.66 -11.58
C CYS D 496 -65.42 47.51 -11.19
N ALA D 497 -66.55 47.35 -11.86
CA ALA D 497 -67.54 46.36 -11.44
C ALA D 497 -67.26 44.96 -11.97
N LEU D 498 -66.01 44.61 -12.29
CA LEU D 498 -65.65 43.23 -12.60
C LEU D 498 -65.09 42.47 -11.40
N GLY D 499 -64.97 43.13 -10.25
CA GLY D 499 -64.57 42.41 -9.05
C GLY D 499 -65.56 41.32 -8.69
N GLY D 500 -66.85 41.55 -8.96
CA GLY D 500 -67.84 40.53 -8.69
C GLY D 500 -67.65 39.28 -9.53
N THR D 501 -67.41 39.46 -10.83
CA THR D 501 -67.21 38.30 -11.69
C THR D 501 -65.93 37.57 -11.30
N VAL D 502 -64.89 38.31 -10.91
CA VAL D 502 -63.65 37.67 -10.48
C VAL D 502 -63.88 36.80 -9.24
N ALA D 503 -64.61 37.33 -8.26
CA ALA D 503 -64.89 36.55 -7.05
C ALA D 503 -65.71 35.30 -7.36
N SER D 504 -66.71 35.45 -8.22
CA SER D 504 -67.54 34.30 -8.58
C SER D 504 -66.72 33.22 -9.27
N LEU D 505 -65.82 33.63 -10.16
CA LEU D 505 -64.98 32.67 -10.88
C LEU D 505 -64.08 31.91 -9.92
N ILE D 506 -63.53 32.60 -8.92
CA ILE D 506 -62.69 31.91 -7.94
C ILE D 506 -63.49 30.84 -7.20
N GLN D 507 -64.72 31.17 -6.79
CA GLN D 507 -65.52 30.19 -6.05
C GLN D 507 -65.84 28.96 -6.92
N ILE D 508 -66.17 29.18 -8.19
CA ILE D 508 -66.45 28.06 -9.08
C ILE D 508 -65.23 27.16 -9.21
N VAL D 509 -64.05 27.75 -9.39
CA VAL D 509 -62.84 26.93 -9.52
C VAL D 509 -62.60 26.12 -8.24
N ALA D 510 -62.86 26.73 -7.07
CA ALA D 510 -62.66 26.01 -5.82
C ALA D 510 -63.56 24.78 -5.73
N THR D 511 -64.84 24.92 -6.10
CA THR D 511 -65.74 23.77 -6.06
C THR D 511 -65.29 22.69 -7.06
N LEU D 512 -64.85 23.11 -8.24
CA LEU D 512 -64.39 22.14 -9.23
C LEU D 512 -63.21 21.34 -8.71
N CYS D 513 -62.28 22.00 -8.03
CA CYS D 513 -61.15 21.28 -7.45
C CYS D 513 -61.60 20.35 -6.33
N GLU D 514 -62.59 20.77 -5.53
CA GLU D 514 -63.05 19.94 -4.42
C GLU D 514 -63.72 18.65 -4.87
N TRP D 515 -64.39 18.67 -6.02
CA TRP D 515 -65.15 17.50 -6.46
C TRP D 515 -64.26 16.27 -6.65
N SER D 516 -62.95 16.43 -6.78
CA SER D 516 -62.02 15.32 -6.98
C SER D 516 -61.24 14.96 -5.72
N PHE D 517 -61.87 14.99 -4.55
CA PHE D 517 -61.30 14.49 -3.30
C PHE D 517 -62.10 13.34 -2.74
N VAL D 518 -63.39 13.30 -3.00
CA VAL D 518 -64.34 12.45 -2.29
C VAL D 518 -64.96 11.44 -3.25
N PRO D 519 -65.28 10.23 -2.80
CA PRO D 519 -65.97 9.27 -3.66
C PRO D 519 -67.38 9.75 -3.99
N ARG D 520 -67.87 9.31 -5.16
CA ARG D 520 -69.08 9.91 -5.72
C ARG D 520 -70.34 9.46 -5.00
N LYS D 521 -70.47 8.17 -4.69
CA LYS D 521 -71.74 7.70 -4.12
C LYS D 521 -71.78 7.81 -2.60
N TRP D 522 -70.67 8.15 -1.95
CA TRP D 522 -70.64 8.25 -0.49
C TRP D 522 -71.41 9.47 -0.01
N ALA D 523 -72.01 9.33 1.17
CA ALA D 523 -73.03 10.27 1.64
C ALA D 523 -72.49 11.68 1.79
N GLY D 524 -73.22 12.64 1.26
CA GLY D 524 -72.83 14.03 1.27
C GLY D 524 -72.25 14.57 -0.02
N ALA D 525 -72.13 13.74 -1.06
CA ALA D 525 -71.53 14.17 -2.31
C ALA D 525 -72.55 14.70 -3.31
N GLN D 526 -73.85 14.57 -3.05
CA GLN D 526 -74.83 15.23 -3.90
C GLN D 526 -74.85 16.74 -3.64
N HIS D 527 -74.60 17.15 -2.40
CA HIS D 527 -74.64 18.57 -2.06
C HIS D 527 -73.77 19.40 -3.01
N LEU D 528 -72.55 18.94 -3.26
CA LEU D 528 -71.66 19.68 -4.16
C LEU D 528 -72.34 20.02 -5.46
N SER D 529 -73.05 19.06 -6.06
CA SER D 529 -73.71 19.33 -7.34
C SER D 529 -74.64 20.53 -7.25
N ARG D 530 -75.54 20.52 -6.25
CA ARG D 530 -76.43 21.67 -6.08
C ARG D 530 -75.65 22.95 -5.90
N ARG D 531 -74.56 22.90 -5.11
CA ARG D 531 -73.79 24.11 -4.85
C ARG D 531 -73.26 24.71 -6.15
N PHE D 532 -72.97 23.86 -7.14
CA PHE D 532 -72.51 24.38 -8.42
C PHE D 532 -73.60 25.22 -9.07
N TRP D 533 -74.82 24.71 -9.13
CA TRP D 533 -75.87 25.39 -9.89
C TRP D 533 -76.06 26.81 -9.41
N PHE D 534 -76.32 26.98 -8.10
CA PHE D 534 -76.50 28.30 -7.53
C PHE D 534 -75.35 29.22 -7.92
N LEU D 535 -74.11 28.73 -7.81
CA LEU D 535 -72.97 29.59 -8.08
C LEU D 535 -73.04 30.14 -9.50
N CYS D 536 -73.36 29.28 -10.47
CA CYS D 536 -73.49 29.77 -11.85
C CYS D 536 -74.52 30.86 -11.95
N ILE D 537 -75.66 30.69 -11.26
CA ILE D 537 -76.69 31.72 -11.25
C ILE D 537 -76.09 33.04 -10.82
N ILE D 538 -75.36 33.06 -9.71
CA ILE D 538 -74.79 34.31 -9.25
C ILE D 538 -73.86 34.88 -10.30
N PHE D 539 -73.01 34.02 -10.88
CA PHE D 539 -72.10 34.46 -11.94
C PHE D 539 -72.88 35.20 -13.01
N GLY D 540 -74.01 34.62 -13.44
CA GLY D 540 -74.80 35.22 -14.49
C GLY D 540 -75.35 36.58 -14.09
N ILE D 541 -75.98 36.67 -12.92
CA ILE D 541 -76.59 37.94 -12.56
C ILE D 541 -75.53 39.00 -12.40
N ASN D 542 -74.27 38.58 -12.32
CA ASN D 542 -73.24 39.58 -12.06
C ASN D 542 -72.44 39.86 -13.33
N LEU D 543 -72.81 39.25 -14.46
CA LEU D 543 -72.17 39.50 -15.75
C LEU D 543 -73.12 40.03 -16.81
N GLY D 544 -74.41 39.74 -16.70
CA GLY D 544 -75.38 40.20 -17.68
C GLY D 544 -75.46 41.71 -17.82
N PRO D 545 -75.76 42.41 -16.73
CA PRO D 545 -75.92 43.88 -16.83
C PRO D 545 -74.69 44.61 -17.34
N ILE D 546 -73.47 44.19 -16.98
CA ILE D 546 -72.28 44.90 -17.43
C ILE D 546 -72.21 44.92 -18.95
N ILE D 547 -72.54 43.79 -19.58
CA ILE D 547 -72.56 43.72 -21.04
C ILE D 547 -73.49 44.79 -21.61
N PHE D 548 -74.63 45.01 -20.96
CA PHE D 548 -75.55 46.03 -21.46
C PHE D 548 -74.86 47.39 -21.55
N VAL D 549 -74.01 47.72 -20.58
CA VAL D 549 -73.29 48.98 -20.65
C VAL D 549 -72.27 48.95 -21.77
N PHE D 550 -71.60 47.82 -21.94
CA PHE D 550 -70.54 47.74 -22.94
C PHE D 550 -71.08 47.45 -24.34
N ALA D 551 -72.37 47.22 -24.48
CA ALA D 551 -72.96 47.11 -25.81
C ALA D 551 -72.96 48.46 -26.50
N TYR D 552 -72.64 48.46 -27.79
CA TYR D 552 -72.50 49.70 -28.54
C TYR D 552 -73.83 50.42 -28.73
N ASP D 553 -74.95 49.76 -28.45
CA ASP D 553 -76.25 50.41 -28.60
C ASP D 553 -76.38 51.58 -27.62
N LYS D 554 -75.95 51.38 -26.38
CA LYS D 554 -75.92 52.45 -25.40
C LYS D 554 -74.56 53.14 -25.32
N ASP D 555 -73.58 52.68 -26.09
CA ASP D 555 -72.32 53.41 -26.17
C ASP D 555 -72.49 54.76 -26.84
N THR D 556 -73.11 54.77 -28.02
CA THR D 556 -73.21 55.97 -28.83
C THR D 556 -74.22 56.98 -28.31
N VAL D 557 -75.13 56.55 -27.44
CA VAL D 557 -76.19 57.42 -26.92
C VAL D 557 -75.94 57.56 -25.42
N TYR D 558 -75.54 58.74 -24.99
CA TYR D 558 -75.43 59.01 -23.57
C TYR D 558 -76.81 59.06 -22.94
N SER D 559 -76.97 58.30 -21.87
CA SER D 559 -78.21 58.29 -21.11
C SER D 559 -77.84 58.26 -19.63
N THR D 560 -78.72 58.82 -18.80
CA THR D 560 -78.58 58.58 -17.38
C THR D 560 -78.94 57.14 -17.01
N ALA D 561 -79.59 56.41 -17.93
CA ALA D 561 -79.85 54.99 -17.67
C ALA D 561 -78.54 54.22 -17.55
N ALA D 562 -77.58 54.48 -18.45
CA ALA D 562 -76.29 53.82 -18.35
C ALA D 562 -75.60 54.18 -17.03
N HIS D 563 -75.71 55.45 -16.63
CA HIS D 563 -75.07 55.88 -15.39
C HIS D 563 -75.67 55.19 -14.17
N VAL D 564 -77.00 55.11 -14.11
CA VAL D 564 -77.63 54.45 -12.97
C VAL D 564 -77.34 52.95 -12.99
N VAL D 565 -77.25 52.35 -14.18
CA VAL D 565 -76.93 50.92 -14.26
C VAL D 565 -75.53 50.66 -13.71
N ALA D 566 -74.55 51.46 -14.14
CA ALA D 566 -73.20 51.30 -13.62
C ALA D 566 -73.15 51.52 -12.11
N ALA D 567 -73.85 52.55 -11.63
CA ALA D 567 -73.86 52.84 -10.20
C ALA D 567 -74.46 51.69 -9.41
N VAL D 568 -75.52 51.07 -9.92
CA VAL D 568 -76.15 49.95 -9.23
C VAL D 568 -75.21 48.75 -9.19
N MET D 569 -74.61 48.41 -10.34
CA MET D 569 -73.78 47.21 -10.38
C MET D 569 -72.52 47.37 -9.55
N PHE D 570 -72.05 48.59 -9.32
CA PHE D 570 -70.91 48.76 -8.43
C PHE D 570 -71.21 48.21 -7.04
N PHE D 571 -72.37 48.57 -6.46
CA PHE D 571 -72.68 48.09 -5.12
C PHE D 571 -73.08 46.62 -5.11
N VAL D 572 -73.65 46.11 -6.20
CA VAL D 572 -73.85 44.66 -6.24
C VAL D 572 -72.50 43.93 -6.18
N ALA D 573 -71.50 44.43 -6.91
CA ALA D 573 -70.16 43.83 -6.85
C ALA D 573 -69.56 43.92 -5.45
N VAL D 574 -69.69 45.07 -4.79
CA VAL D 574 -69.19 45.20 -3.43
C VAL D 574 -69.85 44.17 -2.52
N ALA D 575 -71.17 44.01 -2.67
CA ALA D 575 -71.91 43.06 -1.84
C ALA D 575 -71.41 41.64 -2.03
N THR D 576 -71.17 41.22 -3.27
CA THR D 576 -70.76 39.83 -3.48
C THR D 576 -69.34 39.59 -2.99
N ILE D 577 -68.46 40.59 -3.11
CA ILE D 577 -67.11 40.42 -2.57
C ILE D 577 -67.18 40.18 -1.07
N ILE D 578 -67.96 41.01 -0.35
CA ILE D 578 -68.05 40.84 1.09
C ILE D 578 -68.67 39.49 1.45
N PHE D 579 -69.74 39.12 0.74
CA PHE D 579 -70.44 37.88 1.04
C PHE D 579 -69.54 36.66 0.89
N PHE D 580 -68.75 36.61 -0.19
CA PHE D 580 -67.91 35.43 -0.39
C PHE D 580 -66.63 35.49 0.45
N SER D 581 -66.26 36.66 0.97
CA SER D 581 -65.15 36.73 1.91
C SER D 581 -65.54 36.32 3.31
N ILE D 582 -66.81 36.38 3.68
CA ILE D 582 -67.19 36.07 5.05
C ILE D 582 -67.60 34.61 5.24
N MET D 583 -68.55 34.13 4.44
CA MET D 583 -69.18 32.84 4.73
C MET D 583 -68.29 31.67 4.33
N PRO D 584 -68.25 30.60 5.14
CA PRO D 584 -67.44 29.43 4.78
C PRO D 584 -68.05 28.64 3.63
N LEU D 585 -67.16 27.92 2.93
CA LEU D 585 -67.56 27.23 1.70
C LEU D 585 -68.55 26.11 1.99
N GLY D 586 -68.27 25.27 2.97
CA GLY D 586 -69.18 24.21 3.34
C GLY D 586 -70.27 24.72 4.27
N GLY D 587 -71.46 24.95 3.72
CA GLY D 587 -72.47 25.68 4.45
C GLY D 587 -72.78 27.03 3.83
N LEU D 588 -72.85 27.08 2.49
CA LEU D 588 -73.24 28.31 1.82
C LEU D 588 -74.75 28.41 1.68
N PHE D 589 -75.37 27.45 1.01
CA PHE D 589 -76.80 27.47 0.72
C PHE D 589 -77.53 26.28 1.36
N THR D 590 -77.25 26.00 2.63
CA THR D 590 -77.91 24.86 3.28
C THR D 590 -79.35 25.19 3.65
N SER D 591 -79.63 26.44 4.02
CA SER D 591 -80.94 26.82 4.53
C SER D 591 -82.00 26.90 3.44
N TYR D 592 -81.63 26.80 2.16
CA TYR D 592 -82.57 26.97 1.07
C TYR D 592 -83.02 25.66 0.44
N MET D 593 -82.21 24.61 0.51
CA MET D 593 -82.59 23.35 -0.12
C MET D 593 -83.81 22.72 0.55
N LYS D 594 -83.80 22.65 1.88
CA LYS D 594 -84.90 22.07 2.65
C LYS D 594 -85.24 20.66 2.18
N LYS D 595 -84.21 19.93 1.75
CA LYS D 595 -84.41 18.60 1.18
C LYS D 595 -84.28 17.55 2.28
N SER D 596 -84.80 16.36 2.00
CA SER D 596 -84.74 15.26 2.97
C SER D 596 -83.37 14.61 3.01
N THR D 597 -82.57 14.75 1.96
CA THR D 597 -81.28 14.07 1.88
C THR D 597 -80.20 14.86 2.61
N ARG D 598 -78.95 14.45 2.41
CA ARG D 598 -77.84 15.05 3.13
C ARG D 598 -77.61 16.49 2.68
N ARG D 599 -77.60 17.41 3.63
CA ARG D 599 -77.41 18.81 3.35
C ARG D 599 -75.96 19.27 3.49
N TYR D 600 -75.07 18.41 4.01
CA TYR D 600 -73.71 18.78 4.34
C TYR D 600 -72.73 17.78 3.73
N VAL D 601 -71.52 18.23 3.43
CA VAL D 601 -70.52 17.36 2.83
C VAL D 601 -69.96 16.39 3.86
N ALA D 602 -69.70 16.85 5.08
CA ALA D 602 -69.11 16.02 6.12
C ALA D 602 -70.00 16.03 7.35
N SER D 603 -69.79 15.02 8.21
CA SER D 603 -70.62 14.85 9.39
C SER D 603 -70.42 16.00 10.36
N GLN D 604 -71.52 16.61 10.81
CA GLN D 604 -71.44 17.73 11.74
C GLN D 604 -71.15 17.30 13.16
N THR D 605 -71.55 16.07 13.53
CA THR D 605 -71.33 15.58 14.89
C THR D 605 -69.85 15.41 15.21
N PHE D 606 -69.09 14.86 14.26
CA PHE D 606 -67.71 14.49 14.50
C PHE D 606 -66.69 15.39 13.82
N THR D 607 -67.12 16.44 13.13
CA THR D 607 -66.19 17.26 12.37
C THR D 607 -66.36 18.77 12.53
N ALA D 608 -67.54 19.27 12.87
CA ALA D 608 -67.76 20.70 12.96
C ALA D 608 -68.44 21.05 14.28
N ALA D 609 -67.83 20.63 15.38
CA ALA D 609 -68.39 20.82 16.71
C ALA D 609 -67.50 21.74 17.56
N PHE D 610 -67.07 22.85 16.96
CA PHE D 610 -66.13 23.75 17.63
C PHE D 610 -66.74 24.37 18.88
N ALA D 611 -65.91 24.57 19.88
CA ALA D 611 -66.34 25.19 21.14
C ALA D 611 -66.35 26.70 20.99
N PRO D 612 -67.47 27.36 21.22
CA PRO D 612 -67.55 28.81 20.99
C PRO D 612 -66.78 29.61 22.02
N LEU D 613 -66.55 30.88 21.70
CA LEU D 613 -65.88 31.82 22.57
C LEU D 613 -66.89 32.65 23.34
N HIS D 614 -66.50 33.08 24.55
CA HIS D 614 -67.35 33.87 25.40
C HIS D 614 -66.53 34.98 26.05
N GLY D 615 -67.14 36.15 26.23
CA GLY D 615 -66.55 37.17 27.08
C GLY D 615 -65.82 38.29 26.37
N LEU D 616 -64.67 38.69 26.92
CA LEU D 616 -63.91 39.81 26.37
C LEU D 616 -63.05 39.39 25.19
N ASP D 617 -62.51 38.17 25.19
CA ASP D 617 -61.70 37.72 24.07
C ASP D 617 -62.50 37.61 22.78
N ARG D 618 -63.79 37.32 22.88
CA ARG D 618 -64.64 37.26 21.69
C ARG D 618 -64.69 38.61 20.99
N TRP D 619 -64.82 39.72 21.73
CA TRP D 619 -64.78 41.04 21.09
C TRP D 619 -63.36 41.44 20.70
N MET D 620 -62.37 41.00 21.46
CA MET D 620 -60.99 41.32 21.11
C MET D 620 -60.64 40.77 19.73
N SER D 621 -61.09 39.55 19.44
CA SER D 621 -60.80 38.93 18.14
C SER D 621 -61.42 39.71 16.99
N TYR D 622 -62.65 40.18 17.14
CA TYR D 622 -63.26 41.01 16.10
C TYR D 622 -62.46 42.30 15.89
N LEU D 623 -62.09 42.96 16.98
CA LEU D 623 -61.45 44.27 16.89
C LEU D 623 -60.08 44.18 16.23
N VAL D 624 -59.30 43.15 16.56
CA VAL D 624 -57.96 43.00 15.99
C VAL D 624 -58.03 42.95 14.47
N TRP D 625 -58.91 42.10 13.93
CA TRP D 625 -58.94 41.89 12.49
C TRP D 625 -59.54 43.09 11.76
N VAL D 626 -60.56 43.73 12.34
CA VAL D 626 -61.06 44.96 11.72
C VAL D 626 -59.94 45.98 11.59
N THR D 627 -59.17 46.19 12.67
CA THR D 627 -58.10 47.18 12.63
C THR D 627 -57.04 46.82 11.58
N VAL D 628 -56.62 45.56 11.55
CA VAL D 628 -55.59 45.14 10.59
C VAL D 628 -56.02 45.47 9.18
N PHE D 629 -57.24 45.08 8.81
CA PHE D 629 -57.61 45.20 7.40
C PHE D 629 -57.93 46.64 7.01
N ALA D 630 -58.49 47.43 7.92
CA ALA D 630 -58.69 48.85 7.60
C ALA D 630 -57.37 49.54 7.33
N ALA D 631 -56.37 49.33 8.21
CA ALA D 631 -55.07 49.96 7.98
C ALA D 631 -54.46 49.49 6.67
N LYS D 632 -54.52 48.19 6.39
CA LYS D 632 -53.86 47.66 5.21
C LYS D 632 -54.47 48.21 3.93
N TYR D 633 -55.80 48.28 3.84
CA TYR D 633 -56.40 48.77 2.59
C TYR D 633 -56.17 50.26 2.39
N SER D 634 -56.40 51.08 3.43
CA SER D 634 -56.18 52.51 3.26
C SER D 634 -54.73 52.83 2.95
N GLU D 635 -53.79 51.99 3.42
CA GLU D 635 -52.40 52.25 3.12
C GLU D 635 -52.00 51.74 1.73
N SER D 636 -52.53 50.59 1.30
CA SER D 636 -52.17 50.07 -0.02
C SER D 636 -52.68 50.97 -1.13
N TYR D 637 -53.84 51.61 -0.95
CA TYR D 637 -54.30 52.49 -2.02
C TYR D 637 -53.33 53.64 -2.26
N TYR D 638 -52.81 54.23 -1.20
CA TYR D 638 -51.97 55.42 -1.33
C TYR D 638 -50.55 55.09 -1.74
N PHE D 639 -50.17 53.83 -1.81
CA PHE D 639 -48.88 53.45 -2.37
C PHE D 639 -49.01 52.76 -3.72
N LEU D 640 -50.24 52.43 -4.13
CA LEU D 640 -50.51 52.10 -5.52
C LEU D 640 -50.88 53.32 -6.38
N VAL D 641 -51.37 54.40 -5.77
CA VAL D 641 -51.83 55.54 -6.57
C VAL D 641 -50.67 56.26 -7.24
N LEU D 642 -49.55 56.44 -6.53
CA LEU D 642 -48.50 57.28 -7.08
C LEU D 642 -47.32 56.51 -7.63
N SER D 643 -47.00 55.35 -7.08
CA SER D 643 -45.89 54.60 -7.64
C SER D 643 -46.22 54.03 -9.01
N LEU D 644 -47.47 54.10 -9.44
CA LEU D 644 -47.90 53.42 -10.65
C LEU D 644 -48.70 54.27 -11.62
N ARG D 645 -49.06 55.51 -11.28
CA ARG D 645 -49.88 56.30 -12.20
C ARG D 645 -49.06 56.81 -13.37
N ASP D 646 -47.82 57.24 -13.12
CA ASP D 646 -47.03 57.83 -14.20
C ASP D 646 -46.38 56.76 -15.09
N PRO D 647 -45.73 55.72 -14.57
CA PRO D 647 -45.23 54.67 -15.47
C PRO D 647 -46.31 54.07 -16.36
N ILE D 648 -47.51 53.84 -15.84
CA ILE D 648 -48.57 53.29 -16.67
C ILE D 648 -48.91 54.24 -17.80
N ARG D 649 -48.94 55.53 -17.51
CA ARG D 649 -49.33 56.50 -18.54
C ARG D 649 -48.25 56.66 -19.60
N ILE D 650 -46.97 56.53 -19.22
CA ILE D 650 -45.89 56.76 -20.17
C ILE D 650 -45.57 55.51 -20.97
N LEU D 651 -45.27 54.39 -20.29
CA LEU D 651 -44.84 53.20 -21.01
C LEU D 651 -45.94 52.67 -21.93
N SER D 652 -47.20 52.98 -21.64
CA SER D 652 -48.30 52.46 -22.45
C SER D 652 -48.59 53.32 -23.67
N THR D 653 -48.03 54.52 -23.79
CA THR D 653 -48.34 55.39 -24.92
C THR D 653 -47.14 55.78 -25.77
N THR D 654 -45.92 55.43 -25.37
CA THR D 654 -44.76 55.74 -26.20
C THR D 654 -44.77 54.87 -27.44
N ALA D 655 -44.09 55.35 -28.48
CA ALA D 655 -43.95 54.65 -29.75
C ALA D 655 -42.48 54.58 -30.11
N MET D 656 -41.90 53.38 -29.99
CA MET D 656 -40.52 53.10 -30.39
C MET D 656 -40.56 52.61 -31.84
N ARG D 657 -40.59 53.55 -32.78
CA ARG D 657 -40.82 53.21 -34.18
C ARG D 657 -39.54 52.66 -34.80
N CYS D 658 -39.59 51.39 -35.23
CA CYS D 658 -38.45 50.72 -35.82
C CYS D 658 -38.93 49.67 -36.81
N THR D 659 -37.98 49.12 -37.57
CA THR D 659 -38.29 48.10 -38.57
C THR D 659 -38.47 46.71 -37.96
N GLY D 660 -37.82 46.44 -36.82
CA GLY D 660 -37.87 45.12 -36.23
C GLY D 660 -37.05 44.11 -37.01
N GLU D 661 -37.30 42.83 -36.72
CA GLU D 661 -36.66 41.73 -37.44
C GLU D 661 -37.66 41.06 -38.38
N TYR D 662 -37.41 41.23 -39.68
CA TYR D 662 -38.37 40.87 -40.73
C TYR D 662 -38.63 39.38 -40.81
N TRP D 663 -37.81 38.54 -40.17
CA TRP D 663 -38.17 37.14 -40.05
C TRP D 663 -39.47 36.98 -39.29
N TRP D 664 -39.65 37.75 -38.22
CA TRP D 664 -40.95 37.98 -37.61
C TRP D 664 -41.58 39.31 -38.04
N GLY D 665 -40.77 40.37 -38.16
CA GLY D 665 -41.25 41.71 -38.43
C GLY D 665 -40.75 42.71 -37.39
N ALA D 666 -41.47 43.80 -37.26
CA ALA D 666 -41.19 44.80 -36.22
C ALA D 666 -41.84 44.47 -34.90
N VAL D 667 -42.54 43.33 -34.83
CA VAL D 667 -43.32 42.99 -33.65
C VAL D 667 -42.47 42.70 -32.43
N LEU D 668 -41.16 42.81 -32.52
CA LEU D 668 -40.27 42.70 -31.37
C LEU D 668 -39.48 43.97 -31.11
N CYS D 669 -39.93 45.10 -31.62
CA CYS D 669 -39.33 46.39 -31.32
C CYS D 669 -40.34 47.47 -30.98
N LYS D 670 -41.63 47.24 -31.21
CA LYS D 670 -42.68 48.11 -30.69
C LYS D 670 -43.26 47.59 -29.38
N VAL D 671 -42.78 46.45 -28.90
CA VAL D 671 -43.41 45.74 -27.79
C VAL D 671 -42.53 45.67 -26.56
N GLN D 672 -41.31 46.21 -26.61
CA GLN D 672 -40.49 46.24 -25.39
C GLN D 672 -41.07 47.08 -24.27
N PRO D 673 -41.50 48.33 -24.49
CA PRO D 673 -42.08 49.09 -23.37
C PRO D 673 -43.26 48.40 -22.71
N LYS D 674 -44.11 47.74 -23.50
CA LYS D 674 -45.29 47.11 -22.93
C LYS D 674 -44.97 45.81 -22.19
N ILE D 675 -43.98 45.05 -22.66
CA ILE D 675 -43.52 43.89 -21.89
C ILE D 675 -42.96 44.35 -20.54
N VAL D 676 -42.19 45.45 -20.56
CA VAL D 676 -41.71 46.01 -19.31
C VAL D 676 -42.87 46.40 -18.40
N LEU D 677 -43.92 46.99 -18.96
CA LEU D 677 -45.06 47.40 -18.14
C LEU D 677 -45.75 46.20 -17.49
N GLY D 678 -45.93 45.12 -18.26
CA GLY D 678 -46.50 43.92 -17.66
C GLY D 678 -45.68 43.40 -16.50
N LEU D 679 -44.35 43.43 -16.64
CA LEU D 679 -43.49 42.96 -15.55
C LEU D 679 -43.59 43.87 -14.32
N VAL D 680 -43.67 45.18 -14.53
CA VAL D 680 -43.84 46.12 -13.41
C VAL D 680 -45.10 45.78 -12.63
N ILE D 681 -46.22 45.62 -13.35
CA ILE D 681 -47.49 45.35 -12.70
C ILE D 681 -47.46 44.02 -11.95
N ALA D 682 -46.81 43.01 -12.53
CA ALA D 682 -46.75 41.71 -11.88
C ALA D 682 -46.00 41.78 -10.56
N THR D 683 -44.91 42.53 -10.51
CA THR D 683 -44.18 42.65 -9.24
C THR D 683 -45.00 43.40 -8.18
N ASP D 684 -45.74 44.44 -8.59
CA ASP D 684 -46.62 45.09 -7.61
C ASP D 684 -47.71 44.16 -7.11
N PHE D 685 -48.29 43.36 -8.00
CA PHE D 685 -49.31 42.39 -7.61
C PHE D 685 -48.78 41.42 -6.56
N ILE D 686 -47.56 40.94 -6.76
CA ILE D 686 -46.95 40.00 -5.80
C ILE D 686 -46.69 40.71 -4.47
N LEU D 687 -46.28 41.96 -4.52
CA LEU D 687 -45.97 42.70 -3.31
C LEU D 687 -47.23 43.02 -2.50
N PHE D 688 -48.39 43.03 -3.15
CA PHE D 688 -49.65 43.29 -2.46
C PHE D 688 -49.90 42.29 -1.32
N PHE D 689 -49.38 41.06 -1.43
CA PHE D 689 -49.67 39.99 -0.48
C PHE D 689 -48.82 40.09 0.79
N LEU D 690 -47.69 40.78 0.75
CA LEU D 690 -46.72 40.80 1.84
C LEU D 690 -47.00 41.88 2.88
N ASP D 691 -48.03 42.70 2.68
CA ASP D 691 -48.26 43.86 3.54
C ASP D 691 -49.19 43.53 4.71
N THR D 692 -50.15 42.64 4.47
CA THR D 692 -51.08 42.23 5.52
C THR D 692 -50.36 41.49 6.65
N TYR D 693 -49.31 40.75 6.33
CA TYR D 693 -48.52 40.11 7.37
C TYR D 693 -47.86 41.14 8.28
N LEU D 694 -47.28 42.19 7.69
CA LEU D 694 -46.66 43.25 8.47
C LEU D 694 -47.66 43.90 9.40
N TRP D 695 -48.84 44.23 8.88
CA TRP D 695 -49.84 44.91 9.70
C TRP D 695 -50.34 43.99 10.81
N TYR D 696 -50.46 42.69 10.53
CA TYR D 696 -50.79 41.72 11.57
C TYR D 696 -49.77 41.75 12.70
N ILE D 697 -48.48 41.70 12.37
CA ILE D 697 -47.44 41.69 13.39
C ILE D 697 -47.50 42.96 14.23
N ILE D 698 -47.58 44.12 13.56
CA ILE D 698 -47.54 45.39 14.28
C ILE D 698 -48.74 45.53 15.22
N VAL D 699 -49.93 45.19 14.73
CA VAL D 699 -51.11 45.42 15.56
C VAL D 699 -51.12 44.47 16.74
N ASN D 700 -50.67 43.22 16.56
CA ASN D 700 -50.55 42.33 17.71
C ASN D 700 -49.55 42.86 18.72
N THR D 701 -48.40 43.39 18.26
CA THR D 701 -47.43 43.84 19.26
C THR D 701 -47.97 45.04 20.04
N ILE D 702 -48.68 45.95 19.38
CA ILE D 702 -49.24 47.10 20.11
C ILE D 702 -50.30 46.64 21.10
N PHE D 703 -51.19 45.73 20.69
CA PHE D 703 -52.23 45.28 21.61
C PHE D 703 -51.63 44.53 22.79
N SER D 704 -50.57 43.75 22.54
CA SER D 704 -49.90 43.03 23.62
C SER D 704 -49.24 43.99 24.60
N VAL D 705 -48.60 45.05 24.10
CA VAL D 705 -48.04 46.05 25.01
C VAL D 705 -49.14 46.72 25.82
N GLY D 706 -50.24 47.10 25.16
CA GLY D 706 -51.30 47.81 25.85
C GLY D 706 -51.98 46.99 26.94
N LYS D 707 -52.11 45.68 26.73
CA LYS D 707 -52.78 44.86 27.72
C LYS D 707 -51.94 44.64 28.99
N SER D 708 -50.65 44.97 28.94
CA SER D 708 -49.80 44.78 30.12
C SER D 708 -50.28 45.63 31.29
N PHE D 709 -50.68 46.89 31.00
CA PHE D 709 -51.10 47.79 32.07
C PHE D 709 -52.32 47.25 32.80
N TYR D 710 -53.30 46.75 32.05
CA TYR D 710 -54.45 46.10 32.67
C TYR D 710 -54.02 44.87 33.45
N LEU D 711 -53.10 44.07 32.89
CA LEU D 711 -52.57 42.94 33.63
C LEU D 711 -51.62 43.36 34.76
N GLY D 712 -51.19 44.61 34.78
CA GLY D 712 -50.35 45.10 35.86
C GLY D 712 -49.02 44.40 36.00
N ILE D 713 -48.33 44.15 34.87
CA ILE D 713 -47.03 43.48 34.90
C ILE D 713 -45.98 44.49 35.34
N SER D 714 -45.20 44.13 36.35
CA SER D 714 -44.18 45.01 36.92
C SER D 714 -42.81 44.36 36.72
N ILE D 715 -42.05 44.84 35.74
CA ILE D 715 -40.68 44.39 35.55
C ILE D 715 -39.67 45.38 36.12
N LEU D 716 -40.07 46.62 36.36
CA LEU D 716 -39.19 47.65 36.89
C LEU D 716 -38.87 47.42 38.36
N THR D 717 -39.65 46.60 39.05
CA THR D 717 -39.44 46.39 40.47
C THR D 717 -38.13 45.65 40.70
N PRO D 718 -37.37 46.01 41.74
CA PRO D 718 -36.07 45.37 41.96
C PRO D 718 -36.22 43.90 42.28
N TRP D 719 -35.20 43.12 41.89
CA TRP D 719 -35.17 41.70 42.17
C TRP D 719 -35.33 41.43 43.66
N ARG D 720 -34.79 42.32 44.51
CA ARG D 720 -34.97 42.18 45.94
C ARG D 720 -36.38 42.52 46.38
N ASN D 721 -37.22 43.07 45.50
CA ASN D 721 -38.61 43.30 45.85
C ASN D 721 -39.52 42.10 45.54
N ILE D 722 -39.02 41.08 44.85
CA ILE D 722 -39.74 39.81 44.80
C ILE D 722 -39.36 38.91 45.97
N PHE D 723 -38.06 38.85 46.27
CA PHE D 723 -37.59 37.92 47.30
C PHE D 723 -38.12 38.29 48.68
N THR D 724 -38.41 39.57 48.93
CA THR D 724 -38.91 39.95 50.24
C THR D 724 -40.38 39.59 50.42
N ARG D 725 -41.15 39.48 49.34
CA ARG D 725 -42.54 39.08 49.43
C ARG D 725 -42.74 37.57 49.28
N LEU D 726 -41.67 36.82 49.01
CA LEU D 726 -41.77 35.38 48.81
C LEU D 726 -42.48 34.62 49.93
N PRO D 727 -42.20 34.88 51.22
CA PRO D 727 -42.81 34.03 52.25
C PRO D 727 -44.33 34.07 52.29
N LYS D 728 -44.93 35.24 52.11
CA LYS D 728 -46.38 35.33 52.20
C LYS D 728 -47.03 34.63 51.02
N ARG D 729 -46.41 34.71 49.84
CA ARG D 729 -46.89 33.96 48.69
C ARG D 729 -46.81 32.46 48.93
N ILE D 730 -45.72 32.00 49.53
CA ILE D 730 -45.63 30.57 49.86
C ILE D 730 -46.78 30.18 50.78
N TYR D 731 -47.08 31.02 51.76
CA TYR D 731 -48.10 30.65 52.73
C TYR D 731 -49.48 30.58 52.09
N SER D 732 -49.76 31.48 51.14
CA SER D 732 -51.10 31.56 50.57
C SER D 732 -51.33 30.69 49.35
N LYS D 733 -50.29 30.34 48.58
CA LYS D 733 -50.48 29.69 47.29
C LYS D 733 -49.92 28.29 47.19
N ILE D 734 -48.95 27.91 48.01
CA ILE D 734 -48.43 26.55 48.00
C ILE D 734 -49.15 25.66 48.99
N LEU D 735 -49.46 26.18 50.17
CA LEU D 735 -50.14 25.43 51.21
C LEU D 735 -51.64 25.64 51.10
N ALA D 736 -52.42 24.64 51.50
CA ALA D 736 -53.88 24.78 51.56
C ALA D 736 -54.29 25.14 52.98
N THR D 737 -53.78 26.28 53.43
CA THR D 737 -53.89 26.66 54.83
C THR D 737 -55.31 26.99 55.27
N THR D 738 -56.21 27.35 54.34
CA THR D 738 -57.52 27.86 54.73
C THR D 738 -58.31 26.80 55.50
N ASP D 739 -58.24 25.55 55.07
CA ASP D 739 -58.97 24.47 55.74
C ASP D 739 -58.42 24.17 57.12
N MET D 740 -57.11 24.32 57.33
CA MET D 740 -56.50 23.96 58.60
C MET D 740 -56.99 24.89 59.70
N GLU D 741 -57.29 24.30 60.87
CA GLU D 741 -57.63 25.09 62.04
C GLU D 741 -56.38 25.81 62.50
N ILE D 742 -56.48 27.13 62.67
CA ILE D 742 -55.30 27.96 62.88
C ILE D 742 -54.74 27.69 64.27
N LYS D 743 -53.62 26.99 64.31
CA LYS D 743 -52.98 26.65 65.57
C LYS D 743 -51.48 26.92 65.59
N TYR D 744 -50.91 27.44 64.51
CA TYR D 744 -49.49 27.69 64.44
C TYR D 744 -49.20 29.02 63.75
N LYS D 745 -48.07 29.61 64.13
CA LYS D 745 -47.59 30.82 63.49
C LYS D 745 -47.16 30.53 62.05
N PRO D 746 -47.43 31.44 61.11
CA PRO D 746 -47.03 31.19 59.72
C PRO D 746 -45.54 30.93 59.52
N LYS D 747 -44.67 31.39 60.43
CA LYS D 747 -43.25 31.08 60.27
C LYS D 747 -43.01 29.59 60.41
N VAL D 748 -43.69 28.92 61.34
CA VAL D 748 -43.41 27.52 61.57
C VAL D 748 -43.98 26.65 60.46
N LEU D 749 -44.83 27.21 59.61
CA LEU D 749 -45.24 26.49 58.41
C LEU D 749 -44.32 26.80 57.23
N ILE D 750 -43.87 28.05 57.07
CA ILE D 750 -43.01 28.40 55.93
C ILE D 750 -41.60 27.85 56.11
N SER D 751 -41.15 27.70 57.36
CA SER D 751 -39.84 27.13 57.64
C SER D 751 -39.72 25.75 57.03
N GLN D 752 -40.78 24.96 57.18
CA GLN D 752 -40.77 23.54 56.84
C GLN D 752 -40.72 23.32 55.34
N VAL D 753 -41.09 24.32 54.55
CA VAL D 753 -41.01 24.27 53.09
C VAL D 753 -39.70 24.85 52.58
N TRP D 754 -39.28 25.99 53.14
CA TRP D 754 -38.05 26.62 52.71
C TRP D 754 -36.84 25.72 52.96
N ASN D 755 -36.74 25.16 54.17
CA ASN D 755 -35.60 24.30 54.48
C ASN D 755 -35.57 23.08 53.58
N ALA D 756 -36.74 22.54 53.25
CA ALA D 756 -36.80 21.39 52.36
C ALA D 756 -36.22 21.71 51.00
N ILE D 757 -36.59 22.86 50.43
CA ILE D 757 -36.05 23.21 49.11
C ILE D 757 -34.53 23.34 49.16
N ILE D 758 -34.02 24.04 50.18
CA ILE D 758 -32.58 24.27 50.26
C ILE D 758 -31.80 22.97 50.42
N ILE D 759 -32.25 22.08 51.31
CA ILE D 759 -31.51 20.85 51.53
C ILE D 759 -31.59 19.96 50.30
N SER D 760 -32.72 19.97 49.60
CA SER D 760 -32.81 19.22 48.35
C SER D 760 -31.76 19.69 47.36
N MET D 761 -31.58 21.01 47.22
CA MET D 761 -30.54 21.49 46.31
C MET D 761 -29.15 21.09 46.78
N TYR D 762 -28.89 21.19 48.09
CA TYR D 762 -27.57 20.88 48.61
C TYR D 762 -27.17 19.44 48.30
N ARG D 763 -28.06 18.48 48.55
CA ARG D 763 -27.65 17.10 48.41
C ARG D 763 -27.33 16.70 46.97
N GLU D 764 -27.72 17.49 45.98
CA GLU D 764 -27.44 17.16 44.59
C GLU D 764 -26.04 17.58 44.16
N HIS D 765 -25.14 17.79 45.13
CA HIS D 765 -23.78 18.27 44.86
C HIS D 765 -23.82 19.55 44.04
N LEU D 766 -24.72 20.46 44.43
CA LEU D 766 -24.96 21.69 43.70
C LEU D 766 -24.73 22.94 44.54
N LEU D 767 -24.63 22.82 45.86
CA LEU D 767 -24.17 23.91 46.70
C LEU D 767 -23.11 23.43 47.67
N ALA D 768 -22.19 24.34 47.99
CA ALA D 768 -21.09 24.09 48.89
C ALA D 768 -21.55 24.17 50.35
N ILE D 769 -20.71 23.64 51.23
CA ILE D 769 -21.10 23.47 52.64
C ILE D 769 -21.33 24.84 53.29
N ASP D 770 -20.50 25.82 52.95
CA ASP D 770 -20.60 27.14 53.54
C ASP D 770 -21.75 27.97 52.95
N HIS D 771 -22.22 27.65 51.74
CA HIS D 771 -23.36 28.37 51.17
C HIS D 771 -24.67 28.05 51.87
N VAL D 772 -24.84 26.82 52.36
CA VAL D 772 -26.13 26.40 52.91
C VAL D 772 -26.47 27.19 54.17
N GLN D 773 -25.50 27.30 55.08
CA GLN D 773 -25.70 27.99 56.35
C GLN D 773 -26.13 29.45 56.18
N LYS D 774 -25.84 30.05 55.03
CA LYS D 774 -26.26 31.42 54.80
C LYS D 774 -27.76 31.56 54.60
N LEU D 775 -28.48 30.45 54.42
CA LEU D 775 -29.83 30.49 53.84
C LEU D 775 -30.90 29.87 54.73
N LEU D 776 -30.55 28.83 55.49
CA LEU D 776 -31.55 28.14 56.30
C LEU D 776 -32.12 29.06 57.36
N TYR D 777 -33.33 28.75 57.79
CA TYR D 777 -33.81 29.21 59.08
C TYR D 777 -32.96 28.54 60.15
N HIS D 778 -32.71 29.24 61.25
CA HIS D 778 -31.84 28.75 62.30
C HIS D 778 -32.55 28.63 63.64
N GLN D 779 -32.14 27.62 64.42
CA GLN D 779 -32.59 27.43 65.78
C GLN D 779 -31.46 27.59 66.79
N VAL D 780 -30.28 28.03 66.32
CA VAL D 780 -29.13 28.17 67.23
C VAL D 780 -29.41 29.08 68.41
N PRO D 781 -30.14 30.18 68.29
CA PRO D 781 -30.42 31.00 69.48
C PRO D 781 -31.07 30.21 70.62
N SER D 782 -31.14 30.87 71.77
CA SER D 782 -31.46 30.20 73.03
C SER D 782 -32.87 29.62 73.03
N GLU D 783 -33.02 28.50 73.75
CA GLU D 783 -34.30 27.82 73.93
C GLU D 783 -34.97 28.15 75.26
N ILE D 784 -34.33 28.97 76.11
CA ILE D 784 -35.02 29.43 77.31
C ILE D 784 -36.20 30.33 76.96
N GLU D 785 -36.14 30.98 75.79
CA GLU D 785 -37.23 31.80 75.29
C GLU D 785 -37.65 31.26 73.93
N GLY D 786 -38.90 30.80 73.84
CA GLY D 786 -39.34 30.10 72.65
C GLY D 786 -39.38 30.97 71.41
N LYS D 787 -39.41 32.29 71.61
CA LYS D 787 -39.54 33.21 70.48
C LYS D 787 -38.25 33.32 69.68
N ARG D 788 -37.10 33.20 70.35
CA ARG D 788 -35.81 33.34 69.70
C ARG D 788 -35.38 32.04 69.02
N THR D 789 -36.19 30.99 69.14
CA THR D 789 -35.84 29.70 68.55
C THR D 789 -35.72 29.81 67.02
N LEU D 790 -36.59 30.62 66.41
CA LEU D 790 -36.65 30.71 64.96
C LEU D 790 -36.27 32.11 64.51
N ARG D 791 -35.44 32.19 63.47
CA ARG D 791 -34.99 33.46 62.93
C ARG D 791 -35.06 33.41 61.41
N ALA D 792 -35.58 34.47 60.82
CA ALA D 792 -35.69 34.56 59.37
C ALA D 792 -34.30 34.56 58.75
N PRO D 793 -34.16 34.14 57.49
CA PRO D 793 -32.83 34.04 56.91
C PRO D 793 -32.29 35.43 56.60
N THR D 794 -31.02 35.45 56.19
CA THR D 794 -30.41 36.69 55.70
C THR D 794 -30.75 36.97 54.25
N PHE D 795 -31.28 35.98 53.53
CA PHE D 795 -31.66 36.16 52.13
C PHE D 795 -32.90 37.02 52.01
N PHE D 796 -33.89 36.80 52.86
CA PHE D 796 -35.12 37.56 52.84
C PHE D 796 -34.95 38.97 53.39
N VAL D 797 -33.79 39.29 53.93
CA VAL D 797 -33.52 40.64 54.41
C VAL D 797 -32.36 41.26 53.62
N GLU D 814 -26.97 27.85 38.41
CA GLU D 814 -28.05 26.88 38.25
C GLU D 814 -29.03 27.03 39.42
N ALA D 815 -28.50 27.15 40.65
CA ALA D 815 -29.36 27.34 41.80
C ALA D 815 -30.03 28.70 41.77
N GLU D 816 -29.28 29.74 41.44
CA GLU D 816 -29.84 31.09 41.43
C GLU D 816 -30.91 31.21 40.34
N ARG D 817 -30.69 30.60 39.19
CA ARG D 817 -31.68 30.62 38.12
C ARG D 817 -32.97 29.95 38.57
N ARG D 818 -32.86 28.79 39.22
CA ARG D 818 -34.04 28.06 39.68
C ARG D 818 -34.82 28.88 40.72
N ILE D 819 -34.12 29.42 41.72
CA ILE D 819 -34.82 30.16 42.76
C ILE D 819 -35.46 31.43 42.21
N SER D 820 -34.78 32.11 41.27
CA SER D 820 -35.33 33.31 40.69
C SER D 820 -36.61 33.03 39.92
N PHE D 821 -36.61 31.97 39.09
CA PHE D 821 -37.84 31.65 38.36
C PHE D 821 -38.95 31.22 39.32
N PHE D 822 -38.61 30.48 40.38
CA PHE D 822 -39.63 30.11 41.35
C PHE D 822 -40.32 31.35 41.91
N ALA D 823 -39.53 32.29 42.41
CA ALA D 823 -40.09 33.49 43.03
C ALA D 823 -40.88 34.31 42.02
N GLN D 824 -40.37 34.41 40.79
CA GLN D 824 -41.07 35.19 39.78
C GLN D 824 -42.43 34.58 39.43
N SER D 825 -42.47 33.27 39.19
CA SER D 825 -43.72 32.63 38.81
C SER D 825 -44.74 32.69 39.93
N LEU D 826 -44.28 32.78 41.18
CA LEU D 826 -45.25 32.89 42.27
C LEU D 826 -46.05 34.19 42.24
N SER D 827 -45.63 35.21 41.48
CA SER D 827 -46.33 36.50 41.50
C SER D 827 -47.61 36.50 40.69
N THR D 828 -47.70 35.70 39.63
CA THR D 828 -48.91 35.61 38.84
C THR D 828 -50.02 34.91 39.63
N PRO D 829 -51.29 35.14 39.27
CA PRO D 829 -52.38 34.48 39.99
C PRO D 829 -52.35 32.95 39.87
N ILE D 830 -52.59 32.28 40.98
CA ILE D 830 -52.56 30.82 41.08
C ILE D 830 -53.85 30.36 41.75
N PRO D 831 -54.54 29.35 41.23
CA PRO D 831 -55.70 28.81 41.95
C PRO D 831 -55.32 28.12 43.25
N GLU D 832 -56.25 28.15 44.20
CA GLU D 832 -56.00 27.57 45.53
C GLU D 832 -56.04 26.05 45.48
N PRO D 833 -55.34 25.36 46.39
CA PRO D 833 -55.32 23.89 46.38
C PRO D 833 -56.40 23.28 47.26
N LEU D 834 -56.51 21.96 47.17
CA LEU D 834 -57.26 21.07 48.04
C LEU D 834 -56.31 20.37 49.00
N PRO D 835 -56.77 19.93 50.17
CA PRO D 835 -55.94 19.07 51.01
C PRO D 835 -55.59 17.78 50.28
N VAL D 836 -54.37 17.30 50.50
CA VAL D 836 -53.89 16.14 49.75
C VAL D 836 -54.67 14.88 50.06
N ASP D 837 -55.66 14.95 50.93
CA ASP D 837 -56.55 13.83 51.15
C ASP D 837 -57.76 13.87 50.22
N ASN D 838 -57.95 14.96 49.48
CA ASN D 838 -59.04 15.12 48.53
C ASN D 838 -58.56 15.16 47.08
N MET D 839 -57.27 15.24 46.86
CA MET D 839 -56.69 15.34 45.52
C MET D 839 -56.86 14.03 44.75
N PRO D 840 -57.01 14.09 43.44
CA PRO D 840 -57.23 12.88 42.64
C PRO D 840 -55.94 12.15 42.31
N THR D 841 -56.08 11.05 41.59
CA THR D 841 -54.98 10.16 41.21
C THR D 841 -54.50 10.47 39.81
N PHE D 842 -53.20 10.32 39.56
CA PHE D 842 -52.65 10.57 38.25
C PHE D 842 -51.44 9.67 37.97
N THR D 843 -51.12 9.56 36.68
CA THR D 843 -50.11 8.64 36.20
C THR D 843 -49.11 9.39 35.33
N VAL D 844 -47.85 8.93 35.35
CA VAL D 844 -46.78 9.46 34.49
C VAL D 844 -46.31 8.33 33.59
N LEU D 845 -46.42 8.52 32.26
CA LEU D 845 -46.20 7.43 31.33
C LEU D 845 -45.01 7.71 30.41
N THR D 846 -44.12 6.72 30.26
CA THR D 846 -42.85 6.88 29.55
C THR D 846 -42.62 5.75 28.56
N PRO D 847 -42.17 6.05 27.33
CA PRO D 847 -41.76 4.98 26.41
C PRO D 847 -40.25 4.72 26.42
N HIS D 848 -39.83 3.53 25.98
CA HIS D 848 -38.41 3.16 25.94
C HIS D 848 -38.12 2.26 24.76
N TYR D 849 -37.06 2.60 24.02
CA TYR D 849 -36.53 1.75 22.95
C TYR D 849 -35.12 2.24 22.63
N ALA D 850 -34.12 1.39 22.88
CA ALA D 850 -32.73 1.55 22.48
C ALA D 850 -31.94 2.55 23.31
N GLU D 851 -32.58 3.31 24.20
CA GLU D 851 -31.82 4.28 24.99
C GLU D 851 -30.96 3.54 26.02
N ARG D 852 -30.02 4.28 26.61
CA ARG D 852 -29.08 3.68 27.54
C ARG D 852 -29.50 3.93 28.98
N ILE D 853 -29.75 2.85 29.71
CA ILE D 853 -30.18 2.95 31.09
C ILE D 853 -29.04 3.48 31.97
N LEU D 854 -27.86 2.89 31.84
CA LEU D 854 -26.68 3.31 32.58
C LEU D 854 -25.45 3.20 31.69
N LEU D 855 -24.41 3.94 32.07
CA LEU D 855 -23.18 3.96 31.32
C LEU D 855 -22.34 2.73 31.67
N SER D 856 -21.75 2.10 30.65
CA SER D 856 -20.89 0.94 30.87
C SER D 856 -19.50 1.39 31.28
N LEU D 857 -18.72 0.43 31.80
CA LEU D 857 -17.36 0.75 32.24
C LEU D 857 -16.42 1.01 31.06
N ARG D 858 -16.62 0.32 29.93
CA ARG D 858 -15.78 0.56 28.76
C ARG D 858 -15.93 2.00 28.29
N GLU D 859 -17.17 2.50 28.22
CA GLU D 859 -17.38 3.87 27.79
C GLU D 859 -16.94 4.89 28.83
N ILE D 860 -16.59 4.44 30.03
CA ILE D 860 -16.08 5.32 31.07
C ILE D 860 -14.55 5.39 31.04
N ILE D 861 -13.87 4.25 30.82
CA ILE D 861 -12.42 4.23 30.86
C ILE D 861 -11.78 4.41 29.48
N ARG D 862 -12.53 4.28 28.40
CA ARG D 862 -12.02 4.40 27.04
C ARG D 862 -12.53 5.68 26.38
N GLU D 863 -12.27 5.79 25.09
CA GLU D 863 -12.78 6.89 24.29
C GLU D 863 -13.67 6.38 23.16
N THR D 871 -11.17 11.25 26.53
CA THR D 871 -11.98 10.35 27.34
C THR D 871 -13.22 11.07 27.87
N LEU D 872 -14.30 10.31 28.05
CA LEU D 872 -15.56 10.91 28.52
C LEU D 872 -15.41 11.53 29.89
N LEU D 873 -14.73 10.85 30.81
CA LEU D 873 -14.58 11.35 32.17
C LEU D 873 -13.88 12.70 32.18
N GLU D 874 -12.78 12.81 31.42
CA GLU D 874 -12.03 14.06 31.37
C GLU D 874 -12.84 15.17 30.73
N TYR D 875 -13.59 14.82 29.68
CA TYR D 875 -14.48 15.79 29.04
C TYR D 875 -15.49 16.35 30.04
N LEU D 876 -16.13 15.48 30.81
CA LEU D 876 -17.11 15.91 31.78
C LEU D 876 -16.48 16.75 32.88
N LYS D 877 -15.31 16.33 33.37
CA LYS D 877 -14.63 17.08 34.43
C LYS D 877 -14.22 18.46 33.94
N GLN D 878 -13.70 18.56 32.71
CA GLN D 878 -13.40 19.85 32.13
C GLN D 878 -14.67 20.67 31.88
N LEU D 879 -15.82 20.01 31.80
CA LEU D 879 -17.08 20.70 31.54
C LEU D 879 -17.84 21.04 32.81
N HIS D 880 -17.74 20.22 33.86
CA HIS D 880 -18.38 20.45 35.15
C HIS D 880 -17.34 20.27 36.26
N PRO D 881 -16.40 21.19 36.38
CA PRO D 881 -15.27 20.95 37.29
C PRO D 881 -15.65 21.00 38.76
N VAL D 882 -16.47 21.99 39.12
CA VAL D 882 -16.83 22.21 40.51
C VAL D 882 -17.67 21.04 41.04
N GLU D 883 -18.54 20.49 40.20
CA GLU D 883 -19.26 19.29 40.61
C GLU D 883 -18.31 18.14 40.87
N TRP D 884 -17.28 17.99 40.03
CA TRP D 884 -16.31 16.92 40.23
C TRP D 884 -15.57 17.08 41.56
N GLU D 885 -15.17 18.30 41.89
CA GLU D 885 -14.45 18.48 43.14
C GLU D 885 -15.38 18.31 44.35
N CYS D 886 -16.64 18.74 44.25
CA CYS D 886 -17.59 18.46 45.31
C CYS D 886 -17.79 16.96 45.50
N PHE D 887 -17.88 16.21 44.41
CA PHE D 887 -18.06 14.77 44.53
C PHE D 887 -16.84 14.09 45.15
N VAL D 888 -15.63 14.53 44.80
CA VAL D 888 -14.45 13.90 45.39
C VAL D 888 -14.32 14.26 46.88
N LYS D 889 -14.73 15.49 47.23
CA LYS D 889 -14.83 15.84 48.64
C LYS D 889 -15.81 14.92 49.34
N ASP D 890 -16.96 14.64 48.71
CA ASP D 890 -17.92 13.69 49.26
C ASP D 890 -17.31 12.30 49.40
N THR D 891 -16.47 11.87 48.46
CA THR D 891 -15.85 10.56 48.57
C THR D 891 -14.98 10.47 49.81
N LYS D 892 -14.13 11.46 50.03
CA LYS D 892 -13.33 11.43 51.26
C LYS D 892 -14.16 11.67 52.51
N ILE D 893 -15.35 12.27 52.40
CA ILE D 893 -16.21 12.41 53.57
C ILE D 893 -16.62 11.05 54.12
N LEU D 894 -17.07 10.15 53.25
CA LEU D 894 -17.54 8.84 53.65
C LEU D 894 -16.45 7.78 53.60
N ALA D 895 -15.86 7.57 52.42
CA ALA D 895 -14.84 6.55 52.24
C ALA D 895 -13.57 6.89 53.02
N ALA D 931 -9.73 -3.08 43.66
CA ALA D 931 -10.89 -3.15 42.77
C ALA D 931 -11.90 -2.05 43.11
N ALA D 932 -12.32 -2.02 44.38
CA ALA D 932 -13.28 -1.04 44.89
C ALA D 932 -14.57 -1.05 44.08
N PRO D 933 -15.39 -2.09 44.21
CA PRO D 933 -16.66 -2.10 43.45
C PRO D 933 -17.60 -0.98 43.81
N GLU D 934 -17.66 -0.58 45.09
CA GLU D 934 -18.56 0.50 45.49
C GLU D 934 -18.15 1.83 44.86
N TYR D 935 -16.85 2.10 44.82
CA TYR D 935 -16.37 3.31 44.14
C TYR D 935 -16.71 3.26 42.66
N THR D 936 -16.56 2.08 42.05
CA THR D 936 -16.93 1.91 40.65
C THR D 936 -18.39 2.26 40.42
N LEU D 937 -19.28 1.69 41.24
CA LEU D 937 -20.71 1.89 41.05
C LEU D 937 -21.11 3.33 41.30
N ARG D 938 -20.56 3.97 42.35
CA ARG D 938 -20.93 5.34 42.63
C ARG D 938 -20.37 6.30 41.59
N THR D 939 -19.18 6.01 41.05
CA THR D 939 -18.68 6.78 39.92
C THR D 939 -19.59 6.62 38.71
N ARG D 940 -20.05 5.40 38.46
CA ARG D 940 -20.96 5.16 37.35
C ARG D 940 -22.25 5.96 37.51
N ILE D 941 -22.78 5.99 38.74
CA ILE D 941 -23.98 6.78 39.02
C ILE D 941 -23.70 8.27 38.79
N TRP D 942 -22.56 8.77 39.28
CA TRP D 942 -22.27 10.18 39.14
C TRP D 942 -22.19 10.57 37.67
N ALA D 943 -21.57 9.70 36.87
CA ALA D 943 -21.42 9.96 35.44
C ALA D 943 -22.75 9.85 34.71
N SER D 944 -23.64 8.98 35.19
CA SER D 944 -24.93 8.83 34.52
C SER D 944 -25.86 9.99 34.85
N LEU D 945 -25.70 10.61 36.01
CA LEU D 945 -26.57 11.74 36.33
C LEU D 945 -26.20 13.02 35.60
N ARG D 946 -25.32 12.97 34.60
CA ARG D 946 -24.96 14.15 33.80
C ARG D 946 -25.10 13.95 32.30
N SER D 947 -25.65 12.84 31.84
CA SER D 947 -25.72 12.58 30.41
C SER D 947 -27.13 12.16 30.01
N GLN D 948 -27.26 11.65 28.79
CA GLN D 948 -28.53 11.19 28.26
C GLN D 948 -28.77 9.78 28.77
N THR D 949 -29.35 9.67 29.96
CA THR D 949 -29.64 8.38 30.57
C THR D 949 -31.10 8.36 31.02
N LEU D 950 -31.65 7.14 31.09
CA LEU D 950 -32.99 6.95 31.62
C LEU D 950 -33.02 7.09 33.14
N TYR D 951 -31.94 6.74 33.82
CA TYR D 951 -31.91 6.84 35.27
C TYR D 951 -31.99 8.29 35.73
N ARG D 952 -31.37 9.20 34.97
CA ARG D 952 -31.51 10.62 35.24
C ARG D 952 -32.97 11.04 35.26
N THR D 953 -33.74 10.62 34.26
CA THR D 953 -35.16 10.96 34.18
C THR D 953 -35.98 10.33 35.29
N ILE D 954 -35.75 9.04 35.58
CA ILE D 954 -36.48 8.38 36.66
C ILE D 954 -36.25 9.10 37.98
N SER D 955 -34.97 9.37 38.29
CA SER D 955 -34.65 10.02 39.54
C SER D 955 -35.20 11.43 39.60
N GLY D 956 -35.24 12.13 38.46
CA GLY D 956 -35.85 13.45 38.45
C GLY D 956 -37.33 13.42 38.73
N PHE D 957 -38.07 12.51 38.09
CA PHE D 957 -39.53 12.53 38.20
C PHE D 957 -40.06 11.78 39.40
N MET D 958 -39.22 11.09 40.17
CA MET D 958 -39.71 10.56 41.43
C MET D 958 -39.75 11.59 42.56
N ASN D 959 -39.72 12.89 42.24
CA ASN D 959 -39.85 13.94 43.23
C ASN D 959 -41.29 14.21 43.65
N TYR D 960 -42.25 13.76 42.85
CA TYR D 960 -43.66 13.94 43.19
C TYR D 960 -43.98 13.20 44.48
N SER D 961 -43.41 12.01 44.66
CA SER D 961 -43.66 11.23 45.86
C SER D 961 -43.25 11.97 47.13
N ARG D 962 -42.02 12.49 47.15
CA ARG D 962 -41.54 13.19 48.33
C ARG D 962 -42.23 14.53 48.53
N ALA D 963 -42.66 15.17 47.43
CA ALA D 963 -43.47 16.37 47.55
C ALA D 963 -44.79 16.09 48.26
N ILE D 964 -45.47 15.01 47.87
CA ILE D 964 -46.76 14.69 48.48
C ILE D 964 -46.59 14.30 49.94
N LYS D 965 -45.53 13.56 50.26
CA LYS D 965 -45.29 13.23 51.67
C LYS D 965 -45.05 14.47 52.51
N LEU D 966 -44.22 15.40 52.02
CA LEU D 966 -43.95 16.63 52.76
C LEU D 966 -45.21 17.46 52.97
N LEU D 967 -46.01 17.61 51.92
CA LEU D 967 -47.22 18.41 52.04
C LEU D 967 -48.20 17.77 53.02
N TYR D 968 -48.38 16.46 52.93
CA TYR D 968 -49.29 15.76 53.82
C TYR D 968 -48.88 15.88 55.27
N ARG D 969 -47.58 15.80 55.56
CA ARG D 969 -47.17 15.87 56.96
C ARG D 969 -47.14 17.29 57.50
N VAL D 970 -46.91 18.30 56.64
CA VAL D 970 -46.96 19.68 57.11
C VAL D 970 -48.39 20.11 57.39
N GLU D 971 -49.35 19.65 56.59
CA GLU D 971 -50.70 20.20 56.69
C GLU D 971 -51.43 19.81 57.97
N ASN D 972 -51.10 18.70 58.61
CA ASN D 972 -51.89 18.34 59.78
C ASN D 972 -51.07 17.63 60.83
N PRO D 973 -50.78 18.30 61.95
CA PRO D 973 -49.79 17.81 62.91
C PRO D 973 -50.35 16.90 63.99
N GLU D 974 -51.65 16.62 64.01
CA GLU D 974 -52.19 15.74 65.03
C GLU D 974 -51.68 14.32 64.83
N ILE D 975 -51.56 13.90 63.57
CA ILE D 975 -51.03 12.57 63.26
C ILE D 975 -49.58 12.45 63.71
N VAL D 976 -48.76 13.44 63.37
CA VAL D 976 -47.35 13.38 63.73
C VAL D 976 -47.20 13.41 65.24
N GLN D 977 -48.12 14.09 65.93
CA GLN D 977 -48.10 14.07 67.38
C GLN D 977 -48.50 12.70 67.94
N MET D 978 -49.60 12.13 67.44
CA MET D 978 -50.12 10.90 68.03
C MET D 978 -49.21 9.72 67.78
N PHE D 979 -48.40 9.74 66.72
CA PHE D 979 -47.50 8.61 66.52
C PHE D 979 -46.37 8.62 67.56
N GLY D 980 -45.87 9.79 67.91
CA GLY D 980 -45.07 9.94 69.11
C GLY D 980 -43.80 9.11 69.20
N GLY D 981 -42.88 9.30 68.27
CA GLY D 981 -41.57 8.69 68.34
C GLY D 981 -41.40 7.42 67.53
N ASN D 982 -42.49 6.81 67.09
CA ASN D 982 -42.42 5.61 66.26
C ASN D 982 -42.22 6.07 64.83
N ALA D 983 -40.99 6.48 64.51
CA ALA D 983 -40.71 7.01 63.19
C ALA D 983 -41.06 6.00 62.10
N GLU D 984 -40.91 4.71 62.40
CA GLU D 984 -41.18 3.69 61.41
C GLU D 984 -42.66 3.64 61.05
N GLY D 985 -43.54 3.69 62.06
CA GLY D 985 -44.97 3.66 61.77
C GLY D 985 -45.43 4.87 60.97
N LEU D 986 -44.89 6.03 61.32
CA LEU D 986 -45.24 7.24 60.58
C LEU D 986 -44.74 7.16 59.14
N GLU D 987 -43.56 6.57 58.93
CA GLU D 987 -43.07 6.36 57.57
C GLU D 987 -44.00 5.47 56.77
N ARG D 988 -44.46 4.37 57.36
CA ARG D 988 -45.40 3.51 56.64
C ARG D 988 -46.67 4.25 56.30
N GLU D 989 -47.17 5.08 57.22
CA GLU D 989 -48.41 5.82 56.98
C GLU D 989 -48.25 6.80 55.82
N LEU D 990 -47.15 7.55 55.83
CA LEU D 990 -46.91 8.54 54.79
C LEU D 990 -46.75 7.90 53.44
N GLU D 991 -45.97 6.82 53.37
CA GLU D 991 -45.81 6.12 52.10
C GLU D 991 -47.13 5.56 51.61
N LYS D 992 -47.95 5.01 52.51
CA LYS D 992 -49.21 4.42 52.09
C LYS D 992 -50.13 5.46 51.47
N MET D 993 -50.19 6.66 52.06
CA MET D 993 -51.02 7.69 51.44
C MET D 993 -50.43 8.14 50.10
N ALA D 994 -49.10 8.32 50.05
CA ALA D 994 -48.51 8.84 48.82
C ALA D 994 -48.49 7.80 47.70
N ARG D 995 -48.81 6.55 48.02
CA ARG D 995 -48.73 5.49 47.02
C ARG D 995 -50.01 5.43 46.18
N ARG D 996 -51.15 5.85 46.74
CA ARG D 996 -52.44 5.76 46.06
C ARG D 996 -52.80 7.01 45.27
N LYS D 997 -51.94 8.03 45.26
CA LYS D 997 -52.18 9.28 44.57
C LYS D 997 -51.32 9.46 43.33
N PHE D 998 -50.28 8.66 43.16
CA PHE D 998 -49.26 8.86 42.13
C PHE D 998 -48.80 7.52 41.59
N LYS D 999 -48.73 7.39 40.26
CA LYS D 999 -48.21 6.16 39.66
C LYS D 999 -47.18 6.47 38.58
N PHE D 1000 -46.17 5.61 38.45
CA PHE D 1000 -45.13 5.73 37.43
C PHE D 1000 -45.24 4.52 36.52
N LEU D 1001 -45.13 4.72 35.22
CA LEU D 1001 -45.22 3.60 34.29
C LEU D 1001 -44.20 3.78 33.17
N VAL D 1002 -43.36 2.77 32.98
CA VAL D 1002 -42.34 2.75 31.93
C VAL D 1002 -42.65 1.58 31.01
N SER D 1003 -42.58 1.81 29.71
CA SER D 1003 -42.91 0.79 28.73
C SER D 1003 -41.67 0.43 27.94
N MET D 1004 -41.15 -0.77 28.16
CA MET D 1004 -40.01 -1.32 27.42
C MET D 1004 -40.53 -2.45 26.54
N GLN D 1005 -40.27 -2.35 25.24
CA GLN D 1005 -40.71 -3.40 24.32
C GLN D 1005 -39.63 -4.40 23.97
N ARG D 1006 -38.46 -4.33 24.60
CA ARG D 1006 -37.37 -5.26 24.31
C ARG D 1006 -36.80 -5.92 25.56
N LEU D 1007 -37.53 -5.92 26.67
CA LEU D 1007 -37.06 -6.62 27.86
C LEU D 1007 -36.98 -8.13 27.65
N ALA D 1008 -37.70 -8.68 26.69
CA ALA D 1008 -37.62 -10.10 26.43
C ALA D 1008 -36.29 -10.50 25.80
N LYS D 1009 -35.58 -9.58 25.15
CA LYS D 1009 -34.35 -9.90 24.44
C LYS D 1009 -33.20 -8.94 24.74
N PHE D 1010 -33.13 -8.37 25.94
CA PHE D 1010 -31.88 -7.79 26.39
C PHE D 1010 -30.80 -8.86 26.55
N LYS D 1011 -29.56 -8.44 26.31
CA LYS D 1011 -28.37 -9.17 26.70
C LYS D 1011 -28.12 -8.98 28.20
N PRO D 1012 -27.32 -9.86 28.81
CA PRO D 1012 -27.32 -9.92 30.29
C PRO D 1012 -27.00 -8.62 31.02
N HIS D 1013 -26.14 -7.75 30.48
CA HIS D 1013 -25.82 -6.54 31.24
C HIS D 1013 -26.97 -5.53 31.22
N GLU D 1014 -27.74 -5.47 30.13
CA GLU D 1014 -28.96 -4.67 30.12
C GLU D 1014 -29.97 -5.18 31.14
N LEU D 1015 -30.14 -6.50 31.23
CA LEU D 1015 -31.01 -7.08 32.25
C LEU D 1015 -30.53 -6.72 33.64
N GLU D 1016 -29.21 -6.69 33.83
CA GLU D 1016 -28.66 -6.31 35.13
C GLU D 1016 -29.04 -4.87 35.48
N ASN D 1017 -28.95 -3.97 34.49
CA ASN D 1017 -29.36 -2.59 34.73
C ASN D 1017 -30.83 -2.48 35.11
N ALA D 1018 -31.70 -3.19 34.38
CA ALA D 1018 -33.13 -3.10 34.65
C ALA D 1018 -33.45 -3.60 36.05
N GLU D 1019 -32.85 -4.73 36.44
CA GLU D 1019 -33.02 -5.22 37.79
C GLU D 1019 -32.52 -4.22 38.83
N PHE D 1020 -31.42 -3.52 38.54
CA PHE D 1020 -30.96 -2.51 39.48
C PHE D 1020 -32.00 -1.41 39.67
N LEU D 1021 -32.59 -0.94 38.57
CA LEU D 1021 -33.63 0.08 38.70
C LEU D 1021 -34.77 -0.41 39.58
N LEU D 1022 -35.25 -1.63 39.33
CA LEU D 1022 -36.32 -2.15 40.18
C LEU D 1022 -35.90 -2.26 41.63
N ARG D 1023 -34.60 -2.40 41.89
CA ARG D 1023 -34.12 -2.42 43.27
C ARG D 1023 -34.05 -1.04 43.92
N ALA D 1024 -33.70 0.01 43.17
CA ALA D 1024 -33.55 1.34 43.75
C ALA D 1024 -34.91 1.94 44.14
N TYR D 1025 -35.91 1.80 43.28
CA TYR D 1025 -37.25 2.34 43.52
C TYR D 1025 -38.24 1.19 43.48
N PRO D 1026 -38.68 0.66 44.62
CA PRO D 1026 -39.53 -0.55 44.60
C PRO D 1026 -40.89 -0.36 43.95
N ASP D 1027 -41.40 0.86 43.82
CA ASP D 1027 -42.76 1.10 43.37
C ASP D 1027 -42.88 1.34 41.86
N LEU D 1028 -41.77 1.37 41.13
CA LEU D 1028 -41.79 1.57 39.69
C LEU D 1028 -42.47 0.39 39.01
N GLN D 1029 -43.11 0.64 37.87
CA GLN D 1029 -43.80 -0.41 37.11
C GLN D 1029 -43.29 -0.46 35.67
N ILE D 1030 -43.17 -1.67 35.14
CA ILE D 1030 -42.64 -1.90 33.80
C ILE D 1030 -43.58 -2.84 33.05
N ALA D 1031 -43.86 -2.52 31.78
CA ALA D 1031 -44.67 -3.35 30.90
C ALA D 1031 -43.86 -3.82 29.72
N TYR D 1032 -44.04 -5.08 29.31
CA TYR D 1032 -43.26 -5.63 28.20
C TYR D 1032 -44.11 -6.63 27.42
N LEU D 1033 -43.53 -7.15 26.34
CA LEU D 1033 -44.15 -8.12 25.46
C LEU D 1033 -43.44 -9.45 25.59
N ASP D 1034 -44.16 -10.56 25.44
CA ASP D 1034 -43.50 -11.86 25.38
C ASP D 1034 -44.27 -12.81 24.49
N GLU D 1035 -43.64 -13.95 24.20
CA GLU D 1035 -44.01 -14.86 23.13
C GLU D 1035 -44.00 -16.30 23.63
N GLU D 1036 -44.88 -17.12 23.06
CA GLU D 1036 -44.97 -18.53 23.37
C GLU D 1036 -45.06 -19.35 22.08
N PRO D 1037 -44.58 -20.60 22.11
CA PRO D 1037 -44.64 -21.42 20.91
C PRO D 1037 -46.08 -21.76 20.54
N PRO D 1038 -46.34 -22.03 19.27
CA PRO D 1038 -47.72 -22.28 18.84
C PRO D 1038 -48.29 -23.56 19.46
N LEU D 1039 -49.61 -23.56 19.66
CA LEU D 1039 -50.28 -24.75 20.16
C LEU D 1039 -50.14 -25.92 19.18
N THR D 1040 -50.35 -25.65 17.89
CA THR D 1040 -50.24 -26.67 16.86
C THR D 1040 -48.99 -26.42 16.01
N GLU D 1041 -48.52 -27.48 15.38
CA GLU D 1041 -47.28 -27.45 14.64
C GLU D 1041 -47.40 -26.52 13.42
N GLY D 1042 -46.36 -25.74 13.18
CA GLY D 1042 -46.32 -24.90 11.99
C GLY D 1042 -47.39 -23.85 11.91
N GLU D 1043 -47.62 -23.10 12.99
CA GLU D 1043 -48.60 -22.04 13.01
C GLU D 1043 -47.97 -20.81 13.66
N GLU D 1044 -48.80 -19.81 13.93
CA GLU D 1044 -48.31 -18.54 14.44
C GLU D 1044 -48.07 -18.63 15.94
N PRO D 1045 -46.96 -18.08 16.45
CA PRO D 1045 -46.74 -18.07 17.90
C PRO D 1045 -47.67 -17.11 18.63
N ARG D 1046 -47.83 -17.35 19.92
CA ARG D 1046 -48.76 -16.58 20.73
C ARG D 1046 -48.06 -15.41 21.41
N ILE D 1047 -48.78 -14.30 21.55
CA ILE D 1047 -48.20 -13.03 21.99
C ILE D 1047 -48.98 -12.48 23.18
N TYR D 1048 -48.26 -12.07 24.22
CA TYR D 1048 -48.85 -11.58 25.46
C TYR D 1048 -48.21 -10.27 25.88
N SER D 1049 -48.98 -9.47 26.61
CA SER D 1049 -48.52 -8.22 27.22
C SER D 1049 -48.54 -8.37 28.73
N ALA D 1050 -47.42 -8.07 29.40
CA ALA D 1050 -47.23 -8.40 30.80
C ALA D 1050 -46.76 -7.20 31.62
N LEU D 1051 -47.11 -7.22 32.90
CA LEU D 1051 -46.74 -6.15 33.85
C LEU D 1051 -45.94 -6.71 35.02
N ILE D 1052 -44.90 -5.96 35.45
CA ILE D 1052 -44.19 -6.28 36.69
C ILE D 1052 -43.87 -4.99 37.44
N ASP D 1053 -43.57 -5.13 38.73
CA ASP D 1053 -43.00 -4.04 39.51
C ASP D 1053 -41.99 -4.61 40.49
N GLY D 1054 -41.70 -3.85 41.55
CA GLY D 1054 -40.65 -4.20 42.49
C GLY D 1054 -41.08 -5.03 43.69
N HIS D 1055 -42.32 -5.48 43.74
CA HIS D 1055 -42.76 -6.32 44.84
C HIS D 1055 -43.10 -7.75 44.39
N CYS D 1056 -42.85 -8.09 43.12
CA CYS D 1056 -43.01 -9.47 42.65
C CYS D 1056 -41.79 -10.29 43.03
N GLU D 1057 -42.03 -11.54 43.38
CA GLU D 1057 -40.91 -12.32 43.88
C GLU D 1057 -40.02 -12.79 42.74
N ILE D 1058 -38.87 -13.34 43.11
CA ILE D 1058 -37.89 -13.82 42.14
C ILE D 1058 -38.16 -15.29 41.84
N LEU D 1059 -38.32 -15.61 40.56
CA LEU D 1059 -38.45 -17.00 40.18
C LEU D 1059 -37.08 -17.67 40.14
N ASP D 1060 -37.07 -19.00 40.23
CA ASP D 1060 -35.80 -19.72 40.16
C ASP D 1060 -35.15 -19.61 38.79
N ASN D 1061 -35.90 -19.17 37.78
CA ASN D 1061 -35.32 -18.93 36.46
C ASN D 1061 -34.56 -17.61 36.41
N GLY D 1062 -34.69 -16.79 37.45
CA GLY D 1062 -34.06 -15.48 37.51
C GLY D 1062 -34.98 -14.34 37.13
N ARG D 1063 -36.14 -14.63 36.57
CA ARG D 1063 -37.12 -13.63 36.16
C ARG D 1063 -38.14 -13.43 37.28
N ARG D 1064 -38.97 -12.41 37.13
CA ARG D 1064 -40.03 -12.09 38.07
C ARG D 1064 -41.36 -12.54 37.50
N ARG D 1065 -42.29 -12.98 38.37
CA ARG D 1065 -43.60 -13.37 37.84
C ARG D 1065 -44.45 -12.12 37.62
N PRO D 1066 -45.12 -11.99 36.49
CA PRO D 1066 -45.98 -10.82 36.29
C PRO D 1066 -47.19 -10.83 37.20
N LYS D 1067 -47.73 -9.63 37.45
CA LYS D 1067 -49.05 -9.50 38.05
C LYS D 1067 -50.13 -9.88 37.05
N PHE D 1068 -50.02 -9.38 35.81
CA PHE D 1068 -51.00 -9.57 34.76
C PHE D 1068 -50.31 -9.96 33.47
N ARG D 1069 -50.88 -10.94 32.78
CA ARG D 1069 -50.57 -11.30 31.39
C ARG D 1069 -51.85 -11.28 30.59
N VAL D 1070 -51.89 -10.53 29.49
CA VAL D 1070 -53.08 -10.41 28.66
C VAL D 1070 -52.70 -10.79 27.24
N GLN D 1071 -53.46 -11.72 26.64
CA GLN D 1071 -53.15 -12.22 25.31
C GLN D 1071 -53.66 -11.28 24.22
N LEU D 1072 -52.81 -11.07 23.20
CA LEU D 1072 -53.14 -10.25 22.05
C LEU D 1072 -53.48 -11.14 20.86
N SER D 1073 -53.94 -10.52 19.78
CA SER D 1073 -54.26 -11.27 18.58
C SER D 1073 -53.09 -11.38 17.61
N GLY D 1074 -51.96 -10.74 17.91
CA GLY D 1074 -50.78 -10.91 17.10
C GLY D 1074 -49.74 -9.91 17.47
N ASN D 1075 -48.79 -9.72 16.58
CA ASN D 1075 -47.77 -8.70 16.78
C ASN D 1075 -48.42 -7.32 16.71
N PRO D 1076 -48.28 -6.48 17.72
CA PRO D 1076 -48.99 -5.20 17.75
C PRO D 1076 -48.30 -4.10 16.95
N ILE D 1077 -47.01 -4.25 16.69
CA ILE D 1077 -46.24 -3.22 16.00
C ILE D 1077 -46.40 -3.43 14.51
N LEU D 1078 -47.26 -2.64 13.87
CA LEU D 1078 -47.43 -2.67 12.43
C LEU D 1078 -46.80 -1.46 11.76
N GLY D 1079 -46.94 -0.27 12.33
CA GLY D 1079 -46.30 0.90 11.77
C GLY D 1079 -45.20 1.42 12.65
N ASP D 1080 -44.23 2.12 12.08
CA ASP D 1080 -43.14 2.66 12.88
C ASP D 1080 -43.62 3.85 13.70
N GLY D 1081 -42.99 4.03 14.85
CA GLY D 1081 -43.32 5.12 15.76
C GLY D 1081 -43.50 4.64 17.19
N LYS D 1082 -43.84 5.60 18.04
CA LYS D 1082 -44.12 5.31 19.45
C LYS D 1082 -45.60 5.11 19.74
N SER D 1083 -46.50 5.40 18.81
CA SER D 1083 -47.92 5.32 19.10
C SER D 1083 -48.33 3.89 19.44
N ASP D 1084 -47.87 2.92 18.66
CA ASP D 1084 -48.15 1.52 18.97
C ASP D 1084 -47.48 1.10 20.27
N ASN D 1085 -46.34 1.71 20.61
CA ASN D 1085 -45.70 1.42 21.88
C ASN D 1085 -46.59 1.82 23.05
N GLN D 1086 -47.22 2.99 23.00
CA GLN D 1086 -48.05 3.41 24.12
C GLN D 1086 -49.40 2.72 24.12
N ASN D 1087 -49.88 2.28 22.97
CA ASN D 1087 -51.21 1.67 22.93
C ASN D 1087 -51.26 0.35 23.69
N HIS D 1088 -50.16 -0.42 23.69
CA HIS D 1088 -50.28 -1.71 24.37
C HIS D 1088 -50.10 -1.59 25.88
N ALA D 1089 -49.35 -0.60 26.35
CA ALA D 1089 -49.20 -0.37 27.77
C ALA D 1089 -50.27 0.55 28.34
N LEU D 1090 -51.13 1.11 27.50
CA LEU D 1090 -52.18 2.00 27.97
C LEU D 1090 -53.26 1.30 28.78
N ILE D 1091 -53.41 -0.02 28.68
CA ILE D 1091 -54.43 -0.69 29.49
C ILE D 1091 -54.05 -0.83 30.94
N PHE D 1092 -52.84 -0.44 31.31
CA PHE D 1092 -52.33 -0.60 32.68
C PHE D 1092 -52.23 0.72 33.43
N TYR D 1093 -52.85 1.79 32.94
CA TYR D 1093 -52.73 3.07 33.63
C TYR D 1093 -53.86 3.18 34.64
N ARG D 1094 -53.69 4.03 35.64
CA ARG D 1094 -54.71 4.29 36.64
C ARG D 1094 -54.90 5.78 36.85
N GLY D 1095 -56.09 6.16 37.29
CA GLY D 1095 -56.36 7.50 37.74
C GLY D 1095 -57.36 8.24 36.90
N GLU D 1096 -57.19 9.55 36.85
CA GLU D 1096 -58.01 10.44 36.04
C GLU D 1096 -57.22 11.30 35.08
N TYR D 1097 -55.92 11.48 35.30
CA TYR D 1097 -55.09 12.35 34.48
C TYR D 1097 -53.78 11.67 34.16
N ILE D 1098 -53.25 11.96 32.97
CA ILE D 1098 -52.01 11.39 32.50
C ILE D 1098 -51.04 12.52 32.17
N GLN D 1099 -49.77 12.33 32.55
CA GLN D 1099 -48.68 13.18 32.07
C GLN D 1099 -47.80 12.39 31.12
N LEU D 1100 -47.64 12.91 29.92
CA LEU D 1100 -46.86 12.29 28.86
C LEU D 1100 -45.49 12.95 28.82
N ILE D 1101 -44.45 12.17 29.08
CA ILE D 1101 -43.09 12.67 29.06
C ILE D 1101 -42.32 11.87 28.00
N ASP D 1102 -41.04 12.13 27.86
CA ASP D 1102 -40.21 11.36 26.95
C ASP D 1102 -38.92 10.92 27.65
N ALA D 1103 -38.03 10.28 26.89
CA ALA D 1103 -36.91 9.56 27.49
C ALA D 1103 -35.91 10.50 28.14
N ASN D 1104 -35.75 11.73 27.61
CA ASN D 1104 -34.81 12.70 28.14
C ASN D 1104 -35.56 13.93 28.62
N GLN D 1105 -35.93 13.93 29.90
CA GLN D 1105 -36.66 15.01 30.54
C GLN D 1105 -36.32 14.99 32.01
N ASP D 1106 -36.42 16.14 32.67
CA ASP D 1106 -36.03 16.28 34.05
C ASP D 1106 -36.98 17.20 34.82
N ASN D 1107 -36.92 17.11 36.14
CA ASN D 1107 -37.85 17.84 36.99
C ASN D 1107 -37.17 18.19 38.32
N TYR D 1108 -37.81 19.07 39.07
CA TYR D 1108 -37.25 19.62 40.29
C TYR D 1108 -38.32 19.67 41.38
N LEU D 1109 -37.88 19.73 42.64
CA LEU D 1109 -38.83 19.65 43.75
C LEU D 1109 -39.75 20.87 43.81
N GLU D 1110 -39.18 22.07 43.70
CA GLU D 1110 -39.98 23.28 43.82
C GLU D 1110 -41.02 23.38 42.71
N GLU D 1111 -40.76 22.79 41.54
CA GLU D 1111 -41.77 22.71 40.50
C GLU D 1111 -42.80 21.63 40.80
N CYS D 1112 -42.38 20.48 41.32
CA CYS D 1112 -43.29 19.39 41.66
C CYS D 1112 -44.19 19.72 42.82
N LEU D 1113 -43.94 20.83 43.50
CA LEU D 1113 -44.71 21.21 44.67
C LEU D 1113 -46.02 21.92 44.32
N LYS D 1114 -46.31 22.15 43.03
CA LYS D 1114 -47.50 22.90 42.58
C LYS D 1114 -48.47 22.06 41.76
N ILE D 1115 -48.42 20.74 41.94
CA ILE D 1115 -49.21 19.83 41.10
C ILE D 1115 -50.69 20.04 41.34
N ARG D 1116 -51.10 20.33 42.59
CA ARG D 1116 -52.51 20.49 42.89
C ARG D 1116 -53.10 21.68 42.14
N SER D 1117 -52.37 22.79 42.12
CA SER D 1117 -52.84 23.97 41.40
C SER D 1117 -52.86 23.74 39.90
N VAL D 1118 -51.90 22.98 39.37
CA VAL D 1118 -51.91 22.68 37.94
C VAL D 1118 -53.13 21.81 37.58
N LEU D 1119 -53.39 20.77 38.37
CA LEU D 1119 -54.50 19.87 38.08
C LEU D 1119 -55.84 20.55 38.21
N ALA D 1120 -55.97 21.54 39.11
CA ALA D 1120 -57.24 22.27 39.23
C ALA D 1120 -57.57 23.11 38.01
N GLU D 1121 -56.78 23.03 36.93
CA GLU D 1121 -56.98 23.87 35.75
C GLU D 1121 -57.97 23.25 34.76
N PHE D 1122 -58.37 22.00 34.95
CA PHE D 1122 -59.35 21.34 34.08
C PHE D 1122 -60.78 21.68 34.44
N GLU D 1123 -61.00 22.40 35.54
CA GLU D 1123 -62.32 22.90 35.96
C GLU D 1123 -63.27 21.77 36.33
N GLU D 1124 -62.81 20.89 37.21
CA GLU D 1124 -63.66 19.82 37.73
C GLU D 1124 -63.58 19.65 39.24
N LEU D 1125 -62.63 20.30 39.93
CA LEU D 1125 -62.37 20.00 41.32
C LEU D 1125 -63.24 20.77 42.30
N ASN D 1126 -63.69 21.97 41.96
CA ASN D 1126 -64.42 22.83 42.88
C ASN D 1126 -65.74 23.29 42.28
N VAL D 1127 -66.48 22.36 41.68
CA VAL D 1127 -67.78 22.67 41.10
C VAL D 1127 -68.86 21.90 41.84
N GLU D 1128 -70.05 22.48 41.89
CA GLU D 1128 -71.20 21.81 42.47
C GLU D 1128 -71.70 20.70 41.55
N GLN D 1129 -72.48 19.79 42.11
CA GLN D 1129 -72.96 18.62 41.40
C GLN D 1129 -74.47 18.70 41.23
N VAL D 1130 -74.94 18.40 40.03
CA VAL D 1130 -76.36 18.40 39.72
C VAL D 1130 -76.70 17.14 38.93
N ASN D 1131 -77.96 16.76 38.96
CA ASN D 1131 -78.41 15.54 38.32
C ASN D 1131 -78.45 15.72 36.81
N PRO D 1132 -77.73 14.92 36.03
CA PRO D 1132 -77.75 15.09 34.57
C PRO D 1132 -79.08 14.78 33.92
N TYR D 1133 -79.92 13.94 34.52
CA TYR D 1133 -81.14 13.47 33.88
C TYR D 1133 -82.40 14.11 34.45
N ALA D 1134 -82.27 15.29 35.06
CA ALA D 1134 -83.42 15.95 35.64
C ALA D 1134 -84.41 16.38 34.55
N PRO D 1135 -85.72 16.23 34.76
CA PRO D 1135 -86.69 16.59 33.71
C PRO D 1135 -86.68 18.06 33.33
N GLY D 1136 -86.36 18.96 34.26
CA GLY D 1136 -86.50 20.38 33.97
C GLY D 1136 -85.43 20.97 33.07
N LEU D 1137 -84.25 20.35 33.02
CA LEU D 1137 -83.12 20.94 32.29
C LEU D 1137 -83.30 20.81 30.79
N ARG D 1138 -82.72 21.77 30.06
CA ARG D 1138 -82.65 21.77 28.61
C ARG D 1138 -81.20 21.94 28.18
N TYR D 1139 -80.96 21.72 26.89
CA TYR D 1139 -79.60 21.69 26.37
C TYR D 1139 -78.91 23.05 26.49
N GLU D 1140 -79.66 24.13 26.36
CA GLU D 1140 -79.06 25.45 26.35
C GLU D 1140 -78.68 25.95 27.75
N GLU D 1141 -79.33 25.44 28.79
CA GLU D 1141 -79.00 25.85 30.17
C GLU D 1141 -77.79 25.11 30.72
N GLN D 1142 -77.41 23.99 30.13
CA GLN D 1142 -76.33 23.19 30.68
C GLN D 1142 -75.01 23.93 30.56
N THR D 1143 -74.18 23.79 31.60
CA THR D 1143 -72.89 24.47 31.67
C THR D 1143 -71.71 23.51 31.57
N THR D 1144 -71.95 22.29 31.11
CA THR D 1144 -70.92 21.26 31.05
C THR D 1144 -70.80 20.68 29.65
N ASN D 1145 -70.99 21.50 28.63
CA ASN D 1145 -71.10 21.00 27.27
C ASN D 1145 -69.73 20.76 26.62
N HIS D 1146 -68.74 21.60 26.93
CA HIS D 1146 -67.42 21.54 26.30
C HIS D 1146 -66.33 21.39 27.34
N PRO D 1147 -65.88 20.18 27.62
CA PRO D 1147 -64.82 19.98 28.62
C PRO D 1147 -63.45 20.34 28.09
N VAL D 1148 -62.52 20.51 29.02
CA VAL D 1148 -61.12 20.77 28.70
C VAL D 1148 -60.43 19.45 28.44
N ALA D 1149 -59.69 19.38 27.34
CA ALA D 1149 -59.06 18.14 26.90
C ALA D 1149 -57.55 18.12 27.12
N ILE D 1150 -56.88 19.24 26.96
CA ILE D 1150 -55.42 19.33 27.04
C ILE D 1150 -55.05 20.56 27.86
N VAL D 1151 -53.95 20.47 28.60
CA VAL D 1151 -53.30 21.61 29.23
C VAL D 1151 -51.82 21.56 28.92
N GLY D 1152 -51.30 22.59 28.25
CA GLY D 1152 -49.90 22.66 27.86
C GLY D 1152 -49.17 23.75 28.61
N ALA D 1153 -47.91 23.46 28.97
CA ALA D 1153 -47.11 24.37 29.77
C ALA D 1153 -46.17 25.18 28.88
N ARG D 1154 -45.76 26.34 29.38
CA ARG D 1154 -44.91 27.25 28.64
C ARG D 1154 -43.83 27.82 29.57
N GLU D 1155 -42.72 28.22 28.96
CA GLU D 1155 -41.57 28.75 29.71
C GLU D 1155 -41.88 30.13 30.30
N HIS D 1192 -54.10 27.46 17.81
CA HIS D 1192 -54.46 26.56 18.89
C HIS D 1192 -53.45 25.42 19.01
N TYR D 1193 -52.23 25.65 18.54
CA TYR D 1193 -51.20 24.64 18.65
C TYR D 1193 -50.71 24.56 20.09
N GLY D 1194 -50.32 23.36 20.51
CA GLY D 1194 -49.63 23.17 21.76
C GLY D 1194 -49.26 21.71 21.94
N HIS D 1195 -48.04 21.42 22.37
CA HIS D 1195 -47.70 20.05 22.70
C HIS D 1195 -48.39 19.68 24.01
N PRO D 1196 -49.10 18.57 24.07
CA PRO D 1196 -49.86 18.21 25.27
C PRO D 1196 -49.06 17.66 26.43
N ASP D 1197 -48.70 18.49 27.41
CA ASP D 1197 -48.11 17.96 28.63
C ASP D 1197 -49.09 17.07 29.42
N PHE D 1198 -50.27 17.59 29.73
CA PHE D 1198 -51.24 16.93 30.61
C PHE D 1198 -52.49 16.56 29.83
N ILE D 1199 -53.11 15.43 30.17
CA ILE D 1199 -54.19 14.86 29.38
C ILE D 1199 -55.32 14.39 30.28
N ASN D 1200 -56.55 14.76 29.90
CA ASN D 1200 -57.79 14.31 30.52
C ASN D 1200 -58.15 12.92 30.00
N ALA D 1201 -58.03 11.91 30.85
CA ALA D 1201 -57.97 10.52 30.39
C ALA D 1201 -59.35 10.01 29.96
N THR D 1202 -60.41 10.35 30.70
CA THR D 1202 -61.74 9.88 30.31
C THR D 1202 -62.17 10.47 28.96
N PHE D 1203 -61.93 11.76 28.76
CA PHE D 1203 -62.27 12.38 27.48
C PHE D 1203 -61.46 11.79 26.34
N MET D 1204 -60.15 11.64 26.54
CA MET D 1204 -59.27 11.21 25.46
C MET D 1204 -59.45 9.74 25.10
N THR D 1205 -59.46 8.86 26.08
CA THR D 1205 -59.42 7.43 25.82
C THR D 1205 -60.72 6.86 25.29
N THR D 1206 -61.79 7.65 25.26
CA THR D 1206 -63.05 7.19 24.68
C THR D 1206 -63.25 7.68 23.25
N ARG D 1207 -62.29 8.37 22.66
CA ARG D 1207 -62.39 8.89 21.30
C ARG D 1207 -61.09 8.70 20.54
N GLY D 1208 -60.54 7.50 20.59
CA GLY D 1208 -59.23 7.26 20.02
C GLY D 1208 -58.16 7.39 21.08
N GLY D 1209 -56.92 7.13 20.68
CA GLY D 1209 -55.85 7.01 21.64
C GLY D 1209 -55.42 8.33 22.27
N VAL D 1210 -54.30 8.28 22.99
CA VAL D 1210 -53.63 9.49 23.44
C VAL D 1210 -52.78 10.08 22.32
N SER D 1211 -52.40 9.26 21.34
CA SER D 1211 -51.63 9.67 20.18
C SER D 1211 -52.07 8.87 18.96
N LYS D 1212 -51.72 9.35 17.78
CA LYS D 1212 -52.14 8.71 16.53
C LYS D 1212 -51.05 8.79 15.48
N ALA D 1213 -51.02 7.80 14.60
CA ALA D 1213 -50.01 7.71 13.56
C ALA D 1213 -50.16 8.85 12.54
N GLU D 1221 -47.41 13.19 15.49
CA GLU D 1221 -48.45 12.45 16.19
C GLU D 1221 -49.08 13.31 17.28
N ASP D 1222 -48.52 14.50 17.49
CA ASP D 1222 -48.91 15.36 18.60
C ASP D 1222 -49.87 16.47 18.18
N ILE D 1223 -49.54 17.21 17.11
CA ILE D 1223 -50.45 18.25 16.64
C ILE D 1223 -51.76 17.66 16.14
N TYR D 1224 -51.69 16.47 15.54
CA TYR D 1224 -52.91 15.83 15.06
C TYR D 1224 -53.87 15.53 16.21
N ALA D 1225 -53.33 15.18 17.38
CA ALA D 1225 -54.17 14.97 18.55
C ALA D 1225 -54.86 16.27 18.98
N GLY D 1226 -54.14 17.38 18.95
CA GLY D 1226 -54.76 18.65 19.29
C GLY D 1226 -55.85 19.04 18.33
N MET D 1227 -55.62 18.85 17.03
CA MET D 1227 -56.65 19.19 16.05
C MET D 1227 -57.85 18.25 16.16
N ASN D 1228 -57.63 16.97 16.45
CA ASN D 1228 -58.76 16.06 16.60
C ASN D 1228 -59.58 16.39 17.84
N ALA D 1229 -58.91 16.73 18.94
CA ALA D 1229 -59.63 17.14 20.14
C ALA D 1229 -60.43 18.41 19.88
N MET D 1230 -59.86 19.35 19.14
CA MET D 1230 -60.60 20.57 18.79
C MET D 1230 -61.81 20.26 17.93
N LEU D 1231 -61.65 19.43 16.90
CA LEU D 1231 -62.77 19.12 16.01
C LEU D 1231 -63.88 18.39 16.75
N ARG D 1232 -63.51 17.54 17.72
CA ARG D 1232 -64.52 16.78 18.45
C ARG D 1232 -65.28 17.63 19.47
N GLY D 1233 -64.69 18.71 19.97
CA GLY D 1233 -65.42 19.63 20.81
C GLY D 1233 -64.80 20.00 22.14
N GLY D 1234 -63.51 19.72 22.34
CA GLY D 1234 -62.84 20.06 23.58
C GLY D 1234 -62.15 21.41 23.53
N ARG D 1235 -61.51 21.76 24.64
CA ARG D 1235 -60.82 23.04 24.78
C ARG D 1235 -59.38 22.81 25.20
N ILE D 1236 -58.49 23.69 24.76
CA ILE D 1236 -57.06 23.58 25.02
C ILE D 1236 -56.62 24.84 25.76
N LYS D 1237 -55.85 24.67 26.83
CA LYS D 1237 -55.44 25.78 27.68
C LYS D 1237 -53.93 25.77 27.91
N HIS D 1238 -53.42 26.91 28.37
CA HIS D 1238 -52.00 27.09 28.64
C HIS D 1238 -51.79 27.61 30.05
N CYS D 1239 -50.79 27.04 30.71
CA CYS D 1239 -50.43 27.38 32.08
C CYS D 1239 -49.10 28.11 32.07
N GLU D 1240 -49.04 29.27 32.72
CA GLU D 1240 -47.86 30.11 32.62
C GLU D 1240 -46.94 30.02 33.83
N TYR D 1241 -47.27 29.22 34.83
CA TYR D 1241 -46.42 29.09 36.00
C TYR D 1241 -45.84 27.70 36.19
N TYR D 1242 -45.80 26.90 35.12
CA TYR D 1242 -45.18 25.58 35.13
C TYR D 1242 -44.20 25.52 33.97
N GLN D 1243 -43.12 24.77 34.13
CA GLN D 1243 -42.15 24.59 33.06
C GLN D 1243 -41.95 23.11 32.78
N CYS D 1244 -41.81 22.75 31.50
CA CYS D 1244 -41.42 21.41 31.12
C CYS D 1244 -39.96 21.42 30.69
N GLY D 1245 -39.18 20.50 31.24
CA GLY D 1245 -37.76 20.45 30.97
C GLY D 1245 -37.41 19.60 29.78
N LYS D 1246 -37.94 19.94 28.60
CA LYS D 1246 -37.66 19.19 27.39
C LYS D 1246 -36.43 19.77 26.70
N GLY D 1247 -35.53 18.89 26.27
CA GLY D 1247 -34.33 19.31 25.58
C GLY D 1247 -33.56 18.14 24.98
N GLY D 1267 -45.26 20.40 4.91
CA GLY D 1267 -45.25 19.71 3.63
C GLY D 1267 -46.27 18.61 3.58
N GLU D 1268 -46.12 17.63 4.47
CA GLU D 1268 -47.09 16.54 4.55
C GLU D 1268 -48.37 17.01 5.23
N GLN D 1269 -48.28 18.07 6.04
CA GLN D 1269 -49.46 18.55 6.74
C GLN D 1269 -50.53 19.05 5.79
N MET D 1270 -50.14 19.77 4.74
CA MET D 1270 -51.12 20.45 3.91
C MET D 1270 -51.95 19.49 3.05
N LEU D 1271 -51.64 18.21 3.03
CA LEU D 1271 -52.38 17.25 2.23
C LEU D 1271 -53.34 16.40 3.07
N SER D 1272 -53.60 16.80 4.32
CA SER D 1272 -54.33 15.98 5.28
C SER D 1272 -55.82 16.32 5.30
N ARG D 1273 -56.59 15.45 5.97
CA ARG D 1273 -58.02 15.70 6.17
C ARG D 1273 -58.26 16.86 7.14
N GLU D 1274 -57.42 16.99 8.16
CA GLU D 1274 -57.66 17.96 9.22
C GLU D 1274 -57.68 19.37 8.68
N TYR D 1275 -56.76 19.70 7.76
CA TYR D 1275 -56.79 21.00 7.12
C TYR D 1275 -58.03 21.18 6.27
N TYR D 1276 -58.49 20.10 5.63
CA TYR D 1276 -59.68 20.20 4.80
C TYR D 1276 -60.90 20.53 5.63
N TYR D 1277 -61.00 19.95 6.83
CA TYR D 1277 -62.13 20.20 7.69
C TYR D 1277 -62.03 21.56 8.36
N LEU D 1278 -60.83 21.96 8.80
CA LEU D 1278 -60.68 23.26 9.47
C LEU D 1278 -60.85 24.42 8.50
N GLY D 1279 -60.28 24.31 7.31
CA GLY D 1279 -60.28 25.43 6.40
C GLY D 1279 -61.65 25.79 5.87
N THR D 1280 -62.48 24.80 5.61
CA THR D 1280 -63.73 25.02 4.90
C THR D 1280 -64.96 25.11 5.81
N GLN D 1281 -64.79 25.18 7.13
CA GLN D 1281 -65.94 25.24 8.02
C GLN D 1281 -65.83 26.21 9.19
N LEU D 1282 -64.65 26.73 9.52
CA LEU D 1282 -64.55 27.65 10.63
C LEU D 1282 -65.20 28.99 10.30
N PRO D 1283 -65.74 29.69 11.29
CA PRO D 1283 -66.16 31.09 11.07
C PRO D 1283 -64.95 31.98 10.85
N VAL D 1284 -65.20 33.16 10.29
CA VAL D 1284 -64.15 33.90 9.60
C VAL D 1284 -63.02 34.32 10.55
N ASP D 1285 -63.36 34.82 11.74
CA ASP D 1285 -62.30 35.35 12.61
C ASP D 1285 -61.40 34.24 13.14
N ARG D 1286 -61.97 33.12 13.53
CA ARG D 1286 -61.17 31.98 13.95
C ARG D 1286 -60.31 31.46 12.80
N PHE D 1287 -60.85 31.47 11.58
CA PHE D 1287 -60.07 31.04 10.43
C PHE D 1287 -58.88 31.96 10.19
N LEU D 1288 -59.10 33.28 10.29
CA LEU D 1288 -57.99 34.20 10.09
C LEU D 1288 -56.92 34.02 11.13
N THR D 1289 -57.32 33.76 12.38
CA THR D 1289 -56.32 33.51 13.42
C THR D 1289 -55.54 32.23 13.14
N PHE D 1290 -56.21 31.19 12.66
CA PHE D 1290 -55.53 29.93 12.37
C PHE D 1290 -54.58 30.06 11.18
N TYR D 1291 -54.99 30.77 10.14
CA TYR D 1291 -54.18 30.83 8.92
C TYR D 1291 -52.88 31.58 9.14
N TYR D 1292 -52.92 32.73 9.81
CA TYR D 1292 -51.75 33.56 9.89
C TYR D 1292 -50.72 33.08 10.89
N ALA D 1293 -51.02 32.01 11.63
CA ALA D 1293 -50.02 31.39 12.48
C ALA D 1293 -49.29 30.26 11.76
N HIS D 1294 -50.00 29.22 11.37
CA HIS D 1294 -49.28 28.08 10.82
C HIS D 1294 -48.93 28.14 9.32
N PRO D 1295 -49.89 28.18 8.37
CA PRO D 1295 -49.47 28.16 6.96
C PRO D 1295 -49.15 29.53 6.37
N GLY D 1296 -49.65 30.61 6.97
CA GLY D 1296 -49.30 31.94 6.49
C GLY D 1296 -47.82 32.20 6.54
N PHE D 1297 -47.13 31.61 7.53
CA PHE D 1297 -45.68 31.76 7.65
C PHE D 1297 -44.93 31.19 6.45
N HIS D 1298 -45.21 29.92 6.11
CA HIS D 1298 -44.53 29.29 4.98
C HIS D 1298 -44.90 29.95 3.66
N LEU D 1299 -46.16 30.33 3.47
CA LEU D 1299 -46.51 31.04 2.24
C LEU D 1299 -45.78 32.38 2.14
N ASN D 1300 -45.59 33.07 3.26
CA ASN D 1300 -44.78 34.28 3.26
C ASN D 1300 -43.36 34.02 2.81
N ASN D 1301 -42.75 32.96 3.33
CA ASN D 1301 -41.37 32.63 2.94
C ASN D 1301 -41.28 32.34 1.45
N LEU D 1302 -42.28 31.67 0.89
CA LEU D 1302 -42.29 31.43 -0.56
C LEU D 1302 -42.41 32.73 -1.36
N PHE D 1303 -43.33 33.61 -0.94
CA PHE D 1303 -43.62 34.82 -1.71
C PHE D 1303 -42.41 35.73 -1.79
N ILE D 1304 -41.62 35.79 -0.73
CA ILE D 1304 -40.44 36.68 -0.74
C ILE D 1304 -39.48 36.30 -1.87
N GLN D 1305 -39.14 35.02 -1.97
CA GLN D 1305 -38.25 34.58 -3.04
C GLN D 1305 -38.84 34.87 -4.41
N LEU D 1306 -40.13 34.59 -4.57
CA LEU D 1306 -40.70 34.68 -5.90
C LEU D 1306 -40.70 36.13 -6.39
N SER D 1307 -40.92 37.07 -5.48
CA SER D 1307 -40.83 38.49 -5.82
C SER D 1307 -39.40 38.90 -6.18
N LEU D 1308 -38.41 38.35 -5.47
CA LEU D 1308 -37.02 38.66 -5.82
C LEU D 1308 -36.73 38.29 -7.27
N GLN D 1309 -37.12 37.08 -7.67
CA GLN D 1309 -36.86 36.63 -9.03
C GLN D 1309 -37.56 37.51 -10.06
N MET D 1310 -38.82 37.87 -9.80
CA MET D 1310 -39.54 38.71 -10.77
C MET D 1310 -38.88 40.09 -10.92
N PHE D 1311 -38.35 40.63 -9.82
CA PHE D 1311 -37.66 41.92 -9.93
C PHE D 1311 -36.41 41.80 -10.79
N MET D 1312 -35.67 40.69 -10.65
CA MET D 1312 -34.49 40.54 -11.49
C MET D 1312 -34.85 40.52 -12.98
N LEU D 1313 -35.92 39.80 -13.33
CA LEU D 1313 -36.33 39.78 -14.74
C LEU D 1313 -36.75 41.17 -15.24
N THR D 1314 -37.51 41.90 -14.43
CA THR D 1314 -37.85 43.27 -14.79
C THR D 1314 -36.60 44.10 -15.01
N LEU D 1315 -35.59 43.95 -14.14
CA LEU D 1315 -34.39 44.77 -14.24
C LEU D 1315 -33.62 44.47 -15.52
N VAL D 1316 -33.54 43.18 -15.90
CA VAL D 1316 -32.87 42.84 -17.16
C VAL D 1316 -33.52 43.55 -18.34
N ASN D 1317 -34.84 43.44 -18.48
CA ASN D 1317 -35.49 44.06 -19.64
C ASN D 1317 -35.41 45.59 -19.59
N LEU D 1318 -35.60 46.17 -18.41
CA LEU D 1318 -35.55 47.63 -18.29
C LEU D 1318 -34.17 48.17 -18.61
N SER D 1319 -33.12 47.51 -18.10
CA SER D 1319 -31.74 47.94 -18.39
C SER D 1319 -31.40 47.79 -19.85
N SER D 1320 -31.85 46.69 -20.49
CA SER D 1320 -31.62 46.55 -21.92
C SER D 1320 -32.25 47.68 -22.71
N LEU D 1321 -33.50 48.03 -22.35
CA LEU D 1321 -34.18 49.13 -23.03
C LEU D 1321 -33.47 50.46 -22.80
N ALA D 1322 -33.01 50.70 -21.57
CA ALA D 1322 -32.38 51.98 -21.27
C ALA D 1322 -31.02 52.11 -21.96
N HIS D 1323 -30.22 51.05 -21.93
CA HIS D 1323 -28.94 51.07 -22.64
C HIS D 1323 -29.13 51.27 -24.13
N GLU D 1324 -30.14 50.61 -24.70
CA GLU D 1324 -30.36 50.70 -26.14
C GLU D 1324 -30.83 52.08 -26.55
N SER D 1325 -31.82 52.63 -25.86
CA SER D 1325 -32.49 53.87 -26.25
C SER D 1325 -31.73 55.11 -25.76
N ILE D 1326 -32.01 56.23 -26.40
CA ILE D 1326 -31.54 57.54 -25.97
C ILE D 1326 -32.41 57.99 -24.80
N MET D 1327 -31.84 58.79 -23.90
CA MET D 1327 -32.46 59.04 -22.61
C MET D 1327 -32.62 60.53 -22.36
N CYS D 1328 -33.66 60.89 -21.60
CA CYS D 1328 -33.84 62.24 -21.11
C CYS D 1328 -34.20 62.18 -19.63
N ILE D 1329 -33.87 63.25 -18.89
CA ILE D 1329 -33.98 63.27 -17.43
C ILE D 1329 -34.76 64.50 -16.99
N TYR D 1330 -35.69 64.30 -16.05
CA TYR D 1330 -36.45 65.38 -15.45
C TYR D 1330 -36.78 65.06 -14.00
N ASP D 1331 -37.08 66.11 -13.22
CA ASP D 1331 -37.35 66.02 -11.79
C ASP D 1331 -38.78 66.44 -11.48
N ARG D 1332 -39.11 66.52 -10.19
CA ARG D 1332 -40.44 66.89 -9.73
C ARG D 1332 -40.82 68.33 -10.02
N ASN D 1333 -39.87 69.16 -10.46
CA ASN D 1333 -40.15 70.55 -10.82
C ASN D 1333 -40.67 70.72 -12.24
N LYS D 1334 -41.21 69.66 -12.84
CA LYS D 1334 -41.67 69.69 -14.22
C LYS D 1334 -42.95 70.53 -14.35
N PRO D 1335 -43.11 71.26 -15.47
CA PRO D 1335 -44.39 71.92 -15.76
C PRO D 1335 -45.47 70.95 -16.21
N LYS D 1336 -46.62 71.47 -16.61
CA LYS D 1336 -47.77 70.62 -16.96
C LYS D 1336 -47.42 69.66 -18.09
N THR D 1337 -46.91 70.20 -19.20
CA THR D 1337 -46.52 69.37 -20.34
C THR D 1337 -45.58 70.19 -21.20
N ASP D 1338 -44.39 69.65 -21.49
CA ASP D 1338 -43.45 70.33 -22.35
C ASP D 1338 -42.49 69.32 -22.96
N VAL D 1339 -41.89 69.71 -24.07
CA VAL D 1339 -40.82 68.91 -24.63
C VAL D 1339 -39.51 69.21 -23.91
N LEU D 1340 -38.60 68.27 -23.97
CA LEU D 1340 -37.33 68.40 -23.30
C LEU D 1340 -36.31 68.99 -24.26
N VAL D 1341 -35.04 69.04 -23.80
CA VAL D 1341 -33.99 69.74 -24.53
C VAL D 1341 -33.79 69.17 -25.94
N PRO D 1342 -33.51 67.89 -26.13
CA PRO D 1342 -33.53 67.25 -27.46
C PRO D 1342 -34.82 66.64 -27.95
N ILE D 1343 -34.79 66.24 -29.21
CA ILE D 1343 -36.01 65.94 -29.98
C ILE D 1343 -36.18 64.43 -30.20
N GLY D 1344 -37.30 63.90 -29.77
CA GLY D 1344 -37.59 62.49 -29.97
C GLY D 1344 -36.93 61.52 -28.99
N CYS D 1345 -36.42 62.01 -27.86
CA CYS D 1345 -35.88 61.07 -26.87
C CYS D 1345 -37.01 60.44 -26.07
N TYR D 1346 -36.67 59.55 -25.14
CA TYR D 1346 -37.67 58.72 -24.48
C TYR D 1346 -37.59 58.91 -22.98
N ASN D 1347 -38.71 59.37 -22.39
CA ASN D 1347 -38.79 59.58 -20.96
C ASN D 1347 -38.93 58.26 -20.23
N PHE D 1348 -37.85 57.80 -19.61
CA PHE D 1348 -37.92 56.61 -18.77
C PHE D 1348 -37.46 56.94 -17.35
N GLN D 1349 -37.44 58.23 -17.00
CA GLN D 1349 -37.18 58.62 -15.62
C GLN D 1349 -38.16 58.01 -14.62
N PRO D 1350 -39.46 57.96 -14.87
CA PRO D 1350 -40.32 57.19 -13.95
C PRO D 1350 -39.91 55.74 -13.84
N ALA D 1351 -39.42 55.15 -14.94
CA ALA D 1351 -38.98 53.77 -14.90
C ALA D 1351 -37.77 53.62 -13.99
N VAL D 1352 -37.02 54.69 -13.76
CA VAL D 1352 -35.88 54.59 -12.85
C VAL D 1352 -36.17 55.21 -11.48
N ASP D 1353 -37.35 55.78 -11.27
CA ASP D 1353 -37.81 56.08 -9.91
C ASP D 1353 -38.51 54.88 -9.28
N TRP D 1354 -39.15 54.07 -10.10
CA TRP D 1354 -39.79 52.86 -9.59
C TRP D 1354 -38.79 51.98 -8.84
N VAL D 1355 -37.55 51.92 -9.32
CA VAL D 1355 -36.55 51.07 -8.68
C VAL D 1355 -36.28 51.54 -7.25
N ARG D 1356 -36.17 52.86 -7.07
CA ARG D 1356 -35.98 53.40 -5.72
C ARG D 1356 -37.10 52.96 -4.79
N ARG D 1357 -38.35 53.16 -5.24
CA ARG D 1357 -39.47 52.79 -4.36
C ARG D 1357 -39.44 51.30 -4.02
N TYR D 1358 -39.17 50.45 -5.03
CA TYR D 1358 -39.17 49.01 -4.79
C TYR D 1358 -38.09 48.60 -3.80
N THR D 1359 -36.86 49.11 -3.98
CA THR D 1359 -35.77 48.70 -3.09
C THR D 1359 -36.07 49.09 -1.66
N LEU D 1360 -36.59 50.31 -1.47
CA LEU D 1360 -36.99 50.75 -0.14
C LEU D 1360 -37.98 49.79 0.49
N SER D 1361 -39.05 49.47 -0.24
CA SER D 1361 -40.13 48.64 0.33
C SER D 1361 -39.65 47.24 0.66
N ILE D 1362 -38.91 46.61 -0.24
CA ILE D 1362 -38.44 45.26 0.00
C ILE D 1362 -37.51 45.23 1.21
N PHE D 1363 -36.70 46.27 1.41
CA PHE D 1363 -35.79 46.21 2.55
C PHE D 1363 -36.50 46.44 3.88
N ILE D 1364 -37.54 47.29 3.90
CA ILE D 1364 -38.32 47.39 5.14
C ILE D 1364 -38.96 46.05 5.49
N VAL D 1365 -39.53 45.36 4.49
CA VAL D 1365 -40.15 44.07 4.76
C VAL D 1365 -39.12 43.08 5.28
N PHE D 1366 -37.94 43.04 4.66
CA PHE D 1366 -36.92 42.08 5.09
C PHE D 1366 -36.44 42.37 6.51
N TRP D 1367 -36.29 43.66 6.87
CA TRP D 1367 -35.89 43.99 8.23
C TRP D 1367 -36.93 43.53 9.23
N ILE D 1368 -38.21 43.75 8.93
CA ILE D 1368 -39.25 43.32 9.85
C ILE D 1368 -39.21 41.81 10.05
N ALA D 1369 -39.00 41.06 8.96
CA ALA D 1369 -38.89 39.61 9.10
C ALA D 1369 -37.58 39.17 9.75
N PHE D 1370 -36.55 40.03 9.75
CA PHE D 1370 -35.25 39.64 10.28
C PHE D 1370 -35.03 40.06 11.74
N VAL D 1371 -35.87 40.94 12.27
CA VAL D 1371 -35.81 41.25 13.70
C VAL D 1371 -35.86 40.01 14.59
N PRO D 1372 -36.74 39.02 14.37
CA PRO D 1372 -36.76 37.87 15.28
C PRO D 1372 -35.44 37.13 15.36
N ILE D 1373 -34.73 36.97 14.24
CA ILE D 1373 -33.44 36.29 14.27
C ILE D 1373 -32.42 37.08 15.08
N VAL D 1374 -32.40 38.40 14.91
CA VAL D 1374 -31.49 39.25 15.67
C VAL D 1374 -31.80 39.15 17.16
N VAL D 1375 -33.09 39.15 17.51
CA VAL D 1375 -33.48 39.02 18.91
C VAL D 1375 -33.03 37.67 19.47
N GLN D 1376 -33.22 36.60 18.69
CA GLN D 1376 -32.87 35.27 19.17
C GLN D 1376 -31.37 35.11 19.36
N GLU D 1377 -30.57 35.66 18.44
CA GLU D 1377 -29.14 35.36 18.44
C GLU D 1377 -28.32 36.35 19.27
N LEU D 1378 -28.81 37.57 19.48
CA LEU D 1378 -28.08 38.58 20.23
C LEU D 1378 -28.28 38.48 21.74
N ILE D 1379 -28.67 37.31 22.23
CA ILE D 1379 -28.76 37.06 23.67
C ILE D 1379 -27.82 35.97 24.14
N GLU D 1380 -27.21 35.22 23.21
CA GLU D 1380 -26.31 34.14 23.58
C GLU D 1380 -24.86 34.58 23.73
N ARG D 1381 -24.53 35.83 23.39
CA ARG D 1381 -23.17 36.33 23.56
C ARG D 1381 -23.03 36.95 24.93
N ILE D 1436 -16.05 22.59 11.28
CA ILE D 1436 -17.02 21.95 10.40
C ILE D 1436 -16.39 21.75 9.02
N PRO D 1437 -16.46 20.52 8.51
CA PRO D 1437 -15.92 20.26 7.17
C PRO D 1437 -16.73 20.98 6.10
N PHE D 1438 -16.04 21.30 5.00
CA PHE D 1438 -16.67 22.05 3.93
C PHE D 1438 -17.75 21.25 3.22
N SER D 1439 -17.59 19.93 3.13
CA SER D 1439 -18.50 19.12 2.36
C SER D 1439 -19.91 19.14 2.93
N ILE D 1440 -20.05 18.84 4.22
CA ILE D 1440 -21.37 18.79 4.83
C ILE D 1440 -21.98 20.19 4.89
N LEU D 1441 -21.15 21.20 5.16
CA LEU D 1441 -21.64 22.58 5.20
C LEU D 1441 -22.18 23.01 3.84
N TYR D 1442 -21.48 22.66 2.76
CA TYR D 1442 -21.95 22.97 1.42
C TYR D 1442 -23.23 22.21 1.09
N SER D 1443 -23.29 20.92 1.44
CA SER D 1443 -24.47 20.13 1.12
C SER D 1443 -25.69 20.61 1.91
N ARG D 1444 -25.48 21.15 3.11
CA ARG D 1444 -26.60 21.62 3.92
C ARG D 1444 -27.33 22.77 3.23
N PHE D 1445 -26.59 23.71 2.66
CA PHE D 1445 -27.18 24.82 1.92
C PHE D 1445 -27.33 24.55 0.44
N ALA D 1446 -26.92 23.37 -0.03
CA ALA D 1446 -27.12 23.01 -1.43
C ALA D 1446 -28.61 22.94 -1.74
N GLY D 1447 -29.01 23.56 -2.85
CA GLY D 1447 -30.40 23.57 -3.24
C GLY D 1447 -31.27 24.54 -2.49
N SER D 1448 -30.70 25.38 -1.63
CA SER D 1448 -31.46 26.36 -0.87
C SER D 1448 -30.61 27.63 -0.75
N ALA D 1449 -31.01 28.66 -1.48
CA ALA D 1449 -30.41 30.00 -1.41
C ALA D 1449 -28.94 30.03 -1.83
N ILE D 1450 -28.49 29.06 -2.61
CA ILE D 1450 -27.19 29.09 -3.25
C ILE D 1450 -27.31 29.17 -4.77
N TYR D 1451 -27.95 28.17 -5.38
CA TYR D 1451 -28.12 28.18 -6.84
C TYR D 1451 -28.93 29.39 -7.28
N MET D 1452 -29.99 29.72 -6.53
CA MET D 1452 -30.77 30.91 -6.82
C MET D 1452 -29.91 32.17 -6.65
N GLY D 1453 -29.03 32.19 -5.65
CA GLY D 1453 -28.16 33.34 -5.49
C GLY D 1453 -27.18 33.52 -6.63
N ALA D 1454 -26.53 32.43 -7.05
CA ALA D 1454 -25.59 32.54 -8.16
C ALA D 1454 -26.28 33.01 -9.43
N ARG D 1455 -27.42 32.42 -9.73
CA ARG D 1455 -28.23 32.86 -10.87
C ARG D 1455 -28.61 34.33 -10.76
N SER D 1456 -28.83 34.81 -9.53
CA SER D 1456 -29.27 36.17 -9.33
C SER D 1456 -28.12 37.17 -9.45
N MET D 1457 -26.93 36.82 -8.97
CA MET D 1457 -25.82 37.75 -9.09
C MET D 1457 -25.32 37.89 -10.51
N LEU D 1458 -25.44 36.85 -11.34
CA LEU D 1458 -25.20 37.06 -12.77
C LEU D 1458 -26.11 38.16 -13.34
N MET D 1459 -27.42 38.05 -13.10
CA MET D 1459 -28.33 39.04 -13.68
C MET D 1459 -28.10 40.42 -13.08
N LEU D 1460 -27.78 40.47 -11.79
CA LEU D 1460 -27.48 41.74 -11.13
C LEU D 1460 -26.23 42.37 -11.73
N LEU D 1461 -25.23 41.55 -12.07
CA LEU D 1461 -24.02 42.06 -12.69
C LEU D 1461 -24.31 42.63 -14.07
N PHE D 1462 -25.14 41.95 -14.86
CA PHE D 1462 -25.48 42.51 -16.18
C PHE D 1462 -26.17 43.86 -16.03
N GLY D 1463 -27.17 43.93 -15.14
CA GLY D 1463 -27.85 45.20 -14.93
C GLY D 1463 -26.91 46.28 -14.46
N THR D 1464 -25.96 45.93 -13.60
CA THR D 1464 -25.00 46.91 -13.09
C THR D 1464 -24.10 47.46 -14.19
N VAL D 1465 -23.59 46.57 -15.05
CA VAL D 1465 -22.64 47.00 -16.09
C VAL D 1465 -23.35 47.83 -17.15
N ALA D 1466 -24.52 47.38 -17.63
CA ALA D 1466 -25.17 48.05 -18.75
C ALA D 1466 -25.60 49.47 -18.39
N HIS D 1467 -26.21 49.64 -17.21
CA HIS D 1467 -26.71 50.94 -16.78
C HIS D 1467 -26.61 51.01 -15.26
N TRP D 1468 -25.95 52.04 -14.76
CA TRP D 1468 -25.63 52.15 -13.34
C TRP D 1468 -26.69 52.97 -12.62
N GLN D 1469 -27.42 52.32 -11.71
CA GLN D 1469 -28.38 52.97 -10.84
C GLN D 1469 -27.86 52.85 -9.42
N ALA D 1470 -27.92 53.96 -8.68
CA ALA D 1470 -27.34 54.01 -7.34
C ALA D 1470 -27.94 52.99 -6.38
N PRO D 1471 -29.27 52.83 -6.27
CA PRO D 1471 -29.81 51.90 -5.27
C PRO D 1471 -29.43 50.44 -5.47
N LEU D 1472 -29.00 50.03 -6.67
CA LEU D 1472 -28.51 48.66 -6.81
C LEU D 1472 -27.31 48.42 -5.91
N LEU D 1473 -26.63 49.50 -5.50
CA LEU D 1473 -25.54 49.39 -4.53
C LEU D 1473 -25.99 48.70 -3.26
N TRP D 1474 -27.26 48.82 -2.90
CA TRP D 1474 -27.71 48.13 -1.69
C TRP D 1474 -27.81 46.63 -1.94
N PHE D 1475 -28.25 46.25 -3.14
CA PHE D 1475 -28.47 44.85 -3.46
C PHE D 1475 -27.18 44.05 -3.37
N TRP D 1476 -26.08 44.64 -3.84
CA TRP D 1476 -24.80 43.94 -3.81
C TRP D 1476 -24.44 43.53 -2.39
N ALA D 1477 -24.99 44.26 -1.40
CA ALA D 1477 -24.84 43.83 -0.02
C ALA D 1477 -25.59 42.51 0.23
N SER D 1478 -26.91 42.52 0.08
CA SER D 1478 -27.73 41.45 0.65
C SER D 1478 -27.34 40.09 0.09
N LEU D 1479 -27.20 39.98 -1.23
CA LEU D 1479 -26.86 38.68 -1.81
C LEU D 1479 -25.49 38.22 -1.33
N SER D 1480 -24.52 39.14 -1.26
CA SER D 1480 -23.16 38.74 -0.90
C SER D 1480 -23.13 38.06 0.46
N SER D 1481 -23.68 38.73 1.48
CA SER D 1481 -23.74 38.13 2.81
C SER D 1481 -24.47 36.80 2.79
N LEU D 1482 -25.49 36.66 1.93
CA LEU D 1482 -26.25 35.42 1.88
C LEU D 1482 -25.36 34.24 1.57
N ILE D 1483 -24.30 34.44 0.80
CA ILE D 1483 -23.38 33.35 0.50
C ILE D 1483 -22.29 33.25 1.55
N PHE D 1484 -21.93 34.37 2.18
CA PHE D 1484 -20.75 34.41 3.03
C PHE D 1484 -21.06 34.19 4.51
N ALA D 1485 -22.34 34.06 4.87
CA ALA D 1485 -22.69 33.87 6.28
C ALA D 1485 -22.19 32.54 6.86
N PRO D 1486 -22.42 31.38 6.23
CA PRO D 1486 -21.98 30.13 6.88
C PRO D 1486 -20.48 30.03 7.06
N PHE D 1487 -19.71 30.67 6.20
CA PHE D 1487 -18.25 30.51 6.21
C PHE D 1487 -17.55 31.52 7.11
N VAL D 1488 -18.12 32.71 7.28
CA VAL D 1488 -17.50 33.68 8.18
C VAL D 1488 -17.59 33.21 9.62
N PHE D 1489 -18.62 32.43 9.95
CA PHE D 1489 -18.87 32.00 11.32
C PHE D 1489 -18.26 30.65 11.66
N ASN D 1490 -17.61 29.99 10.71
CA ASN D 1490 -16.98 28.70 10.98
C ASN D 1490 -15.73 28.90 11.82
N PRO D 1491 -15.57 28.18 12.93
CA PRO D 1491 -14.39 28.38 13.78
C PRO D 1491 -13.11 27.91 13.10
N HIS D 1492 -12.03 28.65 13.37
CA HIS D 1492 -10.69 28.30 12.91
C HIS D 1492 -10.63 28.16 11.39
N GLN D 1493 -11.32 29.05 10.68
CA GLN D 1493 -11.28 29.07 9.22
C GLN D 1493 -10.02 29.75 8.70
N PHE D 1494 -9.29 30.45 9.54
CA PHE D 1494 -8.08 31.15 9.13
C PHE D 1494 -6.89 30.23 8.97
N ALA D 1495 -6.85 29.13 9.73
CA ALA D 1495 -5.65 28.31 9.81
C ALA D 1495 -5.35 27.67 8.46
N TRP D 1496 -4.05 27.65 8.11
CA TRP D 1496 -3.66 27.03 6.85
C TRP D 1496 -3.95 25.54 6.85
N GLU D 1497 -3.58 24.86 7.92
CA GLU D 1497 -3.71 23.40 7.97
C GLU D 1497 -5.18 22.98 7.89
N ASP D 1498 -6.05 23.65 8.62
CA ASP D 1498 -7.47 23.31 8.57
C ASP D 1498 -8.04 23.55 7.18
N PHE D 1499 -7.68 24.66 6.56
CA PHE D 1499 -8.21 24.99 5.23
C PHE D 1499 -7.78 23.95 4.21
N PHE D 1500 -6.51 23.56 4.23
CA PHE D 1500 -6.03 22.60 3.24
C PHE D 1500 -6.51 21.18 3.54
N LEU D 1501 -6.66 20.82 4.82
CA LEU D 1501 -7.29 19.54 5.14
C LEU D 1501 -8.74 19.50 4.69
N ASP D 1502 -9.48 20.60 4.87
CA ASP D 1502 -10.85 20.65 4.39
C ASP D 1502 -10.90 20.57 2.87
N TYR D 1503 -9.91 21.18 2.20
CA TYR D 1503 -9.83 21.05 0.75
C TYR D 1503 -9.65 19.59 0.35
N ARG D 1504 -8.75 18.88 1.04
CA ARG D 1504 -8.57 17.46 0.78
C ARG D 1504 -9.87 16.69 0.99
N ASP D 1505 -10.56 16.97 2.10
CA ASP D 1505 -11.77 16.22 2.42
C ASP D 1505 -12.87 16.48 1.39
N TYR D 1506 -13.02 17.74 0.97
CA TYR D 1506 -14.01 18.07 -0.06
C TYR D 1506 -13.68 17.36 -1.35
N ILE D 1507 -12.41 17.36 -1.75
CA ILE D 1507 -12.01 16.70 -2.99
C ILE D 1507 -12.30 15.20 -2.91
N ARG D 1508 -12.01 14.58 -1.76
CA ARG D 1508 -12.26 13.15 -1.62
C ARG D 1508 -13.75 12.84 -1.60
N TRP D 1509 -14.56 13.69 -0.96
CA TRP D 1509 -16.01 13.51 -0.98
C TRP D 1509 -16.56 13.61 -2.39
N LEU D 1510 -16.01 14.52 -3.19
CA LEU D 1510 -16.45 14.63 -4.58
C LEU D 1510 -16.17 13.34 -5.35
N SER D 1511 -14.97 12.77 -5.17
CA SER D 1511 -14.60 11.56 -5.89
C SER D 1511 -14.50 10.38 -4.94
N ALA D 1555 -55.35 9.43 -18.36
CA ALA D 1555 -56.59 10.16 -18.08
C ALA D 1555 -56.27 11.54 -17.50
N HIS D 1556 -57.01 11.90 -16.44
CA HIS D 1556 -56.89 13.24 -15.88
C HIS D 1556 -55.51 13.50 -15.32
N ARG D 1557 -54.91 12.52 -14.64
CA ARG D 1557 -53.63 12.75 -13.99
C ARG D 1557 -52.51 13.03 -14.99
N THR D 1558 -52.54 12.40 -16.16
CA THR D 1558 -51.53 12.67 -17.18
C THR D 1558 -51.56 14.13 -17.59
N ASN D 1559 -52.75 14.65 -17.91
CA ASN D 1559 -52.89 16.06 -18.28
C ASN D 1559 -52.65 16.99 -17.10
N LEU D 1560 -52.78 16.49 -15.87
CA LEU D 1560 -52.64 17.33 -14.69
C LEU D 1560 -51.20 17.51 -14.25
N ILE D 1561 -50.36 16.48 -14.42
CA ILE D 1561 -48.96 16.57 -14.02
C ILE D 1561 -48.18 17.60 -14.82
N MET D 1562 -48.50 17.76 -16.10
CA MET D 1562 -47.71 18.57 -17.03
C MET D 1562 -47.96 20.07 -16.92
N ALA D 1563 -48.98 20.50 -16.15
CA ALA D 1563 -49.24 21.93 -16.05
C ALA D 1563 -48.14 22.65 -15.28
N GLU D 1564 -47.49 21.98 -14.34
CA GLU D 1564 -46.45 22.58 -13.51
C GLU D 1564 -45.27 23.08 -14.32
N ILE D 1565 -45.13 22.64 -15.57
CA ILE D 1565 -44.09 23.15 -16.46
C ILE D 1565 -44.28 24.62 -16.79
N ILE D 1566 -45.53 25.12 -16.80
CA ILE D 1566 -45.80 26.44 -17.35
C ILE D 1566 -44.99 27.53 -16.66
N PRO D 1567 -44.87 27.56 -15.33
CA PRO D 1567 -43.99 28.56 -14.70
C PRO D 1567 -42.55 28.56 -15.21
N CYS D 1568 -41.95 27.40 -15.42
CA CYS D 1568 -40.54 27.37 -15.79
C CYS D 1568 -40.28 27.88 -17.21
N ALA D 1569 -41.23 27.68 -18.13
CA ALA D 1569 -41.01 28.11 -19.50
C ALA D 1569 -41.07 29.63 -19.63
N ILE D 1570 -42.09 30.26 -19.03
CA ILE D 1570 -42.32 31.69 -19.24
C ILE D 1570 -41.07 32.48 -18.87
N TYR D 1571 -40.51 32.18 -17.70
CA TYR D 1571 -39.29 32.84 -17.23
C TYR D 1571 -38.19 32.79 -18.29
N ALA D 1572 -37.96 31.61 -18.87
CA ALA D 1572 -36.91 31.49 -19.86
C ALA D 1572 -37.15 32.41 -21.04
N ALA D 1573 -38.40 32.44 -21.53
CA ALA D 1573 -38.68 33.32 -22.67
C ALA D 1573 -38.37 34.76 -22.34
N GLY D 1574 -38.57 35.15 -21.07
CA GLY D 1574 -38.28 36.51 -20.68
C GLY D 1574 -36.84 36.90 -20.90
N CYS D 1575 -35.91 35.97 -20.62
CA CYS D 1575 -34.50 36.29 -20.90
C CYS D 1575 -34.26 36.36 -22.40
N PHE D 1576 -34.93 35.49 -23.16
CA PHE D 1576 -34.67 35.36 -24.58
C PHE D 1576 -34.95 36.66 -25.33
N ILE D 1577 -35.98 37.39 -24.93
CA ILE D 1577 -36.26 38.68 -25.57
C ILE D 1577 -35.16 39.67 -25.28
N ALA D 1578 -34.67 39.72 -24.03
CA ALA D 1578 -33.69 40.72 -23.67
C ALA D 1578 -32.43 40.60 -24.51
N PHE D 1579 -32.00 39.37 -24.77
CA PHE D 1579 -30.85 39.14 -25.63
C PHE D 1579 -31.10 39.62 -27.06
N THR D 1580 -32.31 39.42 -27.58
CA THR D 1580 -32.56 39.80 -28.97
C THR D 1580 -32.60 41.32 -29.13
N PHE D 1581 -33.26 42.03 -28.21
CA PHE D 1581 -33.43 43.47 -28.34
C PHE D 1581 -32.09 44.19 -28.35
N ILE D 1582 -31.14 43.76 -27.52
CA ILE D 1582 -29.86 44.44 -27.46
C ILE D 1582 -29.06 44.19 -28.73
N ASN D 1583 -29.43 43.13 -29.47
CA ASN D 1583 -28.92 42.89 -30.81
C ASN D 1583 -29.86 43.43 -31.90
N ALA D 1584 -30.98 44.04 -31.50
CA ALA D 1584 -31.96 44.59 -32.43
C ALA D 1584 -31.53 45.91 -33.06
N GLN D 1585 -30.50 46.56 -32.53
CA GLN D 1585 -29.96 47.78 -33.11
C GLN D 1585 -31.02 48.88 -33.21
N THR D 1586 -31.86 48.99 -32.18
CA THR D 1586 -32.84 50.06 -32.10
C THR D 1586 -32.23 51.39 -31.73
N GLY D 1587 -31.11 51.40 -31.00
CA GLY D 1587 -30.49 52.64 -30.60
C GLY D 1587 -30.06 53.49 -31.78
N VAL D 1588 -29.86 52.85 -32.93
CA VAL D 1588 -29.60 53.55 -34.18
C VAL D 1588 -30.82 53.33 -35.07
N LYS D 1589 -30.96 54.20 -36.07
CA LYS D 1589 -31.93 53.98 -37.13
C LYS D 1589 -31.68 52.62 -37.77
N THR D 1590 -32.67 51.72 -37.63
CA THR D 1590 -32.51 50.37 -38.15
C THR D 1590 -32.48 50.37 -39.67
N THR D 1591 -31.51 49.66 -40.23
CA THR D 1591 -31.49 49.44 -41.66
C THR D 1591 -32.73 48.65 -42.06
N ASP D 1592 -33.26 48.96 -43.24
CA ASP D 1592 -34.47 48.29 -43.68
C ASP D 1592 -34.12 46.96 -44.33
N ASP D 1593 -35.11 46.05 -44.33
CA ASP D 1593 -35.11 44.77 -45.01
C ASP D 1593 -33.77 44.03 -44.98
N ASP D 1594 -33.08 44.07 -43.84
CA ASP D 1594 -31.91 43.25 -43.60
C ASP D 1594 -32.25 42.26 -42.50
N ARG D 1595 -31.88 41.00 -42.70
CA ARG D 1595 -32.24 39.92 -41.79
C ARG D 1595 -30.99 39.37 -41.12
N VAL D 1596 -31.14 39.01 -39.84
CA VAL D 1596 -30.12 38.29 -39.11
C VAL D 1596 -30.83 37.43 -38.08
N ASN D 1597 -30.22 36.32 -37.71
CA ASN D 1597 -30.80 35.47 -36.69
C ASN D 1597 -29.74 35.08 -35.68
N SER D 1598 -30.17 34.98 -34.42
CA SER D 1598 -29.31 34.53 -33.33
C SER D 1598 -29.93 33.34 -32.63
N VAL D 1599 -31.12 32.92 -33.04
CA VAL D 1599 -31.77 31.76 -32.43
C VAL D 1599 -30.95 30.51 -32.70
N LEU D 1600 -30.33 30.44 -33.88
CA LEU D 1600 -29.46 29.31 -34.19
C LEU D 1600 -28.30 29.21 -33.20
N ARG D 1601 -27.68 30.35 -32.89
CA ARG D 1601 -26.58 30.36 -31.93
C ARG D 1601 -27.05 29.85 -30.57
N ILE D 1602 -28.17 30.37 -30.07
CA ILE D 1602 -28.67 29.97 -28.75
C ILE D 1602 -29.02 28.49 -28.72
N ILE D 1603 -29.61 27.98 -29.80
CA ILE D 1603 -30.03 26.57 -29.76
C ILE D 1603 -28.82 25.65 -29.80
N ILE D 1604 -27.80 25.96 -30.62
CA ILE D 1604 -26.62 25.12 -30.52
C ILE D 1604 -25.97 25.28 -29.15
N CYS D 1605 -26.08 26.48 -28.57
CA CYS D 1605 -25.51 26.73 -27.25
C CYS D 1605 -26.12 25.84 -26.19
N THR D 1606 -27.45 25.76 -26.17
CA THR D 1606 -28.12 24.97 -25.15
C THR D 1606 -28.09 23.48 -25.45
N LEU D 1607 -27.82 23.09 -26.70
CA LEU D 1607 -27.90 21.67 -27.05
C LEU D 1607 -26.55 20.96 -27.14
N ALA D 1608 -25.46 21.67 -27.39
CA ALA D 1608 -24.19 21.00 -27.67
C ALA D 1608 -23.66 20.14 -26.52
N PRO D 1609 -23.56 20.64 -25.27
CA PRO D 1609 -23.05 19.75 -24.21
C PRO D 1609 -23.91 18.52 -23.97
N ILE D 1610 -25.23 18.63 -24.14
CA ILE D 1610 -26.09 17.46 -23.98
C ILE D 1610 -25.75 16.41 -25.02
N ALA D 1611 -25.55 16.83 -26.27
CA ALA D 1611 -25.17 15.89 -27.31
C ALA D 1611 -23.81 15.28 -27.02
N VAL D 1612 -22.87 16.08 -26.51
CA VAL D 1612 -21.54 15.56 -26.19
C VAL D 1612 -21.65 14.51 -25.08
N ASN D 1613 -22.47 14.76 -24.06
CA ASN D 1613 -22.65 13.78 -23.01
C ASN D 1613 -23.31 12.51 -23.52
N LEU D 1614 -24.29 12.64 -24.42
CA LEU D 1614 -24.90 11.44 -24.99
C LEU D 1614 -23.88 10.63 -25.77
N GLY D 1615 -23.02 11.31 -26.53
CA GLY D 1615 -21.97 10.61 -27.25
C GLY D 1615 -20.97 9.95 -26.31
N VAL D 1616 -20.60 10.62 -25.23
CA VAL D 1616 -19.67 10.05 -24.26
C VAL D 1616 -20.26 8.80 -23.62
N LEU D 1617 -21.54 8.86 -23.27
CA LEU D 1617 -22.19 7.68 -22.70
C LEU D 1617 -22.26 6.54 -23.71
N PHE D 1618 -22.56 6.85 -24.97
CA PHE D 1618 -22.57 5.80 -25.99
C PHE D 1618 -21.19 5.18 -26.15
N PHE D 1619 -20.14 5.99 -26.18
CA PHE D 1619 -18.79 5.47 -26.32
C PHE D 1619 -18.40 4.61 -25.13
N CYS D 1620 -18.74 5.05 -23.92
CA CYS D 1620 -18.45 4.25 -22.74
C CYS D 1620 -19.20 2.92 -22.78
N MET D 1621 -20.45 2.93 -23.21
CA MET D 1621 -21.24 1.69 -23.25
C MET D 1621 -20.80 0.76 -24.37
N GLY D 1622 -20.23 1.29 -25.45
CA GLY D 1622 -19.75 0.43 -26.53
C GLY D 1622 -18.40 -0.20 -26.25
N MET D 1623 -17.70 0.22 -25.20
CA MET D 1623 -16.36 -0.27 -24.91
C MET D 1623 -16.46 -1.54 -24.06
N SER D 1624 -16.72 -2.66 -24.75
CA SER D 1624 -16.73 -3.99 -24.15
C SER D 1624 -17.69 -4.05 -22.96
N CYS D 1625 -18.96 -3.74 -23.22
CA CYS D 1625 -19.97 -3.83 -22.17
C CYS D 1625 -20.24 -5.27 -21.75
N CYS D 1626 -19.89 -6.24 -22.58
CA CYS D 1626 -20.09 -7.65 -22.27
C CYS D 1626 -19.01 -8.22 -21.36
N SER D 1627 -17.95 -7.45 -21.05
CA SER D 1627 -16.87 -7.90 -20.18
C SER D 1627 -16.85 -7.01 -18.94
N GLY D 1628 -17.45 -7.50 -17.86
CA GLY D 1628 -17.48 -6.79 -16.61
C GLY D 1628 -16.10 -6.54 -16.00
N PRO D 1629 -15.26 -7.57 -15.91
CA PRO D 1629 -13.91 -7.36 -15.37
C PRO D 1629 -13.05 -6.40 -16.18
N LEU D 1630 -13.35 -6.17 -17.45
CA LEU D 1630 -12.55 -5.24 -18.25
C LEU D 1630 -12.64 -3.82 -17.70
N PHE D 1631 -13.84 -3.42 -17.25
CA PHE D 1631 -14.01 -2.10 -16.65
C PHE D 1631 -13.18 -1.97 -15.37
N GLY D 1632 -13.17 -3.01 -14.54
CA GLY D 1632 -12.32 -3.00 -13.36
C GLY D 1632 -10.84 -2.95 -13.71
N MET D 1633 -10.45 -3.62 -14.80
CA MET D 1633 -9.07 -3.55 -15.25
C MET D 1633 -8.69 -2.14 -15.66
N CYS D 1634 -9.57 -1.47 -16.41
CA CYS D 1634 -9.24 -0.13 -16.90
C CYS D 1634 -9.48 0.93 -15.83
N CYS D 1635 -10.72 1.07 -15.37
CA CYS D 1635 -11.03 2.04 -14.32
C CYS D 1635 -12.31 1.61 -13.63
N LYS D 1636 -12.21 1.23 -12.35
CA LYS D 1636 -13.39 0.87 -11.57
C LYS D 1636 -14.34 2.04 -11.40
N LYS D 1637 -13.82 3.26 -11.46
CA LYS D 1637 -14.58 4.48 -11.23
C LYS D 1637 -14.37 5.46 -12.38
N THR D 1638 -14.56 4.96 -13.61
CA THR D 1638 -14.44 5.81 -14.79
C THR D 1638 -15.48 6.92 -14.81
N GLY D 1639 -16.51 6.81 -13.97
CA GLY D 1639 -17.48 7.89 -13.86
C GLY D 1639 -16.85 9.20 -13.49
N SER D 1640 -15.86 9.19 -12.59
CA SER D 1640 -15.13 10.41 -12.27
C SER D 1640 -14.36 10.94 -13.49
N VAL D 1641 -13.81 10.02 -14.29
CA VAL D 1641 -13.07 10.44 -15.48
C VAL D 1641 -14.00 11.15 -16.45
N MET D 1642 -15.17 10.56 -16.72
CA MET D 1642 -16.11 11.20 -17.64
C MET D 1642 -16.69 12.48 -17.02
N ALA D 1643 -16.77 12.54 -15.70
CA ALA D 1643 -17.22 13.76 -15.04
C ALA D 1643 -16.23 14.90 -15.28
N GLY D 1644 -14.94 14.63 -15.13
CA GLY D 1644 -13.94 15.64 -15.44
C GLY D 1644 -13.97 16.04 -16.90
N ILE D 1645 -14.15 15.06 -17.79
CA ILE D 1645 -14.25 15.36 -19.21
C ILE D 1645 -15.44 16.28 -19.50
N ALA D 1646 -16.59 15.98 -18.88
CA ALA D 1646 -17.79 16.79 -19.09
C ALA D 1646 -17.61 18.21 -18.57
N HIS D 1647 -16.98 18.36 -17.40
CA HIS D 1647 -16.63 19.70 -16.94
C HIS D 1647 -15.79 20.45 -17.96
N GLY D 1648 -14.72 19.79 -18.46
CA GLY D 1648 -13.85 20.45 -19.42
C GLY D 1648 -14.59 20.89 -20.67
N VAL D 1649 -15.45 20.01 -21.19
CA VAL D 1649 -16.16 20.35 -22.43
C VAL D 1649 -17.18 21.46 -22.18
N ALA D 1650 -17.81 21.48 -21.00
CA ALA D 1650 -18.72 22.59 -20.69
C ALA D 1650 -17.98 23.92 -20.69
N VAL D 1651 -16.83 23.97 -20.02
CA VAL D 1651 -16.07 25.22 -19.99
C VAL D 1651 -15.61 25.61 -21.39
N ILE D 1652 -15.15 24.65 -22.18
CA ILE D 1652 -14.63 24.95 -23.50
C ILE D 1652 -15.73 25.48 -24.41
N VAL D 1653 -16.92 24.88 -24.34
CA VAL D 1653 -18.03 25.33 -25.18
C VAL D 1653 -18.51 26.71 -24.72
N HIS D 1654 -18.47 26.97 -23.42
CA HIS D 1654 -18.65 28.33 -22.93
C HIS D 1654 -17.70 29.32 -23.59
N ILE D 1655 -16.40 29.01 -23.57
CA ILE D 1655 -15.44 29.97 -24.11
C ILE D 1655 -15.63 30.13 -25.62
N ALA D 1656 -16.06 29.06 -26.28
CA ALA D 1656 -16.40 29.15 -27.69
C ALA D 1656 -17.50 30.18 -27.93
N PHE D 1657 -18.54 30.16 -27.10
CA PHE D 1657 -19.60 31.16 -27.26
C PHE D 1657 -19.13 32.56 -26.90
N PHE D 1658 -18.30 32.67 -25.87
CA PHE D 1658 -17.68 33.95 -25.53
C PHE D 1658 -16.96 34.55 -26.73
N ILE D 1659 -16.16 33.73 -27.41
CA ILE D 1659 -15.36 34.21 -28.54
C ILE D 1659 -16.25 34.52 -29.75
N VAL D 1660 -17.22 33.65 -30.06
CA VAL D 1660 -18.14 33.92 -31.16
C VAL D 1660 -18.91 35.21 -30.91
N MET D 1661 -19.30 35.48 -29.68
CA MET D 1661 -19.94 36.74 -29.34
C MET D 1661 -18.98 37.91 -29.43
N TRP D 1662 -17.71 37.70 -29.11
CA TRP D 1662 -16.76 38.80 -29.25
C TRP D 1662 -16.26 38.98 -30.67
N VAL D 1663 -16.71 38.16 -31.63
CA VAL D 1663 -16.26 38.32 -33.01
C VAL D 1663 -16.62 39.71 -33.53
N LEU D 1664 -17.85 40.15 -33.26
CA LEU D 1664 -18.22 41.53 -33.50
C LEU D 1664 -17.79 42.45 -32.36
N GLU D 1665 -17.51 41.86 -31.18
CA GLU D 1665 -17.28 42.62 -29.96
C GLU D 1665 -15.81 42.55 -29.57
N SER D 1666 -15.01 43.45 -30.14
CA SER D 1666 -13.61 43.51 -29.73
C SER D 1666 -13.45 44.13 -28.34
N PHE D 1667 -14.42 44.92 -27.89
CA PHE D 1667 -14.38 45.50 -26.55
C PHE D 1667 -15.71 45.48 -25.81
N ASN D 1668 -16.72 44.74 -26.28
CA ASN D 1668 -18.05 44.82 -25.69
C ASN D 1668 -18.30 43.64 -24.75
N PHE D 1669 -18.54 43.97 -23.47
CA PHE D 1669 -18.75 42.98 -22.42
C PHE D 1669 -20.22 42.81 -22.04
N VAL D 1670 -21.13 43.49 -22.71
CA VAL D 1670 -22.52 43.49 -22.28
C VAL D 1670 -23.34 42.44 -23.03
N ARG D 1671 -22.84 41.98 -24.18
CA ARG D 1671 -23.64 41.13 -25.05
C ARG D 1671 -23.43 39.64 -24.86
N MET D 1672 -22.70 39.22 -23.83
CA MET D 1672 -22.48 37.80 -23.56
C MET D 1672 -23.04 37.36 -22.22
N LEU D 1673 -23.18 38.29 -21.28
CA LEU D 1673 -23.71 37.95 -19.96
C LEU D 1673 -25.14 37.45 -20.07
N ILE D 1674 -25.97 38.19 -20.80
CA ILE D 1674 -27.36 37.80 -20.93
C ILE D 1674 -27.45 36.53 -21.78
N GLY D 1675 -26.48 36.32 -22.68
CA GLY D 1675 -26.40 35.06 -23.40
C GLY D 1675 -26.13 33.87 -22.51
N VAL D 1676 -25.22 34.03 -21.54
CA VAL D 1676 -24.97 32.99 -20.55
C VAL D 1676 -26.24 32.69 -19.76
N VAL D 1677 -26.95 33.75 -19.34
CA VAL D 1677 -28.18 33.55 -18.57
C VAL D 1677 -29.20 32.77 -19.39
N THR D 1678 -29.37 33.15 -20.67
CA THR D 1678 -30.31 32.45 -21.53
C THR D 1678 -29.96 30.98 -21.68
N CYS D 1679 -28.67 30.67 -21.87
CA CYS D 1679 -28.26 29.28 -22.01
C CYS D 1679 -28.64 28.47 -20.77
N ILE D 1680 -28.32 29.00 -19.59
CA ILE D 1680 -28.56 28.26 -18.36
C ILE D 1680 -30.05 27.99 -18.17
N GLN D 1681 -30.88 29.02 -18.40
CA GLN D 1681 -32.32 28.82 -18.24
C GLN D 1681 -32.86 27.77 -19.19
N CYS D 1682 -32.44 27.80 -20.46
CA CYS D 1682 -32.96 26.81 -21.40
C CYS D 1682 -32.58 25.40 -20.99
N GLN D 1683 -31.34 25.21 -20.51
CA GLN D 1683 -30.94 23.88 -20.07
C GLN D 1683 -31.82 23.38 -18.92
N ARG D 1684 -32.08 24.25 -17.93
CA ARG D 1684 -32.90 23.82 -16.81
C ARG D 1684 -34.31 23.46 -17.26
N LEU D 1685 -34.87 24.23 -18.19
CA LEU D 1685 -36.18 23.90 -18.73
C LEU D 1685 -36.20 22.52 -19.39
N ILE D 1686 -35.17 22.20 -20.17
CA ILE D 1686 -35.13 20.90 -20.85
C ILE D 1686 -35.08 19.77 -19.84
N PHE D 1687 -34.22 19.90 -18.82
CA PHE D 1687 -34.15 18.84 -17.80
C PHE D 1687 -35.48 18.66 -17.09
N HIS D 1688 -36.14 19.77 -16.74
CA HIS D 1688 -37.42 19.68 -16.03
C HIS D 1688 -38.46 18.97 -16.88
N CYS D 1689 -38.50 19.28 -18.18
CA CYS D 1689 -39.45 18.61 -19.07
C CYS D 1689 -39.18 17.12 -19.14
N MET D 1690 -37.90 16.74 -19.25
CA MET D 1690 -37.57 15.32 -19.33
C MET D 1690 -37.99 14.57 -18.06
N THR D 1691 -37.73 15.17 -16.89
CA THR D 1691 -38.15 14.54 -15.64
C THR D 1691 -39.66 14.37 -15.58
N ALA D 1692 -40.40 15.42 -15.94
CA ALA D 1692 -41.86 15.34 -15.89
C ALA D 1692 -42.40 14.27 -16.84
N LEU D 1693 -41.82 14.17 -18.05
CA LEU D 1693 -42.26 13.14 -18.97
C LEU D 1693 -41.98 11.75 -18.41
N MET D 1694 -40.80 11.56 -17.80
CA MET D 1694 -40.47 10.23 -17.29
C MET D 1694 -41.32 9.85 -16.08
N LEU D 1695 -41.79 10.83 -15.30
CA LEU D 1695 -42.61 10.51 -14.14
C LEU D 1695 -43.89 9.80 -14.54
N THR D 1696 -44.53 10.26 -15.61
CA THR D 1696 -45.76 9.63 -16.08
C THR D 1696 -45.47 8.50 -17.08
N ALA D 1722 -35.56 -5.30 -23.32
CA ALA D 1722 -34.94 -4.39 -24.26
C ALA D 1722 -34.25 -3.23 -23.54
N TRP D 1723 -34.09 -2.11 -24.23
CA TRP D 1723 -33.42 -0.94 -23.70
C TRP D 1723 -34.38 0.14 -23.20
N THR D 1724 -35.58 -0.25 -22.77
CA THR D 1724 -36.55 0.72 -22.26
C THR D 1724 -36.07 1.34 -20.94
N GLN D 1725 -35.69 0.51 -19.98
CA GLN D 1725 -35.23 0.97 -18.68
C GLN D 1725 -33.85 1.63 -18.77
N PRO D 1726 -32.94 1.14 -19.63
CA PRO D 1726 -31.70 1.89 -19.85
C PRO D 1726 -31.93 3.31 -20.33
N SER D 1727 -33.02 3.57 -21.06
CA SER D 1727 -33.33 4.95 -21.44
C SER D 1727 -33.56 5.82 -20.21
N ARG D 1728 -34.35 5.33 -19.25
CA ARG D 1728 -34.58 6.07 -18.02
C ARG D 1728 -33.27 6.24 -17.24
N GLU D 1729 -32.46 5.19 -17.20
CA GLU D 1729 -31.19 5.25 -16.48
C GLU D 1729 -30.28 6.32 -17.08
N LEU D 1730 -30.20 6.38 -18.41
CA LEU D 1730 -29.37 7.40 -19.05
C LEU D 1730 -29.93 8.80 -18.84
N THR D 1731 -31.26 8.93 -18.87
CA THR D 1731 -31.86 10.24 -18.61
C THR D 1731 -31.50 10.73 -17.21
N ALA D 1732 -31.51 9.84 -16.22
CA ALA D 1732 -31.08 10.22 -14.89
C ALA D 1732 -29.60 10.54 -14.85
N LYS D 1733 -28.78 9.74 -15.54
CA LYS D 1733 -27.33 9.89 -15.47
C LYS D 1733 -26.87 11.24 -16.02
N VAL D 1734 -27.45 11.66 -17.16
CA VAL D 1734 -27.02 12.91 -17.76
C VAL D 1734 -27.33 14.10 -16.83
N ILE D 1735 -28.51 14.08 -16.21
CA ILE D 1735 -28.89 15.14 -15.29
C ILE D 1735 -27.96 15.16 -14.08
N GLU D 1736 -27.67 13.99 -13.53
CA GLU D 1736 -26.77 13.92 -12.37
C GLU D 1736 -25.40 14.48 -12.73
N LEU D 1737 -24.88 14.12 -13.91
CA LEU D 1737 -23.58 14.61 -14.33
C LEU D 1737 -23.57 16.13 -14.49
N SER D 1738 -24.60 16.69 -15.12
CA SER D 1738 -24.67 18.13 -15.30
C SER D 1738 -24.71 18.85 -13.96
N GLU D 1739 -25.51 18.33 -13.02
CA GLU D 1739 -25.56 18.90 -11.69
C GLU D 1739 -24.19 18.86 -11.02
N PHE D 1740 -23.48 17.74 -11.17
CA PHE D 1740 -22.17 17.62 -10.53
C PHE D 1740 -21.20 18.66 -11.08
N ALA D 1741 -21.22 18.87 -12.40
CA ALA D 1741 -20.33 19.87 -13.00
C ALA D 1741 -20.65 21.27 -12.49
N ALA D 1742 -21.93 21.61 -12.43
CA ALA D 1742 -22.32 22.92 -11.93
C ALA D 1742 -21.87 23.12 -10.49
N ASP D 1743 -22.07 22.10 -9.65
CA ASP D 1743 -21.66 22.17 -8.25
C ASP D 1743 -20.16 22.36 -8.14
N PHE D 1744 -19.39 21.65 -8.97
CA PHE D 1744 -17.93 21.79 -8.96
C PHE D 1744 -17.50 23.22 -9.26
N VAL D 1745 -18.02 23.78 -10.35
CA VAL D 1745 -17.62 25.13 -10.73
C VAL D 1745 -17.98 26.12 -9.63
N LEU D 1746 -19.20 26.01 -9.10
CA LEU D 1746 -19.65 26.94 -8.07
C LEU D 1746 -18.79 26.83 -6.81
N GLY D 1747 -18.47 25.60 -6.40
CA GLY D 1747 -17.70 25.42 -5.18
C GLY D 1747 -16.28 25.97 -5.29
N HIS D 1748 -15.61 25.70 -6.41
CA HIS D 1748 -14.28 26.28 -6.58
C HIS D 1748 -14.35 27.79 -6.66
N VAL D 1749 -15.39 28.34 -7.27
CA VAL D 1749 -15.55 29.79 -7.31
C VAL D 1749 -15.66 30.35 -5.89
N ILE D 1750 -16.46 29.68 -5.05
CA ILE D 1750 -16.61 30.14 -3.66
C ILE D 1750 -15.28 30.07 -2.93
N LEU D 1751 -14.55 28.97 -3.10
CA LEU D 1751 -13.31 28.76 -2.36
C LEU D 1751 -12.24 29.78 -2.75
N ILE D 1752 -12.11 30.07 -4.04
CA ILE D 1752 -11.03 30.93 -4.51
C ILE D 1752 -11.15 32.34 -3.95
N CYS D 1753 -12.38 32.80 -3.72
CA CYS D 1753 -12.61 34.18 -3.29
C CYS D 1753 -12.08 34.49 -1.90
N GLN D 1754 -11.73 33.47 -1.10
CA GLN D 1754 -11.28 33.67 0.27
C GLN D 1754 -9.79 33.93 0.37
N LEU D 1755 -9.08 33.95 -0.75
CA LEU D 1755 -7.62 33.97 -0.72
C LEU D 1755 -7.04 35.18 0.00
N PRO D 1756 -7.48 36.43 -0.26
CA PRO D 1756 -6.92 37.56 0.49
C PRO D 1756 -7.14 37.48 1.99
N LEU D 1757 -8.19 36.78 2.45
CA LEU D 1757 -8.36 36.60 3.89
C LEU D 1757 -7.23 35.79 4.50
N ILE D 1758 -6.84 34.69 3.84
CA ILE D 1758 -5.84 33.80 4.43
C ILE D 1758 -4.41 34.19 4.06
N ILE D 1759 -4.22 35.07 3.08
CA ILE D 1759 -2.87 35.49 2.73
C ILE D 1759 -2.20 36.19 3.91
N ILE D 1760 -2.90 37.12 4.55
CA ILE D 1760 -2.33 37.82 5.69
C ILE D 1760 -2.24 36.85 6.86
N PRO D 1761 -1.21 36.93 7.70
CA PRO D 1761 -1.08 35.99 8.82
C PRO D 1761 -1.65 36.48 10.13
N LYS D 1762 -2.08 37.73 10.23
CA LYS D 1762 -2.58 38.28 11.49
C LYS D 1762 -4.05 38.01 11.72
N ILE D 1763 -4.75 37.37 10.77
CA ILE D 1763 -6.18 37.18 10.90
C ILE D 1763 -6.51 36.18 12.01
N ASP D 1764 -5.53 35.38 12.41
CA ASP D 1764 -5.77 34.31 13.37
C ASP D 1764 -6.24 34.85 14.72
N LYS D 1765 -5.47 35.79 15.29
CA LYS D 1765 -5.81 36.31 16.61
C LYS D 1765 -7.10 37.15 16.56
N PHE D 1766 -7.29 37.88 15.47
CA PHE D 1766 -8.46 38.74 15.37
C PHE D 1766 -9.73 37.91 15.23
N HIS D 1767 -9.64 36.77 14.53
CA HIS D 1767 -10.74 35.81 14.53
C HIS D 1767 -10.92 35.20 15.92
N SER D 1768 -9.83 34.89 16.61
CA SER D 1768 -9.92 34.33 17.95
C SER D 1768 -10.53 35.31 18.95
N ILE D 1769 -10.57 36.60 18.60
CA ILE D 1769 -11.31 37.56 19.43
C ILE D 1769 -12.78 37.13 19.53
N MET D 1770 -13.31 36.54 18.46
CA MET D 1770 -14.68 36.02 18.51
C MET D 1770 -14.82 34.92 19.56
N LEU D 1771 -13.75 34.18 19.83
CA LEU D 1771 -13.80 33.19 20.91
C LEU D 1771 -14.07 33.86 22.24
N PHE D 1772 -13.45 35.02 22.49
CA PHE D 1772 -13.83 35.82 23.64
C PHE D 1772 -15.28 36.29 23.53
N TRP D 1773 -15.72 36.62 22.31
CA TRP D 1773 -17.12 37.00 22.12
C TRP D 1773 -18.05 35.81 22.35
N LEU D 1774 -17.56 34.59 22.17
CA LEU D 1774 -18.38 33.40 22.37
C LEU D 1774 -18.64 33.18 23.86
N LYS D 1775 -19.81 32.62 24.17
CA LYS D 1775 -20.18 32.37 25.56
C LYS D 1775 -19.26 31.38 26.27
N PRO D 1776 -18.98 30.18 25.72
CA PRO D 1776 -18.10 29.25 26.46
C PRO D 1776 -16.67 29.76 26.56
N SER D 1777 -16.08 30.15 25.43
CA SER D 1777 -14.73 30.70 25.37
C SER D 1777 -13.70 29.78 26.01
N ARG D 1778 -13.89 28.48 25.82
CA ARG D 1778 -12.99 27.46 26.34
C ARG D 1778 -12.37 26.70 25.19
N GLN D 1779 -11.04 26.58 25.19
CA GLN D 1779 -10.32 25.82 24.18
C GLN D 1779 -9.34 24.88 24.86
N ILE D 1780 -9.32 23.63 24.40
CA ILE D 1780 -8.40 22.62 24.91
C ILE D 1780 -7.25 22.50 23.91
N ARG D 1781 -6.04 22.31 24.43
CA ARG D 1781 -4.87 22.20 23.58
C ARG D 1781 -4.99 20.96 22.70
N PRO D 1782 -4.49 21.04 21.46
CA PRO D 1782 -4.56 19.87 20.59
C PRO D 1782 -3.70 18.74 21.13
N PRO D 1783 -4.10 17.49 20.89
CA PRO D 1783 -3.29 16.36 21.35
C PRO D 1783 -1.93 16.35 20.67
N ILE D 1784 -0.95 15.78 21.38
CA ILE D 1784 0.41 15.72 20.86
C ILE D 1784 0.44 14.79 19.65
N TYR D 1785 1.08 15.24 18.58
CA TYR D 1785 1.22 14.47 17.35
C TYR D 1785 2.68 14.08 17.16
N SER D 1786 2.91 12.85 16.69
CA SER D 1786 4.27 12.41 16.40
C SER D 1786 4.79 13.09 15.13
N LEU D 1787 6.12 13.17 15.04
CA LEU D 1787 6.73 13.83 13.89
C LEU D 1787 6.41 13.12 12.59
N LYS D 1788 6.18 11.81 12.66
CA LYS D 1788 5.76 11.07 11.47
C LYS D 1788 4.41 11.58 10.98
N GLN D 1789 3.49 11.85 11.90
CA GLN D 1789 2.23 12.48 11.54
C GLN D 1789 2.44 13.87 10.96
N THR D 1790 3.48 14.58 11.39
CA THR D 1790 3.76 15.91 10.88
C THR D 1790 4.30 15.87 9.45
N ARG D 1791 5.13 14.88 9.13
CA ARG D 1791 5.74 14.81 7.80
C ARG D 1791 4.67 14.65 6.72
N LEU D 1792 3.79 13.66 6.87
CA LEU D 1792 2.74 13.43 5.88
C LEU D 1792 1.80 14.61 5.81
N ARG D 1793 1.53 15.26 6.95
CA ARG D 1793 0.68 16.44 6.97
C ARG D 1793 1.27 17.56 6.12
N LYS D 1794 2.57 17.82 6.30
CA LYS D 1794 3.23 18.83 5.48
C LYS D 1794 3.22 18.44 4.00
N ARG D 1795 3.44 17.15 3.70
CA ARG D 1795 3.43 16.72 2.31
C ARG D 1795 2.08 16.96 1.66
N MET D 1796 1.00 16.58 2.36
CA MET D 1796 -0.34 16.80 1.83
C MET D 1796 -0.63 18.29 1.68
N VAL D 1797 -0.20 19.10 2.65
CA VAL D 1797 -0.43 20.53 2.57
C VAL D 1797 0.27 21.13 1.36
N LYS D 1798 1.50 20.70 1.08
CA LYS D 1798 2.22 21.21 -0.08
C LYS D 1798 1.55 20.76 -1.38
N LYS D 1799 1.24 19.46 -1.48
CA LYS D 1799 0.64 18.92 -2.71
C LYS D 1799 -0.70 19.57 -3.03
N TYR D 1800 -1.60 19.62 -2.05
CA TYR D 1800 -2.94 20.13 -2.30
C TYR D 1800 -2.90 21.64 -2.54
N CYS D 1801 -1.97 22.34 -1.90
CA CYS D 1801 -1.79 23.76 -2.18
C CYS D 1801 -1.35 23.97 -3.62
N SER D 1802 -0.42 23.13 -4.10
CA SER D 1802 0.00 23.23 -5.49
C SER D 1802 -1.16 22.99 -6.43
N LEU D 1803 -1.97 21.97 -6.14
CA LEU D 1803 -3.13 21.69 -7.00
C LEU D 1803 -4.13 22.85 -6.98
N TYR D 1804 -4.35 23.43 -5.81
CA TYR D 1804 -5.24 24.59 -5.69
C TYR D 1804 -4.75 25.75 -6.54
N PHE D 1805 -3.45 26.03 -6.49
CA PHE D 1805 -2.92 27.14 -7.25
C PHE D 1805 -2.94 26.84 -8.75
N LEU D 1806 -2.80 25.57 -9.13
CA LEU D 1806 -2.95 25.20 -10.53
C LEU D 1806 -4.37 25.47 -11.03
N VAL D 1807 -5.37 25.13 -10.21
CA VAL D 1807 -6.75 25.40 -10.60
C VAL D 1807 -6.99 26.91 -10.69
N LEU D 1808 -6.44 27.67 -9.74
CA LEU D 1808 -6.56 29.12 -9.82
C LEU D 1808 -5.94 29.67 -11.10
N ALA D 1809 -4.77 29.15 -11.47
CA ALA D 1809 -4.11 29.61 -12.68
C ALA D 1809 -4.95 29.29 -13.91
N ILE D 1810 -5.55 28.10 -13.94
CA ILE D 1810 -6.41 27.75 -15.07
C ILE D 1810 -7.58 28.72 -15.17
N PHE D 1811 -8.22 29.01 -14.03
CA PHE D 1811 -9.37 29.89 -14.02
C PHE D 1811 -9.03 31.33 -14.39
N ALA D 1812 -7.85 31.81 -14.03
CA ALA D 1812 -7.44 33.14 -14.45
C ALA D 1812 -7.04 33.16 -15.93
N GLY D 1813 -6.43 32.07 -16.40
CA GLY D 1813 -6.02 32.02 -17.79
C GLY D 1813 -7.19 32.00 -18.75
N CYS D 1814 -8.24 31.24 -18.42
CA CYS D 1814 -9.39 31.17 -19.31
C CYS D 1814 -10.08 32.52 -19.46
N ILE D 1815 -9.78 33.48 -18.58
CA ILE D 1815 -10.32 34.83 -18.67
C ILE D 1815 -9.34 35.79 -19.33
N ILE D 1816 -8.05 35.68 -19.00
CA ILE D 1816 -7.09 36.64 -19.54
C ILE D 1816 -6.63 36.33 -20.95
N GLY D 1817 -6.70 35.06 -21.38
CA GLY D 1817 -6.37 34.70 -22.73
C GLY D 1817 -7.25 35.36 -23.78
N PRO D 1818 -8.58 35.36 -23.56
CA PRO D 1818 -9.46 36.06 -24.51
C PRO D 1818 -9.16 37.54 -24.65
N ALA D 1819 -8.57 38.16 -23.62
CA ALA D 1819 -8.19 39.56 -23.73
C ALA D 1819 -7.15 39.77 -24.83
N VAL D 1820 -6.15 38.88 -24.92
CA VAL D 1820 -5.19 38.94 -26.02
C VAL D 1820 -5.85 38.51 -27.32
N ALA D 1821 -6.69 37.47 -27.26
CA ALA D 1821 -7.31 36.96 -28.47
C ALA D 1821 -8.13 38.02 -29.17
N SER D 1822 -8.80 38.90 -28.41
CA SER D 1822 -9.57 39.98 -29.01
C SER D 1822 -8.72 40.88 -29.88
N ALA D 1823 -7.46 41.09 -29.52
CA ALA D 1823 -6.52 41.81 -30.37
C ALA D 1823 -5.94 40.94 -31.47
N LYS D 1824 -5.98 39.62 -31.32
CA LYS D 1824 -5.42 38.74 -32.33
C LYS D 1824 -6.46 38.11 -33.26
N ILE D 1825 -7.75 38.15 -32.91
CA ILE D 1825 -8.83 37.64 -33.76
C ILE D 1825 -9.59 38.82 -34.32
N HIS D 1826 -10.16 38.64 -35.51
CA HIS D 1826 -10.97 39.69 -36.14
C HIS D 1826 -12.14 40.09 -35.25
C2 BGC F . -34.24 37.51 0.91
C3 BGC F . -33.04 36.98 1.71
C4 BGC F . -31.72 37.39 1.09
C5 BGC F . -31.73 38.89 0.79
C6 BGC F . -30.47 39.37 0.10
C1 BGC F . -34.07 38.97 0.50
O1 BGC F . -35.07 39.31 -0.40
O2 BGC F . -35.40 37.43 1.71
O3 BGC F . -33.06 35.56 1.92
O4 BGC F . -30.64 37.09 1.97
O5 BGC F . -32.80 39.18 -0.09
O6 BGC F . -30.09 40.67 0.55
C2 BGC F . -33.81 33.28 1.64
C3 BGC F . -34.97 32.35 1.26
C4 BGC F . -36.26 32.82 1.89
C5 BGC F . -36.48 34.28 1.51
C6 BGC F . -37.76 34.88 2.04
C1 BGC F . -34.15 34.74 1.40
O2 BGC F . -32.65 32.94 0.87
O3 BGC F . -34.65 30.98 1.54
O4 BGC F . -37.36 32.05 1.42
O5 BGC F . -35.39 35.05 2.03
O6 BGC F . -38.33 35.78 1.10
C2 BGC F . -36.06 29.29 2.54
C3 BGC F . -36.46 28.60 3.83
C4 BGC F . -35.24 28.20 4.65
C5 BGC F . -34.33 29.41 4.85
C6 BGC F . -33.04 29.05 5.56
C1 BGC F . -35.10 30.44 2.81
O2 BGC F . -37.21 29.77 1.86
O3 BGC F . -37.24 27.45 3.54
O4 BGC F . -35.65 27.69 5.91
O5 BGC F . -33.98 29.98 3.58
O6 BGC F . -32.14 28.40 4.67
C2 BGC G . 32.66 -23.53 -29.54
C3 BGC G . 31.66 -22.43 -29.17
C4 BGC G . 30.40 -22.56 -30.00
C5 BGC G . 29.83 -23.96 -29.89
C6 BGC G . 28.62 -24.19 -30.76
C1 BGC G . 32.00 -24.90 -29.46
O1 BGC G . 32.90 -25.86 -29.90
O2 BGC G . 33.78 -23.49 -28.66
O3 BGC G . 32.24 -21.14 -29.36
O4 BGC G . 29.43 -21.60 -29.58
O5 BGC G . 30.81 -24.93 -30.27
O6 BGC G . 27.73 -25.15 -30.19
C2 BGC G . 31.41 -19.88 -27.47
C3 BGC G . 31.84 -19.17 -26.19
C4 BGC G . 32.56 -20.15 -25.24
C5 BGC G . 33.65 -20.93 -25.98
C6 BGC G . 34.18 -22.09 -25.15
C1 BGC G . 32.63 -20.54 -28.10
O2 BGC G . 30.83 -18.94 -28.37
O3 BGC G . 30.71 -18.62 -25.53
O4 BGC G . 33.15 -19.42 -24.18
O5 BGC G . 33.14 -21.51 -27.19
O6 BGC G . 33.83 -23.34 -25.73
MG MG H . 45.78 -30.84 -1.86
C1 DD9 I . 55.24 -33.92 -52.29
C2 DD9 I . 56.17 -32.73 -52.03
C3 DD9 I . 55.69 -31.96 -50.81
C4 DD9 I . 56.79 -30.99 -50.38
C5 DD9 I . 56.59 -30.61 -48.91
C6 DD9 I . 57.95 -30.63 -48.22
C7 DD9 I . 57.84 -29.98 -46.83
C8 DD9 I . 59.16 -30.20 -46.08
C9 DD9 I . 59.41 -29.03 -45.13
C1 DD9 J . 53.34 -4.95 -36.13
C2 DD9 J . 54.73 -4.77 -35.54
C3 DD9 J . 54.65 -3.85 -34.32
C4 DD9 J . 56.06 -3.38 -33.95
C5 DD9 J . 55.98 -2.44 -32.75
C6 DD9 J . 57.30 -1.68 -32.61
C7 DD9 J . 57.26 -0.82 -31.35
C8 DD9 J . 58.40 0.18 -31.39
C9 DD9 J . 58.00 1.45 -30.63
C1 DD9 K . 36.39 -38.41 -45.90
C2 DD9 K . 37.37 -38.61 -44.74
C3 DD9 K . 37.85 -37.26 -44.23
C4 DD9 K . 38.29 -37.41 -42.77
C5 DD9 K . 38.20 -36.06 -42.07
C6 DD9 K . 39.23 -36.00 -40.95
C7 DD9 K . 39.54 -34.54 -40.64
C8 DD9 K . 40.94 -34.43 -40.01
C9 DD9 K . 41.38 -32.97 -39.99
C1 DD9 L . 69.16 -30.26 -63.32
C2 DD9 L . 69.02 -30.94 -61.96
C3 DD9 L . 70.27 -30.65 -61.13
C4 DD9 L . 70.07 -31.01 -59.67
C5 DD9 L . 71.30 -30.56 -58.90
C6 DD9 L . 71.14 -30.75 -57.39
C7 DD9 L . 72.24 -29.94 -56.70
C8 DD9 L . 71.95 -29.79 -55.20
C9 DD9 L . 72.96 -28.81 -54.61
C1 D10 M . 48.14 -43.50 -48.66
C2 D10 M . 49.00 -44.04 -47.53
C3 D10 M . 48.61 -43.34 -46.22
C4 D10 M . 48.84 -41.83 -46.37
C5 D10 M . 48.29 -41.10 -45.14
C6 D10 M . 49.42 -40.84 -44.14
C7 D10 M . 48.81 -40.42 -42.80
C8 D10 M . 49.78 -40.75 -41.67
C9 D10 M . 49.01 -40.92 -40.38
C10 D10 M . 49.95 -41.36 -39.26
C20 HP6 N . 42.76 -12.84 -35.56
C21 HP6 N . 42.27 -12.13 -34.30
C22 HP6 N . 40.78 -11.84 -34.42
C23 HP6 N . 40.32 -10.92 -33.28
C24 HP6 N . 38.80 -10.84 -33.22
C25 HP6 N . 38.23 -12.16 -32.69
C26 HP6 N . 36.73 -12.03 -32.46
C20 HP6 O . 59.52 -10.63 -53.22
C21 HP6 O . 59.16 -11.60 -52.10
C22 HP6 O . 57.80 -11.22 -51.51
C23 HP6 O . 57.43 -12.23 -50.42
C24 HP6 O . 56.00 -11.97 -49.95
C25 HP6 O . 55.63 -12.99 -48.87
C26 HP6 O . 56.57 -12.85 -47.67
C11 XKP P . 25.17 -4.91 -29.40
C14 XKP P . 21.79 -4.45 -30.36
C15 XKP P . 20.58 -3.51 -30.35
C20 XKP P . 17.20 -11.07 -32.77
C21 XKP P . 16.97 -12.42 -33.41
C5 XKP P . 23.55 -8.93 -30.74
N XKP P . 27.94 -7.18 -23.28
C3 XKP P . 21.42 -9.26 -32.07
C4 XKP P . 22.50 -8.27 -31.62
C2 XKP P . 20.27 -9.35 -31.08
C1 XKP P . 18.91 -9.48 -31.77
C XKP P . 18.62 -10.90 -32.24
C6 XKP P . 24.69 -7.57 -29.21
C7 XKP P . 26.07 -7.02 -28.91
C19 XKP P . 17.62 -5.54 -31.61
C18 XKP P . 19.09 -5.35 -31.27
C17 XKP P . 17.36 -5.55 -33.11
C9 XKP P . 29.50 -6.45 -25.02
C8 XKP P . 26.24 -6.84 -27.40
C16 XKP P . 19.54 -3.88 -31.39
O1 XKP P . 24.74 -8.25 -30.43
C10 XKP P . 28.84 -7.62 -24.31
C12 XKP P . 24.31 -4.53 -30.59
O XKP P . 23.38 -10.02 -30.32
C13 XKP P . 23.10 -3.69 -30.18
C22 XKP P . 15.95 -6.03 -33.45
O2 XKP P . 27.43 -7.47 -26.99
O3 XKP P . 29.38 -7.73 -28.65
O4 XKP P . 28.69 -5.45 -28.01
O5 XKP P . 29.95 -6.89 -26.27
O6 XKP P . 26.25 -5.80 -29.55
O7 XKP P . 24.93 -4.45 -28.33
P XKP P . 28.87 -6.87 -27.52
C2 PEF Q . 53.62 -11.34 -37.57
C1 PEF Q . 53.94 -11.42 -39.06
N PEF Q . 53.05 -11.68 -45.22
C3 PEF Q . 53.41 -9.88 -37.16
C4 PEF Q . 53.95 -11.83 -42.97
C5 PEF Q . 53.57 -12.61 -44.22
C10 PEF Q . 52.65 -13.50 -37.19
C11 PEF Q . 51.41 -14.45 -37.01
C12 PEF Q . 50.97 -14.47 -35.50
C13 PEF Q . 49.70 -13.60 -35.30
C14 PEF Q . 49.55 -13.18 -33.78
C15 PEF Q . 49.22 -14.43 -32.91
C16 PEF Q . 48.40 -14.00 -31.65
C17 PEF Q . 47.12 -13.27 -32.08
C18 PEF Q . 45.86 -14.05 -31.60
C19 PEF Q . 45.55 -13.74 -30.12
C20 PEF Q . 44.96 -12.30 -29.97
C21 PEF Q . 43.38 -12.34 -29.92
C22 PEF Q . 42.87 -12.82 -28.53
C23 PEF Q . 43.78 -12.36 -27.37
C24 PEF Q . 43.42 -13.15 -26.09
C25 PEF Q . 42.06 -12.64 -25.55
C30 PEF Q . 51.47 -9.17 -35.88
C31 PEF Q . 50.40 -9.48 -34.76
C32 PEF Q . 48.99 -9.70 -35.42
C33 PEF Q . 48.24 -8.35 -35.49
C34 PEF Q . 47.94 -7.86 -34.06
C35 PEF Q . 47.03 -6.62 -34.07
C36 PEF Q . 45.99 -6.75 -32.93
C37 PEF Q . 44.62 -7.07 -33.52
C38 PEF Q . 44.07 -8.42 -32.93
C39 PEF Q . 44.20 -8.44 -31.39
C40 PEF Q . 43.24 -7.37 -30.74
C41 PEF Q . 41.75 -7.81 -30.91
C42 PEF Q . 41.43 -8.98 -29.95
C43 PEF Q . 41.75 -8.56 -28.48
C44 PEF Q . 40.55 -7.77 -27.88
C45 PEF Q . 39.23 -8.52 -28.17
O4 PEF Q . 53.75 -13.95 -37.21
O5 PEF Q . 51.21 -8.39 -36.74
O2 PEF Q . 52.44 -12.07 -37.32
O3 PEF Q . 52.75 -9.82 -35.85
O1P PEF Q . 53.50 -14.45 -40.22
O2P PEF Q . 51.81 -13.40 -41.67
O3P PEF Q . 52.83 -11.98 -39.75
O4P PEF Q . 54.28 -12.72 -41.93
P PEF Q . 53.09 -13.17 -40.90
C1 PLM R . 39.47 -3.25 -57.05
O1 PLM R . 38.80 -2.21 -56.83
O2 PLM R . 40.66 -3.16 -57.47
C2 PLM R . 38.85 -4.61 -56.79
C3 PLM R . 39.88 -5.59 -56.20
C4 PLM R . 40.24 -5.14 -54.79
C5 PLM R . 38.96 -4.92 -53.99
C6 PLM R . 38.35 -6.27 -53.66
C7 PLM R . 39.19 -6.96 -52.59
C8 PLM R . 39.28 -6.05 -51.36
C9 PLM R . 37.93 -5.98 -50.67
CA PLM R . 38.13 -5.97 -49.16
CB PLM R . 37.03 -6.75 -48.47
CC PLM R . 36.77 -8.06 -49.22
CD PLM R . 37.74 -9.14 -48.74
CE PLM R . 36.95 -10.18 -47.94
CF PLM R . 37.01 -9.83 -46.46
CG PLM R . 35.67 -9.24 -46.01
C1 PLM S . 43.04 -8.89 -58.05
O1 PLM S . 43.00 -7.91 -58.85
O2 PLM S . 43.05 -10.06 -58.49
C2 PLM S . 43.07 -8.64 -56.55
C3 PLM S . 43.61 -9.89 -55.83
C4 PLM S . 43.48 -9.70 -54.33
C5 PLM S . 42.01 -9.66 -53.95
C6 PLM S . 41.36 -11.02 -54.19
C7 PLM S . 41.10 -11.73 -52.86
C8 PLM S . 40.32 -10.81 -51.92
C9 PLM S . 40.17 -11.46 -50.54
CA PLM S . 41.46 -12.20 -50.17
CB PLM S . 41.28 -12.92 -48.83
CC PLM S . 41.66 -11.96 -47.70
CD PLM S . 41.83 -12.73 -46.39
CE PLM S . 40.49 -12.73 -45.65
CF PLM S . 40.71 -12.34 -44.19
CG PLM S . 41.83 -13.19 -43.61
C1 PLM T . 34.92 -6.48 -32.58
O1 PLM T . 35.06 -5.76 -33.63
O2 PLM T . 35.81 -6.44 -31.68
C2 PLM T . 33.73 -7.40 -32.35
C3 PLM T . 34.05 -8.86 -32.68
C4 PLM T . 32.92 -9.46 -33.53
C5 PLM T . 32.99 -9.02 -34.99
C6 PLM T . 33.26 -10.20 -35.93
C7 PLM T . 34.54 -10.95 -35.57
C8 PLM T . 35.76 -10.06 -35.82
C9 PLM T . 36.30 -10.27 -37.23
CA PLM T . 36.66 -11.75 -37.41
CB PLM T . 38.09 -11.94 -37.92
CC PLM T . 38.17 -11.63 -39.41
CD PLM T . 39.31 -12.41 -40.04
CE PLM T . 40.59 -12.20 -39.23
CF PLM T . 41.71 -11.81 -40.18
CG PLM T . 41.26 -10.64 -41.06
C1 PLM U . 68.70 -31.82 -28.32
O1 PLM U . 69.14 -31.72 -29.49
O2 PLM U . 69.39 -31.40 -27.34
C2 PLM U . 67.33 -32.45 -28.06
C3 PLM U . 66.39 -32.17 -29.23
C4 PLM U . 65.09 -32.93 -28.99
C5 PLM U . 64.12 -32.77 -30.16
C6 PLM U . 62.87 -33.61 -29.89
C7 PLM U . 61.72 -32.71 -29.42
C8 PLM U . 61.44 -31.63 -30.47
C9 PLM U . 60.79 -32.27 -31.70
CA PLM U . 60.03 -31.22 -32.50
CB PLM U . 60.92 -30.64 -33.59
CC PLM U . 60.08 -30.31 -34.82
CD PLM U . 60.98 -30.17 -36.05
CE PLM U . 60.11 -29.79 -37.26
CF PLM U . 60.94 -29.80 -38.54
CG PLM U . 61.33 -28.38 -38.92
O1 DCR V . 44.21 -12.83 -62.33
C1 DCR V . 44.98 -13.71 -61.87
O2 DCR V . 45.15 -14.80 -62.48
C2 DCR V . 45.71 -13.45 -60.55
C3 DCR V . 44.89 -14.01 -59.38
C4 DCR V . 45.30 -13.31 -58.09
C5 DCR V . 44.90 -14.15 -56.89
C6 DCR V . 43.38 -14.11 -56.69
C7 DCR V . 43.01 -15.01 -55.51
C8 DCR V . 43.60 -14.44 -54.22
C9 DCR V . 43.46 -15.44 -53.07
C10 DCR V . 44.62 -15.23 -52.10
C11 DCR V . 44.35 -15.93 -50.76
C12 DCR V . 45.40 -15.48 -49.75
C13 DCR V . 45.14 -16.16 -48.40
C14 DCR V . 45.42 -15.21 -47.25
C15 DCR V . 45.07 -15.88 -45.92
C16 DCR V . 46.27 -15.81 -44.98
C17 DCR V . 45.92 -16.38 -43.60
C18 DCR V . 45.58 -15.23 -42.64
C19 DCR V . 44.62 -15.77 -41.59
C20 DCR V . 43.87 -14.60 -40.95
C1 PLM W . 59.50 -9.05 -60.76
O1 PLM W . 59.74 -10.28 -60.95
O2 PLM W . 60.38 -8.20 -61.03
C2 PLM W . 58.15 -8.62 -60.21
C3 PLM W . 57.05 -9.57 -60.70
C4 PLM W . 56.81 -10.70 -59.69
C5 PLM W . 56.05 -10.13 -58.49
C6 PLM W . 55.87 -11.23 -57.45
C7 PLM W . 54.82 -12.22 -57.96
C8 PLM W . 54.47 -13.21 -56.85
C9 PLM W . 55.16 -14.55 -57.08
CA PLM W . 55.16 -15.34 -55.76
CB PLM W . 54.79 -16.81 -55.99
CC PLM W . 53.28 -16.98 -56.15
CD PLM W . 52.53 -16.19 -55.06
CE PLM W . 51.67 -17.16 -54.25
CF PLM W . 52.59 -18.19 -53.60
CG PLM W . 51.92 -18.80 -52.38
C1 PLM X . 14.37 -31.28 -51.23
O1 PLM X . 14.92 -32.33 -51.64
O2 PLM X . 13.50 -30.71 -51.93
C2 PLM X . 14.76 -30.70 -49.87
C3 PLM X . 13.63 -29.81 -49.35
C4 PLM X . 13.45 -30.05 -47.84
C5 PLM X . 14.60 -29.40 -47.08
C6 PLM X . 14.10 -28.11 -46.44
C7 PLM X . 13.16 -28.44 -45.28
C8 PLM X . 13.96 -29.07 -44.14
C9 PLM X . 15.00 -28.06 -43.63
CA PLM X . 14.37 -27.19 -42.54
CB PLM X . 14.80 -27.73 -41.17
CC PLM X . 13.71 -27.41 -40.14
CD PLM X . 13.44 -25.90 -40.14
CE PLM X . 14.60 -25.18 -39.47
CF PLM X . 14.62 -25.48 -37.98
CG PLM X . 13.35 -24.92 -37.33
C1 PLM Y . 52.79 -37.56 -49.22
O1 PLM Y . 53.15 -38.21 -48.21
O2 PLM Y . 51.61 -37.63 -49.63
C2 PLM Y . 53.81 -36.66 -49.95
C3 PLM Y . 54.73 -35.99 -48.93
C4 PLM Y . 56.00 -36.80 -48.74
C5 PLM Y . 56.74 -36.31 -47.50
C6 PLM Y . 55.81 -36.37 -46.30
C7 PLM Y . 55.91 -35.08 -45.49
C8 PLM Y . 57.35 -34.88 -45.02
C9 PLM Y . 57.36 -34.03 -43.75
CA PLM Y . 56.89 -34.87 -42.57
CB PLM Y . 58.09 -35.43 -41.81
CC PLM Y . 58.92 -34.28 -41.25
CD PLM Y . 60.24 -34.82 -40.69
CE PLM Y . 60.06 -35.23 -39.23
CF PLM Y . 59.81 -33.98 -38.38
CG PLM Y . 59.68 -34.37 -36.91
MG MG Z . -43.44 19.84 27.10
C1 DD9 AA . -61.18 56.04 -4.64
C2 DD9 AA . -62.19 55.12 -5.33
C3 DD9 AA . -61.60 53.73 -5.47
C4 DD9 AA . -62.74 52.72 -5.64
C5 DD9 AA . -62.33 51.42 -4.97
C6 DD9 AA . -63.40 51.04 -3.95
C7 DD9 AA . -62.91 49.88 -3.11
C8 DD9 AA . -64.09 49.26 -2.37
C9 DD9 AA . -63.57 48.28 -1.31
C1 DD9 BA . -58.41 25.90 -14.07
C2 DD9 BA . -59.48 24.81 -13.97
C3 DD9 BA . -59.04 23.74 -12.97
C4 DD9 BA . -60.08 22.63 -12.96
C5 DD9 BA . -59.50 21.36 -12.34
C6 DD9 BA . -60.43 20.21 -12.66
C7 DD9 BA . -59.82 18.90 -12.18
C8 DD9 BA . -60.47 17.74 -12.93
C9 DD9 BA . -59.41 16.67 -13.23
C1 DD9 CA . -41.93 57.49 2.11
C2 DD9 CA . -42.51 56.30 2.86
C3 DD9 CA . -42.33 55.03 2.04
C4 DD9 CA . -42.64 53.81 2.90
C5 DD9 CA . -42.55 52.52 2.09
C6 DD9 CA . -43.24 51.41 2.89
C7 DD9 CA . -43.84 50.36 1.95
C8 DD9 CA . -44.54 49.29 2.78
C9 DD9 CA . -44.48 47.94 2.06
C1 DD9 DA . -76.27 61.61 -12.50
C2 DD9 DA . -76.07 61.39 -11.00
C3 DD9 DA . -76.70 60.05 -10.61
C4 DD9 DA . -76.20 59.63 -9.23
C5 DD9 DA . -76.80 58.27 -8.87
C6 DD9 DA . -76.15 57.75 -7.58
C7 DD9 DA . -76.95 56.56 -7.07
C8 DD9 DA . -76.70 56.38 -5.58
C9 DD9 DA . -77.72 55.40 -5.00
C1 D10 EA . -52.41 61.25 3.12
C2 D10 EA . -52.68 60.93 4.59
C3 D10 EA . -52.12 59.55 4.94
C4 D10 EA . -52.79 58.50 4.06
C5 D10 EA . -52.39 57.11 4.55
C6 D10 EA . -53.00 56.86 5.93
C7 D10 EA . -52.22 55.77 6.64
C8 D10 EA . -53.15 54.98 7.55
C9 D10 EA . -52.37 53.89 8.28
C10 D10 EA . -52.83 53.83 9.73
C20 HP6 FA . -41.34 32.96 -29.17
C21 HP6 FA . -41.51 34.28 -29.92
C22 HP6 FA . -42.53 34.12 -31.05
C23 HP6 FA . -42.77 35.48 -31.68
C24 HP6 FA . -43.58 35.35 -32.97
C25 HP6 FA . -43.47 36.65 -33.76
C26 HP6 FA . -44.12 36.48 -35.13
C20 HP6 GA . -48.11 31.93 -8.51
C21 HP6 GA . -47.24 31.11 -9.45
C22 HP6 GA . -46.10 30.47 -8.66
C23 HP6 GA . -45.02 30.01 -9.64
C24 HP6 GA . -43.78 29.57 -8.87
C25 HP6 GA . -44.10 28.35 -8.01
C26 HP6 GA . -42.78 27.71 -7.59
C20 HP6 HA . -66.46 40.73 -22.74
C21 HP6 HA . -66.35 40.78 -21.22
C22 HP6 HA . -65.66 39.50 -20.72
C23 HP6 HA . -65.29 39.67 -19.25
C24 HP6 HA . -64.30 38.58 -18.83
C25 HP6 HA . -63.50 39.04 -17.62
C26 HP6 HA . -64.04 38.39 -16.35
C20 HP6 IA . -37.05 29.02 -30.21
C21 HP6 IA . -38.21 29.37 -31.15
C22 HP6 IA . -37.82 29.01 -32.59
C23 HP6 IA . -38.88 29.54 -33.55
C24 HP6 IA . -38.32 29.54 -34.97
C25 HP6 IA . -39.15 30.47 -35.85
C26 HP6 IA . -38.70 30.34 -37.30
C11 XKP JA . -28.23 23.40 -13.34
C14 XKP JA . -25.44 24.60 -15.26
C15 XKP JA . -24.39 24.08 -16.24
C20 XKP JA . -21.05 31.11 -11.59
C21 XKP JA . -20.91 32.26 -10.59
C5 XKP JA . -26.43 26.76 -11.26
N XKP JA . -30.74 18.59 -6.74
C3 XKP JA . -24.86 28.58 -12.08
C4 XKP JA . -25.81 27.44 -12.47
C2 XKP JA . -23.47 28.07 -11.71
C1 XKP JA . -22.36 29.01 -12.16
C XKP JA . -22.34 30.33 -11.39
C6 XKP JA . -27.32 24.56 -11.10
C7 XKP JA . -28.68 23.87 -11.08
C19 XKP JA . -21.11 26.09 -15.79
C18 XKP JA . -22.46 25.51 -15.38
C17 XKP JA . -21.27 27.39 -16.58
C9 XKP JA . -31.57 20.10 -8.48
C8 XKP JA . -28.59 22.49 -10.42
C16 XKP JA . -23.31 25.12 -16.58
O1 XKP JA . -27.53 25.91 -11.41
C10 XKP JA . -31.56 19.77 -6.98
C12 XKP JA . -27.82 24.41 -14.42
O XKP JA . -25.98 26.95 -10.19
C13 XKP JA . -26.76 23.85 -15.36
C22 XKP JA . -19.98 28.19 -16.67
O2 XKP JA . -29.52 22.41 -9.38
O3 XKP JA . -31.70 23.78 -9.67
O4 XKP JA . -31.37 21.80 -11.11
O5 XKP JA . -31.94 21.45 -8.61
O6 XKP JA . -29.18 23.75 -12.37
O7 XKP JA . -27.76 22.32 -13.33
P XKP JA . -31.14 22.38 -9.73
C2 PEF KA . -57.87 31.09 -10.00
C1 PEF KA . -58.91 31.79 -10.89
N PEF KA . -59.26 36.49 -15.48
C3 PEF KA . -56.83 30.33 -10.85
C4 PEF KA . -59.68 35.06 -13.55
C5 PEF KA . -59.22 36.43 -14.03
C10 PEF KA . -56.69 31.50 -7.99
C11 PEF KA . -55.42 32.13 -7.33
C12 PEF KA . -54.88 31.11 -6.29
C13 PEF KA . -53.32 31.04 -6.32
C14 PEF KA . -52.91 29.56 -6.01
C15 PEF KA . -52.22 29.48 -4.63
C16 PEF KA . -51.19 28.30 -4.67
C17 PEF KA . -50.28 28.48 -5.90
C18 PEF KA . -48.91 28.98 -5.44
C19 PEF KA . -48.34 27.98 -4.42
C20 PEF KA . -47.97 26.68 -5.19
C21 PEF KA . -46.42 26.63 -5.36
C22 PEF KA . -45.80 25.89 -4.13
C23 PEF KA . -46.17 24.39 -4.20
C24 PEF KA . -45.37 23.62 -3.12
C25 PEF KA . -43.94 23.35 -3.63
C30 PEF KA . -55.41 28.34 -10.65
C31 PEF KA . -54.26 27.56 -9.91
C32 PEF KA . -53.15 28.54 -9.42
C33 PEF KA . -51.98 28.52 -10.43
C34 PEF KA . -51.37 27.10 -10.46
C35 PEF KA . -50.27 27.03 -11.53
C36 PEF KA . -49.90 25.56 -11.77
C37 PEF KA . -48.44 25.31 -11.40
C38 PEF KA . -47.98 26.26 -10.26
C39 PEF KA . -47.59 25.43 -9.02
C40 PEF KA . -46.74 24.19 -9.47
C41 PEF KA . -45.23 24.61 -9.47
C42 PEF KA . -44.78 24.71 -8.00
C43 PEF KA . -44.85 23.29 -7.37
C44 PEF KA . -43.74 22.41 -8.02
C45 PEF KA . -42.36 23.08 -7.78
O4 PEF KA . -57.21 30.56 -7.49
O5 PEF KA . -55.73 28.01 -11.74
O2 PEF KA . -57.23 32.05 -9.21
O3 PEF KA . -56.06 29.45 -9.99
O1P PEF KA . -58.25 34.53 -10.03
O2P PEF KA . -57.04 34.92 -12.14
O3P PEF KA . -58.25 32.63 -11.80
O4P PEF KA . -59.60 34.95 -12.17
P PEF KA . -58.26 34.29 -11.52
C1 PLM LA . -47.34 40.13 -31.93
O1 PLM LA . -47.04 39.86 -33.12
O2 PLM LA . -48.55 40.12 -31.58
C2 PLM LA . -46.26 40.46 -30.92
C3 PLM LA . -46.86 40.59 -29.53
C4 PLM LA . -46.94 39.21 -28.88
C5 PLM LA . -45.58 38.53 -29.04
C6 PLM LA . -45.68 37.14 -28.45
C7 PLM LA . -44.57 36.96 -27.41
C8 PLM LA . -44.70 38.04 -26.33
C9 PLM LA . -46.01 37.82 -25.57
CA PLM LA . -45.71 37.50 -24.11
CB PLM LA . -44.94 36.18 -23.98
CC PLM LA . -44.26 36.09 -22.62
CD PLM LA . -43.14 37.12 -22.52
CE PLM LA . -43.53 38.24 -21.56
CF PLM LA . -43.33 37.79 -20.12
CG PLM LA . -41.85 37.49 -19.91
C1 PLM MA . -49.61 44.95 -28.33
O1 PLM MA . -49.79 45.63 -29.38
O2 PLM MA . -48.87 45.39 -27.43
C2 PLM MA . -50.29 43.59 -28.18
C3 PLM MA . -50.62 43.34 -26.71
C4 PLM MA . -49.75 42.19 -26.18
C5 PLM MA . -48.27 42.57 -26.24
C6 PLM MA . -47.94 43.53 -25.10
C7 PLM MA . -48.15 42.81 -23.78
C8 PLM MA . -47.24 41.58 -23.71
C9 PLM MA . -46.79 41.36 -22.27
CA PLM MA . -48.03 41.25 -21.39
CB PLM MA . -47.57 41.05 -19.94
CC PLM MA . -46.65 39.85 -19.86
CD PLM MA . -47.04 38.95 -18.69
CE PLM MA . -46.19 39.29 -17.46
CF PLM MA . -45.83 38.00 -16.73
CG PLM MA . -47.09 37.26 -16.31
C1 PLM NA . -39.06 24.80 -9.91
O1 PLM NA . -39.23 24.35 -11.07
O2 PLM NA . -40.03 24.89 -9.12
C2 PLM NA . -37.66 25.23 -9.46
C3 PLM NA . -37.43 26.70 -9.79
C4 PLM NA . -37.40 26.91 -11.30
C5 PLM NA . -38.51 27.86 -11.75
C6 PLM NA . -38.18 29.26 -11.23
C7 PLM NA . -39.20 29.65 -10.16
C8 PLM NA . -40.47 30.12 -10.82
C9 PLM NA . -40.10 31.23 -11.79
CA PLM NA . -40.42 32.58 -11.16
CB PLM NA . -41.88 32.91 -11.47
CC PLM NA . -42.18 32.58 -12.92
CD PLM NA . -43.53 33.18 -13.30
CE PLM NA . -44.57 32.69 -12.32
CF PLM NA . -45.93 33.29 -12.66
CG PLM NA . -46.44 32.70 -13.96
C1 PLM OA . -70.05 36.93 11.80
O1 PLM OA . -70.65 37.29 10.75
O2 PLM OA . -70.36 35.85 12.36
C2 PLM OA . -68.96 37.81 12.38
C3 PLM OA . -68.35 38.69 11.29
C4 PLM OA . -67.08 39.35 11.83
C5 PLM OA . -66.47 40.21 10.74
C6 PLM OA . -65.25 40.96 11.29
C7 PLM OA . -64.08 39.98 11.42
C8 PLM OA . -63.31 39.90 10.11
C9 PLM OA . -63.19 41.28 9.47
CA PLM OA . -62.29 41.21 8.25
CB PLM OA . -63.06 40.58 7.09
CC PLM OA . -62.48 41.12 5.77
CD PLM OA . -63.63 41.53 4.85
CE PLM OA . -63.08 42.38 3.72
CF PLM OA . -64.20 42.72 2.74
CG PLM OA . -63.62 42.79 1.34
O1 DCR PA . -52.39 49.97 -27.68
C1 DCR PA . -52.92 50.03 -26.55
O2 DCR PA . -53.07 51.15 -25.99
C2 DCR PA . -53.40 48.76 -25.86
C3 DCR PA . -52.45 48.39 -24.72
C4 DCR PA . -52.68 46.93 -24.33
C5 DCR PA . -52.38 46.72 -22.84
C6 DCR PA . -50.90 46.96 -22.59
C7 DCR PA . -50.61 46.82 -21.10
C8 DCR PA . -50.77 45.36 -20.69
C9 DCR PA . -50.98 45.26 -19.19
C10 DCR PA . -51.29 43.82 -18.83
C11 DCR PA . -51.28 43.64 -17.33
C12 DCR PA . -50.88 42.20 -17.01
C13 DCR PA . -50.63 42.07 -15.51
C14 DCR PA . -50.23 40.64 -15.19
C15 DCR PA . -50.30 40.42 -13.69
C16 DCR PA . -51.11 39.16 -13.40
C17 DCR PA . -50.66 38.52 -12.10
C18 DCR PA . -49.40 37.68 -12.34
C19 DCR PA . -48.95 37.03 -11.04
C20 DCR PA . -47.54 36.45 -11.23
C1 PLM QA . -86.23 56.21 -18.05
O1 PLM QA . -85.39 55.79 -18.90
O2 PLM QA . -87.07 57.08 -18.38
C2 PLM QA . -86.22 55.64 -16.63
C3 PLM QA . -85.44 54.32 -16.62
C4 PLM QA . -84.09 54.55 -15.96
C5 PLM QA . -83.18 53.35 -16.22
C6 PLM QA . -83.53 52.22 -15.26
C7 PLM QA . -83.28 50.88 -15.94
C8 PLM QA . -83.84 49.74 -15.09
C9 PLM QA . -83.50 49.98 -13.62
CA PLM QA . -83.75 48.70 -12.81
CB PLM QA . -82.44 48.26 -12.18
CC PLM QA . -81.48 47.77 -13.26
CD PLM QA . -81.98 46.42 -13.78
CE PLM QA . -81.81 45.37 -12.68
CF PLM QA . -80.33 45.14 -12.43
CG PLM QA . -80.09 43.67 -12.08
C1 PLM RA . -85.32 51.87 -23.38
O1 PLM RA . -86.48 51.76 -23.86
O2 PLM RA . -84.32 51.55 -24.06
C2 PLM RA . -85.15 52.40 -21.96
C3 PLM RA . -84.90 51.24 -21.00
C4 PLM RA . -83.43 50.84 -21.05
C5 PLM RA . -83.19 49.66 -20.10
C6 PLM RA . -84.17 48.55 -20.42
C7 PLM RA . -83.69 47.26 -19.77
C8 PLM RA . -82.39 46.83 -20.42
C9 PLM RA . -81.96 45.48 -19.87
CA PLM RA . -81.41 45.66 -18.46
CB PLM RA . -80.74 44.37 -18.00
CC PLM RA . -79.88 43.81 -19.14
CD PLM RA . -79.65 42.32 -18.93
CE PLM RA . -80.91 41.54 -19.25
CF PLM RA . -80.76 40.09 -18.77
CG PLM RA . -80.46 40.07 -17.27
C1 PLM SA . -67.99 44.24 -26.43
O1 PLM SA . -68.55 45.33 -26.15
O2 PLM SA . -68.67 43.23 -26.77
C2 PLM SA . -66.48 44.14 -26.35
C3 PLM SA . -65.89 45.54 -26.16
C4 PLM SA . -65.60 45.79 -24.68
C5 PLM SA . -64.98 44.52 -24.08
C6 PLM SA . -63.95 44.88 -23.02
C7 PLM SA . -63.20 46.15 -23.42
C8 PLM SA . -62.39 46.66 -22.22
C9 PLM SA . -63.17 46.38 -20.92
CA PLM SA . -62.20 46.39 -19.75
CB PLM SA . -61.73 47.81 -19.52
CC PLM SA . -60.21 47.92 -19.71
CD PLM SA . -59.55 46.62 -19.26
CE PLM SA . -58.51 46.96 -18.21
CF PLM SA . -59.23 47.08 -16.86
CG PLM SA . -58.16 47.07 -15.77
C1 PLM TA . -20.76 57.18 -11.24
O1 PLM TA . -21.25 58.17 -10.65
O2 PLM TA . -20.39 57.26 -12.43
C2 PLM TA . -20.61 55.86 -10.49
C3 PLM TA . -19.36 55.13 -11.01
C4 PLM TA . -18.60 54.57 -9.82
C5 PLM TA . -19.34 53.37 -9.28
C6 PLM TA . -18.93 52.12 -10.07
C7 PLM TA . -18.27 51.13 -9.10
C8 PLM TA . -19.19 50.95 -7.91
C9 PLM TA . -20.03 49.70 -8.14
CA PLM TA . -19.15 48.46 -7.96
CB PLM TA . -19.77 47.57 -6.89
CC PLM TA . -18.76 46.49 -6.49
CD PLM TA . -18.11 45.90 -7.73
CE PLM TA . -18.77 44.57 -8.10
CF PLM TA . -19.02 43.76 -6.84
CG PLM TA . -17.88 42.77 -6.62
C1 PLM UA . -57.48 58.11 0.03
O1 PLM UA . -57.54 57.11 0.79
O2 PLM UA . -56.40 58.75 -0.08
C2 PLM UA . -58.72 58.55 -0.75
C3 PLM UA . -59.34 57.33 -1.44
C4 PLM UA . -60.48 56.78 -0.62
C5 PLM UA . -60.57 55.26 -0.82
C6 PLM UA . -59.61 54.59 0.16
C7 PLM UA . -60.10 53.18 0.47
C8 PLM UA . -61.39 53.27 1.29
C9 PLM UA . -61.59 51.96 2.05
CA PLM UA . -60.62 51.88 3.22
CB PLM UA . -61.30 51.24 4.42
CC PLM UA . -62.10 50.02 3.99
CD PLM UA . -63.15 49.70 5.04
CE PLM UA . -62.57 48.77 6.10
CF PLM UA . -62.57 47.34 5.58
CG PLM UA . -62.96 46.37 6.69
#